data_1X9J
#
_entry.id   1X9J
#
_cell.length_a   193.680
_cell.length_b   193.680
_cell.length_c   122.932
_cell.angle_alpha   90.00
_cell.angle_beta   90.00
_cell.angle_gamma   90.00
#
_symmetry.space_group_name_H-M   'P 43'
#
loop_
_entity.id
_entity.type
_entity.pdbx_description
1 polymer 'Probable butyrate kinase 2'
2 non-polymer GLYCEROL
3 non-polymer 'PHOSPHATE ION'
4 non-polymer 'SODIUM ION'
5 non-polymer 'CITRIC ACID'
6 water water
#
_entity_poly.entity_id   1
_entity_poly.type   'polypeptide(L)'
_entity_poly.pdbx_seq_one_letter_code
;MFRILTINPGSTSTKLSIFEDERMVKMQNFSHSPDELGRFQKILDQLEFREKIARQFVEETGYSLSSFSAFVSRGGLLDP
IPGGVYLVDGLMIKTLKSGKNGEHASNLGAIIAHRFSSETGVPAYVVDPVVVDEMEDVARVSGHPNYQRKSIFHALNQKT
VAKEVARMMNKRYEEMNLVVAHMGGGISIAAHRKGRVIDVNNALDGDGPFTPERSGTLPLTQLVDLCFSGKFTYEEMKKR
IVGNGGLVAYLGTSDAREVVRRIKQGDEWAKRVYRAMAYQIAKWIGKMAAVLKGEVDFIVLTGGLAHEKEFLVPWITKRV
SFIAPVLVFPGSNEEKALALSALRVLRGEEKPKNYSEESRRWRERYDSYLDGILR
;
_entity_poly.pdbx_strand_id   A,B,C,D,E,F,G,H
#
# COMPACT_ATOMS: atom_id res chain seq x y z
N MET A 1 -3.76 -43.24 -33.98
CA MET A 1 -2.66 -43.83 -33.17
C MET A 1 -1.45 -44.11 -34.05
N PHE A 2 -0.39 -43.34 -33.85
CA PHE A 2 0.84 -43.52 -34.62
C PHE A 2 1.88 -44.27 -33.81
N ARG A 3 2.53 -45.25 -34.43
CA ARG A 3 3.58 -46.01 -33.77
C ARG A 3 4.91 -45.41 -34.19
N ILE A 4 5.66 -44.90 -33.23
CA ILE A 4 6.95 -44.28 -33.53
C ILE A 4 8.13 -45.05 -32.96
N LEU A 5 9.23 -45.07 -33.72
CA LEU A 5 10.45 -45.75 -33.32
C LEU A 5 11.57 -44.72 -33.19
N THR A 6 12.20 -44.66 -32.03
CA THR A 6 13.28 -43.70 -31.81
C THR A 6 14.64 -44.40 -31.87
N ILE A 7 15.62 -43.69 -32.44
CA ILE A 7 16.97 -44.21 -32.56
C ILE A 7 17.91 -43.22 -31.91
N ASN A 8 18.60 -43.66 -30.86
CA ASN A 8 19.53 -42.79 -30.14
C ASN A 8 20.91 -43.41 -30.01
N PRO A 9 21.74 -43.31 -31.06
CA PRO A 9 23.10 -43.86 -31.06
C PRO A 9 24.01 -43.07 -30.13
N GLY A 10 24.74 -43.77 -29.27
CA GLY A 10 25.64 -43.12 -28.34
C GLY A 10 27.08 -43.56 -28.55
N SER A 11 28.00 -42.88 -27.88
CA SER A 11 29.42 -43.21 -27.98
C SER A 11 29.70 -44.64 -27.54
N THR A 12 29.05 -45.06 -26.46
CA THR A 12 29.25 -46.40 -25.93
C THR A 12 27.97 -47.23 -25.89
N SER A 13 26.83 -46.59 -26.09
CA SER A 13 25.56 -47.31 -26.07
C SER A 13 24.66 -46.93 -27.24
N THR A 14 23.47 -47.53 -27.27
CA THR A 14 22.49 -47.27 -28.30
C THR A 14 21.12 -47.53 -27.70
N LYS A 15 20.33 -46.47 -27.57
CA LYS A 15 18.99 -46.59 -27.01
C LYS A 15 17.90 -46.54 -28.07
N LEU A 16 16.93 -47.44 -27.94
CA LEU A 16 15.82 -47.52 -28.86
C LEU A 16 14.52 -47.52 -28.06
N SER A 17 13.44 -47.04 -28.66
CA SER A 17 12.15 -47.03 -27.99
C SER A 17 11.02 -47.00 -28.99
N ILE A 18 9.89 -47.57 -28.59
CA ILE A 18 8.71 -47.62 -29.42
C ILE A 18 7.58 -46.92 -28.70
N PHE A 19 6.96 -45.95 -29.37
CA PHE A 19 5.85 -45.21 -28.80
C PHE A 19 4.58 -45.37 -29.62
N GLU A 20 3.46 -45.40 -28.92
CA GLU A 20 2.14 -45.49 -29.50
C GLU A 20 1.48 -44.26 -28.94
N ASP A 21 1.39 -43.20 -29.74
CA ASP A 21 0.84 -41.93 -29.27
C ASP A 21 1.76 -41.41 -28.17
N GLU A 22 1.24 -41.00 -27.01
CA GLU A 22 2.13 -40.50 -25.95
C GLU A 22 2.68 -41.59 -25.03
N ARG A 23 2.20 -42.82 -25.17
CA ARG A 23 2.64 -43.94 -24.33
C ARG A 23 3.83 -44.73 -24.89
N MET A 24 4.85 -44.94 -24.07
CA MET A 24 6.03 -45.71 -24.46
C MET A 24 5.78 -47.18 -24.20
N VAL A 25 5.74 -47.99 -25.26
CA VAL A 25 5.48 -49.42 -25.12
C VAL A 25 6.73 -50.29 -24.96
N LYS A 26 7.89 -49.73 -25.31
CA LYS A 26 9.14 -50.46 -25.17
C LYS A 26 10.36 -49.58 -25.36
N MET A 27 11.44 -49.91 -24.66
CA MET A 27 12.68 -49.15 -24.77
C MET A 27 13.80 -50.04 -24.25
N GLN A 28 14.97 -49.92 -24.87
CA GLN A 28 16.11 -50.73 -24.47
C GLN A 28 17.42 -50.00 -24.75
N ASN A 29 18.38 -50.18 -23.86
CA ASN A 29 19.68 -49.54 -24.02
C ASN A 29 20.75 -50.59 -24.19
N PHE A 30 21.27 -50.71 -25.41
CA PHE A 30 22.32 -51.67 -25.71
C PHE A 30 23.68 -51.02 -25.53
N SER A 31 24.47 -51.56 -24.60
CA SER A 31 25.80 -51.03 -24.34
C SER A 31 26.83 -51.81 -25.14
N HIS A 32 27.83 -51.10 -25.65
CA HIS A 32 28.89 -51.73 -26.45
C HIS A 32 30.24 -51.67 -25.73
N SER A 33 30.74 -52.84 -25.36
CA SER A 33 32.02 -52.93 -24.67
C SER A 33 33.15 -52.39 -25.53
N PRO A 34 34.09 -51.67 -24.92
CA PRO A 34 35.24 -51.09 -25.64
C PRO A 34 36.02 -52.15 -26.43
N ASP A 35 35.91 -53.39 -25.97
CA ASP A 35 36.58 -54.51 -26.61
C ASP A 35 35.80 -54.87 -27.88
N GLU A 36 34.51 -54.55 -27.88
CA GLU A 36 33.64 -54.82 -29.02
C GLU A 36 33.72 -53.65 -30.00
N LEU A 37 33.67 -52.43 -29.47
CA LEU A 37 33.74 -51.23 -30.29
C LEU A 37 35.11 -51.17 -30.96
N GLY A 38 36.12 -51.74 -30.29
CA GLY A 38 37.45 -51.75 -30.83
C GLY A 38 37.56 -52.73 -31.98
N ARG A 39 37.08 -52.32 -33.15
CA ARG A 39 37.11 -53.16 -34.33
C ARG A 39 36.74 -52.29 -35.54
N PHE A 40 36.37 -51.05 -35.26
CA PHE A 40 35.99 -50.10 -36.30
C PHE A 40 36.95 -48.92 -36.26
N GLN A 41 37.56 -48.59 -37.39
CA GLN A 41 38.50 -47.48 -37.47
C GLN A 41 37.71 -46.20 -37.23
N LYS A 42 36.93 -45.89 -38.24
CA LYS A 42 36.05 -44.74 -38.18
C LYS A 42 34.76 -45.14 -37.47
N ILE A 43 33.89 -44.15 -37.27
CA ILE A 43 32.60 -44.33 -36.57
C ILE A 43 31.49 -44.61 -37.51
N LEU A 44 31.80 -44.38 -38.76
CA LEU A 44 30.83 -44.66 -39.76
C LEU A 44 30.85 -46.16 -40.00
N ASP A 45 31.90 -46.80 -39.54
CA ASP A 45 32.04 -48.24 -39.73
C ASP A 45 31.09 -49.03 -38.85
N GLN A 46 30.63 -48.40 -37.77
CA GLN A 46 29.71 -49.05 -36.85
C GLN A 46 28.29 -49.07 -37.37
N LEU A 47 28.04 -48.28 -38.43
CA LEU A 47 26.72 -48.19 -39.03
C LEU A 47 25.97 -49.50 -39.11
N GLU A 48 26.56 -50.50 -39.78
CA GLU A 48 25.92 -51.79 -39.91
C GLU A 48 25.69 -52.42 -38.54
N PHE A 49 26.69 -52.30 -37.67
CA PHE A 49 26.61 -52.85 -36.32
C PHE A 49 25.40 -52.34 -35.55
N ARG A 50 25.25 -51.01 -35.52
CA ARG A 50 24.15 -50.39 -34.81
C ARG A 50 22.80 -50.74 -35.44
N GLU A 51 22.72 -50.59 -36.76
CA GLU A 51 21.49 -50.89 -37.50
C GLU A 51 21.02 -52.33 -37.27
N LYS A 52 21.98 -53.25 -37.21
CA LYS A 52 21.66 -54.65 -36.99
C LYS A 52 20.91 -54.80 -35.67
N ILE A 53 21.39 -54.07 -34.66
CA ILE A 53 20.77 -54.10 -33.34
C ILE A 53 19.38 -53.47 -33.36
N ALA A 54 19.24 -52.40 -34.13
CA ALA A 54 17.96 -51.70 -34.25
C ALA A 54 16.90 -52.61 -34.83
N ARG A 55 17.23 -53.24 -35.97
CA ARG A 55 16.31 -54.15 -36.64
C ARG A 55 15.85 -55.25 -35.69
N GLN A 56 16.80 -55.94 -35.07
CA GLN A 56 16.48 -57.01 -34.14
C GLN A 56 15.60 -56.48 -33.02
N PHE A 57 15.85 -55.23 -32.62
CA PHE A 57 15.05 -54.62 -31.57
C PHE A 57 13.58 -54.61 -32.01
N VAL A 58 13.38 -54.36 -33.31
CA VAL A 58 12.06 -54.32 -33.89
C VAL A 58 11.51 -55.73 -34.09
N GLU A 59 12.36 -56.61 -34.59
CA GLU A 59 11.97 -58.00 -34.84
C GLU A 59 11.49 -58.68 -33.55
N GLU A 60 12.27 -58.53 -32.49
CA GLU A 60 11.94 -59.14 -31.19
C GLU A 60 10.57 -58.76 -30.66
N THR A 61 10.00 -57.67 -31.14
CA THR A 61 8.68 -57.23 -30.68
C THR A 61 7.59 -57.91 -31.48
N GLY A 62 7.94 -58.43 -32.64
CA GLY A 62 6.97 -59.08 -33.50
C GLY A 62 6.58 -58.09 -34.59
N TYR A 63 6.64 -56.81 -34.25
CA TYR A 63 6.29 -55.76 -35.20
C TYR A 63 7.24 -55.83 -36.39
N SER A 64 6.97 -55.02 -37.41
CA SER A 64 7.80 -54.99 -38.60
C SER A 64 8.04 -53.53 -38.96
N LEU A 65 9.20 -53.24 -39.53
CA LEU A 65 9.54 -51.88 -39.91
C LEU A 65 8.40 -51.20 -40.67
N SER A 66 7.47 -52.00 -41.20
CA SER A 66 6.37 -51.46 -41.99
C SER A 66 5.18 -51.15 -41.09
N SER A 67 5.25 -51.43 -39.81
CA SER A 67 4.14 -51.15 -38.90
C SER A 67 4.38 -49.87 -38.10
N PHE A 68 5.24 -49.00 -38.63
CA PHE A 68 5.54 -47.74 -37.97
C PHE A 68 5.08 -46.54 -38.79
N SER A 69 4.77 -45.45 -38.10
CA SER A 69 4.33 -44.23 -38.75
C SER A 69 5.50 -43.31 -39.06
N ALA A 70 6.62 -43.52 -38.38
CA ALA A 70 7.80 -42.70 -38.59
C ALA A 70 9.00 -43.17 -37.77
N PHE A 71 10.20 -42.81 -38.24
CA PHE A 71 11.43 -43.17 -37.55
C PHE A 71 12.11 -41.86 -37.14
N VAL A 72 12.50 -41.76 -35.87
CA VAL A 72 13.13 -40.54 -35.38
C VAL A 72 14.44 -40.81 -34.66
N SER A 73 15.43 -39.98 -34.93
CA SER A 73 16.73 -40.14 -34.29
C SER A 73 17.26 -38.79 -33.83
N ARG A 74 18.35 -38.81 -33.08
CA ARG A 74 18.94 -37.58 -32.59
C ARG A 74 19.70 -36.93 -33.75
N GLY A 75 19.76 -35.60 -33.74
CA GLY A 75 20.46 -34.91 -34.81
C GLY A 75 21.96 -35.04 -34.66
N GLY A 76 22.64 -35.36 -35.76
CA GLY A 76 24.08 -35.52 -35.72
C GLY A 76 24.83 -34.21 -35.83
N LEU A 77 26.07 -34.29 -36.28
CA LEU A 77 26.92 -33.11 -36.45
C LEU A 77 26.64 -32.42 -37.77
N LEU A 78 25.39 -32.06 -38.01
CA LEU A 78 25.00 -31.38 -39.24
C LEU A 78 25.55 -29.96 -39.24
N ASP A 79 25.19 -29.19 -40.26
CA ASP A 79 25.63 -27.81 -40.35
C ASP A 79 24.65 -26.94 -39.55
N PRO A 80 25.14 -25.81 -39.01
CA PRO A 80 24.29 -24.91 -38.22
C PRO A 80 22.91 -24.72 -38.80
N ILE A 81 21.89 -24.91 -37.96
CA ILE A 81 20.51 -24.76 -38.36
C ILE A 81 19.63 -24.41 -37.15
N PRO A 82 18.42 -23.89 -37.39
CA PRO A 82 17.51 -23.53 -36.30
C PRO A 82 17.08 -24.79 -35.56
N GLY A 83 16.10 -24.65 -34.67
CA GLY A 83 15.60 -25.80 -33.94
C GLY A 83 14.35 -26.29 -34.64
N GLY A 84 13.88 -27.47 -34.28
CA GLY A 84 12.68 -28.02 -34.90
C GLY A 84 12.83 -29.45 -35.35
N VAL A 85 11.82 -29.94 -36.07
CA VAL A 85 11.82 -31.31 -36.58
C VAL A 85 12.09 -31.31 -38.09
N TYR A 86 13.23 -31.85 -38.48
CA TYR A 86 13.62 -31.88 -39.89
C TYR A 86 13.43 -33.26 -40.54
N LEU A 87 13.19 -33.25 -41.86
CA LEU A 87 13.04 -34.47 -42.63
C LEU A 87 14.44 -34.87 -43.10
N VAL A 88 14.82 -36.12 -42.85
CA VAL A 88 16.13 -36.59 -43.25
C VAL A 88 16.22 -36.66 -44.77
N ASP A 89 16.84 -35.65 -45.37
CA ASP A 89 16.99 -35.61 -46.83
C ASP A 89 18.42 -35.92 -47.26
N GLY A 90 18.59 -36.14 -48.57
CA GLY A 90 19.90 -36.45 -49.12
C GLY A 90 21.04 -35.63 -48.57
N LEU A 91 20.91 -34.31 -48.65
CA LEU A 91 21.95 -33.42 -48.16
C LEU A 91 22.37 -33.77 -46.73
N MET A 92 21.39 -33.97 -45.88
CA MET A 92 21.69 -34.30 -44.50
C MET A 92 22.39 -35.62 -44.33
N ILE A 93 22.38 -36.45 -45.35
CA ILE A 93 22.92 -37.77 -45.23
C ILE A 93 24.28 -37.87 -45.89
N LYS A 94 24.43 -36.89 -46.75
CA LYS A 94 25.65 -36.69 -47.46
C LYS A 94 26.59 -36.02 -46.47
N THR A 95 26.04 -35.11 -45.67
CA THR A 95 26.84 -34.39 -44.69
C THR A 95 27.32 -35.27 -43.54
N LEU A 96 26.41 -36.09 -43.00
CA LEU A 96 26.73 -36.97 -41.90
C LEU A 96 27.74 -38.07 -42.24
N LYS A 97 27.64 -38.62 -43.45
CA LYS A 97 28.55 -39.67 -43.89
C LYS A 97 29.96 -39.14 -44.09
N SER A 98 30.07 -37.94 -44.65
CA SER A 98 31.37 -37.32 -44.90
C SER A 98 32.09 -36.98 -43.59
N GLY A 99 31.31 -36.67 -42.56
CA GLY A 99 31.89 -36.32 -41.28
C GLY A 99 32.64 -35.00 -41.37
N LYS A 100 32.22 -34.16 -42.30
CA LYS A 100 32.84 -32.85 -42.50
C LYS A 100 32.94 -32.05 -41.22
N ASN A 101 31.89 -32.10 -40.42
CA ASN A 101 31.86 -31.35 -39.17
C ASN A 101 32.22 -32.20 -37.95
N GLY A 102 32.96 -33.27 -38.18
CA GLY A 102 33.36 -34.13 -37.07
C GLY A 102 32.66 -35.48 -37.05
N GLU A 103 33.28 -36.45 -36.38
CA GLU A 103 32.72 -37.79 -36.28
C GLU A 103 32.22 -38.11 -34.87
N HIS A 104 31.06 -38.74 -34.81
CA HIS A 104 30.46 -39.15 -33.53
C HIS A 104 29.29 -40.08 -33.76
N ALA A 105 29.14 -41.05 -32.87
CA ALA A 105 28.07 -42.05 -32.96
C ALA A 105 26.71 -41.44 -33.27
N SER A 106 26.51 -40.19 -32.86
CA SER A 106 25.25 -39.50 -33.09
C SER A 106 24.90 -39.40 -34.59
N ASN A 107 25.92 -39.30 -35.42
CA ASN A 107 25.73 -39.16 -36.86
C ASN A 107 25.06 -40.37 -37.50
N LEU A 108 25.25 -41.54 -36.90
CA LEU A 108 24.67 -42.77 -37.41
C LEU A 108 23.15 -42.76 -37.33
N GLY A 109 22.62 -42.15 -36.28
CA GLY A 109 21.18 -42.08 -36.09
C GLY A 109 20.36 -41.78 -37.31
N ALA A 110 20.53 -40.60 -37.89
CA ALA A 110 19.77 -40.19 -39.06
C ALA A 110 19.91 -41.15 -40.25
N ILE A 111 21.12 -41.68 -40.43
CA ILE A 111 21.38 -42.62 -41.52
C ILE A 111 20.55 -43.89 -41.37
N ILE A 112 20.53 -44.44 -40.14
CA ILE A 112 19.77 -45.64 -39.87
C ILE A 112 18.28 -45.39 -40.07
N ALA A 113 17.80 -44.26 -39.57
CA ALA A 113 16.39 -43.91 -39.71
C ALA A 113 16.04 -43.75 -41.18
N HIS A 114 16.99 -43.23 -41.96
CA HIS A 114 16.77 -43.02 -43.38
C HIS A 114 16.54 -44.33 -44.13
N ARG A 115 17.40 -45.32 -43.89
CA ARG A 115 17.28 -46.61 -44.55
C ARG A 115 15.93 -47.25 -44.27
N PHE A 116 15.58 -47.38 -43.00
CA PHE A 116 14.29 -47.97 -42.63
C PHE A 116 13.20 -47.23 -43.38
N SER A 117 13.40 -45.93 -43.56
CA SER A 117 12.44 -45.09 -44.27
C SER A 117 12.34 -45.52 -45.73
N SER A 118 13.50 -45.60 -46.39
CA SER A 118 13.56 -45.99 -47.79
C SER A 118 13.28 -47.48 -48.01
N GLU A 119 12.83 -48.16 -46.97
CA GLU A 119 12.51 -49.58 -47.05
C GLU A 119 11.03 -49.80 -46.79
N THR A 120 10.41 -48.84 -46.13
CA THR A 120 9.00 -48.94 -45.79
C THR A 120 8.17 -47.78 -46.34
N GLY A 121 8.86 -46.74 -46.80
CA GLY A 121 8.16 -45.59 -47.33
C GLY A 121 7.57 -44.76 -46.20
N VAL A 122 8.19 -44.85 -45.04
CA VAL A 122 7.74 -44.12 -43.86
C VAL A 122 8.71 -42.98 -43.56
N PRO A 123 8.18 -41.82 -43.14
CA PRO A 123 8.99 -40.64 -42.82
C PRO A 123 10.10 -40.88 -41.80
N ALA A 124 11.22 -40.20 -42.00
CA ALA A 124 12.37 -40.29 -41.11
C ALA A 124 12.71 -38.87 -40.66
N TYR A 125 12.67 -38.62 -39.36
CA TYR A 125 12.96 -37.30 -38.83
C TYR A 125 14.12 -37.26 -37.85
N VAL A 126 14.52 -36.04 -37.51
CA VAL A 126 15.59 -35.77 -36.54
C VAL A 126 15.10 -34.55 -35.77
N VAL A 127 15.35 -34.51 -34.47
CA VAL A 127 14.90 -33.39 -33.65
C VAL A 127 16.05 -32.62 -33.02
N ASP A 128 15.90 -31.29 -32.99
CA ASP A 128 16.88 -30.38 -32.42
C ASP A 128 18.30 -30.93 -32.33
N PRO A 129 19.00 -30.99 -33.48
CA PRO A 129 20.38 -31.50 -33.54
C PRO A 129 21.27 -30.77 -32.53
N VAL A 130 22.39 -31.38 -32.17
CA VAL A 130 23.29 -30.75 -31.22
C VAL A 130 23.90 -29.44 -31.76
N VAL A 131 23.89 -29.29 -33.08
CA VAL A 131 24.46 -28.09 -33.71
C VAL A 131 23.44 -26.99 -33.96
N VAL A 132 22.25 -27.13 -33.39
CA VAL A 132 21.23 -26.10 -33.57
C VAL A 132 21.77 -24.75 -33.10
N ASP A 133 21.48 -23.71 -33.87
CA ASP A 133 21.95 -22.36 -33.56
C ASP A 133 20.85 -21.31 -33.77
N GLU A 134 20.49 -20.62 -32.70
CA GLU A 134 19.45 -19.60 -32.76
C GLU A 134 19.91 -18.29 -32.11
N MET A 135 21.23 -18.13 -32.02
CA MET A 135 21.84 -16.96 -31.39
C MET A 135 21.65 -15.63 -32.14
N GLU A 136 21.95 -14.56 -31.43
CA GLU A 136 21.89 -13.19 -31.95
C GLU A 136 23.32 -12.82 -32.32
N ASP A 137 23.52 -12.28 -33.52
CA ASP A 137 24.85 -11.89 -34.00
C ASP A 137 25.74 -11.32 -32.90
N VAL A 138 25.18 -10.46 -32.05
CA VAL A 138 25.95 -9.87 -30.96
C VAL A 138 26.65 -10.94 -30.15
N ALA A 139 26.01 -12.10 -30.02
CA ALA A 139 26.56 -13.22 -29.27
C ALA A 139 27.62 -13.99 -30.02
N ARG A 140 27.79 -13.70 -31.31
CA ARG A 140 28.77 -14.39 -32.12
C ARG A 140 30.19 -13.85 -32.01
N VAL A 141 30.31 -12.54 -31.79
CA VAL A 141 31.62 -11.92 -31.65
C VAL A 141 32.33 -12.50 -30.44
N SER A 142 33.56 -12.96 -30.64
CA SER A 142 34.33 -13.57 -29.56
C SER A 142 35.42 -12.68 -28.97
N GLY A 143 35.82 -11.67 -29.73
CA GLY A 143 36.87 -10.78 -29.25
C GLY A 143 38.09 -10.89 -30.15
N HIS A 144 38.03 -11.84 -31.06
CA HIS A 144 39.10 -12.07 -32.02
C HIS A 144 38.45 -12.37 -33.36
N PRO A 145 38.71 -11.54 -34.37
CA PRO A 145 38.16 -11.67 -35.74
C PRO A 145 38.11 -13.07 -36.32
N ASN A 146 39.13 -13.88 -36.05
CA ASN A 146 39.19 -15.24 -36.57
C ASN A 146 38.20 -16.19 -35.92
N TYR A 147 38.16 -16.18 -34.59
CA TYR A 147 37.27 -17.06 -33.83
C TYR A 147 35.83 -16.55 -33.79
N GLN A 148 34.91 -17.48 -33.62
CA GLN A 148 33.48 -17.17 -33.55
C GLN A 148 32.82 -18.08 -32.53
N ARG A 149 31.92 -17.53 -31.73
CA ARG A 149 31.23 -18.33 -30.73
C ARG A 149 30.23 -19.23 -31.43
N LYS A 150 30.40 -20.55 -31.26
CA LYS A 150 29.50 -21.52 -31.88
C LYS A 150 28.43 -21.99 -30.91
N SER A 151 27.25 -22.23 -31.44
CA SER A 151 26.13 -22.71 -30.63
C SER A 151 26.10 -24.25 -30.64
N ILE A 152 26.75 -24.86 -29.65
CA ILE A 152 26.81 -26.31 -29.54
C ILE A 152 26.40 -26.71 -28.11
N PHE A 153 25.15 -27.13 -27.96
CA PHE A 153 24.63 -27.51 -26.65
C PHE A 153 23.66 -28.70 -26.74
N HIS A 154 22.99 -28.98 -25.63
CA HIS A 154 22.02 -30.07 -25.56
C HIS A 154 20.67 -29.53 -26.04
N ALA A 155 20.63 -29.09 -27.29
CA ALA A 155 19.41 -28.54 -27.87
C ALA A 155 18.19 -29.42 -27.63
N LEU A 156 18.36 -30.73 -27.78
CA LEU A 156 17.26 -31.69 -27.60
C LEU A 156 16.57 -31.52 -26.25
N ASN A 157 17.29 -31.85 -25.17
CA ASN A 157 16.74 -31.74 -23.83
C ASN A 157 16.30 -30.29 -23.51
N GLN A 158 17.19 -29.34 -23.80
CA GLN A 158 16.91 -27.92 -23.56
C GLN A 158 15.52 -27.53 -24.08
N LYS A 159 15.31 -27.72 -25.38
CA LYS A 159 14.04 -27.39 -26.00
C LYS A 159 12.88 -28.15 -25.35
N THR A 160 13.13 -29.41 -25.01
CA THR A 160 12.11 -30.25 -24.39
C THR A 160 11.70 -29.76 -23.01
N VAL A 161 12.65 -29.67 -22.09
CA VAL A 161 12.32 -29.22 -20.74
C VAL A 161 11.73 -27.83 -20.76
N ALA A 162 12.24 -26.98 -21.66
CA ALA A 162 11.74 -25.61 -21.77
C ALA A 162 10.26 -25.63 -22.12
N LYS A 163 9.88 -26.46 -23.07
CA LYS A 163 8.49 -26.58 -23.50
C LYS A 163 7.62 -27.21 -22.43
N GLU A 164 8.19 -28.09 -21.63
CA GLU A 164 7.44 -28.74 -20.56
C GLU A 164 7.17 -27.76 -19.43
N VAL A 165 8.07 -26.79 -19.26
CA VAL A 165 7.92 -25.78 -18.23
C VAL A 165 6.76 -24.89 -18.61
N ALA A 166 6.73 -24.49 -19.88
CA ALA A 166 5.66 -23.64 -20.40
C ALA A 166 4.35 -24.40 -20.35
N ARG A 167 4.40 -25.66 -20.79
CA ARG A 167 3.23 -26.53 -20.79
C ARG A 167 2.67 -26.67 -19.37
N MET A 168 3.55 -26.97 -18.43
CA MET A 168 3.17 -27.14 -17.03
C MET A 168 2.40 -25.95 -16.46
N MET A 169 2.47 -24.80 -17.11
CA MET A 169 1.77 -23.62 -16.62
C MET A 169 0.80 -23.00 -17.63
N ASN A 170 0.25 -23.84 -18.50
CA ASN A 170 -0.70 -23.39 -19.51
C ASN A 170 -0.20 -22.13 -20.25
N LYS A 171 1.04 -22.18 -20.70
CA LYS A 171 1.63 -21.05 -21.43
C LYS A 171 2.35 -21.57 -22.68
N ARG A 172 2.82 -20.64 -23.51
CA ARG A 172 3.53 -21.02 -24.73
C ARG A 172 5.02 -20.75 -24.60
N TYR A 173 5.83 -21.71 -25.06
CA TYR A 173 7.27 -21.62 -25.01
C TYR A 173 7.77 -20.33 -25.67
N GLU A 174 7.06 -19.90 -26.71
CA GLU A 174 7.41 -18.69 -27.46
C GLU A 174 7.17 -17.39 -26.68
N GLU A 175 6.33 -17.44 -25.65
CA GLU A 175 6.04 -16.24 -24.88
C GLU A 175 6.65 -16.28 -23.49
N MET A 176 7.84 -16.85 -23.38
CA MET A 176 8.53 -16.95 -22.10
C MET A 176 10.04 -16.76 -22.24
N ASN A 177 10.67 -16.27 -21.19
CA ASN A 177 12.11 -16.09 -21.16
C ASN A 177 12.60 -17.02 -20.07
N LEU A 178 13.54 -17.90 -20.42
CA LEU A 178 14.05 -18.86 -19.45
C LEU A 178 15.56 -18.99 -19.52
N VAL A 179 16.14 -19.43 -18.41
CA VAL A 179 17.58 -19.67 -18.37
C VAL A 179 17.65 -21.14 -17.98
N VAL A 180 17.94 -21.98 -18.97
CA VAL A 180 18.01 -23.42 -18.74
C VAL A 180 19.45 -23.88 -18.63
N ALA A 181 19.73 -24.73 -17.66
CA ALA A 181 21.07 -25.25 -17.46
C ALA A 181 21.10 -26.77 -17.44
N HIS A 182 21.59 -27.37 -18.52
CA HIS A 182 21.69 -28.81 -18.62
C HIS A 182 23.02 -29.20 -17.99
N MET A 183 22.96 -29.94 -16.87
CA MET A 183 24.16 -30.35 -16.16
C MET A 183 24.41 -31.85 -16.23
N GLY A 184 25.31 -32.26 -17.13
CA GLY A 184 25.64 -33.67 -17.28
C GLY A 184 27.12 -33.82 -17.59
N GLY A 185 27.47 -34.82 -18.38
CA GLY A 185 28.87 -35.01 -18.74
C GLY A 185 29.34 -33.70 -19.32
N GLY A 186 28.43 -33.05 -20.04
CA GLY A 186 28.71 -31.76 -20.64
C GLY A 186 27.73 -30.80 -20.00
N ILE A 187 28.11 -29.53 -19.88
CA ILE A 187 27.22 -28.54 -19.28
C ILE A 187 26.92 -27.41 -20.24
N SER A 188 25.68 -27.04 -20.33
CA SER A 188 25.33 -25.99 -21.24
C SER A 188 24.28 -25.14 -20.63
N ILE A 189 24.55 -23.85 -20.57
CA ILE A 189 23.62 -22.92 -19.99
C ILE A 189 23.17 -21.97 -21.09
N ALA A 190 21.88 -21.94 -21.33
CA ALA A 190 21.34 -21.13 -22.41
C ALA A 190 20.26 -20.17 -21.94
N ALA A 191 20.12 -19.08 -22.68
CA ALA A 191 19.12 -18.07 -22.38
C ALA A 191 18.06 -18.15 -23.47
N HIS A 192 16.86 -18.60 -23.08
CA HIS A 192 15.77 -18.71 -24.04
C HIS A 192 14.90 -17.46 -23.98
N ARG A 193 14.90 -16.69 -25.06
CA ARG A 193 14.09 -15.49 -25.14
C ARG A 193 12.98 -15.71 -26.15
N LYS A 194 11.76 -15.86 -25.64
CA LYS A 194 10.60 -16.06 -26.49
C LYS A 194 10.76 -17.25 -27.44
N GLY A 195 11.15 -18.40 -26.88
CA GLY A 195 11.32 -19.61 -27.68
C GLY A 195 12.53 -19.66 -28.59
N ARG A 196 13.52 -18.80 -28.35
CA ARG A 196 14.71 -18.77 -29.18
C ARG A 196 15.97 -18.73 -28.32
N VAL A 197 16.83 -19.74 -28.45
CA VAL A 197 18.07 -19.80 -27.68
C VAL A 197 19.06 -18.76 -28.22
N ILE A 198 18.82 -17.50 -27.88
CA ILE A 198 19.64 -16.38 -28.33
C ILE A 198 21.10 -16.41 -27.89
N ASP A 199 21.44 -17.30 -26.97
CA ASP A 199 22.83 -17.40 -26.51
C ASP A 199 23.02 -18.66 -25.67
N VAL A 200 24.23 -19.21 -25.72
CA VAL A 200 24.60 -20.40 -24.98
C VAL A 200 26.08 -20.63 -25.19
N ASN A 201 26.70 -21.41 -24.31
CA ASN A 201 28.13 -21.69 -24.42
C ASN A 201 28.39 -22.88 -25.35
N ASN A 202 29.66 -23.11 -25.66
CA ASN A 202 30.04 -24.23 -26.52
C ASN A 202 30.39 -25.40 -25.61
N ALA A 203 29.42 -26.28 -25.40
CA ALA A 203 29.59 -27.44 -24.53
C ALA A 203 30.62 -28.47 -24.98
N LEU A 204 31.34 -28.20 -26.06
CA LEU A 204 32.34 -29.14 -26.55
C LEU A 204 33.75 -28.56 -26.65
N ASP A 205 33.89 -27.44 -27.35
CA ASP A 205 35.20 -26.81 -27.54
C ASP A 205 35.77 -26.15 -26.28
N GLY A 206 35.47 -26.73 -25.11
CA GLY A 206 35.99 -26.19 -23.87
C GLY A 206 35.60 -24.73 -23.61
N ASP A 207 34.33 -24.51 -23.32
CA ASP A 207 33.84 -23.17 -23.03
C ASP A 207 32.72 -23.24 -22.00
N GLY A 208 32.88 -22.51 -20.90
CA GLY A 208 31.89 -22.52 -19.85
C GLY A 208 32.44 -23.12 -18.57
N PRO A 209 31.57 -23.46 -17.61
CA PRO A 209 32.04 -24.05 -16.35
C PRO A 209 32.56 -25.46 -16.59
N PHE A 210 33.41 -25.94 -15.68
CA PHE A 210 33.96 -27.28 -15.84
C PHE A 210 32.95 -28.35 -15.41
N THR A 211 32.76 -29.34 -16.28
CA THR A 211 31.84 -30.44 -16.03
C THR A 211 32.54 -31.53 -15.23
N PRO A 212 31.82 -32.64 -14.95
CA PRO A 212 32.45 -33.73 -14.19
C PRO A 212 33.60 -34.39 -14.95
N GLU A 213 33.71 -34.07 -16.24
CA GLU A 213 34.76 -34.66 -17.08
C GLU A 213 35.33 -33.70 -18.11
N ARG A 214 35.18 -32.39 -17.86
CA ARG A 214 35.70 -31.37 -18.78
C ARG A 214 36.24 -30.18 -18.00
N SER A 215 37.26 -29.53 -18.56
CA SER A 215 37.90 -28.38 -17.90
C SER A 215 37.17 -27.06 -18.15
N GLY A 216 36.28 -27.04 -19.14
CA GLY A 216 35.56 -25.82 -19.44
C GLY A 216 36.47 -24.75 -20.00
N THR A 217 36.47 -23.58 -19.38
CA THR A 217 37.31 -22.48 -19.85
C THR A 217 38.55 -22.29 -18.98
N LEU A 218 39.62 -21.85 -19.62
CA LEU A 218 40.89 -21.60 -18.94
C LEU A 218 41.60 -20.42 -19.60
N PRO A 219 42.33 -19.62 -18.81
CA PRO A 219 43.05 -18.44 -19.33
C PRO A 219 43.88 -18.75 -20.57
N LEU A 220 43.89 -17.82 -21.53
CA LEU A 220 44.65 -18.01 -22.77
C LEU A 220 46.16 -18.10 -22.55
N THR A 221 46.74 -17.10 -21.89
CA THR A 221 48.18 -17.07 -21.64
C THR A 221 48.67 -18.33 -20.93
N GLN A 222 47.88 -18.82 -19.97
CA GLN A 222 48.24 -20.03 -19.23
C GLN A 222 48.24 -21.28 -20.11
N LEU A 223 47.50 -21.22 -21.21
CA LEU A 223 47.41 -22.34 -22.12
C LEU A 223 48.47 -22.26 -23.22
N VAL A 224 48.46 -21.16 -23.96
CA VAL A 224 49.42 -20.95 -25.04
C VAL A 224 50.85 -21.15 -24.54
N ASP A 225 51.04 -20.95 -23.24
CA ASP A 225 52.35 -21.10 -22.63
C ASP A 225 52.68 -22.57 -22.40
N LEU A 226 51.83 -23.25 -21.62
CA LEU A 226 52.04 -24.66 -21.33
C LEU A 226 51.59 -25.55 -22.49
N CYS A 227 51.44 -24.94 -23.66
CA CYS A 227 51.02 -25.68 -24.85
C CYS A 227 52.25 -26.11 -25.65
N PHE A 228 53.28 -25.27 -25.63
CA PHE A 228 54.53 -25.56 -26.33
C PHE A 228 55.49 -26.26 -25.38
N SER A 229 55.43 -25.90 -24.10
CA SER A 229 56.28 -26.49 -23.08
C SER A 229 55.60 -27.65 -22.37
N GLY A 230 56.22 -28.82 -22.39
CA GLY A 230 55.65 -29.99 -21.75
C GLY A 230 55.12 -30.99 -22.76
N LYS A 231 53.96 -31.57 -22.46
CA LYS A 231 53.34 -32.53 -23.35
C LYS A 231 52.96 -31.88 -24.68
N PHE A 232 53.84 -32.00 -25.66
CA PHE A 232 53.61 -31.42 -26.99
C PHE A 232 52.59 -32.27 -27.74
N THR A 233 51.96 -33.21 -27.03
CA THR A 233 50.97 -34.10 -27.62
C THR A 233 49.84 -33.33 -28.31
N TYR A 234 49.92 -33.24 -29.64
CA TYR A 234 48.94 -32.55 -30.44
C TYR A 234 47.55 -33.16 -30.24
N GLU A 235 47.51 -34.46 -29.97
CA GLU A 235 46.25 -35.17 -29.78
C GLU A 235 45.82 -35.31 -28.33
N GLU A 236 46.71 -35.85 -27.50
CA GLU A 236 46.42 -36.05 -26.08
C GLU A 236 45.86 -34.79 -25.42
N MET A 237 46.52 -33.66 -25.68
CA MET A 237 46.08 -32.39 -25.10
C MET A 237 44.64 -32.09 -25.49
N LYS A 238 44.28 -32.45 -26.72
CA LYS A 238 42.92 -32.23 -27.22
C LYS A 238 41.92 -33.05 -26.40
N LYS A 239 42.44 -34.04 -25.67
CA LYS A 239 41.61 -34.90 -24.84
C LYS A 239 41.56 -34.39 -23.40
N ARG A 240 42.56 -33.59 -23.03
CA ARG A 240 42.64 -33.04 -21.69
C ARG A 240 41.60 -31.94 -21.50
N ILE A 241 40.85 -31.65 -22.56
CA ILE A 241 39.83 -30.60 -22.49
C ILE A 241 38.40 -31.14 -22.52
N VAL A 242 38.05 -31.89 -23.56
CA VAL A 242 36.71 -32.42 -23.71
C VAL A 242 36.56 -33.84 -23.15
N GLY A 243 37.45 -34.23 -22.24
CA GLY A 243 37.36 -35.57 -21.69
C GLY A 243 38.11 -35.82 -20.41
N ASN A 244 39.38 -35.45 -20.36
CA ASN A 244 40.20 -35.67 -19.18
C ASN A 244 40.31 -34.43 -18.31
N GLY A 245 39.18 -33.84 -17.97
CA GLY A 245 39.18 -32.65 -17.14
C GLY A 245 38.06 -32.64 -16.11
N GLY A 246 38.03 -31.62 -15.26
CA GLY A 246 36.99 -31.54 -14.25
C GLY A 246 37.22 -32.45 -13.07
N LEU A 247 36.13 -32.95 -12.49
CA LEU A 247 36.20 -33.85 -11.34
C LEU A 247 37.04 -35.08 -11.61
N VAL A 248 36.96 -35.61 -12.84
CA VAL A 248 37.73 -36.80 -13.20
C VAL A 248 39.22 -36.48 -13.19
N ALA A 249 39.55 -35.20 -13.28
CA ALA A 249 40.94 -34.77 -13.28
C ALA A 249 41.37 -34.44 -11.86
N TYR A 250 40.46 -33.91 -11.06
CA TYR A 250 40.78 -33.56 -9.67
C TYR A 250 40.58 -34.72 -8.71
N LEU A 251 39.44 -35.38 -8.78
CA LEU A 251 39.15 -36.50 -7.91
C LEU A 251 39.23 -37.85 -8.61
N GLY A 252 39.50 -37.81 -9.93
CA GLY A 252 39.59 -39.04 -10.69
C GLY A 252 38.30 -39.83 -10.74
N THR A 253 37.18 -39.16 -10.49
CA THR A 253 35.87 -39.83 -10.51
C THR A 253 34.83 -39.02 -11.29
N SER A 254 34.37 -39.60 -12.40
CA SER A 254 33.37 -38.97 -13.27
C SER A 254 31.97 -39.01 -12.64
N ASP A 255 31.77 -40.00 -11.75
CA ASP A 255 30.50 -40.21 -11.07
C ASP A 255 30.25 -39.16 -9.99
N ALA A 256 29.04 -38.62 -9.97
CA ALA A 256 28.65 -37.61 -8.99
C ALA A 256 28.33 -38.23 -7.63
N ARG A 257 27.46 -39.23 -7.63
CA ARG A 257 27.09 -39.92 -6.39
C ARG A 257 28.34 -40.28 -5.61
N GLU A 258 29.36 -40.74 -6.32
CA GLU A 258 30.63 -41.12 -5.71
C GLU A 258 31.24 -39.94 -4.94
N VAL A 259 31.35 -38.80 -5.59
CA VAL A 259 31.91 -37.60 -4.96
C VAL A 259 31.18 -37.26 -3.67
N VAL A 260 29.87 -37.04 -3.76
CA VAL A 260 29.05 -36.70 -2.60
C VAL A 260 29.32 -37.68 -1.46
N ARG A 261 29.71 -38.91 -1.83
CA ARG A 261 30.00 -39.95 -0.85
C ARG A 261 31.22 -39.52 -0.04
N ARG A 262 32.27 -39.12 -0.74
CA ARG A 262 33.49 -38.66 -0.10
C ARG A 262 33.19 -37.42 0.72
N ILE A 263 32.40 -36.51 0.14
CA ILE A 263 32.02 -35.28 0.82
C ILE A 263 31.36 -35.61 2.16
N LYS A 264 30.46 -36.58 2.13
CA LYS A 264 29.75 -37.00 3.33
C LYS A 264 30.72 -37.55 4.38
N GLN A 265 31.59 -38.47 3.94
CA GLN A 265 32.57 -39.07 4.84
C GLN A 265 33.43 -38.02 5.50
N GLY A 266 33.89 -37.03 4.73
CA GLY A 266 34.71 -35.98 5.28
C GLY A 266 35.76 -35.46 4.31
N ASP A 267 35.84 -36.09 3.14
CA ASP A 267 36.81 -35.68 2.13
C ASP A 267 36.64 -34.18 1.89
N GLU A 268 37.53 -33.38 2.46
CA GLU A 268 37.47 -31.93 2.32
C GLU A 268 37.81 -31.46 0.91
N TRP A 269 38.82 -32.09 0.31
CA TRP A 269 39.25 -31.72 -1.02
C TRP A 269 38.15 -31.95 -2.06
N ALA A 270 37.35 -32.99 -1.85
CA ALA A 270 36.27 -33.31 -2.76
C ALA A 270 35.18 -32.25 -2.66
N LYS A 271 34.84 -31.87 -1.43
CA LYS A 271 33.81 -30.87 -1.20
C LYS A 271 34.22 -29.54 -1.84
N ARG A 272 35.52 -29.30 -1.90
CA ARG A 272 36.04 -28.06 -2.46
C ARG A 272 35.78 -27.99 -3.98
N VAL A 273 36.39 -28.91 -4.72
CA VAL A 273 36.24 -28.94 -6.17
C VAL A 273 34.78 -29.04 -6.62
N TYR A 274 33.99 -29.84 -5.91
CA TYR A 274 32.59 -30.02 -6.25
C TYR A 274 31.84 -28.71 -6.04
N ARG A 275 32.06 -28.10 -4.88
CA ARG A 275 31.41 -26.84 -4.55
C ARG A 275 31.82 -25.76 -5.54
N ALA A 276 33.00 -25.92 -6.14
CA ALA A 276 33.51 -24.97 -7.12
C ALA A 276 32.79 -25.14 -8.46
N MET A 277 32.35 -26.37 -8.75
CA MET A 277 31.63 -26.64 -9.98
C MET A 277 30.25 -26.00 -9.93
N ALA A 278 29.62 -26.06 -8.77
CA ALA A 278 28.30 -25.46 -8.60
C ALA A 278 28.47 -23.96 -8.72
N TYR A 279 29.54 -23.47 -8.10
CA TYR A 279 29.89 -22.05 -8.10
C TYR A 279 29.94 -21.54 -9.54
N GLN A 280 30.67 -22.24 -10.40
CA GLN A 280 30.79 -21.83 -11.80
C GLN A 280 29.45 -21.90 -12.53
N ILE A 281 28.69 -22.98 -12.31
CA ILE A 281 27.39 -23.14 -12.96
C ILE A 281 26.50 -21.94 -12.61
N ALA A 282 26.55 -21.52 -11.36
CA ALA A 282 25.75 -20.38 -10.92
C ALA A 282 26.19 -19.11 -11.65
N LYS A 283 27.49 -18.87 -11.72
CA LYS A 283 28.04 -17.70 -12.39
C LYS A 283 27.58 -17.59 -13.84
N TRP A 284 27.47 -18.73 -14.53
CA TRP A 284 27.03 -18.70 -15.91
C TRP A 284 25.53 -18.46 -16.02
N ILE A 285 24.78 -18.93 -15.02
CA ILE A 285 23.34 -18.71 -15.03
C ILE A 285 23.15 -17.21 -14.94
N GLY A 286 23.92 -16.57 -14.05
CA GLY A 286 23.84 -15.14 -13.90
C GLY A 286 24.30 -14.45 -15.17
N LYS A 287 25.22 -15.11 -15.87
CA LYS A 287 25.74 -14.59 -17.11
C LYS A 287 24.60 -14.49 -18.12
N MET A 288 23.86 -15.59 -18.26
CA MET A 288 22.73 -15.61 -19.20
C MET A 288 21.60 -14.71 -18.73
N ALA A 289 21.51 -14.51 -17.42
CA ALA A 289 20.47 -13.65 -16.86
C ALA A 289 20.67 -12.23 -17.38
N ALA A 290 21.93 -11.81 -17.50
CA ALA A 290 22.26 -10.48 -17.99
C ALA A 290 21.86 -10.36 -19.45
N VAL A 291 21.99 -11.46 -20.18
CA VAL A 291 21.62 -11.47 -21.60
C VAL A 291 20.13 -11.17 -21.76
N LEU A 292 19.34 -11.69 -20.83
CA LEU A 292 17.90 -11.47 -20.87
C LEU A 292 17.48 -10.20 -20.13
N LYS A 293 18.47 -9.42 -19.70
CA LYS A 293 18.21 -8.17 -18.99
C LYS A 293 17.35 -8.34 -17.74
N GLY A 294 17.45 -9.49 -17.09
CA GLY A 294 16.66 -9.73 -15.90
C GLY A 294 15.27 -10.26 -16.21
N GLU A 295 14.84 -10.06 -17.46
CA GLU A 295 13.54 -10.54 -17.89
C GLU A 295 13.57 -12.06 -17.89
N VAL A 296 13.49 -12.65 -16.71
CA VAL A 296 13.52 -14.09 -16.59
C VAL A 296 12.33 -14.64 -15.79
N ASP A 297 11.57 -15.53 -16.43
CA ASP A 297 10.40 -16.15 -15.81
C ASP A 297 10.86 -17.21 -14.81
N PHE A 298 11.71 -18.11 -15.26
CA PHE A 298 12.22 -19.18 -14.39
C PHE A 298 13.64 -19.60 -14.78
N ILE A 299 14.33 -20.22 -13.83
CA ILE A 299 15.66 -20.74 -14.06
C ILE A 299 15.45 -22.24 -13.94
N VAL A 300 15.68 -22.96 -15.03
CA VAL A 300 15.48 -24.40 -15.03
C VAL A 300 16.78 -25.18 -14.94
N LEU A 301 16.88 -26.05 -13.93
CA LEU A 301 18.06 -26.89 -13.76
C LEU A 301 17.66 -28.30 -14.22
N THR A 302 18.25 -28.74 -15.32
CA THR A 302 17.93 -30.06 -15.84
C THR A 302 19.22 -30.84 -16.06
N GLY A 303 19.10 -32.05 -16.60
CA GLY A 303 20.28 -32.86 -16.84
C GLY A 303 20.50 -33.90 -15.75
N GLY A 304 21.50 -34.75 -15.93
CA GLY A 304 21.80 -35.78 -14.96
C GLY A 304 22.13 -35.29 -13.57
N LEU A 305 23.00 -34.29 -13.49
CA LEU A 305 23.39 -33.74 -12.19
C LEU A 305 22.22 -33.14 -11.42
N ALA A 306 21.15 -32.80 -12.13
CA ALA A 306 19.98 -32.24 -11.50
C ALA A 306 19.43 -33.15 -10.41
N HIS A 307 19.88 -34.41 -10.42
CA HIS A 307 19.45 -35.38 -9.42
C HIS A 307 20.07 -35.12 -8.05
N GLU A 308 21.36 -34.77 -8.03
CA GLU A 308 22.06 -34.52 -6.78
C GLU A 308 21.42 -33.32 -6.08
N LYS A 309 20.44 -33.60 -5.24
CA LYS A 309 19.70 -32.56 -4.54
C LYS A 309 20.16 -32.30 -3.10
N GLU A 310 21.34 -32.81 -2.75
CA GLU A 310 21.87 -32.61 -1.40
C GLU A 310 22.85 -31.45 -1.34
N PHE A 311 23.69 -31.33 -2.36
CA PHE A 311 24.67 -30.25 -2.42
C PHE A 311 24.54 -29.39 -3.66
N LEU A 312 24.88 -29.96 -4.80
CA LEU A 312 24.82 -29.26 -6.08
C LEU A 312 23.61 -28.35 -6.25
N VAL A 313 22.44 -28.93 -6.45
CA VAL A 313 21.20 -28.15 -6.64
C VAL A 313 21.00 -27.08 -5.55
N PRO A 314 21.11 -27.44 -4.27
CA PRO A 314 20.93 -26.44 -3.23
C PRO A 314 21.93 -25.29 -3.34
N TRP A 315 23.21 -25.63 -3.55
CA TRP A 315 24.24 -24.62 -3.67
C TRP A 315 23.96 -23.63 -4.80
N ILE A 316 23.62 -24.17 -5.97
CA ILE A 316 23.33 -23.32 -7.12
C ILE A 316 22.12 -22.44 -6.85
N THR A 317 21.01 -23.07 -6.44
CA THR A 317 19.78 -22.36 -6.17
C THR A 317 19.97 -21.17 -5.21
N LYS A 318 20.77 -21.37 -4.17
CA LYS A 318 21.02 -20.32 -3.20
C LYS A 318 21.75 -19.10 -3.77
N ARG A 319 22.37 -19.27 -4.94
CA ARG A 319 23.13 -18.18 -5.54
C ARG A 319 22.42 -17.48 -6.70
N VAL A 320 21.45 -18.18 -7.30
CA VAL A 320 20.74 -17.61 -8.44
C VAL A 320 19.26 -17.32 -8.26
N SER A 321 18.66 -17.83 -7.20
CA SER A 321 17.23 -17.62 -7.00
C SER A 321 16.80 -16.15 -6.91
N PHE A 322 17.76 -15.23 -6.93
CA PHE A 322 17.46 -13.80 -6.86
C PHE A 322 17.06 -13.30 -8.25
N ILE A 323 17.38 -14.10 -9.26
CA ILE A 323 17.08 -13.77 -10.64
C ILE A 323 15.64 -14.16 -10.96
N ALA A 324 15.26 -15.34 -10.53
CA ALA A 324 13.92 -15.85 -10.75
C ALA A 324 13.79 -17.19 -10.03
N PRO A 325 12.56 -17.65 -9.77
CA PRO A 325 12.40 -18.93 -9.08
C PRO A 325 13.06 -20.06 -9.86
N VAL A 326 13.61 -21.02 -9.13
CA VAL A 326 14.29 -22.17 -9.72
C VAL A 326 13.46 -23.45 -9.78
N LEU A 327 13.31 -23.98 -10.98
CA LEU A 327 12.56 -25.23 -11.18
C LEU A 327 13.59 -26.32 -11.49
N VAL A 328 13.34 -27.55 -11.01
CA VAL A 328 14.27 -28.64 -11.26
C VAL A 328 13.65 -29.81 -12.01
N PHE A 329 14.18 -30.08 -13.21
CA PHE A 329 13.72 -31.18 -14.06
C PHE A 329 14.86 -32.18 -14.25
N PRO A 330 15.03 -33.11 -13.31
CA PRO A 330 16.06 -34.15 -13.31
C PRO A 330 16.16 -34.98 -14.59
N GLY A 331 17.37 -35.40 -14.91
CA GLY A 331 17.61 -36.22 -16.09
C GLY A 331 17.34 -35.55 -17.43
N SER A 332 17.14 -36.37 -18.45
CA SER A 332 16.88 -35.87 -19.80
C SER A 332 16.30 -36.96 -20.69
N ASN A 333 15.04 -37.32 -20.47
CA ASN A 333 14.43 -38.36 -21.28
C ASN A 333 14.50 -37.93 -22.75
N GLU A 334 15.47 -38.48 -23.47
CA GLU A 334 15.66 -38.14 -24.87
C GLU A 334 14.76 -38.95 -25.80
N GLU A 335 14.42 -40.17 -25.38
CA GLU A 335 13.54 -41.00 -26.18
C GLU A 335 12.17 -40.33 -26.23
N LYS A 336 11.77 -39.75 -25.09
CA LYS A 336 10.49 -39.06 -25.00
C LYS A 336 10.59 -37.76 -25.82
N ALA A 337 11.73 -37.11 -25.76
CA ALA A 337 11.94 -35.88 -26.51
C ALA A 337 11.74 -36.14 -28.00
N LEU A 338 12.40 -37.18 -28.50
CA LEU A 338 12.29 -37.52 -29.91
C LEU A 338 10.88 -37.97 -30.30
N ALA A 339 10.36 -38.95 -29.58
CA ALA A 339 9.04 -39.49 -29.86
C ALA A 339 7.96 -38.40 -29.92
N LEU A 340 7.83 -37.64 -28.85
CA LEU A 340 6.82 -36.58 -28.78
C LEU A 340 6.97 -35.51 -29.86
N SER A 341 8.21 -35.15 -30.19
CA SER A 341 8.45 -34.15 -31.23
C SER A 341 7.88 -34.67 -32.54
N ALA A 342 8.22 -35.91 -32.87
CA ALA A 342 7.74 -36.55 -34.09
C ALA A 342 6.22 -36.67 -34.07
N LEU A 343 5.69 -37.15 -32.93
CA LEU A 343 4.25 -37.32 -32.77
C LEU A 343 3.51 -36.03 -33.09
N ARG A 344 4.09 -34.90 -32.69
CA ARG A 344 3.47 -33.60 -32.92
C ARG A 344 3.43 -33.27 -34.41
N VAL A 345 4.43 -33.76 -35.15
CA VAL A 345 4.51 -33.53 -36.59
C VAL A 345 3.47 -34.39 -37.31
N LEU A 346 3.31 -35.62 -36.85
CA LEU A 346 2.36 -36.56 -37.43
C LEU A 346 0.93 -36.12 -37.17
N ARG A 347 0.76 -35.19 -36.23
CA ARG A 347 -0.56 -34.68 -35.88
C ARG A 347 -0.83 -33.32 -36.49
N GLY A 348 0.16 -32.79 -37.20
CA GLY A 348 0.01 -31.49 -37.83
C GLY A 348 0.16 -30.35 -36.85
N GLU A 349 0.42 -30.68 -35.58
CA GLU A 349 0.57 -29.67 -34.54
C GLU A 349 1.83 -28.84 -34.80
N GLU A 350 2.75 -29.40 -35.58
CA GLU A 350 3.98 -28.70 -35.92
C GLU A 350 4.33 -29.04 -37.36
N LYS A 351 5.08 -28.15 -38.02
CA LYS A 351 5.46 -28.37 -39.41
C LYS A 351 6.93 -28.77 -39.55
N PRO A 352 7.20 -29.81 -40.36
CA PRO A 352 8.56 -30.29 -40.59
C PRO A 352 9.47 -29.20 -41.12
N LYS A 353 10.78 -29.45 -41.08
CA LYS A 353 11.76 -28.49 -41.55
C LYS A 353 12.58 -29.11 -42.67
N ASN A 354 12.86 -28.33 -43.70
CA ASN A 354 13.65 -28.82 -44.83
C ASN A 354 15.11 -28.48 -44.58
N TYR A 355 15.89 -29.45 -44.12
CA TYR A 355 17.29 -29.22 -43.83
C TYR A 355 18.02 -28.49 -44.95
N SER A 356 17.91 -29.01 -46.17
CA SER A 356 18.57 -28.42 -47.33
C SER A 356 18.38 -26.91 -47.40
N GLU A 357 17.12 -26.47 -47.47
CA GLU A 357 16.82 -25.05 -47.55
C GLU A 357 17.20 -24.33 -46.27
N GLU A 358 16.79 -24.90 -45.14
CA GLU A 358 17.05 -24.31 -43.84
C GLU A 358 18.54 -24.11 -43.56
N SER A 359 19.36 -25.12 -43.90
CA SER A 359 20.80 -25.02 -43.66
C SER A 359 21.40 -23.92 -44.51
N ARG A 360 20.79 -23.65 -45.66
CA ARG A 360 21.27 -22.59 -46.54
C ARG A 360 20.83 -21.19 -46.09
N ARG A 361 19.55 -21.02 -45.73
CA ARG A 361 19.06 -19.71 -45.25
C ARG A 361 19.86 -19.29 -44.06
N TRP A 362 20.46 -20.28 -43.42
CA TRP A 362 21.27 -20.04 -42.28
C TRP A 362 22.60 -19.51 -42.76
N ARG A 363 23.24 -20.24 -43.68
CA ARG A 363 24.53 -19.80 -44.20
C ARG A 363 24.40 -18.40 -44.81
N GLU A 364 23.19 -18.05 -45.27
CA GLU A 364 22.93 -16.76 -45.87
C GLU A 364 22.99 -15.67 -44.81
N ARG A 365 22.15 -15.80 -43.79
CA ARG A 365 22.12 -14.84 -42.69
C ARG A 365 23.44 -14.84 -41.92
N TYR A 366 24.28 -15.84 -42.21
CA TYR A 366 25.59 -15.96 -41.55
C TYR A 366 26.60 -15.12 -42.30
N ASP A 367 26.98 -15.56 -43.48
CA ASP A 367 27.95 -14.84 -44.30
C ASP A 367 27.56 -13.37 -44.41
N SER A 368 26.27 -13.11 -44.18
CA SER A 368 25.74 -11.75 -44.24
C SER A 368 26.40 -10.80 -43.25
N TYR A 369 26.58 -11.25 -42.01
CA TYR A 369 27.19 -10.42 -40.99
C TYR A 369 28.72 -10.33 -41.10
N LEU A 370 29.29 -11.10 -42.00
CA LEU A 370 30.74 -11.06 -42.19
C LEU A 370 31.12 -9.91 -43.11
N ASP A 371 31.35 -8.73 -42.52
CA ASP A 371 31.71 -7.56 -43.29
C ASP A 371 33.17 -7.65 -43.73
N GLY A 372 33.57 -8.86 -44.09
CA GLY A 372 34.92 -9.12 -44.54
C GLY A 372 34.87 -10.05 -45.73
N ILE A 373 33.65 -10.39 -46.15
CA ILE A 373 33.43 -11.28 -47.28
C ILE A 373 33.70 -10.56 -48.60
N MET B 1 25.90 -50.11 -7.58
CA MET B 1 24.95 -50.18 -8.72
C MET B 1 24.04 -51.40 -8.55
N PHE B 2 22.76 -51.14 -8.28
CA PHE B 2 21.81 -52.23 -8.12
C PHE B 2 20.96 -52.38 -9.38
N ARG B 3 20.74 -53.61 -9.78
CA ARG B 3 19.91 -53.89 -10.96
C ARG B 3 18.53 -54.29 -10.45
N ILE B 4 17.51 -53.49 -10.81
CA ILE B 4 16.16 -53.76 -10.36
C ILE B 4 15.22 -54.18 -11.48
N LEU B 5 14.31 -55.08 -11.18
CA LEU B 5 13.32 -55.56 -12.15
C LEU B 5 11.92 -55.23 -11.65
N THR B 6 11.15 -54.50 -12.44
CA THR B 6 9.80 -54.14 -12.04
C THR B 6 8.77 -55.01 -12.74
N ILE B 7 7.71 -55.34 -12.00
CA ILE B 7 6.63 -56.16 -12.53
C ILE B 7 5.33 -55.38 -12.37
N ASN B 8 4.67 -55.09 -13.49
CA ASN B 8 3.43 -54.33 -13.45
C ASN B 8 2.32 -55.04 -14.22
N PRO B 9 1.66 -56.01 -13.59
CA PRO B 9 0.57 -56.75 -14.22
C PRO B 9 -0.68 -55.89 -14.38
N GLY B 10 -1.25 -55.89 -15.57
CA GLY B 10 -2.45 -55.10 -15.83
C GLY B 10 -3.62 -55.97 -16.26
N SER B 11 -4.80 -55.35 -16.34
CA SER B 11 -6.01 -56.08 -16.74
C SER B 11 -5.86 -56.67 -18.14
N THR B 12 -5.27 -55.90 -19.04
CA THR B 12 -5.10 -56.34 -20.42
C THR B 12 -3.64 -56.40 -20.86
N SER B 13 -2.75 -55.81 -20.07
CA SER B 13 -1.33 -55.80 -20.41
C SER B 13 -0.44 -56.17 -19.23
N THR B 14 0.86 -56.17 -19.48
CA THR B 14 1.85 -56.49 -18.46
C THR B 14 3.14 -55.76 -18.81
N LYS B 15 3.51 -54.78 -17.98
CA LYS B 15 4.72 -54.00 -18.22
C LYS B 15 5.87 -54.42 -17.32
N LEU B 16 7.04 -54.55 -17.92
CA LEU B 16 8.24 -54.93 -17.21
C LEU B 16 9.34 -53.93 -17.52
N SER B 17 10.28 -53.76 -16.60
CA SER B 17 11.38 -52.85 -16.82
C SER B 17 12.57 -53.23 -15.97
N ILE B 18 13.77 -52.90 -16.47
CA ILE B 18 15.00 -53.18 -15.77
C ILE B 18 15.73 -51.86 -15.54
N PHE B 19 16.10 -51.62 -14.29
CA PHE B 19 16.82 -50.41 -13.93
C PHE B 19 18.17 -50.71 -13.31
N GLU B 20 19.13 -49.89 -13.62
CA GLU B 20 20.43 -49.96 -13.03
C GLU B 20 20.60 -48.59 -12.44
N ASP B 21 20.47 -48.54 -11.11
CA ASP B 21 20.51 -47.27 -10.37
C ASP B 21 19.32 -46.43 -10.86
N GLU B 22 19.51 -45.16 -11.20
CA GLU B 22 18.37 -44.35 -11.65
C GLU B 22 18.07 -44.49 -13.15
N ARG B 23 18.92 -45.23 -13.86
CA ARG B 23 18.76 -45.41 -15.31
C ARG B 23 17.92 -46.61 -15.70
N MET B 24 17.00 -46.42 -16.64
CA MET B 24 16.17 -47.51 -17.13
C MET B 24 16.86 -48.09 -18.36
N VAL B 25 17.30 -49.34 -18.28
CA VAL B 25 18.00 -49.98 -19.39
C VAL B 25 17.08 -50.74 -20.33
N LYS B 26 15.87 -51.05 -19.88
CA LYS B 26 14.91 -51.76 -20.71
C LYS B 26 13.51 -51.75 -20.12
N MET B 27 12.52 -51.78 -20.99
CA MET B 27 11.12 -51.81 -20.57
C MET B 27 10.29 -52.30 -21.74
N GLN B 28 9.25 -53.07 -21.45
CA GLN B 28 8.38 -53.59 -22.49
C GLN B 28 6.97 -53.78 -21.97
N ASN B 29 5.99 -53.53 -22.83
CA ASN B 29 4.59 -53.68 -22.45
C ASN B 29 3.95 -54.77 -23.29
N PHE B 30 3.69 -55.93 -22.67
CA PHE B 30 3.06 -57.03 -23.38
C PHE B 30 1.55 -56.95 -23.22
N SER B 31 0.86 -56.83 -24.35
CA SER B 31 -0.60 -56.75 -24.34
C SER B 31 -1.20 -58.13 -24.57
N HIS B 32 -2.29 -58.43 -23.88
CA HIS B 32 -2.95 -59.72 -24.00
C HIS B 32 -4.33 -59.57 -24.64
N SER B 33 -4.48 -60.13 -25.84
CA SER B 33 -5.74 -60.07 -26.55
C SER B 33 -6.86 -60.76 -25.76
N PRO B 34 -8.07 -60.17 -25.77
CA PRO B 34 -9.21 -60.74 -25.05
C PRO B 34 -9.48 -62.19 -25.47
N ASP B 35 -9.04 -62.53 -26.68
CA ASP B 35 -9.21 -63.89 -27.20
C ASP B 35 -8.19 -64.80 -26.53
N GLU B 36 -7.10 -64.21 -26.07
CA GLU B 36 -6.04 -64.94 -25.41
C GLU B 36 -6.34 -65.01 -23.91
N LEU B 37 -6.76 -63.90 -23.34
CA LEU B 37 -7.11 -63.83 -21.92
C LEU B 37 -8.31 -64.72 -21.66
N GLY B 38 -9.15 -64.88 -22.68
CA GLY B 38 -10.34 -65.71 -22.58
C GLY B 38 -9.94 -67.18 -22.56
N ARG B 39 -9.26 -67.57 -21.52
CA ARG B 39 -8.81 -68.95 -21.33
C ARG B 39 -8.71 -69.26 -19.84
N PHE B 40 -8.84 -68.26 -19.01
CA PHE B 40 -8.71 -68.37 -17.55
C PHE B 40 -10.01 -67.98 -16.85
N GLN B 41 -10.49 -68.82 -15.95
CA GLN B 41 -11.72 -68.52 -15.22
C GLN B 41 -11.50 -67.37 -14.24
N LYS B 42 -10.52 -67.55 -13.35
CA LYS B 42 -10.20 -66.52 -12.37
C LYS B 42 -8.86 -65.88 -12.72
N ILE B 43 -8.64 -64.67 -12.25
CA ILE B 43 -7.41 -63.95 -12.54
C ILE B 43 -6.16 -64.73 -12.12
N LEU B 44 -6.24 -65.37 -10.95
CA LEU B 44 -5.11 -66.14 -10.43
C LEU B 44 -4.64 -67.23 -11.39
N ASP B 45 -5.49 -67.60 -12.34
CA ASP B 45 -5.13 -68.64 -13.31
C ASP B 45 -4.12 -68.13 -14.32
N GLN B 46 -4.04 -66.82 -14.48
CA GLN B 46 -3.12 -66.19 -15.45
C GLN B 46 -1.71 -66.13 -14.98
N LEU B 47 -1.48 -66.44 -13.74
CA LEU B 47 -0.16 -66.43 -13.11
C LEU B 47 0.97 -66.97 -13.98
N GLU B 48 0.90 -68.23 -14.44
CA GLU B 48 2.01 -68.81 -15.24
C GLU B 48 1.96 -68.40 -16.66
N PHE B 49 1.03 -67.50 -16.95
CA PHE B 49 1.01 -66.97 -18.29
C PHE B 49 1.79 -65.68 -18.14
N ARG B 50 1.50 -64.94 -17.06
CA ARG B 50 2.24 -63.69 -16.84
C ARG B 50 3.70 -63.96 -16.49
N GLU B 51 3.92 -64.82 -15.50
CA GLU B 51 5.26 -65.17 -15.05
C GLU B 51 6.13 -65.67 -16.20
N LYS B 52 5.54 -66.48 -17.07
CA LYS B 52 6.25 -67.03 -18.21
C LYS B 52 6.80 -65.89 -19.06
N ILE B 53 5.99 -64.85 -19.23
CA ILE B 53 6.38 -63.68 -20.02
C ILE B 53 7.48 -62.89 -19.32
N ALA B 54 7.37 -62.80 -17.99
CA ALA B 54 8.36 -62.08 -17.20
C ALA B 54 9.72 -62.72 -17.43
N ARG B 55 9.75 -64.05 -17.42
CA ARG B 55 10.98 -64.80 -17.63
C ARG B 55 11.51 -64.54 -19.04
N GLN B 56 10.60 -64.25 -19.97
CA GLN B 56 10.98 -63.98 -21.35
C GLN B 56 11.60 -62.60 -21.51
N PHE B 57 11.03 -61.62 -20.81
CA PHE B 57 11.53 -60.25 -20.86
C PHE B 57 13.00 -60.18 -20.47
N VAL B 58 13.43 -61.07 -19.59
CA VAL B 58 14.83 -61.09 -19.15
C VAL B 58 15.71 -61.96 -20.03
N GLU B 59 15.13 -62.95 -20.67
CA GLU B 59 15.90 -63.85 -21.53
C GLU B 59 16.54 -63.03 -22.65
N GLU B 60 15.69 -62.33 -23.41
CA GLU B 60 16.14 -61.49 -24.51
C GLU B 60 17.34 -60.63 -24.14
N THR B 61 17.25 -60.01 -22.97
CA THR B 61 18.29 -59.12 -22.45
C THR B 61 19.67 -59.77 -22.33
N GLY B 62 19.71 -60.96 -21.74
CA GLY B 62 20.98 -61.63 -21.56
C GLY B 62 21.45 -61.55 -20.12
N TYR B 63 20.50 -61.50 -19.20
CA TYR B 63 20.78 -61.47 -17.77
C TYR B 63 20.12 -62.71 -17.19
N SER B 64 20.19 -62.87 -15.87
CA SER B 64 19.56 -64.02 -15.22
C SER B 64 18.90 -63.53 -13.94
N LEU B 65 17.80 -64.17 -13.56
CA LEU B 65 17.11 -63.77 -12.33
C LEU B 65 18.07 -63.59 -11.16
N SER B 66 19.25 -64.16 -11.27
CA SER B 66 20.24 -64.08 -10.20
C SER B 66 21.15 -62.87 -10.32
N SER B 67 20.97 -62.08 -11.38
CA SER B 67 21.79 -60.89 -11.58
C SER B 67 21.03 -59.63 -11.19
N PHE B 68 20.02 -59.78 -10.32
CA PHE B 68 19.23 -58.63 -9.85
C PHE B 68 19.38 -58.42 -8.35
N SER B 69 19.23 -57.17 -7.93
CA SER B 69 19.36 -56.83 -6.52
C SER B 69 18.00 -56.91 -5.82
N ALA B 70 16.92 -56.88 -6.60
CA ALA B 70 15.57 -56.94 -6.05
C ALA B 70 14.48 -56.97 -7.12
N PHE B 71 13.32 -57.47 -6.73
CA PHE B 71 12.17 -57.55 -7.63
C PHE B 71 11.06 -56.69 -7.03
N VAL B 72 10.49 -55.80 -7.84
CA VAL B 72 9.43 -54.93 -7.35
C VAL B 72 8.20 -54.96 -8.24
N SER B 73 7.03 -54.98 -7.60
CA SER B 73 5.77 -55.01 -8.33
C SER B 73 4.79 -54.03 -7.70
N ARG B 74 3.65 -53.84 -8.37
CA ARG B 74 2.64 -52.93 -7.87
C ARG B 74 1.90 -53.66 -6.76
N GLY B 75 1.40 -52.91 -5.79
CA GLY B 75 0.66 -53.51 -4.69
C GLY B 75 -0.72 -53.97 -5.14
N GLY B 76 -1.08 -55.19 -4.77
CA GLY B 76 -2.39 -55.72 -5.15
C GLY B 76 -3.49 -55.29 -4.21
N LEU B 77 -4.57 -56.07 -4.18
CA LEU B 77 -5.71 -55.77 -3.33
C LEU B 77 -5.51 -56.27 -1.91
N LEU B 78 -4.41 -55.84 -1.29
CA LEU B 78 -4.10 -56.23 0.08
C LEU B 78 -5.08 -55.58 1.04
N ASP B 79 -4.86 -55.78 2.33
CA ASP B 79 -5.70 -55.17 3.35
C ASP B 79 -5.18 -53.78 3.63
N PRO B 80 -6.07 -52.86 4.05
CA PRO B 80 -5.69 -51.48 4.35
C PRO B 80 -4.36 -51.35 5.10
N ILE B 81 -3.47 -50.53 4.56
CA ILE B 81 -2.16 -50.30 5.16
C ILE B 81 -1.65 -48.92 4.79
N PRO B 82 -0.64 -48.42 5.51
CA PRO B 82 -0.07 -47.10 5.21
C PRO B 82 0.65 -47.14 3.87
N GLY B 83 1.39 -46.09 3.55
CA GLY B 83 2.12 -46.06 2.31
C GLY B 83 3.56 -46.48 2.60
N GLY B 84 4.33 -46.72 1.54
CA GLY B 84 5.72 -47.13 1.74
C GLY B 84 6.12 -48.34 0.93
N VAL B 85 7.32 -48.86 1.21
CA VAL B 85 7.83 -50.03 0.51
C VAL B 85 7.79 -51.23 1.45
N TYR B 86 6.96 -52.22 1.11
CA TYR B 86 6.82 -53.42 1.93
C TYR B 86 7.53 -54.64 1.36
N LEU B 87 7.93 -55.55 2.24
CA LEU B 87 8.58 -56.80 1.86
C LEU B 87 7.48 -57.83 1.65
N VAL B 88 7.48 -58.47 0.49
CA VAL B 88 6.47 -59.48 0.20
C VAL B 88 6.63 -60.68 1.11
N ASP B 89 5.80 -60.74 2.16
CA ASP B 89 5.86 -61.85 3.10
C ASP B 89 4.68 -62.82 2.93
N GLY B 90 4.78 -63.98 3.58
CA GLY B 90 3.73 -64.99 3.49
C GLY B 90 2.31 -64.46 3.57
N LEU B 91 2.02 -63.71 4.62
CA LEU B 91 0.68 -63.15 4.81
C LEU B 91 0.20 -62.42 3.56
N MET B 92 1.10 -61.70 2.91
CA MET B 92 0.74 -60.95 1.71
C MET B 92 0.31 -61.89 0.59
N ILE B 93 1.15 -62.87 0.26
CA ILE B 93 0.83 -63.82 -0.82
C ILE B 93 -0.44 -64.57 -0.47
N LYS B 94 -0.57 -64.92 0.81
CA LYS B 94 -1.74 -65.66 1.28
C LYS B 94 -2.99 -64.84 0.99
N THR B 95 -2.93 -63.54 1.27
CA THR B 95 -4.06 -62.64 1.05
C THR B 95 -4.37 -62.46 -0.42
N LEU B 96 -3.33 -62.25 -1.22
CA LEU B 96 -3.50 -62.04 -2.65
C LEU B 96 -4.04 -63.25 -3.40
N LYS B 97 -3.59 -64.45 -3.02
CA LYS B 97 -4.06 -65.67 -3.67
C LYS B 97 -5.53 -65.96 -3.38
N SER B 98 -5.94 -65.73 -2.14
CA SER B 98 -7.31 -65.96 -1.72
C SER B 98 -8.28 -65.01 -2.43
N GLY B 99 -7.80 -63.81 -2.74
CA GLY B 99 -8.64 -62.83 -3.40
C GLY B 99 -9.75 -62.37 -2.48
N LYS B 100 -9.50 -62.43 -1.18
CA LYS B 100 -10.48 -62.03 -0.18
C LYS B 100 -11.02 -60.63 -0.42
N ASN B 101 -10.13 -59.71 -0.81
CA ASN B 101 -10.53 -58.33 -1.05
C ASN B 101 -10.77 -58.03 -2.53
N GLY B 102 -11.06 -59.08 -3.30
CA GLY B 102 -11.33 -58.87 -4.72
C GLY B 102 -10.24 -59.42 -5.63
N GLU B 103 -10.61 -59.67 -6.88
CA GLU B 103 -9.67 -60.21 -7.87
C GLU B 103 -9.29 -59.18 -8.93
N HIS B 104 -8.02 -59.18 -9.29
CA HIS B 104 -7.52 -58.27 -10.31
C HIS B 104 -6.11 -58.70 -10.70
N ALA B 105 -5.72 -58.38 -11.93
CA ALA B 105 -4.40 -58.73 -12.43
C ALA B 105 -3.29 -58.16 -11.56
N SER B 106 -3.57 -57.07 -10.86
CA SER B 106 -2.59 -56.43 -9.98
C SER B 106 -2.08 -57.38 -8.89
N ASN B 107 -2.95 -58.27 -8.44
CA ASN B 107 -2.60 -59.21 -7.38
C ASN B 107 -1.49 -60.18 -7.78
N LEU B 108 -1.38 -60.47 -9.06
CA LEU B 108 -0.36 -61.38 -9.56
C LEU B 108 1.05 -60.84 -9.34
N GLY B 109 1.19 -59.52 -9.48
CA GLY B 109 2.48 -58.87 -9.31
C GLY B 109 3.35 -59.36 -8.17
N ALA B 110 2.88 -59.16 -6.95
CA ALA B 110 3.63 -59.57 -5.75
C ALA B 110 3.95 -61.06 -5.75
N ILE B 111 3.03 -61.89 -6.23
CA ILE B 111 3.25 -63.32 -6.25
C ILE B 111 4.42 -63.69 -7.18
N ILE B 112 4.43 -63.08 -8.37
CA ILE B 112 5.51 -63.34 -9.32
C ILE B 112 6.84 -62.87 -8.76
N ALA B 113 6.85 -61.68 -8.16
CA ALA B 113 8.06 -61.14 -7.58
C ALA B 113 8.56 -62.03 -6.45
N HIS B 114 7.62 -62.64 -5.72
CA HIS B 114 7.96 -63.51 -4.61
C HIS B 114 8.70 -64.77 -5.06
N ARG B 115 8.20 -65.42 -6.11
CA ARG B 115 8.81 -66.63 -6.62
C ARG B 115 10.25 -66.37 -7.06
N PHE B 116 10.44 -65.38 -7.92
CA PHE B 116 11.77 -65.04 -8.39
C PHE B 116 12.67 -64.82 -7.19
N SER B 117 12.09 -64.27 -6.13
CA SER B 117 12.81 -64.00 -4.90
C SER B 117 13.24 -65.31 -4.25
N SER B 118 12.30 -66.23 -4.08
CA SER B 118 12.57 -67.53 -3.47
C SER B 118 13.35 -68.45 -4.38
N GLU B 119 13.82 -67.93 -5.51
CA GLU B 119 14.59 -68.70 -6.47
C GLU B 119 16.01 -68.18 -6.57
N THR B 120 16.19 -66.93 -6.16
CA THR B 120 17.50 -66.29 -6.23
C THR B 120 17.97 -65.78 -4.88
N GLY B 121 17.06 -65.73 -3.91
CA GLY B 121 17.42 -65.24 -2.59
C GLY B 121 17.55 -63.73 -2.61
N VAL B 122 16.84 -63.10 -3.54
CA VAL B 122 16.85 -61.65 -3.68
C VAL B 122 15.53 -61.08 -3.18
N PRO B 123 15.58 -59.93 -2.50
CA PRO B 123 14.39 -59.26 -1.95
C PRO B 123 13.29 -58.98 -2.97
N ALA B 124 12.04 -59.09 -2.52
CA ALA B 124 10.87 -58.83 -3.34
C ALA B 124 10.03 -57.78 -2.62
N TYR B 125 9.81 -56.64 -3.27
CA TYR B 125 9.03 -55.56 -2.67
C TYR B 125 7.80 -55.15 -3.47
N VAL B 126 6.97 -54.33 -2.84
CA VAL B 126 5.76 -53.78 -3.44
C VAL B 126 5.71 -52.35 -2.95
N VAL B 127 5.29 -51.43 -3.81
CA VAL B 127 5.22 -50.02 -3.43
C VAL B 127 3.80 -49.46 -3.44
N ASP B 128 3.51 -48.61 -2.46
CA ASP B 128 2.21 -47.98 -2.28
C ASP B 128 1.05 -48.68 -2.98
N PRO B 129 0.58 -49.79 -2.40
CA PRO B 129 -0.52 -50.57 -2.98
C PRO B 129 -1.73 -49.69 -3.31
N VAL B 130 -2.49 -50.11 -4.31
CA VAL B 130 -3.68 -49.38 -4.74
C VAL B 130 -4.69 -49.23 -3.60
N VAL B 131 -4.41 -49.89 -2.48
CA VAL B 131 -5.29 -49.82 -1.33
C VAL B 131 -4.66 -49.09 -0.15
N VAL B 132 -3.61 -48.31 -0.40
CA VAL B 132 -2.98 -47.57 0.68
C VAL B 132 -4.06 -46.64 1.21
N ASP B 133 -4.17 -46.56 2.53
CA ASP B 133 -5.20 -45.71 3.14
C ASP B 133 -4.62 -44.85 4.25
N GLU B 134 -4.88 -43.55 4.18
CA GLU B 134 -4.39 -42.61 5.18
C GLU B 134 -5.48 -41.59 5.49
N MET B 135 -6.69 -41.88 5.01
CA MET B 135 -7.83 -41.00 5.21
C MET B 135 -8.05 -40.64 6.67
N GLU B 136 -8.70 -39.50 6.88
CA GLU B 136 -9.00 -39.01 8.21
C GLU B 136 -10.25 -39.72 8.69
N ASP B 137 -10.37 -39.91 9.99
CA ASP B 137 -11.52 -40.58 10.58
C ASP B 137 -12.83 -40.03 9.98
N VAL B 138 -12.98 -38.72 10.09
CA VAL B 138 -14.15 -38.00 9.58
C VAL B 138 -14.52 -38.37 8.14
N ALA B 139 -13.50 -38.72 7.35
CA ALA B 139 -13.71 -39.06 5.96
C ALA B 139 -14.24 -40.48 5.75
N ARG B 140 -14.28 -41.26 6.82
CA ARG B 140 -14.75 -42.64 6.72
C ARG B 140 -16.27 -42.79 6.80
N VAL B 141 -16.92 -41.89 7.54
CA VAL B 141 -18.37 -41.94 7.67
C VAL B 141 -19.01 -41.72 6.30
N SER B 142 -19.90 -42.62 5.92
CA SER B 142 -20.56 -42.55 4.61
C SER B 142 -22.00 -42.04 4.66
N GLY B 143 -22.62 -42.13 5.83
CA GLY B 143 -23.99 -41.68 5.96
C GLY B 143 -24.88 -42.86 6.29
N HIS B 144 -24.30 -44.05 6.27
CA HIS B 144 -25.01 -45.27 6.59
C HIS B 144 -24.06 -46.14 7.42
N PRO B 145 -24.43 -46.46 8.66
CA PRO B 145 -23.63 -47.27 9.59
C PRO B 145 -22.94 -48.49 9.01
N ASN B 146 -23.60 -49.18 8.08
CA ASN B 146 -23.03 -50.38 7.47
C ASN B 146 -21.88 -50.10 6.50
N TYR B 147 -22.10 -49.13 5.62
CA TYR B 147 -21.10 -48.77 4.62
C TYR B 147 -20.00 -47.86 5.18
N GLN B 148 -18.84 -47.93 4.55
CA GLN B 148 -17.68 -47.13 4.94
C GLN B 148 -17.00 -46.66 3.68
N ARG B 149 -16.41 -45.47 3.73
CA ARG B 149 -15.70 -44.95 2.57
C ARG B 149 -14.32 -45.58 2.58
N LYS B 150 -14.00 -46.32 1.53
CA LYS B 150 -12.70 -46.98 1.42
C LYS B 150 -11.72 -46.15 0.59
N SER B 151 -10.45 -46.20 0.99
CA SER B 151 -9.40 -45.48 0.27
C SER B 151 -8.78 -46.38 -0.79
N ILE B 152 -9.31 -46.31 -2.01
CA ILE B 152 -8.81 -47.10 -3.13
C ILE B 152 -8.54 -46.19 -4.33
N PHE B 153 -7.28 -45.81 -4.51
CA PHE B 153 -6.91 -44.91 -5.61
C PHE B 153 -5.57 -45.30 -6.22
N HIS B 154 -5.04 -44.42 -7.07
CA HIS B 154 -3.76 -44.65 -7.72
C HIS B 154 -2.66 -44.13 -6.81
N ALA B 155 -2.57 -44.72 -5.62
CA ALA B 155 -1.57 -44.32 -4.63
C ALA B 155 -0.17 -44.19 -5.21
N LEU B 156 0.22 -45.14 -6.08
CA LEU B 156 1.53 -45.13 -6.69
C LEU B 156 1.85 -43.81 -7.39
N ASN B 157 1.14 -43.54 -8.48
CA ASN B 157 1.34 -42.31 -9.24
C ASN B 157 1.11 -41.07 -8.37
N GLN B 158 0.00 -41.07 -7.62
CA GLN B 158 -0.33 -39.94 -6.75
C GLN B 158 0.86 -39.52 -5.91
N LYS B 159 1.35 -40.46 -5.10
CA LYS B 159 2.50 -40.19 -4.24
C LYS B 159 3.72 -39.74 -5.04
N THR B 160 3.92 -40.34 -6.22
CA THR B 160 5.05 -40.00 -7.06
C THR B 160 5.00 -38.57 -7.59
N VAL B 161 3.93 -38.25 -8.32
CA VAL B 161 3.80 -36.90 -8.88
C VAL B 161 3.80 -35.86 -7.76
N ALA B 162 3.16 -36.19 -6.65
CA ALA B 162 3.11 -35.26 -5.52
C ALA B 162 4.51 -34.92 -5.05
N LYS B 163 5.36 -35.95 -4.93
CA LYS B 163 6.73 -35.76 -4.47
C LYS B 163 7.58 -35.04 -5.52
N GLU B 164 7.27 -35.23 -6.79
CA GLU B 164 8.01 -34.57 -7.86
C GLU B 164 7.66 -33.08 -7.91
N VAL B 165 6.43 -32.74 -7.49
CA VAL B 165 5.98 -31.36 -7.46
C VAL B 165 6.76 -30.65 -6.36
N ALA B 166 6.86 -31.30 -5.21
CA ALA B 166 7.57 -30.73 -4.07
C ALA B 166 9.06 -30.63 -4.43
N ARG B 167 9.56 -31.69 -5.04
CA ARG B 167 10.95 -31.76 -5.46
C ARG B 167 11.26 -30.61 -6.42
N MET B 168 10.42 -30.47 -7.43
CA MET B 168 10.57 -29.44 -8.44
C MET B 168 10.71 -28.02 -7.88
N MET B 169 10.33 -27.83 -6.61
CA MET B 169 10.41 -26.51 -6.01
C MET B 169 11.22 -26.46 -4.73
N ASN B 170 12.20 -27.36 -4.62
CA ASN B 170 13.07 -27.42 -3.45
C ASN B 170 12.27 -27.39 -2.14
N LYS B 171 11.24 -28.23 -2.06
CA LYS B 171 10.40 -28.31 -0.87
C LYS B 171 10.18 -29.77 -0.50
N ARG B 172 9.56 -30.00 0.66
CA ARG B 172 9.28 -31.36 1.12
C ARG B 172 7.79 -31.71 0.97
N TYR B 173 7.54 -32.91 0.47
CA TYR B 173 6.17 -33.39 0.28
C TYR B 173 5.35 -33.29 1.55
N GLU B 174 6.02 -33.49 2.70
CA GLU B 174 5.37 -33.44 4.00
C GLU B 174 4.94 -32.03 4.41
N GLU B 175 5.54 -31.00 3.82
CA GLU B 175 5.18 -29.64 4.18
C GLU B 175 4.38 -28.93 3.09
N MET B 176 3.52 -29.66 2.41
CA MET B 176 2.70 -29.09 1.35
C MET B 176 1.28 -29.67 1.33
N ASN B 177 0.34 -28.88 0.84
CA ASN B 177 -1.04 -29.33 0.72
C ASN B 177 -1.34 -29.30 -0.77
N LEU B 178 -1.75 -30.45 -1.31
CA LEU B 178 -2.02 -30.55 -2.73
C LEU B 178 -3.32 -31.28 -3.02
N VAL B 179 -3.88 -31.01 -4.19
CA VAL B 179 -5.09 -31.68 -4.63
C VAL B 179 -4.66 -32.31 -5.94
N VAL B 180 -4.42 -33.61 -5.89
CA VAL B 180 -3.98 -34.34 -7.07
C VAL B 180 -5.11 -35.11 -7.70
N ALA B 181 -5.21 -35.04 -9.03
CA ALA B 181 -6.26 -35.73 -9.75
C ALA B 181 -5.68 -36.62 -10.84
N HIS B 182 -5.70 -37.93 -10.59
CA HIS B 182 -5.21 -38.89 -11.57
C HIS B 182 -6.36 -39.22 -12.50
N MET B 183 -6.23 -38.84 -13.77
CA MET B 183 -7.28 -39.08 -14.74
C MET B 183 -6.90 -40.11 -15.81
N GLY B 184 -7.39 -41.33 -15.61
CA GLY B 184 -7.12 -42.41 -16.56
C GLY B 184 -8.35 -43.29 -16.71
N GLY B 185 -8.13 -44.58 -16.94
CA GLY B 185 -9.26 -45.50 -17.06
C GLY B 185 -10.09 -45.30 -15.82
N GLY B 186 -9.38 -45.08 -14.70
CA GLY B 186 -10.03 -44.84 -13.43
C GLY B 186 -9.63 -43.44 -13.03
N ILE B 187 -10.49 -42.75 -12.28
CA ILE B 187 -10.19 -41.39 -11.86
C ILE B 187 -10.18 -41.26 -10.34
N SER B 188 -9.12 -40.64 -9.84
CA SER B 188 -9.05 -40.48 -8.40
C SER B 188 -8.58 -39.10 -8.09
N ILE B 189 -9.33 -38.48 -7.21
CA ILE B 189 -9.04 -37.12 -6.83
C ILE B 189 -8.88 -37.00 -5.33
N ALA B 190 -7.62 -36.89 -4.92
CA ALA B 190 -7.21 -36.88 -3.50
C ALA B 190 -6.67 -35.53 -2.95
N ALA B 191 -6.85 -35.34 -1.65
CA ALA B 191 -6.38 -34.14 -0.98
C ALA B 191 -5.19 -34.53 -0.12
N HIS B 192 -4.00 -34.06 -0.50
CA HIS B 192 -2.79 -34.37 0.25
C HIS B 192 -2.51 -33.25 1.24
N ARG B 193 -2.61 -33.56 2.53
CA ARG B 193 -2.35 -32.56 3.56
C ARG B 193 -1.07 -32.95 4.28
N LYS B 194 0.00 -32.19 4.04
CA LYS B 194 1.28 -32.46 4.67
C LYS B 194 1.75 -33.90 4.45
N GLY B 195 1.76 -34.34 3.20
CA GLY B 195 2.22 -35.68 2.86
C GLY B 195 1.32 -36.83 3.25
N ARG B 196 0.04 -36.54 3.52
CA ARG B 196 -0.91 -37.59 3.92
C ARG B 196 -2.21 -37.45 3.14
N VAL B 197 -2.57 -38.48 2.39
CA VAL B 197 -3.80 -38.47 1.60
C VAL B 197 -5.00 -38.61 2.55
N ILE B 198 -5.32 -37.52 3.25
CA ILE B 198 -6.41 -37.51 4.22
C ILE B 198 -7.79 -37.81 3.66
N ASP B 199 -7.93 -37.84 2.33
CA ASP B 199 -9.23 -38.13 1.72
C ASP B 199 -9.07 -38.35 0.23
N VAL B 200 -9.94 -39.21 -0.32
CA VAL B 200 -9.94 -39.54 -1.74
C VAL B 200 -11.16 -40.40 -2.00
N ASN B 201 -11.58 -40.49 -3.26
CA ASN B 201 -12.73 -41.30 -3.61
C ASN B 201 -12.33 -42.75 -3.85
N ASN B 202 -13.33 -43.62 -4.02
CA ASN B 202 -13.08 -45.03 -4.28
C ASN B 202 -13.12 -45.22 -5.79
N ALA B 203 -11.93 -45.21 -6.40
CA ALA B 203 -11.80 -45.35 -7.84
C ALA B 203 -12.25 -46.68 -8.44
N LEU B 204 -12.80 -47.56 -7.61
CA LEU B 204 -13.26 -48.86 -8.10
C LEU B 204 -14.74 -49.15 -7.86
N ASP B 205 -15.17 -49.03 -6.61
CA ASP B 205 -16.56 -49.31 -6.25
C ASP B 205 -17.55 -48.27 -6.74
N GLY B 206 -17.28 -47.68 -7.91
CA GLY B 206 -18.18 -46.68 -8.47
C GLY B 206 -18.44 -45.49 -7.56
N ASP B 207 -17.44 -44.64 -7.40
CA ASP B 207 -17.57 -43.45 -6.57
C ASP B 207 -16.72 -42.32 -7.14
N GLY B 208 -17.35 -41.19 -7.40
CA GLY B 208 -16.65 -40.06 -7.96
C GLY B 208 -17.14 -39.74 -9.36
N PRO B 209 -16.38 -38.93 -10.14
CA PRO B 209 -16.80 -38.59 -11.49
C PRO B 209 -16.70 -39.81 -12.41
N PHE B 210 -17.43 -39.78 -13.53
CA PHE B 210 -17.38 -40.90 -14.44
C PHE B 210 -16.14 -40.84 -15.32
N THR B 211 -15.43 -41.96 -15.39
CA THR B 211 -14.21 -42.07 -16.18
C THR B 211 -14.55 -42.44 -17.63
N PRO B 212 -13.52 -42.61 -18.48
CA PRO B 212 -13.81 -42.96 -19.87
C PRO B 212 -14.45 -44.34 -20.00
N GLU B 213 -14.43 -45.11 -18.91
CA GLU B 213 -15.01 -46.46 -18.92
C GLU B 213 -15.72 -46.84 -17.63
N ARG B 214 -16.14 -45.84 -16.86
CA ARG B 214 -16.85 -46.09 -15.59
C ARG B 214 -17.94 -45.04 -15.37
N SER B 215 -19.01 -45.45 -14.70
CA SER B 215 -20.15 -44.56 -14.44
C SER B 215 -19.96 -43.67 -13.22
N GLY B 216 -18.98 -43.99 -12.39
CA GLY B 216 -18.74 -43.19 -11.19
C GLY B 216 -19.88 -43.32 -10.20
N THR B 217 -20.46 -42.19 -9.80
CA THR B 217 -21.55 -42.19 -8.83
C THR B 217 -22.91 -41.97 -9.50
N LEU B 218 -23.93 -42.59 -8.93
CA LEU B 218 -25.30 -42.47 -9.44
C LEU B 218 -26.28 -42.50 -8.26
N PRO B 219 -27.39 -41.77 -8.37
CA PRO B 219 -28.41 -41.72 -7.31
C PRO B 219 -28.82 -43.11 -6.83
N LEU B 220 -29.04 -43.24 -5.53
CA LEU B 220 -29.43 -44.52 -4.92
C LEU B 220 -30.80 -45.02 -5.37
N THR B 221 -31.82 -44.18 -5.24
CA THR B 221 -33.18 -44.56 -5.63
C THR B 221 -33.27 -45.07 -7.06
N GLN B 222 -32.52 -44.45 -7.97
CA GLN B 222 -32.53 -44.84 -9.37
C GLN B 222 -31.89 -46.21 -9.58
N LEU B 223 -31.05 -46.62 -8.64
CA LEU B 223 -30.38 -47.92 -8.72
C LEU B 223 -31.18 -49.02 -8.03
N VAL B 224 -31.47 -48.81 -6.74
CA VAL B 224 -32.23 -49.79 -5.96
C VAL B 224 -33.54 -50.14 -6.67
N ASP B 225 -34.02 -49.22 -7.50
CA ASP B 225 -35.26 -49.43 -8.24
C ASP B 225 -35.03 -50.32 -9.45
N LEU B 226 -34.14 -49.90 -10.34
CA LEU B 226 -33.84 -50.67 -11.54
C LEU B 226 -32.89 -51.83 -11.23
N CYS B 227 -32.78 -52.18 -9.96
CA CYS B 227 -31.91 -53.28 -9.53
C CYS B 227 -32.73 -54.56 -9.43
N PHE B 228 -33.99 -54.43 -9.02
CA PHE B 228 -34.89 -55.56 -8.89
C PHE B 228 -35.66 -55.75 -10.19
N SER B 229 -35.95 -54.64 -10.86
CA SER B 229 -36.70 -54.66 -12.12
C SER B 229 -35.74 -54.65 -13.32
N GLY B 230 -35.87 -55.65 -14.18
CA GLY B 230 -35.01 -55.74 -15.35
C GLY B 230 -33.97 -56.83 -15.22
N LYS B 231 -32.74 -56.54 -15.66
CA LYS B 231 -31.65 -57.49 -15.57
C LYS B 231 -31.33 -57.83 -14.12
N PHE B 232 -31.92 -58.91 -13.63
CA PHE B 232 -31.69 -59.34 -12.25
C PHE B 232 -30.31 -59.97 -12.12
N THR B 233 -29.51 -59.85 -13.18
CA THR B 233 -28.17 -60.40 -13.21
C THR B 233 -27.32 -59.94 -12.02
N TYR B 234 -27.19 -60.80 -11.03
CA TYR B 234 -26.42 -60.51 -9.83
C TYR B 234 -24.96 -60.22 -10.19
N GLU B 235 -24.47 -60.84 -11.26
CA GLU B 235 -23.10 -60.67 -11.68
C GLU B 235 -22.92 -59.61 -12.77
N GLU B 236 -23.66 -59.74 -13.87
CA GLU B 236 -23.55 -58.81 -14.98
C GLU B 236 -23.65 -57.36 -14.53
N MET B 237 -24.63 -57.07 -13.68
CA MET B 237 -24.82 -55.72 -13.17
C MET B 237 -23.57 -55.22 -12.47
N LYS B 238 -22.88 -56.13 -11.78
CA LYS B 238 -21.64 -55.79 -11.07
C LYS B 238 -20.58 -55.36 -12.07
N LYS B 239 -20.80 -55.71 -13.34
CA LYS B 239 -19.86 -55.36 -14.40
C LYS B 239 -20.26 -54.05 -15.09
N ARG B 240 -21.53 -53.70 -14.96
CA ARG B 240 -22.05 -52.47 -15.57
C ARG B 240 -21.60 -51.23 -14.79
N ILE B 241 -20.95 -51.45 -13.65
CA ILE B 241 -20.47 -50.36 -12.83
C ILE B 241 -18.98 -50.08 -13.03
N VAL B 242 -18.15 -51.10 -12.78
CA VAL B 242 -16.71 -50.98 -12.91
C VAL B 242 -16.21 -51.41 -14.30
N GLY B 243 -16.86 -52.41 -14.87
CA GLY B 243 -16.45 -52.90 -16.18
C GLY B 243 -16.87 -52.01 -17.33
N ASN B 244 -17.77 -51.07 -17.07
CA ASN B 244 -18.25 -50.17 -18.11
C ASN B 244 -18.78 -48.85 -17.56
N GLY B 245 -19.08 -47.92 -18.47
CA GLY B 245 -19.61 -46.63 -18.08
C GLY B 245 -18.79 -45.49 -18.64
N GLY B 246 -19.37 -44.29 -18.67
CA GLY B 246 -18.64 -43.14 -19.17
C GLY B 246 -18.66 -42.97 -20.67
N LEU B 247 -17.71 -42.18 -21.16
CA LEU B 247 -17.59 -41.89 -22.59
C LEU B 247 -17.82 -43.10 -23.47
N VAL B 248 -17.48 -44.28 -22.96
CA VAL B 248 -17.67 -45.51 -23.72
C VAL B 248 -19.15 -45.88 -23.83
N ALA B 249 -19.82 -46.00 -22.70
CA ALA B 249 -21.24 -46.34 -22.70
C ALA B 249 -22.04 -45.25 -23.41
N TYR B 250 -21.44 -44.08 -23.57
CA TYR B 250 -22.11 -42.95 -24.23
C TYR B 250 -21.73 -42.81 -25.71
N LEU B 251 -20.43 -42.73 -25.97
CA LEU B 251 -19.91 -42.57 -27.33
C LEU B 251 -19.46 -43.89 -27.96
N GLY B 252 -19.26 -44.91 -27.13
CA GLY B 252 -18.83 -46.21 -27.63
C GLY B 252 -17.33 -46.38 -27.65
N THR B 253 -16.60 -45.27 -27.60
CA THR B 253 -15.14 -45.30 -27.62
C THR B 253 -14.50 -44.82 -26.32
N SER B 254 -13.64 -45.65 -25.74
CA SER B 254 -12.94 -45.34 -24.51
C SER B 254 -11.70 -44.50 -24.80
N ASP B 255 -11.58 -44.06 -26.05
CA ASP B 255 -10.42 -43.28 -26.48
C ASP B 255 -10.69 -41.78 -26.52
N ALA B 256 -9.93 -41.03 -25.72
CA ALA B 256 -10.08 -39.58 -25.64
C ALA B 256 -9.75 -38.90 -26.96
N ARG B 257 -8.68 -39.35 -27.62
CA ARG B 257 -8.28 -38.75 -28.89
C ARG B 257 -9.41 -38.86 -29.91
N GLU B 258 -10.05 -40.03 -29.96
CA GLU B 258 -11.15 -40.26 -30.89
C GLU B 258 -12.31 -39.32 -30.57
N VAL B 259 -12.56 -39.10 -29.29
CA VAL B 259 -13.64 -38.21 -28.88
C VAL B 259 -13.29 -36.80 -29.33
N VAL B 260 -12.03 -36.41 -29.11
CA VAL B 260 -11.58 -35.08 -29.51
C VAL B 260 -11.74 -34.99 -31.02
N ARG B 261 -11.50 -36.11 -31.68
CA ARG B 261 -11.60 -36.23 -33.13
C ARG B 261 -13.04 -35.91 -33.54
N ARG B 262 -13.99 -36.64 -32.96
CA ARG B 262 -15.40 -36.41 -33.25
C ARG B 262 -15.77 -34.98 -32.89
N ILE B 263 -15.30 -34.53 -31.73
CA ILE B 263 -15.57 -33.18 -31.26
C ILE B 263 -15.09 -32.17 -32.29
N LYS B 264 -13.88 -32.42 -32.82
CA LYS B 264 -13.30 -31.55 -33.82
C LYS B 264 -14.15 -31.53 -35.09
N GLN B 265 -14.50 -32.72 -35.58
CA GLN B 265 -15.30 -32.84 -36.78
C GLN B 265 -16.62 -32.09 -36.64
N GLY B 266 -17.27 -32.23 -35.48
CA GLY B 266 -18.53 -31.55 -35.28
C GLY B 266 -19.50 -32.33 -34.41
N ASP B 267 -19.12 -33.56 -34.05
CA ASP B 267 -19.97 -34.40 -33.21
C ASP B 267 -20.35 -33.61 -31.97
N GLU B 268 -21.58 -33.10 -31.95
CA GLU B 268 -22.05 -32.31 -30.83
C GLU B 268 -22.30 -33.16 -29.58
N TRP B 269 -22.85 -34.35 -29.77
CA TRP B 269 -23.15 -35.24 -28.66
C TRP B 269 -21.88 -35.65 -27.93
N ALA B 270 -20.79 -35.82 -28.66
CA ALA B 270 -19.52 -36.22 -28.08
C ALA B 270 -18.96 -35.09 -27.22
N LYS B 271 -19.03 -33.86 -27.74
CA LYS B 271 -18.53 -32.69 -27.03
C LYS B 271 -19.29 -32.51 -25.73
N ARG B 272 -20.55 -32.92 -25.72
CA ARG B 272 -21.40 -32.81 -24.54
C ARG B 272 -20.92 -33.72 -23.42
N VAL B 273 -20.97 -35.02 -23.65
CA VAL B 273 -20.55 -36.00 -22.65
C VAL B 273 -19.12 -35.80 -22.17
N TYR B 274 -18.23 -35.47 -23.09
CA TYR B 274 -16.82 -35.26 -22.75
C TYR B 274 -16.70 -34.04 -21.85
N ARG B 275 -17.34 -32.95 -22.26
CA ARG B 275 -17.31 -31.71 -21.49
C ARG B 275 -17.92 -31.93 -20.11
N ALA B 276 -18.82 -32.91 -20.01
CA ALA B 276 -19.48 -33.24 -18.74
C ALA B 276 -18.51 -33.99 -17.84
N MET B 277 -17.59 -34.74 -18.44
CA MET B 277 -16.62 -35.49 -17.65
C MET B 277 -15.63 -34.53 -17.01
N ALA B 278 -15.24 -33.49 -17.74
CA ALA B 278 -14.30 -32.51 -17.22
C ALA B 278 -15.03 -31.77 -16.10
N TYR B 279 -16.29 -31.47 -16.35
CA TYR B 279 -17.16 -30.78 -15.41
C TYR B 279 -17.13 -31.49 -14.05
N GLN B 280 -17.37 -32.80 -14.07
CA GLN B 280 -17.37 -33.58 -12.84
C GLN B 280 -16.00 -33.61 -12.18
N ILE B 281 -14.95 -33.78 -12.97
CA ILE B 281 -13.61 -33.82 -12.41
C ILE B 281 -13.33 -32.52 -11.66
N ALA B 282 -13.76 -31.41 -12.24
CA ALA B 282 -13.56 -30.11 -11.61
C ALA B 282 -14.31 -30.05 -10.27
N LYS B 283 -15.58 -30.46 -10.29
CA LYS B 283 -16.40 -30.45 -9.07
C LYS B 283 -15.76 -31.26 -7.93
N TRP B 284 -15.07 -32.34 -8.29
CA TRP B 284 -14.43 -33.18 -7.27
C TRP B 284 -13.12 -32.57 -6.76
N ILE B 285 -12.51 -31.73 -7.58
CA ILE B 285 -11.28 -31.05 -7.19
C ILE B 285 -11.70 -30.02 -6.16
N GLY B 286 -12.80 -29.33 -6.46
CA GLY B 286 -13.31 -28.33 -5.54
C GLY B 286 -13.78 -29.00 -4.26
N LYS B 287 -14.22 -30.24 -4.40
CA LYS B 287 -14.69 -31.01 -3.26
C LYS B 287 -13.51 -31.22 -2.30
N MET B 288 -12.38 -31.66 -2.86
CA MET B 288 -11.18 -31.89 -2.05
C MET B 288 -10.59 -30.58 -1.56
N ALA B 289 -10.82 -29.51 -2.30
CA ALA B 289 -10.31 -28.21 -1.90
C ALA B 289 -10.95 -27.80 -0.57
N ALA B 290 -12.24 -28.14 -0.42
CA ALA B 290 -12.97 -27.82 0.81
C ALA B 290 -12.38 -28.62 1.98
N VAL B 291 -11.95 -29.84 1.70
CA VAL B 291 -11.36 -30.70 2.72
C VAL B 291 -10.10 -30.04 3.29
N LEU B 292 -9.34 -29.37 2.42
CA LEU B 292 -8.11 -28.71 2.84
C LEU B 292 -8.38 -27.27 3.30
N LYS B 293 -9.65 -26.90 3.37
CA LYS B 293 -10.04 -25.56 3.81
C LYS B 293 -9.42 -24.44 2.97
N GLY B 294 -9.18 -24.71 1.68
CA GLY B 294 -8.59 -23.70 0.83
C GLY B 294 -7.07 -23.68 0.90
N GLU B 295 -6.52 -24.27 1.96
CA GLU B 295 -5.08 -24.33 2.15
C GLU B 295 -4.51 -25.23 1.07
N VAL B 296 -4.43 -24.72 -0.16
CA VAL B 296 -3.92 -25.52 -1.26
C VAL B 296 -2.78 -24.83 -2.00
N ASP B 297 -1.63 -25.49 -2.05
CA ASP B 297 -0.46 -24.97 -2.72
C ASP B 297 -0.64 -25.06 -4.23
N PHE B 298 -0.97 -26.26 -4.69
CA PHE B 298 -1.18 -26.47 -6.13
C PHE B 298 -2.22 -27.54 -6.39
N ILE B 299 -2.76 -27.52 -7.60
CA ILE B 299 -3.74 -28.51 -8.03
C ILE B 299 -2.99 -29.24 -9.14
N VAL B 300 -2.72 -30.51 -8.94
CA VAL B 300 -1.98 -31.29 -9.92
C VAL B 300 -2.86 -32.22 -10.74
N LEU B 301 -2.80 -32.07 -12.06
CA LEU B 301 -3.55 -32.90 -12.98
C LEU B 301 -2.57 -33.89 -13.60
N THR B 302 -2.71 -35.17 -13.25
CA THR B 302 -1.82 -36.19 -13.77
C THR B 302 -2.64 -37.32 -14.38
N GLY B 303 -1.96 -38.38 -14.84
CA GLY B 303 -2.66 -39.49 -15.44
C GLY B 303 -2.65 -39.42 -16.97
N GLY B 304 -3.20 -40.45 -17.60
CA GLY B 304 -3.24 -40.49 -19.05
C GLY B 304 -4.00 -39.37 -19.72
N LEU B 305 -5.18 -39.05 -19.20
CA LEU B 305 -6.00 -37.99 -19.78
C LEU B 305 -5.31 -36.64 -19.70
N ALA B 306 -4.35 -36.51 -18.78
CA ALA B 306 -3.63 -35.26 -18.63
C ALA B 306 -2.99 -34.81 -19.93
N HIS B 307 -2.89 -35.74 -20.88
CA HIS B 307 -2.31 -35.45 -22.18
C HIS B 307 -3.22 -34.59 -23.06
N GLU B 308 -4.53 -34.89 -23.04
CA GLU B 308 -5.49 -34.14 -23.84
C GLU B 308 -5.50 -32.68 -23.37
N LYS B 309 -4.65 -31.86 -23.99
CA LYS B 309 -4.53 -30.46 -23.61
C LYS B 309 -5.31 -29.48 -24.48
N GLU B 310 -6.23 -29.99 -25.30
CA GLU B 310 -7.03 -29.14 -26.16
C GLU B 310 -8.37 -28.80 -25.54
N PHE B 311 -8.99 -29.78 -24.90
CA PHE B 311 -10.28 -29.57 -24.26
C PHE B 311 -10.29 -29.87 -22.76
N LEU B 312 -10.16 -31.15 -22.43
CA LEU B 312 -10.16 -31.60 -21.05
C LEU B 312 -9.37 -30.71 -20.08
N VAL B 313 -8.05 -30.71 -20.19
CA VAL B 313 -7.20 -29.90 -19.31
C VAL B 313 -7.63 -28.44 -19.25
N PRO B 314 -7.85 -27.80 -20.41
CA PRO B 314 -8.25 -26.39 -20.40
C PRO B 314 -9.59 -26.19 -19.68
N TRP B 315 -10.56 -27.05 -19.97
CA TRP B 315 -11.87 -26.95 -19.35
C TRP B 315 -11.78 -27.04 -17.83
N ILE B 316 -11.06 -28.04 -17.34
CA ILE B 316 -10.91 -28.24 -15.91
C ILE B 316 -10.21 -27.03 -15.27
N THR B 317 -9.05 -26.68 -15.80
CA THR B 317 -8.27 -25.56 -15.30
C THR B 317 -9.07 -24.27 -15.14
N LYS B 318 -9.92 -23.99 -16.13
CA LYS B 318 -10.73 -22.78 -16.11
C LYS B 318 -11.75 -22.76 -14.97
N ARG B 319 -12.04 -23.91 -14.39
CA ARG B 319 -13.03 -23.98 -13.33
C ARG B 319 -12.44 -24.12 -11.93
N VAL B 320 -11.19 -24.57 -11.84
CA VAL B 320 -10.57 -24.75 -10.54
C VAL B 320 -9.37 -23.88 -10.21
N SER B 321 -8.81 -23.19 -11.20
CA SER B 321 -7.64 -22.35 -10.96
C SER B 321 -7.84 -21.25 -9.90
N PHE B 322 -9.06 -21.07 -9.41
CA PHE B 322 -9.35 -20.06 -8.40
C PHE B 322 -8.93 -20.58 -7.03
N ILE B 323 -8.75 -21.89 -6.94
CA ILE B 323 -8.34 -22.55 -5.70
C ILE B 323 -6.83 -22.41 -5.51
N ALA B 324 -6.09 -22.66 -6.59
CA ALA B 324 -4.64 -22.60 -6.57
C ALA B 324 -4.16 -22.84 -8.00
N PRO B 325 -2.91 -22.46 -8.29
CA PRO B 325 -2.39 -22.66 -9.65
C PRO B 325 -2.41 -24.14 -10.03
N VAL B 326 -2.68 -24.41 -11.30
CA VAL B 326 -2.74 -25.78 -11.80
C VAL B 326 -1.47 -26.23 -12.52
N LEU B 327 -0.91 -27.34 -12.06
CA LEU B 327 0.28 -27.91 -12.66
C LEU B 327 -0.18 -29.14 -13.43
N VAL B 328 0.39 -29.34 -14.63
CA VAL B 328 0.02 -30.47 -15.45
C VAL B 328 1.19 -31.42 -15.68
N PHE B 329 1.02 -32.66 -15.22
CA PHE B 329 2.05 -33.69 -15.37
C PHE B 329 1.47 -34.86 -16.14
N PRO B 330 1.31 -34.71 -17.46
CA PRO B 330 0.75 -35.76 -18.32
C PRO B 330 1.33 -37.14 -18.06
N GLY B 331 0.54 -38.16 -18.40
CA GLY B 331 0.97 -39.54 -18.23
C GLY B 331 1.12 -40.02 -16.80
N SER B 332 1.71 -41.20 -16.68
CA SER B 332 1.96 -41.84 -15.39
C SER B 332 2.88 -43.03 -15.63
N ASN B 333 4.13 -42.91 -15.21
CA ASN B 333 5.08 -44.00 -15.39
C ASN B 333 5.21 -44.79 -14.09
N GLU B 334 4.77 -46.05 -14.14
CA GLU B 334 4.82 -46.92 -12.98
C GLU B 334 6.21 -47.48 -12.76
N GLU B 335 6.85 -47.88 -13.87
CA GLU B 335 8.18 -48.46 -13.84
C GLU B 335 9.16 -47.64 -13.00
N LYS B 336 9.34 -46.38 -13.38
CA LYS B 336 10.25 -45.47 -12.65
C LYS B 336 9.94 -45.53 -11.16
N ALA B 337 8.67 -45.31 -10.84
CA ALA B 337 8.18 -45.29 -9.47
C ALA B 337 8.64 -46.48 -8.65
N LEU B 338 8.37 -47.68 -9.17
CA LEU B 338 8.76 -48.91 -8.48
C LEU B 338 10.26 -49.04 -8.31
N ALA B 339 10.99 -48.93 -9.43
CA ALA B 339 12.44 -49.07 -9.41
C ALA B 339 13.11 -48.15 -8.40
N LEU B 340 12.85 -46.85 -8.51
CA LEU B 340 13.45 -45.87 -7.62
C LEU B 340 13.10 -46.09 -6.15
N SER B 341 11.85 -46.47 -5.88
CA SER B 341 11.43 -46.71 -4.50
C SER B 341 12.28 -47.83 -3.91
N ALA B 342 12.40 -48.93 -4.66
CA ALA B 342 13.19 -50.07 -4.24
C ALA B 342 14.67 -49.69 -4.10
N LEU B 343 15.18 -48.98 -5.08
CA LEU B 343 16.57 -48.54 -5.07
C LEU B 343 16.88 -47.79 -3.79
N ARG B 344 15.93 -46.98 -3.34
CA ARG B 344 16.06 -46.19 -2.14
C ARG B 344 16.21 -47.09 -0.91
N VAL B 345 15.50 -48.22 -0.93
CA VAL B 345 15.53 -49.17 0.17
C VAL B 345 16.86 -49.92 0.20
N LEU B 346 17.34 -50.27 -0.98
CA LEU B 346 18.61 -50.99 -1.10
C LEU B 346 19.78 -50.11 -0.70
N ARG B 347 19.54 -48.81 -0.63
CA ARG B 347 20.59 -47.85 -0.27
C ARG B 347 20.46 -47.41 1.19
N GLY B 348 19.44 -47.90 1.87
CA GLY B 348 19.24 -47.54 3.26
C GLY B 348 18.62 -46.16 3.43
N GLU B 349 18.34 -45.50 2.31
CA GLU B 349 17.73 -44.18 2.34
C GLU B 349 16.31 -44.25 2.88
N GLU B 350 15.70 -45.43 2.81
CA GLU B 350 14.35 -45.65 3.31
C GLU B 350 14.30 -47.02 3.97
N LYS B 351 13.40 -47.18 4.94
CA LYS B 351 13.27 -48.46 5.64
C LYS B 351 12.04 -49.23 5.19
N PRO B 352 12.21 -50.54 4.92
CA PRO B 352 11.11 -51.40 4.47
C PRO B 352 9.95 -51.41 5.46
N LYS B 353 8.81 -51.91 5.02
CA LYS B 353 7.63 -51.98 5.87
C LYS B 353 7.18 -53.43 6.01
N ASN B 354 6.78 -53.81 7.21
CA ASN B 354 6.32 -55.17 7.47
C ASN B 354 4.81 -55.20 7.31
N TYR B 355 4.36 -55.68 6.16
CA TYR B 355 2.92 -55.76 5.89
C TYR B 355 2.13 -56.36 7.03
N SER B 356 2.54 -57.54 7.47
CA SER B 356 1.85 -58.24 8.55
C SER B 356 1.55 -57.32 9.74
N GLU B 357 2.59 -56.75 10.32
CA GLU B 357 2.42 -55.86 11.46
C GLU B 357 1.69 -54.58 11.08
N GLU B 358 2.14 -53.97 10.00
CA GLU B 358 1.56 -52.72 9.52
C GLU B 358 0.07 -52.84 9.22
N SER B 359 -0.34 -53.93 8.56
CA SER B 359 -1.75 -54.12 8.24
C SER B 359 -2.59 -54.28 9.50
N ARG B 360 -2.00 -54.86 10.53
CA ARG B 360 -2.70 -55.05 11.80
C ARG B 360 -2.78 -53.73 12.57
N ARG B 361 -1.66 -53.04 12.68
CA ARG B 361 -1.64 -51.77 13.39
C ARG B 361 -2.64 -50.81 12.75
N TRP B 362 -3.02 -51.11 11.51
CA TRP B 362 -3.98 -50.30 10.77
C TRP B 362 -5.42 -50.77 11.02
N ARG B 363 -5.68 -52.07 10.83
CA ARG B 363 -7.03 -52.59 11.08
C ARG B 363 -7.35 -52.70 12.55
N GLU B 364 -6.61 -51.95 13.35
CA GLU B 364 -6.89 -51.90 14.76
C GLU B 364 -7.27 -50.46 14.98
N ARG B 365 -6.76 -49.61 14.09
CA ARG B 365 -7.05 -48.18 14.13
C ARG B 365 -8.39 -47.95 13.42
N TYR B 366 -8.92 -49.03 12.83
CA TYR B 366 -10.19 -49.01 12.12
C TYR B 366 -11.30 -49.45 13.06
N ASP B 367 -11.03 -50.52 13.80
CA ASP B 367 -11.99 -51.08 14.74
C ASP B 367 -11.97 -50.28 16.05
N SER B 368 -11.41 -49.07 16.00
CA SER B 368 -11.31 -48.21 17.16
C SER B 368 -12.45 -47.21 17.28
N TYR B 369 -13.33 -47.19 16.29
CA TYR B 369 -14.47 -46.27 16.32
C TYR B 369 -15.80 -46.98 16.05
N LEU B 370 -15.76 -47.97 15.16
CA LEU B 370 -16.97 -48.74 14.78
C LEU B 370 -18.02 -48.78 15.89
N ASP B 371 -18.93 -47.82 15.88
CA ASP B 371 -20.02 -47.71 16.85
C ASP B 371 -19.50 -47.75 18.28
N MET C 1 -54.65 -3.28 -0.43
CA MET C 1 -54.46 -4.32 0.64
C MET C 1 -55.07 -5.64 0.19
N PHE C 2 -54.24 -6.62 -0.10
CA PHE C 2 -54.70 -7.92 -0.53
C PHE C 2 -54.64 -8.92 0.62
N ARG C 3 -55.69 -9.72 0.77
CA ARG C 3 -55.72 -10.73 1.83
C ARG C 3 -55.37 -12.05 1.17
N ILE C 4 -54.28 -12.65 1.61
CA ILE C 4 -53.82 -13.91 1.03
C ILE C 4 -53.91 -15.08 2.01
N LEU C 5 -54.27 -16.25 1.47
CA LEU C 5 -54.37 -17.47 2.28
C LEU C 5 -53.36 -18.49 1.75
N THR C 6 -52.50 -18.98 2.63
CA THR C 6 -51.49 -19.96 2.23
C THR C 6 -51.91 -21.36 2.67
N ILE C 7 -51.59 -22.34 1.85
CA ILE C 7 -51.91 -23.73 2.15
C ILE C 7 -50.62 -24.54 2.05
N ASN C 8 -50.20 -25.13 3.16
CA ASN C 8 -48.97 -25.90 3.19
C ASN C 8 -49.19 -27.30 3.74
N PRO C 9 -49.65 -28.23 2.89
CA PRO C 9 -49.91 -29.62 3.31
C PRO C 9 -48.61 -30.37 3.55
N GLY C 10 -48.51 -31.04 4.70
CA GLY C 10 -47.31 -31.79 5.01
C GLY C 10 -47.58 -33.27 5.21
N SER C 11 -46.52 -34.06 5.34
CA SER C 11 -46.67 -35.50 5.52
C SER C 11 -47.44 -35.82 6.79
N THR C 12 -47.16 -35.09 7.86
CA THR C 12 -47.83 -35.33 9.13
C THR C 12 -48.61 -34.12 9.64
N SER C 13 -48.40 -32.96 9.02
CA SER C 13 -49.09 -31.74 9.44
C SER C 13 -49.64 -30.95 8.26
N THR C 14 -50.28 -29.83 8.59
CA THR C 14 -50.86 -28.95 7.58
C THR C 14 -50.86 -27.54 8.15
N LYS C 15 -50.06 -26.67 7.54
CA LYS C 15 -49.97 -25.28 8.00
C LYS C 15 -50.75 -24.33 7.11
N LEU C 16 -51.46 -23.40 7.75
CA LEU C 16 -52.24 -22.40 7.04
C LEU C 16 -51.92 -21.05 7.62
N SER C 17 -52.04 -20.01 6.79
CA SER C 17 -51.77 -18.66 7.25
C SER C 17 -52.52 -17.64 6.41
N ILE C 18 -52.85 -16.52 7.04
CA ILE C 18 -53.56 -15.45 6.37
C ILE C 18 -52.70 -14.19 6.44
N PHE C 19 -52.48 -13.57 5.29
CA PHE C 19 -51.68 -12.36 5.22
C PHE C 19 -52.49 -11.20 4.65
N GLU C 20 -52.22 -10.06 5.19
CA GLU C 20 -52.80 -8.84 4.67
C GLU C 20 -51.59 -7.99 4.33
N ASP C 21 -51.31 -7.92 3.03
CA ASP C 21 -50.12 -7.23 2.55
C ASP C 21 -48.90 -7.99 3.08
N GLU C 22 -47.91 -7.32 3.68
CA GLU C 22 -46.74 -8.04 4.19
C GLU C 22 -46.92 -8.59 5.59
N ARG C 23 -48.04 -8.28 6.22
CA ARG C 23 -48.27 -8.71 7.58
C ARG C 23 -49.10 -9.97 7.72
N MET C 24 -48.65 -10.87 8.59
CA MET C 24 -49.32 -12.14 8.85
C MET C 24 -50.30 -11.94 10.01
N VAL C 25 -51.59 -12.07 9.71
CA VAL C 25 -52.62 -11.88 10.73
C VAL C 25 -53.01 -13.16 11.45
N LYS C 26 -52.67 -14.31 10.87
CA LYS C 26 -52.99 -15.60 11.50
C LYS C 26 -52.28 -16.75 10.82
N MET C 27 -51.94 -17.77 11.61
CA MET C 27 -51.28 -18.97 11.10
C MET C 27 -51.51 -20.08 12.11
N GLN C 28 -51.66 -21.30 11.61
CA GLN C 28 -51.87 -22.44 12.48
C GLN C 28 -51.35 -23.73 11.86
N ASN C 29 -50.77 -24.58 12.69
CA ASN C 29 -50.23 -25.84 12.22
C ASN C 29 -51.01 -27.01 12.80
N PHE C 30 -51.81 -27.66 11.95
CA PHE C 30 -52.59 -28.80 12.39
C PHE C 30 -51.82 -30.08 12.16
N SER C 31 -51.54 -30.81 13.24
CA SER C 31 -50.81 -32.05 13.16
C SER C 31 -51.78 -33.23 13.09
N HIS C 32 -51.44 -34.22 12.28
CA HIS C 32 -52.28 -35.40 12.12
C HIS C 32 -51.61 -36.64 12.68
N SER C 33 -52.20 -37.20 13.74
CA SER C 33 -51.67 -38.40 14.38
C SER C 33 -51.66 -39.57 13.42
N PRO C 34 -50.60 -40.39 13.45
CA PRO C 34 -50.47 -41.56 12.57
C PRO C 34 -51.68 -42.48 12.69
N ASP C 35 -52.36 -42.42 13.85
CA ASP C 35 -53.54 -43.24 14.09
C ASP C 35 -54.72 -42.64 13.32
N GLU C 36 -54.62 -41.34 13.04
CA GLU C 36 -55.67 -40.62 12.31
C GLU C 36 -55.38 -40.73 10.82
N LEU C 37 -54.12 -40.54 10.44
CA LEU C 37 -53.71 -40.62 9.05
C LEU C 37 -53.90 -42.03 8.56
N GLY C 38 -53.87 -42.96 9.51
CA GLY C 38 -54.04 -44.38 9.25
C GLY C 38 -55.43 -44.84 8.87
N ARG C 39 -55.80 -44.55 7.62
CA ARG C 39 -57.08 -44.94 7.05
C ARG C 39 -56.93 -44.85 5.55
N PHE C 40 -56.58 -43.65 5.10
CA PHE C 40 -56.39 -43.36 3.68
C PHE C 40 -55.31 -44.25 3.08
N GLN C 41 -55.67 -44.94 2.00
CA GLN C 41 -54.73 -45.83 1.32
C GLN C 41 -53.71 -44.98 0.58
N LYS C 42 -54.19 -44.07 -0.26
CA LYS C 42 -53.31 -43.20 -1.01
C LYS C 42 -53.40 -41.77 -0.45
N ILE C 43 -52.36 -40.99 -0.68
CA ILE C 43 -52.33 -39.61 -0.18
C ILE C 43 -53.53 -38.80 -0.67
N LEU C 44 -53.89 -38.98 -1.94
CA LEU C 44 -55.01 -38.25 -2.53
C LEU C 44 -56.31 -38.44 -1.76
N ASP C 45 -56.39 -39.50 -0.95
CA ASP C 45 -57.59 -39.78 -0.18
C ASP C 45 -57.76 -38.79 0.98
N GLN C 46 -56.66 -38.15 1.37
CA GLN C 46 -56.69 -37.20 2.48
C GLN C 46 -57.22 -35.84 2.02
N LEU C 47 -57.32 -35.66 0.70
CA LEU C 47 -57.79 -34.40 0.11
C LEU C 47 -58.95 -33.79 0.87
N GLU C 48 -60.03 -34.54 1.02
CA GLU C 48 -61.21 -34.06 1.71
C GLU C 48 -60.89 -33.71 3.17
N PHE C 49 -60.06 -34.53 3.79
CA PHE C 49 -59.67 -34.33 5.18
C PHE C 49 -58.93 -33.01 5.39
N ARG C 50 -57.92 -32.76 4.56
CA ARG C 50 -57.12 -31.54 4.65
C ARG C 50 -57.97 -30.31 4.35
N GLU C 51 -58.69 -30.35 3.23
CA GLU C 51 -59.55 -29.25 2.80
C GLU C 51 -60.55 -28.86 3.89
N LYS C 52 -61.12 -29.87 4.55
CA LYS C 52 -62.09 -29.63 5.62
C LYS C 52 -61.46 -28.75 6.69
N ILE C 53 -60.20 -29.05 7.01
CA ILE C 53 -59.46 -28.30 8.01
C ILE C 53 -59.16 -26.87 7.54
N ALA C 54 -58.86 -26.74 6.25
CA ALA C 54 -58.56 -25.43 5.67
C ALA C 54 -59.77 -24.51 5.78
N ARG C 55 -60.92 -25.01 5.31
CA ARG C 55 -62.16 -24.23 5.34
C ARG C 55 -62.46 -23.77 6.76
N GLN C 56 -62.53 -24.74 7.67
CA GLN C 56 -62.80 -24.45 9.07
C GLN C 56 -61.85 -23.40 9.62
N PHE C 57 -60.58 -23.49 9.22
CA PHE C 57 -59.58 -22.51 9.66
C PHE C 57 -60.11 -21.13 9.32
N VAL C 58 -60.57 -21.00 8.08
CA VAL C 58 -61.12 -19.76 7.55
C VAL C 58 -62.44 -19.35 8.18
N GLU C 59 -63.39 -20.29 8.24
CA GLU C 59 -64.70 -20.03 8.82
C GLU C 59 -64.53 -19.45 10.22
N GLU C 60 -63.90 -20.24 11.09
CA GLU C 60 -63.65 -19.87 12.48
C GLU C 60 -62.97 -18.52 12.63
N THR C 61 -62.59 -17.91 11.51
CA THR C 61 -61.92 -16.61 11.54
C THR C 61 -62.91 -15.51 11.21
N GLY C 62 -64.12 -15.91 10.84
CA GLY C 62 -65.15 -14.95 10.49
C GLY C 62 -65.08 -14.59 9.03
N TYR C 63 -63.88 -14.74 8.46
CA TYR C 63 -63.66 -14.45 7.05
C TYR C 63 -64.44 -15.44 6.21
N SER C 64 -64.49 -15.18 4.91
CA SER C 64 -65.14 -16.10 4.01
C SER C 64 -64.23 -16.26 2.81
N LEU C 65 -64.20 -17.46 2.24
CA LEU C 65 -63.35 -17.75 1.09
C LEU C 65 -63.45 -16.66 0.03
N SER C 66 -64.50 -15.86 0.08
CA SER C 66 -64.72 -14.80 -0.90
C SER C 66 -64.07 -13.49 -0.47
N SER C 67 -63.48 -13.45 0.71
CA SER C 67 -62.84 -12.23 1.20
C SER C 67 -61.32 -12.28 1.02
N PHE C 68 -60.87 -13.10 0.07
CA PHE C 68 -59.44 -13.24 -0.21
C PHE C 68 -59.10 -12.79 -1.62
N SER C 69 -57.87 -12.34 -1.80
CA SER C 69 -57.40 -11.88 -3.12
C SER C 69 -56.75 -13.02 -3.89
N ALA C 70 -56.35 -14.07 -3.19
CA ALA C 70 -55.70 -15.22 -3.82
C ALA C 70 -55.39 -16.35 -2.85
N PHE C 71 -55.26 -17.57 -3.37
CA PHE C 71 -54.95 -18.73 -2.56
C PHE C 71 -53.60 -19.25 -3.07
N VAL C 72 -52.67 -19.50 -2.15
CA VAL C 72 -51.35 -19.98 -2.54
C VAL C 72 -50.94 -21.21 -1.76
N SER C 73 -50.36 -22.17 -2.46
CA SER C 73 -49.91 -23.40 -1.82
C SER C 73 -48.52 -23.77 -2.31
N ARG C 74 -47.93 -24.78 -1.68
CA ARG C 74 -46.60 -25.23 -2.07
C ARG C 74 -46.74 -26.05 -3.35
N GLY C 75 -45.72 -26.01 -4.19
CA GLY C 75 -45.76 -26.78 -5.42
C GLY C 75 -45.60 -28.27 -5.14
N GLY C 76 -46.44 -29.08 -5.77
CA GLY C 76 -46.35 -30.52 -5.57
C GLY C 76 -45.33 -31.18 -6.47
N LEU C 77 -45.52 -32.48 -6.70
CA LEU C 77 -44.62 -33.25 -7.55
C LEU C 77 -44.97 -33.08 -9.03
N LEU C 78 -44.98 -31.83 -9.49
CA LEU C 78 -45.29 -31.53 -10.88
C LEU C 78 -44.14 -31.98 -11.77
N ASP C 79 -44.23 -31.68 -13.06
CA ASP C 79 -43.17 -32.03 -13.99
C ASP C 79 -42.14 -30.91 -13.99
N PRO C 80 -40.87 -31.24 -14.27
CA PRO C 80 -39.79 -30.26 -14.29
C PRO C 80 -40.20 -28.92 -14.91
N ILE C 81 -39.92 -27.85 -14.19
CA ILE C 81 -40.24 -26.50 -14.65
C ILE C 81 -39.32 -25.49 -13.99
N PRO C 82 -39.23 -24.27 -14.54
CA PRO C 82 -38.37 -23.24 -13.96
C PRO C 82 -38.94 -22.81 -12.60
N GLY C 83 -38.39 -21.72 -12.06
CA GLY C 83 -38.88 -21.22 -10.79
C GLY C 83 -39.85 -20.09 -11.06
N GLY C 84 -40.58 -19.68 -10.05
CA GLY C 84 -41.54 -18.60 -10.21
C GLY C 84 -42.90 -18.90 -9.64
N VAL C 85 -43.85 -18.02 -9.91
CA VAL C 85 -45.23 -18.17 -9.42
C VAL C 85 -46.14 -18.60 -10.57
N TYR C 86 -46.66 -19.82 -10.48
CA TYR C 86 -47.54 -20.36 -11.52
C TYR C 86 -49.01 -20.34 -11.14
N LEU C 87 -49.87 -20.26 -12.16
CA LEU C 87 -51.31 -20.28 -11.97
C LEU C 87 -51.73 -21.74 -12.03
N VAL C 88 -52.47 -22.18 -11.02
CA VAL C 88 -52.93 -23.57 -10.98
C VAL C 88 -53.93 -23.83 -12.10
N ASP C 89 -53.47 -24.44 -13.18
CA ASP C 89 -54.34 -24.75 -14.32
C ASP C 89 -54.66 -26.23 -14.40
N GLY C 90 -55.64 -26.56 -15.23
CA GLY C 90 -56.07 -27.94 -15.40
C GLY C 90 -54.94 -28.96 -15.48
N LEU C 91 -53.99 -28.73 -16.37
CA LEU C 91 -52.87 -29.64 -16.53
C LEU C 91 -52.18 -29.95 -15.21
N MET C 92 -52.05 -28.92 -14.37
CA MET C 92 -51.41 -29.07 -13.08
C MET C 92 -52.19 -30.03 -12.18
N ILE C 93 -53.46 -29.75 -11.95
CA ILE C 93 -54.27 -30.61 -11.10
C ILE C 93 -54.34 -32.02 -11.70
N LYS C 94 -54.42 -32.12 -13.02
CA LYS C 94 -54.47 -33.41 -13.70
C LYS C 94 -53.23 -34.21 -13.35
N THR C 95 -52.07 -33.54 -13.37
CA THR C 95 -50.80 -34.18 -13.06
C THR C 95 -50.70 -34.59 -11.59
N LEU C 96 -51.09 -33.68 -10.70
CA LEU C 96 -51.03 -33.93 -9.26
C LEU C 96 -51.96 -35.06 -8.79
N LYS C 97 -53.15 -35.13 -9.36
CA LYS C 97 -54.12 -36.16 -8.98
C LYS C 97 -53.65 -37.54 -9.41
N SER C 98 -53.09 -37.63 -10.62
CA SER C 98 -52.60 -38.90 -11.15
C SER C 98 -51.44 -39.43 -10.34
N GLY C 99 -50.64 -38.54 -9.78
CA GLY C 99 -49.49 -38.95 -8.99
C GLY C 99 -48.44 -39.60 -9.88
N LYS C 100 -48.44 -39.23 -11.15
CA LYS C 100 -47.50 -39.77 -12.12
C LYS C 100 -46.05 -39.68 -11.64
N ASN C 101 -45.71 -38.54 -11.04
CA ASN C 101 -44.35 -38.32 -10.56
C ASN C 101 -44.18 -38.61 -9.08
N GLY C 102 -45.06 -39.44 -8.52
CA GLY C 102 -44.97 -39.77 -7.11
C GLY C 102 -46.07 -39.17 -6.26
N GLU C 103 -46.31 -39.78 -5.10
CA GLU C 103 -47.35 -39.31 -4.18
C GLU C 103 -46.77 -38.67 -2.94
N HIS C 104 -47.36 -37.55 -2.52
CA HIS C 104 -46.92 -36.85 -1.33
C HIS C 104 -47.97 -35.82 -0.93
N ALA C 105 -48.11 -35.60 0.36
CA ALA C 105 -49.08 -34.64 0.89
C ALA C 105 -48.99 -33.28 0.21
N SER C 106 -47.80 -32.94 -0.28
CA SER C 106 -47.58 -31.67 -0.95
C SER C 106 -48.48 -31.48 -2.18
N ASN C 107 -48.80 -32.59 -2.84
CA ASN C 107 -49.64 -32.55 -4.04
C ASN C 107 -51.05 -32.04 -3.78
N LEU C 108 -51.54 -32.25 -2.56
CA LEU C 108 -52.88 -31.82 -2.19
C LEU C 108 -53.00 -30.30 -2.21
N GLY C 109 -51.94 -29.61 -1.81
CA GLY C 109 -51.94 -28.16 -1.77
C GLY C 109 -52.61 -27.46 -2.94
N ALA C 110 -52.03 -27.62 -4.14
CA ALA C 110 -52.56 -26.96 -5.33
C ALA C 110 -54.03 -27.31 -5.60
N ILE C 111 -54.40 -28.56 -5.34
CA ILE C 111 -55.78 -29.00 -5.57
C ILE C 111 -56.75 -28.26 -4.67
N ILE C 112 -56.41 -28.14 -3.39
CA ILE C 112 -57.27 -27.44 -2.44
C ILE C 112 -57.38 -25.96 -2.83
N ALA C 113 -56.24 -25.36 -3.18
CA ALA C 113 -56.24 -23.95 -3.57
C ALA C 113 -57.08 -23.74 -4.83
N HIS C 114 -57.09 -24.74 -5.70
CA HIS C 114 -57.85 -24.67 -6.94
C HIS C 114 -59.36 -24.62 -6.70
N ARG C 115 -59.85 -25.52 -5.84
CA ARG C 115 -61.27 -25.57 -5.52
C ARG C 115 -61.75 -24.23 -4.95
N PHE C 116 -61.10 -23.76 -3.90
CA PHE C 116 -61.47 -22.48 -3.29
C PHE C 116 -61.52 -21.42 -4.39
N SER C 117 -60.62 -21.56 -5.35
CA SER C 117 -60.55 -20.62 -6.47
C SER C 117 -61.80 -20.72 -7.33
N SER C 118 -62.14 -21.94 -7.73
CA SER C 118 -63.32 -22.18 -8.56
C SER C 118 -64.62 -22.05 -7.78
N GLU C 119 -64.54 -21.52 -6.56
CA GLU C 119 -65.73 -21.33 -5.73
C GLU C 119 -65.92 -19.85 -5.44
N THR C 120 -64.84 -19.09 -5.59
CA THR C 120 -64.88 -17.66 -5.31
C THR C 120 -64.45 -16.83 -6.51
N GLY C 121 -63.86 -17.48 -7.50
CA GLY C 121 -63.39 -16.76 -8.67
C GLY C 121 -62.13 -16.00 -8.36
N VAL C 122 -61.38 -16.49 -7.37
CA VAL C 122 -60.13 -15.86 -6.95
C VAL C 122 -58.95 -16.70 -7.42
N PRO C 123 -57.86 -16.05 -7.85
CA PRO C 123 -56.66 -16.72 -8.34
C PRO C 123 -56.06 -17.72 -7.37
N ALA C 124 -55.51 -18.81 -7.91
CA ALA C 124 -54.87 -19.85 -7.12
C ALA C 124 -53.46 -20.03 -7.68
N TYR C 125 -52.45 -19.83 -6.84
CA TYR C 125 -51.08 -19.96 -7.28
C TYR C 125 -50.28 -21.01 -6.50
N VAL C 126 -49.08 -21.28 -7.00
CA VAL C 126 -48.13 -22.21 -6.39
C VAL C 126 -46.77 -21.56 -6.61
N VAL C 127 -45.89 -21.65 -5.61
CA VAL C 127 -44.58 -21.04 -5.73
C VAL C 127 -43.45 -22.07 -5.69
N ASP C 128 -42.42 -21.80 -6.51
CA ASP C 128 -41.23 -22.64 -6.64
C ASP C 128 -41.42 -24.08 -6.16
N PRO C 129 -42.11 -24.90 -6.97
CA PRO C 129 -42.36 -26.31 -6.64
C PRO C 129 -41.08 -27.05 -6.28
N VAL C 130 -41.21 -28.16 -5.57
CA VAL C 130 -40.06 -28.94 -5.16
C VAL C 130 -39.37 -29.58 -6.37
N VAL C 131 -39.83 -29.23 -7.57
CA VAL C 131 -39.25 -29.80 -8.78
C VAL C 131 -38.76 -28.78 -9.80
N VAL C 132 -38.43 -27.58 -9.36
CA VAL C 132 -37.92 -26.57 -10.29
C VAL C 132 -36.60 -27.07 -10.85
N ASP C 133 -36.43 -26.99 -12.17
CA ASP C 133 -35.21 -27.45 -12.82
C ASP C 133 -34.66 -26.43 -13.80
N GLU C 134 -33.63 -25.70 -13.38
CA GLU C 134 -33.03 -24.67 -14.22
C GLU C 134 -31.56 -24.98 -14.49
N MET C 135 -31.16 -26.23 -14.31
CA MET C 135 -29.77 -26.62 -14.51
C MET C 135 -29.33 -26.83 -15.96
N GLU C 136 -28.04 -26.58 -16.20
CA GLU C 136 -27.42 -26.72 -17.50
C GLU C 136 -27.38 -28.17 -17.98
N ASP C 137 -27.34 -28.34 -19.30
CA ASP C 137 -27.29 -29.67 -19.89
C ASP C 137 -26.14 -30.45 -19.30
N VAL C 138 -24.96 -29.82 -19.31
CA VAL C 138 -23.75 -30.44 -18.80
C VAL C 138 -23.95 -31.08 -17.44
N ALA C 139 -24.83 -30.48 -16.64
CA ALA C 139 -25.11 -30.99 -15.30
C ALA C 139 -26.06 -32.17 -15.29
N ARG C 140 -26.64 -32.50 -16.44
CA ARG C 140 -27.58 -33.61 -16.53
C ARG C 140 -26.92 -34.97 -16.73
N VAL C 141 -25.78 -35.00 -17.41
CA VAL C 141 -25.06 -36.26 -17.63
C VAL C 141 -24.63 -36.84 -16.30
N SER C 142 -24.97 -38.10 -16.07
CA SER C 142 -24.64 -38.77 -14.81
C SER C 142 -23.47 -39.73 -14.88
N GLY C 143 -23.13 -40.17 -16.09
CA GLY C 143 -22.05 -41.10 -16.25
C GLY C 143 -22.56 -42.43 -16.77
N HIS C 144 -23.89 -42.53 -16.85
CA HIS C 144 -24.54 -43.73 -17.35
C HIS C 144 -25.73 -43.27 -18.20
N PRO C 145 -25.72 -43.61 -19.50
CA PRO C 145 -26.75 -43.25 -20.47
C PRO C 145 -28.20 -43.33 -19.99
N ASN C 146 -28.51 -44.35 -19.19
CA ASN C 146 -29.87 -44.56 -18.68
C ASN C 146 -30.31 -43.58 -17.60
N TYR C 147 -29.42 -43.32 -16.65
CA TYR C 147 -29.69 -42.39 -15.55
C TYR C 147 -29.42 -40.93 -15.94
N GLN C 148 -30.10 -40.02 -15.25
CA GLN C 148 -29.92 -38.61 -15.48
C GLN C 148 -30.09 -37.87 -14.17
N ARG C 149 -29.27 -36.84 -13.97
CA ARG C 149 -29.34 -36.07 -12.74
C ARG C 149 -30.60 -35.19 -12.75
N LYS C 150 -31.47 -35.42 -11.77
CA LYS C 150 -32.70 -34.66 -11.65
C LYS C 150 -32.56 -33.50 -10.67
N SER C 151 -33.22 -32.39 -10.99
CA SER C 151 -33.18 -31.21 -10.12
C SER C 151 -34.34 -31.26 -9.13
N ILE C 152 -34.09 -31.81 -7.95
CA ILE C 152 -35.10 -31.92 -6.90
C ILE C 152 -34.53 -31.36 -5.60
N PHE C 153 -34.89 -30.12 -5.30
CA PHE C 153 -34.40 -29.45 -4.08
C PHE C 153 -35.47 -28.57 -3.43
N HIS C 154 -35.03 -27.77 -2.46
CA HIS C 154 -35.92 -26.87 -1.76
C HIS C 154 -35.98 -25.57 -2.54
N ALA C 155 -36.46 -25.65 -3.77
CA ALA C 155 -36.57 -24.48 -4.64
C ALA C 155 -37.22 -23.29 -3.96
N LEU C 156 -38.28 -23.54 -3.19
CA LEU C 156 -39.00 -22.48 -2.51
C LEU C 156 -38.09 -21.61 -1.64
N ASN C 157 -37.55 -22.20 -0.58
CA ASN C 157 -36.66 -21.48 0.33
C ASN C 157 -35.42 -20.95 -0.40
N GLN C 158 -34.80 -21.82 -1.21
CA GLN C 158 -33.61 -21.45 -1.98
C GLN C 158 -33.82 -20.12 -2.69
N LYS C 159 -34.81 -20.08 -3.57
CA LYS C 159 -35.12 -18.87 -4.32
C LYS C 159 -35.41 -17.68 -3.41
N THR C 160 -36.10 -17.94 -2.31
CA THR C 160 -36.47 -16.90 -1.36
C THR C 160 -35.26 -16.29 -0.67
N VAL C 161 -34.47 -17.11 0.02
CA VAL C 161 -33.29 -16.60 0.73
C VAL C 161 -32.33 -15.95 -0.26
N ALA C 162 -32.19 -16.53 -1.44
CA ALA C 162 -31.31 -16.00 -2.45
C ALA C 162 -31.71 -14.57 -2.81
N LYS C 163 -33.01 -14.36 -2.99
CA LYS C 163 -33.52 -13.04 -3.34
C LYS C 163 -33.41 -12.06 -2.17
N GLU C 164 -33.50 -12.58 -0.94
CA GLU C 164 -33.39 -11.74 0.24
C GLU C 164 -31.95 -11.28 0.42
N VAL C 165 -31.01 -12.10 -0.02
CA VAL C 165 -29.60 -11.77 0.08
C VAL C 165 -29.30 -10.63 -0.88
N ALA C 166 -29.83 -10.73 -2.10
CA ALA C 166 -29.64 -9.70 -3.11
C ALA C 166 -30.34 -8.43 -2.66
N ARG C 167 -31.56 -8.59 -2.15
CA ARG C 167 -32.36 -7.48 -1.66
C ARG C 167 -31.58 -6.75 -0.56
N MET C 168 -31.11 -7.53 0.41
CA MET C 168 -30.37 -7.01 1.55
C MET C 168 -29.20 -6.11 1.16
N MET C 169 -28.77 -6.20 -0.09
CA MET C 169 -27.64 -5.40 -0.54
C MET C 169 -27.94 -4.54 -1.76
N ASN C 170 -29.22 -4.12 -1.93
CA ASN C 170 -29.67 -3.29 -3.04
C ASN C 170 -29.21 -3.87 -4.36
N LYS C 171 -29.54 -5.14 -4.58
CA LYS C 171 -29.11 -5.82 -5.80
C LYS C 171 -30.11 -6.86 -6.32
N ARG C 172 -29.96 -7.11 -7.60
CA ARG C 172 -30.81 -8.04 -8.31
C ARG C 172 -30.28 -9.44 -8.23
N TYR C 173 -31.20 -10.34 -7.88
CA TYR C 173 -30.93 -11.78 -7.81
C TYR C 173 -30.32 -12.27 -9.12
N GLU C 174 -30.75 -11.69 -10.22
CA GLU C 174 -30.29 -12.07 -11.56
C GLU C 174 -28.84 -11.68 -11.83
N GLU C 175 -28.31 -10.72 -11.08
CA GLU C 175 -26.94 -10.28 -11.31
C GLU C 175 -25.98 -10.70 -10.19
N MET C 176 -26.21 -11.90 -9.66
CA MET C 176 -25.36 -12.43 -8.60
C MET C 176 -25.14 -13.93 -8.74
N ASN C 177 -24.01 -14.41 -8.22
CA ASN C 177 -23.69 -15.82 -8.23
C ASN C 177 -23.63 -16.22 -6.76
N LEU C 178 -24.42 -17.22 -6.39
CA LEU C 178 -24.46 -17.66 -5.00
C LEU C 178 -24.43 -19.17 -4.88
N VAL C 179 -23.97 -19.65 -3.72
CA VAL C 179 -23.95 -21.07 -3.43
C VAL C 179 -24.79 -21.17 -2.18
N VAL C 180 -26.03 -21.61 -2.34
CA VAL C 180 -26.95 -21.73 -1.23
C VAL C 180 -27.08 -23.17 -0.76
N ALA C 181 -27.05 -23.35 0.56
CA ALA C 181 -27.15 -24.68 1.13
C ALA C 181 -28.28 -24.78 2.14
N HIS C 182 -29.37 -25.44 1.75
CA HIS C 182 -30.51 -25.62 2.62
C HIS C 182 -30.25 -26.87 3.45
N MET C 183 -30.09 -26.71 4.76
CA MET C 183 -29.80 -27.84 5.64
C MET C 183 -30.94 -28.16 6.60
N GLY C 184 -31.73 -29.17 6.23
CA GLY C 184 -32.84 -29.59 7.05
C GLY C 184 -32.98 -31.10 7.01
N GLY C 185 -34.22 -31.61 7.12
CA GLY C 185 -34.42 -33.05 7.07
C GLY C 185 -33.75 -33.52 5.79
N GLY C 186 -33.83 -32.68 4.77
CA GLY C 186 -33.21 -32.96 3.50
C GLY C 186 -32.19 -31.86 3.28
N ILE C 187 -31.12 -32.16 2.56
CA ILE C 187 -30.09 -31.16 2.31
C ILE C 187 -29.91 -30.91 0.83
N SER C 188 -29.91 -29.65 0.47
CA SER C 188 -29.73 -29.28 -0.90
C SER C 188 -28.83 -28.08 -1.01
N ILE C 189 -27.79 -28.34 -1.75
CA ILE C 189 -26.81 -27.34 -1.99
C ILE C 189 -26.75 -27.07 -3.49
N ALA C 190 -27.15 -25.83 -3.89
CA ALA C 190 -27.25 -25.40 -5.29
C ALA C 190 -26.32 -24.21 -5.64
N ALA C 191 -26.01 -24.10 -6.92
CA ALA C 191 -25.17 -23.03 -7.42
C ALA C 191 -26.08 -22.11 -8.22
N HIS C 192 -26.27 -20.89 -7.73
CA HIS C 192 -27.10 -19.93 -8.43
C HIS C 192 -26.23 -19.00 -9.25
N ARG C 193 -26.34 -19.10 -10.58
CA ARG C 193 -25.57 -18.25 -11.46
C ARG C 193 -26.52 -17.28 -12.15
N LYS C 194 -26.46 -16.01 -11.76
CA LYS C 194 -27.31 -15.00 -12.35
C LYS C 194 -28.80 -15.33 -12.28
N GLY C 195 -29.27 -15.69 -11.09
CA GLY C 195 -30.67 -16.00 -10.91
C GLY C 195 -31.16 -17.32 -11.48
N ARG C 196 -30.23 -18.23 -11.77
CA ARG C 196 -30.61 -19.53 -12.33
C ARG C 196 -29.86 -20.67 -11.63
N VAL C 197 -30.61 -21.59 -11.03
CA VAL C 197 -30.02 -22.73 -10.32
C VAL C 197 -29.47 -23.72 -11.35
N ILE C 198 -28.33 -23.37 -11.94
CA ILE C 198 -27.68 -24.18 -12.95
C ILE C 198 -27.25 -25.58 -12.52
N ASP C 199 -27.28 -25.85 -11.22
CA ASP C 199 -26.91 -27.18 -10.73
C ASP C 199 -27.28 -27.33 -9.25
N VAL C 200 -27.60 -28.56 -8.87
CA VAL C 200 -27.97 -28.89 -7.50
C VAL C 200 -28.10 -30.40 -7.41
N ASN C 201 -28.05 -30.93 -6.20
CA ASN C 201 -28.15 -32.37 -6.02
C ASN C 201 -29.62 -32.80 -5.92
N ASN C 202 -29.85 -34.11 -5.90
CA ASN C 202 -31.20 -34.64 -5.80
C ASN C 202 -31.45 -34.93 -4.32
N ALA C 203 -32.10 -33.99 -3.65
CA ALA C 203 -32.39 -34.10 -2.22
C ALA C 203 -33.32 -35.24 -1.81
N LEU C 204 -33.74 -36.06 -2.77
CA LEU C 204 -34.64 -37.17 -2.45
C LEU C 204 -34.12 -38.55 -2.83
N ASP C 205 -33.71 -38.72 -4.07
CA ASP C 205 -33.20 -40.00 -4.55
C ASP C 205 -31.83 -40.38 -4.00
N GLY C 206 -31.54 -39.98 -2.76
CA GLY C 206 -30.26 -40.31 -2.16
C GLY C 206 -29.04 -39.84 -2.93
N ASP C 207 -28.82 -38.52 -2.94
CA ASP C 207 -27.69 -37.93 -3.63
C ASP C 207 -27.21 -36.70 -2.88
N GLY C 208 -25.94 -36.68 -2.52
CA GLY C 208 -25.39 -35.56 -1.79
C GLY C 208 -24.96 -35.98 -0.40
N PRO C 209 -24.68 -35.02 0.50
CA PRO C 209 -24.25 -35.35 1.85
C PRO C 209 -25.39 -35.99 2.63
N PHE C 210 -25.08 -36.72 3.69
CA PHE C 210 -26.13 -37.36 4.48
C PHE C 210 -26.76 -36.36 5.45
N THR C 211 -28.09 -36.33 5.43
CA THR C 211 -28.87 -35.43 6.28
C THR C 211 -29.09 -36.07 7.64
N PRO C 212 -29.82 -35.38 8.53
CA PRO C 212 -30.07 -35.96 9.87
C PRO C 212 -30.94 -37.23 9.79
N GLU C 213 -31.53 -37.48 8.62
CA GLU C 213 -32.39 -38.65 8.44
C GLU C 213 -32.26 -39.31 7.06
N ARG C 214 -31.14 -39.08 6.38
CA ARG C 214 -30.91 -39.66 5.05
C ARG C 214 -29.45 -40.04 4.89
N SER C 215 -29.18 -41.09 4.11
CA SER C 215 -27.82 -41.57 3.89
C SER C 215 -27.07 -40.83 2.79
N GLY C 216 -27.81 -40.06 1.99
CA GLY C 216 -27.17 -39.32 0.91
C GLY C 216 -26.63 -40.25 -0.16
N THR C 217 -25.34 -40.12 -0.46
CA THR C 217 -24.71 -40.95 -1.48
C THR C 217 -23.86 -42.06 -0.88
N LEU C 218 -23.82 -43.18 -1.58
CA LEU C 218 -23.05 -44.35 -1.14
C LEU C 218 -22.50 -45.06 -2.38
N PRO C 219 -21.30 -45.66 -2.27
CA PRO C 219 -20.67 -46.38 -3.38
C PRO C 219 -21.61 -47.37 -4.07
N LEU C 220 -21.55 -47.40 -5.40
CA LEU C 220 -22.42 -48.27 -6.18
C LEU C 220 -22.18 -49.76 -5.90
N THR C 221 -20.94 -50.20 -6.07
CA THR C 221 -20.61 -51.62 -5.85
C THR C 221 -21.04 -52.12 -4.46
N GLN C 222 -20.88 -51.27 -3.45
CA GLN C 222 -21.26 -51.64 -2.09
C GLN C 222 -22.76 -51.79 -1.94
N LEU C 223 -23.52 -51.15 -2.82
CA LEU C 223 -24.98 -51.21 -2.78
C LEU C 223 -25.51 -52.36 -3.63
N VAL C 224 -25.17 -52.35 -4.92
CA VAL C 224 -25.62 -53.39 -5.84
C VAL C 224 -25.29 -54.78 -5.29
N ASP C 225 -24.28 -54.84 -4.43
CA ASP C 225 -23.85 -56.10 -3.84
C ASP C 225 -24.78 -56.49 -2.69
N LEU C 226 -24.87 -55.63 -1.68
CA LEU C 226 -25.71 -55.88 -0.52
C LEU C 226 -27.18 -55.59 -0.83
N CYS C 227 -27.51 -55.52 -2.11
CA CYS C 227 -28.88 -55.25 -2.55
C CYS C 227 -29.60 -56.58 -2.82
N PHE C 228 -28.84 -57.55 -3.33
CA PHE C 228 -29.37 -58.86 -3.64
C PHE C 228 -29.19 -59.78 -2.44
N SER C 229 -28.10 -59.57 -1.70
CA SER C 229 -27.79 -60.37 -0.53
C SER C 229 -28.27 -59.68 0.75
N GLY C 230 -29.11 -60.38 1.52
CA GLY C 230 -29.62 -59.83 2.75
C GLY C 230 -31.09 -59.45 2.64
N LYS C 231 -31.45 -58.31 3.20
CA LYS C 231 -32.83 -57.82 3.16
C LYS C 231 -33.24 -57.53 1.71
N PHE C 232 -33.87 -58.51 1.08
CA PHE C 232 -34.32 -58.36 -0.30
C PHE C 232 -35.55 -57.46 -0.35
N THR C 233 -35.86 -56.83 0.78
CA THR C 233 -37.01 -55.94 0.89
C THR C 233 -37.00 -54.84 -0.17
N TYR C 234 -37.79 -55.04 -1.22
CA TYR C 234 -37.90 -54.09 -2.31
C TYR C 234 -38.37 -52.73 -1.80
N GLU C 235 -39.19 -52.74 -0.74
CA GLU C 235 -39.72 -51.52 -0.17
C GLU C 235 -38.92 -50.97 1.01
N GLU C 236 -38.70 -51.80 2.02
CA GLU C 236 -37.96 -51.39 3.21
C GLU C 236 -36.64 -50.72 2.87
N MET C 237 -35.89 -51.31 1.95
CA MET C 237 -34.60 -50.76 1.53
C MET C 237 -34.78 -49.34 0.99
N LYS C 238 -35.89 -49.11 0.31
CA LYS C 238 -36.19 -47.80 -0.26
C LYS C 238 -36.37 -46.78 0.87
N LYS C 239 -36.59 -47.29 2.08
CA LYS C 239 -36.78 -46.43 3.24
C LYS C 239 -35.47 -46.23 3.99
N ARG C 240 -34.52 -47.15 3.79
CA ARG C 240 -33.22 -47.06 4.43
C ARG C 240 -32.38 -45.94 3.83
N ILE C 241 -32.93 -45.25 2.84
CA ILE C 241 -32.23 -44.17 2.17
C ILE C 241 -32.98 -42.84 2.27
N VAL C 242 -34.29 -42.88 2.09
CA VAL C 242 -35.11 -41.67 2.14
C VAL C 242 -35.68 -41.38 3.52
N GLY C 243 -35.88 -42.44 4.31
CA GLY C 243 -36.44 -42.27 5.64
C GLY C 243 -35.44 -42.43 6.76
N ASN C 244 -34.99 -43.67 6.99
CA ASN C 244 -34.04 -43.95 8.06
C ASN C 244 -32.66 -44.32 7.51
N GLY C 245 -31.68 -43.46 7.75
CA GLY C 245 -30.34 -43.73 7.27
C GLY C 245 -29.42 -42.52 7.32
N GLY C 246 -29.49 -41.75 8.40
CA GLY C 246 -28.63 -40.58 8.54
C GLY C 246 -28.11 -40.51 9.96
N LEU C 247 -28.13 -39.33 10.54
CA LEU C 247 -27.67 -39.16 11.92
C LEU C 247 -28.57 -40.02 12.79
N VAL C 248 -29.80 -40.24 12.31
CA VAL C 248 -30.78 -41.03 13.02
C VAL C 248 -30.36 -42.50 13.10
N ALA C 249 -29.58 -42.95 12.12
CA ALA C 249 -29.11 -44.32 12.08
C ALA C 249 -27.85 -44.54 12.92
N TYR C 250 -27.03 -43.51 13.05
CA TYR C 250 -25.80 -43.63 13.84
C TYR C 250 -26.03 -43.37 15.33
N LEU C 251 -26.63 -42.22 15.63
CA LEU C 251 -26.87 -41.82 17.01
C LEU C 251 -28.25 -42.16 17.58
N GLY C 252 -29.16 -42.63 16.74
CA GLY C 252 -30.48 -42.96 17.23
C GLY C 252 -31.20 -41.70 17.69
N THR C 253 -31.38 -40.77 16.76
CA THR C 253 -32.05 -39.50 17.02
C THR C 253 -31.94 -38.65 15.77
N SER C 254 -32.98 -37.86 15.50
CA SER C 254 -32.99 -37.00 14.32
C SER C 254 -32.98 -35.52 14.68
N ASP C 255 -33.03 -35.23 15.97
CA ASP C 255 -33.04 -33.86 16.45
C ASP C 255 -31.63 -33.35 16.77
N ALA C 256 -31.19 -32.34 16.03
CA ALA C 256 -29.86 -31.76 16.19
C ALA C 256 -29.58 -31.25 17.61
N ARG C 257 -30.61 -30.65 18.23
CA ARG C 257 -30.46 -30.13 19.59
C ARG C 257 -29.92 -31.24 20.49
N GLU C 258 -30.45 -32.45 20.27
CA GLU C 258 -30.06 -33.63 21.04
C GLU C 258 -28.59 -34.01 20.85
N VAL C 259 -28.17 -34.11 19.59
CA VAL C 259 -26.80 -34.45 19.28
C VAL C 259 -25.83 -33.49 19.96
N VAL C 260 -26.10 -32.20 19.83
CA VAL C 260 -25.27 -31.17 20.44
C VAL C 260 -25.22 -31.39 21.94
N ARG C 261 -26.31 -31.92 22.48
CA ARG C 261 -26.42 -32.21 23.91
C ARG C 261 -25.42 -33.30 24.27
N ARG C 262 -25.46 -34.38 23.52
CA ARG C 262 -24.55 -35.49 23.75
C ARG C 262 -23.12 -35.03 23.54
N ILE C 263 -22.90 -34.27 22.46
CA ILE C 263 -21.58 -33.77 22.14
C ILE C 263 -21.03 -32.95 23.31
N LYS C 264 -21.87 -32.10 23.88
CA LYS C 264 -21.40 -31.31 25.00
C LYS C 264 -21.09 -32.20 26.20
N GLN C 265 -22.02 -33.09 26.54
CA GLN C 265 -21.78 -33.98 27.68
C GLN C 265 -20.44 -34.70 27.54
N GLY C 266 -20.16 -35.19 26.34
CA GLY C 266 -18.91 -35.90 26.11
C GLY C 266 -19.04 -37.03 25.12
N ASP C 267 -20.26 -37.29 24.65
CA ASP C 267 -20.49 -38.35 23.67
C ASP C 267 -19.54 -38.14 22.51
N GLU C 268 -18.43 -38.88 22.45
CA GLU C 268 -17.52 -38.66 21.34
C GLU C 268 -18.02 -39.27 20.03
N TRP C 269 -18.72 -40.41 20.08
CA TRP C 269 -19.25 -40.99 18.87
C TRP C 269 -20.22 -40.03 18.17
N ALA C 270 -20.97 -39.26 18.96
CA ALA C 270 -21.92 -38.31 18.40
C ALA C 270 -21.18 -37.17 17.72
N LYS C 271 -20.15 -36.67 18.38
CA LYS C 271 -19.35 -35.57 17.83
C LYS C 271 -18.72 -36.00 16.51
N ARG C 272 -18.43 -37.28 16.38
CA ARG C 272 -17.81 -37.81 15.18
C ARG C 272 -18.76 -37.74 13.98
N VAL C 273 -19.87 -38.47 14.06
CA VAL C 273 -20.85 -38.50 12.97
C VAL C 273 -21.38 -37.11 12.61
N TYR C 274 -21.63 -36.28 13.63
CA TYR C 274 -22.15 -34.94 13.40
C TYR C 274 -21.10 -34.11 12.64
N ARG C 275 -19.88 -34.16 13.14
CA ARG C 275 -18.79 -33.41 12.52
C ARG C 275 -18.57 -33.89 11.10
N ALA C 276 -18.94 -35.13 10.83
CA ALA C 276 -18.80 -35.72 9.51
C ALA C 276 -19.87 -35.18 8.56
N MET C 277 -21.02 -34.83 9.12
CA MET C 277 -22.11 -34.31 8.31
C MET C 277 -21.74 -32.89 7.84
N ALA C 278 -21.14 -32.11 8.73
CA ALA C 278 -20.74 -30.76 8.39
C ALA C 278 -19.66 -30.88 7.31
N TYR C 279 -18.77 -31.84 7.52
CA TYR C 279 -17.67 -32.13 6.61
C TYR C 279 -18.20 -32.32 5.18
N GLN C 280 -19.18 -33.19 5.04
CA GLN C 280 -19.77 -33.45 3.73
C GLN C 280 -20.47 -32.21 3.16
N ILE C 281 -21.21 -31.49 3.99
CA ILE C 281 -21.90 -30.29 3.52
C ILE C 281 -20.89 -29.31 2.94
N ALA C 282 -19.75 -29.18 3.60
CA ALA C 282 -18.69 -28.28 3.14
C ALA C 282 -18.17 -28.76 1.79
N LYS C 283 -17.89 -30.05 1.67
CA LYS C 283 -17.38 -30.62 0.42
C LYS C 283 -18.31 -30.35 -0.75
N TRP C 284 -19.61 -30.34 -0.51
CA TRP C 284 -20.55 -30.08 -1.60
C TRP C 284 -20.59 -28.59 -1.93
N ILE C 285 -20.39 -27.74 -0.93
CA ILE C 285 -20.39 -26.32 -1.19
C ILE C 285 -19.22 -26.05 -2.13
N GLY C 286 -18.09 -26.69 -1.82
CA GLY C 286 -16.91 -26.53 -2.65
C GLY C 286 -17.15 -27.10 -4.03
N LYS C 287 -18.00 -28.12 -4.07
CA LYS C 287 -18.35 -28.77 -5.32
C LYS C 287 -19.07 -27.76 -6.20
N MET C 288 -20.08 -27.09 -5.64
CA MET C 288 -20.84 -26.10 -6.38
C MET C 288 -20.00 -24.87 -6.71
N ALA C 289 -19.00 -24.61 -5.86
CA ALA C 289 -18.11 -23.47 -6.07
C ALA C 289 -17.35 -23.66 -7.38
N ALA C 290 -16.97 -24.90 -7.67
CA ALA C 290 -16.24 -25.22 -8.89
C ALA C 290 -17.14 -25.01 -10.10
N VAL C 291 -18.43 -25.27 -9.91
CA VAL C 291 -19.40 -25.09 -11.00
C VAL C 291 -19.45 -23.63 -11.41
N LEU C 292 -19.33 -22.73 -10.42
CA LEU C 292 -19.36 -21.30 -10.68
C LEU C 292 -17.98 -20.75 -10.98
N LYS C 293 -16.99 -21.63 -11.12
CA LYS C 293 -15.63 -21.23 -11.42
C LYS C 293 -15.04 -20.22 -10.42
N GLY C 294 -15.47 -20.30 -9.17
CA GLY C 294 -14.97 -19.38 -8.16
C GLY C 294 -15.73 -18.07 -8.14
N GLU C 295 -16.45 -17.78 -9.22
CA GLU C 295 -17.23 -16.56 -9.32
C GLU C 295 -18.39 -16.65 -8.31
N VAL C 296 -18.07 -16.46 -7.04
CA VAL C 296 -19.09 -16.55 -5.99
C VAL C 296 -19.14 -15.32 -5.11
N ASP C 297 -20.30 -14.68 -5.07
CA ASP C 297 -20.50 -13.48 -4.26
C ASP C 297 -20.59 -13.85 -2.78
N PHE C 298 -21.47 -14.78 -2.46
CA PHE C 298 -21.64 -15.24 -1.10
C PHE C 298 -22.04 -16.71 -1.04
N ILE C 299 -21.81 -17.30 0.13
CA ILE C 299 -22.19 -18.68 0.38
C ILE C 299 -23.27 -18.53 1.46
N VAL C 300 -24.49 -18.92 1.12
CA VAL C 300 -25.59 -18.80 2.05
C VAL C 300 -25.99 -20.12 2.71
N LEU C 301 -25.97 -20.14 4.05
CA LEU C 301 -26.34 -21.31 4.82
C LEU C 301 -27.74 -21.06 5.37
N THR C 302 -28.73 -21.79 4.86
CA THR C 302 -30.10 -21.62 5.30
C THR C 302 -30.69 -22.96 5.73
N GLY C 303 -31.96 -22.96 6.11
CA GLY C 303 -32.59 -24.20 6.54
C GLY C 303 -32.63 -24.32 8.05
N GLY C 304 -33.27 -25.38 8.55
CA GLY C 304 -33.38 -25.59 9.97
C GLY C 304 -32.06 -25.73 10.72
N LEU C 305 -31.15 -26.53 10.17
CA LEU C 305 -29.87 -26.75 10.81
C LEU C 305 -29.07 -25.46 10.94
N ALA C 306 -29.39 -24.48 10.11
CA ALA C 306 -28.69 -23.20 10.13
C ALA C 306 -28.74 -22.58 11.51
N HIS C 307 -29.63 -23.07 12.35
CA HIS C 307 -29.77 -22.57 13.71
C HIS C 307 -28.62 -23.02 14.62
N GLU C 308 -28.20 -24.27 14.48
CA GLU C 308 -27.11 -24.80 15.29
C GLU C 308 -25.84 -24.02 14.99
N LYS C 309 -25.61 -22.96 15.76
CA LYS C 309 -24.45 -22.09 15.57
C LYS C 309 -23.28 -22.37 16.50
N GLU C 310 -23.31 -23.50 17.19
CA GLU C 310 -22.21 -23.85 18.09
C GLU C 310 -21.18 -24.75 17.42
N PHE C 311 -21.66 -25.72 16.63
CA PHE C 311 -20.75 -26.64 15.95
C PHE C 311 -20.92 -26.62 14.43
N LEU C 312 -22.05 -27.13 13.96
CA LEU C 312 -22.35 -27.19 12.54
C LEU C 312 -21.92 -25.96 11.73
N VAL C 313 -22.62 -24.85 11.91
CA VAL C 313 -22.31 -23.62 11.19
C VAL C 313 -20.83 -23.23 11.28
N PRO C 314 -20.25 -23.22 12.48
CA PRO C 314 -18.84 -22.85 12.61
C PRO C 314 -17.93 -23.81 11.84
N TRP C 315 -18.19 -25.10 11.97
CA TRP C 315 -17.38 -26.10 11.28
C TRP C 315 -17.42 -25.91 9.77
N ILE C 316 -18.62 -25.74 9.22
CA ILE C 316 -18.76 -25.55 7.78
C ILE C 316 -18.06 -24.28 7.32
N THR C 317 -18.38 -23.17 7.98
CA THR C 317 -17.80 -21.86 7.66
C THR C 317 -16.29 -21.88 7.59
N LYS C 318 -15.66 -22.57 8.54
CA LYS C 318 -14.20 -22.65 8.61
C LYS C 318 -13.58 -23.40 7.43
N ARG C 319 -14.38 -24.15 6.70
CA ARG C 319 -13.87 -24.92 5.57
C ARG C 319 -14.19 -24.33 4.21
N VAL C 320 -15.21 -23.46 4.14
CA VAL C 320 -15.61 -22.89 2.86
C VAL C 320 -15.46 -21.38 2.72
N SER C 321 -15.21 -20.67 3.82
CA SER C 321 -15.08 -19.22 3.75
C SER C 321 -13.98 -18.72 2.81
N PHE C 322 -13.18 -19.64 2.26
CA PHE C 322 -12.10 -19.25 1.36
C PHE C 322 -12.68 -18.99 -0.04
N ILE C 323 -13.88 -19.51 -0.27
CA ILE C 323 -14.56 -19.35 -1.54
C ILE C 323 -15.22 -17.97 -1.62
N ALA C 324 -15.88 -17.59 -0.53
CA ALA C 324 -16.57 -16.31 -0.45
C ALA C 324 -17.11 -16.17 0.97
N PRO C 325 -17.45 -14.94 1.39
CA PRO C 325 -17.99 -14.74 2.74
C PRO C 325 -19.27 -15.54 2.96
N VAL C 326 -19.45 -16.06 4.16
CA VAL C 326 -20.61 -16.86 4.50
C VAL C 326 -21.70 -16.10 5.24
N LEU C 327 -22.91 -16.14 4.70
CA LEU C 327 -24.07 -15.48 5.30
C LEU C 327 -25.00 -16.56 5.85
N VAL C 328 -25.77 -16.23 6.87
CA VAL C 328 -26.71 -17.18 7.45
C VAL C 328 -28.14 -16.68 7.54
N PHE C 329 -29.06 -17.53 7.09
CA PHE C 329 -30.49 -17.27 7.11
C PHE C 329 -31.12 -18.55 7.67
N PRO C 330 -31.21 -18.65 9.00
CA PRO C 330 -31.78 -19.79 9.72
C PRO C 330 -33.21 -20.16 9.35
N GLY C 331 -33.61 -21.37 9.72
CA GLY C 331 -34.95 -21.85 9.43
C GLY C 331 -35.37 -21.60 8.01
N SER C 332 -36.68 -21.58 7.79
CA SER C 332 -37.26 -21.34 6.47
C SER C 332 -38.76 -21.14 6.65
N ASN C 333 -39.23 -19.92 6.45
CA ASN C 333 -40.65 -19.62 6.61
C ASN C 333 -41.41 -19.75 5.30
N GLU C 334 -41.99 -20.91 5.09
CA GLU C 334 -42.74 -21.19 3.87
C GLU C 334 -43.92 -20.24 3.71
N GLU C 335 -44.75 -20.14 4.75
CA GLU C 335 -45.91 -19.26 4.70
C GLU C 335 -45.49 -17.92 4.13
N LYS C 336 -44.43 -17.36 4.71
CA LYS C 336 -43.90 -16.06 4.29
C LYS C 336 -43.46 -16.10 2.83
N ALA C 337 -42.80 -17.20 2.44
CA ALA C 337 -42.33 -17.35 1.07
C ALA C 337 -43.50 -17.32 0.10
N LEU C 338 -44.53 -18.12 0.39
CA LEU C 338 -45.70 -18.18 -0.46
C LEU C 338 -46.46 -16.86 -0.52
N ALA C 339 -46.80 -16.33 0.65
CA ALA C 339 -47.55 -15.08 0.74
C ALA C 339 -46.90 -13.95 -0.05
N LEU C 340 -45.63 -13.66 0.25
CA LEU C 340 -44.91 -12.58 -0.42
C LEU C 340 -44.78 -12.77 -1.93
N SER C 341 -44.57 -14.01 -2.37
CA SER C 341 -44.46 -14.28 -3.80
C SER C 341 -45.78 -13.91 -4.49
N ALA C 342 -46.88 -14.35 -3.90
CA ALA C 342 -48.20 -14.04 -4.44
C ALA C 342 -48.46 -12.54 -4.38
N LEU C 343 -48.16 -11.93 -3.24
CA LEU C 343 -48.35 -10.49 -3.06
C LEU C 343 -47.67 -9.70 -4.18
N ARG C 344 -46.50 -10.17 -4.59
CA ARG C 344 -45.74 -9.52 -5.64
C ARG C 344 -46.49 -9.58 -6.95
N VAL C 345 -47.15 -10.71 -7.20
CA VAL C 345 -47.91 -10.91 -8.43
C VAL C 345 -49.15 -10.02 -8.45
N LEU C 346 -49.80 -9.90 -7.29
CA LEU C 346 -50.98 -9.07 -7.18
C LEU C 346 -50.65 -7.59 -7.33
N ARG C 347 -49.37 -7.27 -7.22
CA ARG C 347 -48.92 -5.89 -7.34
C ARG C 347 -48.31 -5.59 -8.69
N GLY C 348 -48.25 -6.62 -9.54
CA GLY C 348 -47.69 -6.45 -10.87
C GLY C 348 -46.17 -6.42 -10.87
N GLU C 349 -45.58 -6.57 -9.68
CA GLU C 349 -44.13 -6.54 -9.54
C GLU C 349 -43.53 -7.77 -10.23
N GLU C 350 -44.35 -8.79 -10.43
CA GLU C 350 -43.90 -10.02 -11.09
C GLU C 350 -45.04 -10.57 -11.93
N LYS C 351 -44.69 -11.29 -13.00
CA LYS C 351 -45.70 -11.84 -13.89
C LYS C 351 -45.92 -13.33 -13.68
N PRO C 352 -47.19 -13.75 -13.60
CA PRO C 352 -47.54 -15.16 -13.39
C PRO C 352 -46.94 -16.06 -14.46
N LYS C 353 -46.95 -17.36 -14.22
CA LYS C 353 -46.43 -18.33 -15.17
C LYS C 353 -47.52 -19.29 -15.58
N ASN C 354 -47.56 -19.63 -16.86
CA ASN C 354 -48.56 -20.57 -17.37
C ASN C 354 -47.97 -21.97 -17.34
N TYR C 355 -48.31 -22.75 -16.33
CA TYR C 355 -47.77 -24.10 -16.22
C TYR C 355 -47.87 -24.90 -17.51
N SER C 356 -49.06 -24.95 -18.09
CA SER C 356 -49.28 -25.70 -19.32
C SER C 356 -48.20 -25.43 -20.37
N GLU C 357 -48.06 -24.16 -20.76
CA GLU C 357 -47.07 -23.78 -21.76
C GLU C 357 -45.65 -23.97 -21.23
N GLU C 358 -45.42 -23.48 -20.02
CA GLU C 358 -44.11 -23.55 -19.39
C GLU C 358 -43.59 -24.98 -19.23
N SER C 359 -44.46 -25.90 -18.82
CA SER C 359 -44.08 -27.29 -18.65
C SER C 359 -43.71 -27.92 -19.99
N ARG C 360 -44.37 -27.48 -21.06
CA ARG C 360 -44.10 -28.00 -22.40
C ARG C 360 -42.82 -27.39 -22.94
N ARG C 361 -42.70 -26.07 -22.81
CA ARG C 361 -41.52 -25.37 -23.28
C ARG C 361 -40.30 -26.11 -22.72
N TRP C 362 -40.42 -26.58 -21.49
CA TRP C 362 -39.34 -27.31 -20.85
C TRP C 362 -39.06 -28.60 -21.60
N ARG C 363 -40.11 -29.39 -21.83
CA ARG C 363 -39.98 -30.64 -22.55
C ARG C 363 -39.19 -30.44 -23.83
N GLU C 364 -39.22 -29.23 -24.36
CA GLU C 364 -38.49 -28.90 -25.58
C GLU C 364 -37.01 -29.13 -25.34
N ARG C 365 -36.44 -28.34 -24.41
CA ARG C 365 -35.03 -28.44 -24.08
C ARG C 365 -34.63 -29.87 -23.71
N TYR C 366 -35.56 -30.62 -23.14
CA TYR C 366 -35.29 -32.00 -22.74
C TYR C 366 -35.26 -32.90 -23.96
N ASP C 367 -35.71 -32.37 -25.10
CA ASP C 367 -35.72 -33.13 -26.34
C ASP C 367 -34.43 -32.82 -27.11
N SER C 368 -34.31 -31.57 -27.52
CA SER C 368 -33.16 -31.07 -28.28
C SER C 368 -31.90 -31.93 -28.20
N TYR C 369 -31.29 -32.00 -27.02
CA TYR C 369 -30.07 -32.78 -26.85
C TYR C 369 -30.27 -34.26 -26.57
N LEU C 370 -31.39 -34.63 -25.98
CA LEU C 370 -31.65 -36.03 -25.67
C LEU C 370 -31.70 -36.87 -26.95
N ASP C 371 -31.94 -36.22 -28.08
CA ASP C 371 -32.01 -36.91 -29.37
C ASP C 371 -30.67 -37.54 -29.73
N MET D 1 -40.61 -31.53 25.53
CA MET D 1 -41.39 -30.59 24.67
C MET D 1 -42.29 -29.70 25.53
N PHE D 2 -41.98 -28.42 25.59
CA PHE D 2 -42.76 -27.49 26.38
C PHE D 2 -43.68 -26.67 25.46
N ARG D 3 -44.93 -26.50 25.87
CA ARG D 3 -45.87 -25.71 25.09
C ARG D 3 -45.94 -24.34 25.74
N ILE D 4 -45.57 -23.31 24.98
CA ILE D 4 -45.56 -21.95 25.50
C ILE D 4 -46.60 -21.05 24.85
N LEU D 5 -47.21 -20.17 25.65
CA LEU D 5 -48.20 -19.23 25.17
C LEU D 5 -47.69 -17.81 25.38
N THR D 6 -47.63 -17.03 24.31
CA THR D 6 -47.14 -15.65 24.40
C THR D 6 -48.30 -14.67 24.38
N ILE D 7 -48.15 -13.60 25.15
CA ILE D 7 -49.16 -12.56 25.22
C ILE D 7 -48.49 -11.22 24.89
N ASN D 8 -48.94 -10.58 23.82
CA ASN D 8 -48.36 -9.31 23.40
C ASN D 8 -49.43 -8.24 23.21
N PRO D 9 -49.86 -7.60 24.30
CA PRO D 9 -50.89 -6.55 24.24
C PRO D 9 -50.34 -5.27 23.60
N GLY D 10 -51.08 -4.74 22.63
CA GLY D 10 -50.64 -3.52 21.96
C GLY D 10 -51.63 -2.39 22.14
N SER D 11 -51.24 -1.20 21.71
CA SER D 11 -52.10 -0.02 21.83
C SER D 11 -53.41 -0.21 21.06
N THR D 12 -53.31 -0.80 19.87
CA THR D 12 -54.49 -1.01 19.04
C THR D 12 -54.74 -2.48 18.72
N SER D 13 -53.77 -3.34 19.01
CA SER D 13 -53.92 -4.76 18.72
C SER D 13 -53.47 -5.63 19.88
N THR D 14 -53.59 -6.94 19.69
CA THR D 14 -53.17 -7.92 20.69
C THR D 14 -52.75 -9.19 19.95
N LYS D 15 -51.46 -9.52 20.06
CA LYS D 15 -50.94 -10.70 19.39
C LYS D 15 -50.70 -11.85 20.36
N LEU D 16 -51.10 -13.04 19.94
CA LEU D 16 -50.93 -14.23 20.75
C LEU D 16 -50.27 -15.30 19.89
N SER D 17 -49.55 -16.21 20.53
CA SER D 17 -48.90 -17.29 19.81
C SER D 17 -48.66 -18.49 20.71
N ILE D 18 -48.64 -19.67 20.11
CA ILE D 18 -48.41 -20.91 20.83
C ILE D 18 -47.19 -21.59 20.23
N PHE D 19 -46.22 -21.92 21.07
CA PHE D 19 -45.01 -22.59 20.63
C PHE D 19 -44.85 -23.94 21.32
N GLU D 20 -44.29 -24.89 20.57
CA GLU D 20 -43.98 -26.22 21.05
C GLU D 20 -42.50 -26.30 20.74
N ASP D 21 -41.67 -26.11 21.77
CA ASP D 21 -40.23 -26.10 21.60
C ASP D 21 -39.90 -24.88 20.72
N GLU D 22 -39.08 -25.04 19.68
CA GLU D 22 -38.75 -23.88 18.85
C GLU D 22 -39.75 -23.59 17.74
N ARG D 23 -40.74 -24.46 17.60
CA ARG D 23 -41.72 -24.31 16.52
C ARG D 23 -43.06 -23.67 16.90
N MET D 24 -43.42 -22.64 16.14
CA MET D 24 -44.66 -21.91 16.36
C MET D 24 -45.81 -22.65 15.70
N VAL D 25 -46.75 -23.13 16.52
CA VAL D 25 -47.90 -23.87 16.01
C VAL D 25 -49.11 -23.01 15.71
N LYS D 26 -49.14 -21.79 16.26
CA LYS D 26 -50.24 -20.87 16.04
C LYS D 26 -49.94 -19.47 16.51
N MET D 27 -50.50 -18.48 15.82
CA MET D 27 -50.33 -17.09 16.16
C MET D 27 -51.47 -16.29 15.53
N GLN D 28 -51.93 -15.26 16.23
CA GLN D 28 -53.01 -14.43 15.71
C GLN D 28 -52.90 -13.03 16.25
N ASN D 29 -53.25 -12.05 15.43
CA ASN D 29 -53.21 -10.65 15.82
C ASN D 29 -54.61 -10.07 15.79
N PHE D 30 -55.17 -9.83 16.97
CA PHE D 30 -56.51 -9.26 17.07
C PHE D 30 -56.39 -7.74 17.14
N SER D 31 -56.99 -7.07 16.17
CA SER D 31 -56.97 -5.61 16.14
C SER D 31 -58.24 -5.06 16.78
N HIS D 32 -58.10 -3.95 17.51
CA HIS D 32 -59.24 -3.35 18.19
C HIS D 32 -59.55 -1.98 17.60
N SER D 33 -60.72 -1.86 16.98
CA SER D 33 -61.16 -0.62 16.37
C SER D 33 -61.28 0.49 17.41
N PRO D 34 -60.88 1.71 17.06
CA PRO D 34 -60.94 2.86 17.98
C PRO D 34 -62.37 3.07 18.50
N ASP D 35 -63.34 2.58 17.75
CA ASP D 35 -64.74 2.70 18.14
C ASP D 35 -65.03 1.68 19.22
N GLU D 36 -64.23 0.61 19.24
CA GLU D 36 -64.38 -0.47 20.21
C GLU D 36 -63.55 -0.13 21.44
N LEU D 37 -62.33 0.35 21.23
CA LEU D 37 -61.45 0.73 22.32
C LEU D 37 -62.05 1.91 23.07
N GLY D 38 -62.82 2.73 22.35
CA GLY D 38 -63.45 3.88 22.96
C GLY D 38 -64.63 3.43 23.83
N ARG D 39 -64.32 2.79 24.97
CA ARG D 39 -65.27 2.16 25.89
C ARG D 39 -64.67 2.22 27.30
N PHE D 40 -63.32 2.32 27.32
CA PHE D 40 -62.52 2.28 28.54
C PHE D 40 -61.83 3.60 28.87
N GLN D 41 -61.99 4.09 30.10
CA GLN D 41 -61.35 5.33 30.51
C GLN D 41 -59.85 5.17 30.61
N LYS D 42 -59.42 4.25 31.44
CA LYS D 42 -58.02 3.95 31.61
C LYS D 42 -57.76 2.60 31.00
N ILE D 43 -56.53 2.35 30.75
CA ILE D 43 -56.10 1.15 30.10
C ILE D 43 -56.32 -0.07 30.93
N LEU D 44 -56.13 0.04 32.22
CA LEU D 44 -56.37 -1.11 33.04
C LEU D 44 -57.80 -1.63 32.86
N ASP D 45 -58.67 -0.80 32.26
CA ASP D 45 -60.05 -1.20 32.10
C ASP D 45 -60.22 -2.24 30.99
N GLN D 46 -59.26 -2.27 30.07
CA GLN D 46 -59.29 -3.20 28.96
C GLN D 46 -58.87 -4.61 29.37
N LEU D 47 -58.30 -4.72 30.57
CA LEU D 47 -57.83 -5.99 31.10
C LEU D 47 -58.75 -7.16 30.82
N GLU D 48 -60.01 -7.04 31.22
CA GLU D 48 -60.97 -8.12 31.02
C GLU D 48 -61.24 -8.34 29.54
N PHE D 49 -61.19 -7.27 28.75
CA PHE D 49 -61.43 -7.35 27.32
C PHE D 49 -60.33 -8.16 26.62
N ARG D 50 -59.09 -7.81 26.91
CA ARG D 50 -57.94 -8.50 26.31
C ARG D 50 -57.88 -9.95 26.75
N GLU D 51 -57.98 -10.18 28.06
CA GLU D 51 -57.93 -11.53 28.62
C GLU D 51 -58.99 -12.44 28.00
N LYS D 52 -60.18 -11.89 27.80
CA LYS D 52 -61.28 -12.65 27.20
C LYS D 52 -60.85 -13.18 25.83
N ILE D 53 -60.17 -12.33 25.08
CA ILE D 53 -59.68 -12.70 23.75
C ILE D 53 -58.59 -13.75 23.85
N ALA D 54 -57.72 -13.61 24.84
CA ALA D 54 -56.64 -14.56 25.05
C ALA D 54 -57.24 -15.97 25.23
N ARG D 55 -58.32 -16.07 25.99
CA ARG D 55 -58.97 -17.37 26.19
C ARG D 55 -59.57 -17.82 24.88
N GLN D 56 -60.10 -16.87 24.12
CA GLN D 56 -60.72 -17.18 22.83
C GLN D 56 -59.68 -17.81 21.91
N PHE D 57 -58.45 -17.32 22.01
CA PHE D 57 -57.34 -17.81 21.20
C PHE D 57 -57.09 -19.28 21.51
N VAL D 58 -57.29 -19.65 22.78
CA VAL D 58 -57.08 -21.02 23.23
C VAL D 58 -58.31 -21.87 22.91
N GLU D 59 -59.49 -21.25 22.99
CA GLU D 59 -60.73 -21.95 22.72
C GLU D 59 -60.76 -22.48 21.29
N GLU D 60 -60.16 -21.74 20.37
CA GLU D 60 -60.10 -22.12 18.96
C GLU D 60 -58.95 -23.05 18.60
N THR D 61 -58.76 -24.09 19.40
CA THR D 61 -57.72 -25.09 19.19
C THR D 61 -58.14 -26.37 19.88
N GLY D 62 -57.18 -27.05 20.51
CA GLY D 62 -57.47 -28.28 21.21
C GLY D 62 -56.68 -28.30 22.51
N TYR D 63 -56.38 -27.11 23.03
CA TYR D 63 -55.61 -26.98 24.26
C TYR D 63 -56.41 -26.27 25.35
N SER D 64 -55.98 -26.42 26.56
CA SER D 64 -56.53 -25.78 27.74
C SER D 64 -55.45 -25.06 28.54
N LEU D 65 -55.75 -23.99 29.20
CA LEU D 65 -54.73 -23.26 29.94
C LEU D 65 -53.85 -24.19 30.77
N SER D 66 -54.33 -25.40 31.02
CA SER D 66 -53.59 -26.37 31.82
C SER D 66 -52.65 -27.24 30.99
N SER D 67 -52.65 -27.04 29.67
CA SER D 67 -51.78 -27.82 28.79
C SER D 67 -50.56 -27.02 28.36
N PHE D 68 -50.20 -26.00 29.13
CA PHE D 68 -49.04 -25.16 28.83
C PHE D 68 -47.97 -25.26 29.91
N SER D 69 -46.72 -25.09 29.49
CA SER D 69 -45.60 -25.16 30.42
C SER D 69 -45.29 -23.80 31.01
N ALA D 70 -45.79 -22.73 30.37
CA ALA D 70 -45.55 -21.37 30.85
C ALA D 70 -46.27 -20.32 30.02
N PHE D 71 -46.48 -19.15 30.61
CA PHE D 71 -47.13 -18.03 29.93
C PHE D 71 -46.12 -16.89 29.91
N VAL D 72 -45.93 -16.29 28.74
CA VAL D 72 -44.97 -15.20 28.63
C VAL D 72 -45.57 -13.98 27.94
N SER D 73 -45.25 -12.81 28.46
CA SER D 73 -45.76 -11.57 27.88
C SER D 73 -44.64 -10.55 27.81
N ARG D 74 -44.93 -9.42 27.16
CA ARG D 74 -43.94 -8.36 27.02
C ARG D 74 -43.90 -7.61 28.34
N GLY D 75 -42.73 -7.07 28.67
CA GLY D 75 -42.58 -6.33 29.91
C GLY D 75 -43.26 -4.98 29.83
N GLY D 76 -44.04 -4.64 30.86
CA GLY D 76 -44.73 -3.37 30.87
C GLY D 76 -43.87 -2.23 31.35
N LEU D 77 -44.52 -1.18 31.87
CA LEU D 77 -43.81 -0.01 32.38
C LEU D 77 -43.35 -0.20 33.82
N LEU D 78 -42.59 -1.27 34.06
CA LEU D 78 -42.08 -1.56 35.39
C LEU D 78 -41.02 -0.53 35.77
N ASP D 79 -40.38 -0.73 36.92
CA ASP D 79 -39.32 0.17 37.36
C ASP D 79 -38.02 -0.30 36.73
N PRO D 80 -37.05 0.61 36.53
CA PRO D 80 -35.76 0.29 35.94
C PRO D 80 -35.15 -1.01 36.46
N ILE D 81 -34.79 -1.90 35.53
CA ILE D 81 -34.21 -3.19 35.87
C ILE D 81 -33.30 -3.66 34.73
N PRO D 82 -32.43 -4.63 35.02
CA PRO D 82 -31.53 -5.17 33.99
C PRO D 82 -32.37 -5.91 32.94
N GLY D 83 -31.68 -6.63 32.06
CA GLY D 83 -32.38 -7.41 31.04
C GLY D 83 -32.49 -8.84 31.51
N GLY D 84 -33.28 -9.65 30.82
CA GLY D 84 -33.43 -11.04 31.21
C GLY D 84 -34.87 -11.49 31.31
N VAL D 85 -35.07 -12.70 31.82
CA VAL D 85 -36.41 -13.27 31.98
C VAL D 85 -36.81 -13.22 33.45
N TYR D 86 -37.83 -12.44 33.78
CA TYR D 86 -38.29 -12.31 35.15
C TYR D 86 -39.59 -13.09 35.42
N LEU D 87 -39.76 -13.49 36.69
CA LEU D 87 -40.96 -14.19 37.12
C LEU D 87 -41.95 -13.12 37.57
N VAL D 88 -43.18 -13.18 37.04
CA VAL D 88 -44.19 -12.21 37.40
C VAL D 88 -44.60 -12.39 38.86
N ASP D 89 -44.06 -11.54 39.73
CA ASP D 89 -44.37 -11.61 41.15
C ASP D 89 -45.28 -10.46 41.59
N GLY D 90 -45.84 -10.59 42.79
CA GLY D 90 -46.73 -9.59 43.33
C GLY D 90 -46.31 -8.15 43.09
N LEU D 91 -45.09 -7.82 43.47
CA LEU D 91 -44.58 -6.45 43.29
C LEU D 91 -44.77 -5.97 41.86
N MET D 92 -44.51 -6.85 40.89
CA MET D 92 -44.64 -6.46 39.49
C MET D 92 -46.09 -6.22 39.11
N ILE D 93 -46.98 -6.80 39.87
CA ILE D 93 -48.37 -6.72 39.55
C ILE D 93 -49.08 -5.76 40.43
N LYS D 94 -48.27 -5.12 41.20
CA LYS D 94 -48.77 -4.10 42.06
C LYS D 94 -48.34 -2.84 41.32
N THR D 95 -47.17 -2.92 40.69
CA THR D 95 -46.61 -1.77 40.01
C THR D 95 -47.36 -1.48 38.72
N LEU D 96 -47.62 -2.53 37.94
CA LEU D 96 -48.32 -2.38 36.67
C LEU D 96 -49.76 -1.89 36.81
N LYS D 97 -50.48 -2.38 37.82
CA LYS D 97 -51.86 -1.97 38.02
C LYS D 97 -51.97 -0.51 38.42
N SER D 98 -51.06 -0.08 39.30
CA SER D 98 -51.05 1.31 39.76
C SER D 98 -50.75 2.28 38.63
N GLY D 99 -49.96 1.83 37.66
CA GLY D 99 -49.60 2.70 36.55
C GLY D 99 -48.74 3.84 37.01
N LYS D 100 -47.99 3.62 38.09
CA LYS D 100 -47.11 4.63 38.64
C LYS D 100 -46.15 5.20 37.60
N ASN D 101 -45.61 4.33 36.76
CA ASN D 101 -44.66 4.77 35.74
C ASN D 101 -45.31 5.00 34.38
N GLY D 102 -46.62 5.24 34.37
CA GLY D 102 -47.33 5.48 33.12
C GLY D 102 -48.28 4.35 32.72
N GLU D 103 -49.25 4.67 31.87
CA GLU D 103 -50.21 3.68 31.40
C GLU D 103 -49.96 3.32 29.94
N HIS D 104 -49.97 2.02 29.65
CA HIS D 104 -49.74 1.51 28.29
C HIS D 104 -50.27 0.07 28.19
N ALA D 105 -50.97 -0.23 27.09
CA ALA D 105 -51.54 -1.57 26.86
C ALA D 105 -50.54 -2.68 27.21
N SER D 106 -49.26 -2.36 27.12
CA SER D 106 -48.20 -3.31 27.43
C SER D 106 -48.27 -3.82 28.87
N ASN D 107 -48.76 -2.97 29.77
CA ASN D 107 -48.87 -3.31 31.19
C ASN D 107 -49.86 -4.46 31.47
N LEU D 108 -50.86 -4.61 30.60
CA LEU D 108 -51.84 -5.67 30.75
C LEU D 108 -51.22 -7.06 30.58
N GLY D 109 -50.23 -7.15 29.69
CA GLY D 109 -49.58 -8.42 29.44
C GLY D 109 -49.25 -9.28 30.65
N ALA D 110 -48.35 -8.78 31.49
CA ALA D 110 -47.95 -9.52 32.69
C ALA D 110 -49.12 -9.89 33.58
N ILE D 111 -50.10 -9.01 33.70
CA ILE D 111 -51.27 -9.27 34.54
C ILE D 111 -52.07 -10.47 34.01
N ILE D 112 -52.28 -10.50 32.70
CA ILE D 112 -53.03 -11.59 32.09
C ILE D 112 -52.27 -12.90 32.27
N ALA D 113 -50.96 -12.86 32.03
CA ALA D 113 -50.13 -14.04 32.17
C ALA D 113 -50.14 -14.54 33.61
N HIS D 114 -50.22 -13.61 34.54
CA HIS D 114 -50.24 -13.95 35.96
C HIS D 114 -51.50 -14.74 36.36
N ARG D 115 -52.65 -14.27 35.91
CA ARG D 115 -53.91 -14.94 36.22
C ARG D 115 -53.92 -16.37 35.71
N PHE D 116 -53.63 -16.55 34.43
CA PHE D 116 -53.58 -17.88 33.84
C PHE D 116 -52.65 -18.76 34.68
N SER D 117 -51.60 -18.13 35.20
CA SER D 117 -50.62 -18.82 36.02
C SER D 117 -51.28 -19.27 37.33
N SER D 118 -51.93 -18.34 38.02
CA SER D 118 -52.58 -18.65 39.28
C SER D 118 -53.85 -19.48 39.09
N GLU D 119 -54.08 -19.97 37.88
CA GLU D 119 -55.25 -20.79 37.59
C GLU D 119 -54.84 -22.19 37.18
N THR D 120 -53.58 -22.33 36.77
CA THR D 120 -53.06 -23.61 36.33
C THR D 120 -51.81 -24.03 37.09
N GLY D 121 -51.24 -23.10 37.85
CA GLY D 121 -50.04 -23.42 38.61
C GLY D 121 -48.83 -23.48 37.70
N VAL D 122 -48.92 -22.78 36.58
CA VAL D 122 -47.84 -22.75 35.59
C VAL D 122 -47.14 -21.40 35.65
N PRO D 123 -45.81 -21.39 35.50
CA PRO D 123 -45.00 -20.17 35.54
C PRO D 123 -45.44 -19.09 34.55
N ALA D 124 -45.30 -17.83 34.98
CA ALA D 124 -45.63 -16.67 34.16
C ALA D 124 -44.38 -15.80 34.12
N TYR D 125 -43.87 -15.54 32.92
CA TYR D 125 -42.68 -14.72 32.77
C TYR D 125 -42.89 -13.49 31.89
N VAL D 126 -41.88 -12.63 31.88
CA VAL D 126 -41.86 -11.41 31.06
C VAL D 126 -40.42 -11.31 30.60
N VAL D 127 -40.20 -10.88 29.36
CA VAL D 127 -38.84 -10.76 28.82
C VAL D 127 -38.47 -9.33 28.48
N ASP D 128 -37.20 -8.99 28.76
CA ASP D 128 -36.65 -7.66 28.51
C ASP D 128 -37.68 -6.55 28.38
N PRO D 129 -38.24 -6.10 29.52
CA PRO D 129 -39.26 -5.04 29.53
C PRO D 129 -38.84 -3.78 28.79
N VAL D 130 -39.86 -3.02 28.41
CA VAL D 130 -39.70 -1.77 27.68
C VAL D 130 -38.87 -0.78 28.50
N VAL D 131 -38.76 -1.05 29.79
CA VAL D 131 -38.01 -0.19 30.69
C VAL D 131 -36.61 -0.71 31.00
N VAL D 132 -36.15 -1.69 30.24
CA VAL D 132 -34.81 -2.23 30.42
C VAL D 132 -33.83 -1.10 30.16
N ASP D 133 -33.09 -0.72 31.20
CA ASP D 133 -32.14 0.38 31.13
C ASP D 133 -30.68 -0.04 31.31
N GLU D 134 -29.87 0.16 30.28
CA GLU D 134 -28.45 -0.16 30.35
C GLU D 134 -27.66 0.90 29.60
N MET D 135 -28.07 2.15 29.79
CA MET D 135 -27.42 3.29 29.14
C MET D 135 -26.18 3.71 29.92
N GLU D 136 -25.55 4.78 29.46
CA GLU D 136 -24.36 5.30 30.11
C GLU D 136 -24.83 6.47 30.97
N ASP D 137 -24.10 6.75 32.04
CA ASP D 137 -24.45 7.83 32.96
C ASP D 137 -24.54 9.19 32.26
N VAL D 138 -23.64 9.40 31.30
CA VAL D 138 -23.62 10.65 30.54
C VAL D 138 -24.93 10.85 29.79
N ALA D 139 -25.57 9.76 29.41
CA ALA D 139 -26.82 9.82 28.67
C ALA D 139 -28.04 10.10 29.55
N ARG D 140 -27.84 10.12 30.86
CA ARG D 140 -28.94 10.36 31.80
C ARG D 140 -29.21 11.83 32.05
N VAL D 141 -28.19 12.66 31.97
CA VAL D 141 -28.35 14.09 32.19
C VAL D 141 -29.26 14.66 31.11
N SER D 142 -30.29 15.39 31.52
CA SER D 142 -31.25 15.96 30.58
C SER D 142 -31.07 17.46 30.34
N GLY D 143 -30.42 18.12 31.27
CA GLY D 143 -30.24 19.56 31.14
C GLY D 143 -30.95 20.28 32.25
N HIS D 144 -31.72 19.52 33.03
CA HIS D 144 -32.45 20.06 34.17
C HIS D 144 -32.35 19.04 35.30
N PRO D 145 -31.74 19.45 36.43
CA PRO D 145 -31.54 18.61 37.62
C PRO D 145 -32.69 17.69 38.02
N ASN D 146 -33.92 18.17 37.88
CA ASN D 146 -35.09 17.39 38.26
C ASN D 146 -35.38 16.23 37.31
N TYR D 147 -35.37 16.52 36.01
CA TYR D 147 -35.66 15.52 34.99
C TYR D 147 -34.47 14.61 34.68
N GLN D 148 -34.77 13.39 34.24
CA GLN D 148 -33.74 12.42 33.88
C GLN D 148 -34.19 11.61 32.67
N ARG D 149 -33.28 11.43 31.71
CA ARG D 149 -33.61 10.68 30.51
C ARG D 149 -33.82 9.21 30.89
N LYS D 150 -35.02 8.71 30.63
CA LYS D 150 -35.34 7.32 30.94
C LYS D 150 -35.20 6.44 29.72
N SER D 151 -34.77 5.19 29.95
CA SER D 151 -34.61 4.23 28.87
C SER D 151 -35.90 3.41 28.71
N ILE D 152 -36.76 3.86 27.81
CA ILE D 152 -38.03 3.18 27.54
C ILE D 152 -38.18 2.98 26.04
N PHE D 153 -37.88 1.77 25.56
CA PHE D 153 -37.96 1.47 24.14
C PHE D 153 -38.46 0.06 23.88
N HIS D 154 -38.33 -0.39 22.63
CA HIS D 154 -38.74 -1.74 22.25
C HIS D 154 -37.57 -2.67 22.47
N ALA D 155 -37.16 -2.79 23.73
CA ALA D 155 -36.04 -3.65 24.09
C ALA D 155 -36.14 -5.05 23.50
N LEU D 156 -37.33 -5.63 23.54
CA LEU D 156 -37.55 -6.98 23.02
C LEU D 156 -37.07 -7.13 21.57
N ASN D 157 -37.75 -6.45 20.64
CA ASN D 157 -37.39 -6.52 19.24
C ASN D 157 -35.96 -6.04 18.99
N GLN D 158 -35.61 -4.91 19.59
CA GLN D 158 -34.27 -4.34 19.45
C GLN D 158 -33.20 -5.39 19.69
N LYS D 159 -33.21 -5.97 20.88
CA LYS D 159 -32.25 -7.00 21.24
C LYS D 159 -32.31 -8.19 20.29
N THR D 160 -33.51 -8.56 19.87
CA THR D 160 -33.69 -9.69 18.95
C THR D 160 -33.09 -9.44 17.57
N VAL D 161 -33.54 -8.39 16.90
CA VAL D 161 -33.01 -8.08 15.56
C VAL D 161 -31.50 -7.87 15.62
N ALA D 162 -31.03 -7.21 16.68
CA ALA D 162 -29.62 -6.94 16.84
C ALA D 162 -28.84 -8.25 16.85
N LYS D 163 -29.34 -9.23 17.60
CA LYS D 163 -28.68 -10.52 17.71
C LYS D 163 -28.78 -11.32 16.41
N GLU D 164 -29.84 -11.09 15.65
CA GLU D 164 -30.02 -11.79 14.38
C GLU D 164 -29.07 -11.23 13.34
N VAL D 165 -28.73 -9.95 13.49
CA VAL D 165 -27.81 -9.31 12.56
C VAL D 165 -26.43 -9.88 12.78
N ALA D 166 -26.05 -10.01 14.05
CA ALA D 166 -24.75 -10.56 14.42
C ALA D 166 -24.70 -12.02 14.00
N ARG D 167 -25.78 -12.73 14.28
CA ARG D 167 -25.90 -14.14 13.95
C ARG D 167 -25.72 -14.33 12.44
N MET D 168 -26.47 -13.54 11.68
CA MET D 168 -26.44 -13.59 10.23
C MET D 168 -25.04 -13.47 9.63
N MET D 169 -24.08 -13.00 10.43
CA MET D 169 -22.72 -12.84 9.93
C MET D 169 -21.67 -13.54 10.77
N ASN D 170 -22.06 -14.66 11.38
CA ASN D 170 -21.15 -15.44 12.22
C ASN D 170 -20.34 -14.55 13.17
N LYS D 171 -21.03 -13.67 13.88
CA LYS D 171 -20.39 -12.78 14.84
C LYS D 171 -21.18 -12.75 16.15
N ARG D 172 -20.62 -12.09 17.16
CA ARG D 172 -21.28 -11.99 18.45
C ARG D 172 -21.87 -10.59 18.68
N TYR D 173 -23.09 -10.56 19.18
CA TYR D 173 -23.78 -9.30 19.47
C TYR D 173 -22.92 -8.40 20.35
N GLU D 174 -22.18 -9.01 21.27
CA GLU D 174 -21.32 -8.28 22.19
C GLU D 174 -20.12 -7.62 21.53
N GLU D 175 -19.74 -8.07 20.35
CA GLU D 175 -18.59 -7.50 19.67
C GLU D 175 -18.96 -6.68 18.44
N MET D 176 -20.09 -5.98 18.52
CA MET D 176 -20.56 -5.15 17.42
C MET D 176 -21.19 -3.84 17.90
N ASN D 177 -21.13 -2.83 17.06
CA ASN D 177 -21.74 -1.54 17.35
C ASN D 177 -22.82 -1.35 16.31
N LEU D 178 -24.05 -1.14 16.76
CA LEU D 178 -25.17 -0.99 15.84
C LEU D 178 -26.09 0.16 16.23
N VAL D 179 -26.79 0.69 15.23
CA VAL D 179 -27.74 1.75 15.46
C VAL D 179 -29.03 1.13 14.94
N VAL D 180 -29.88 0.71 15.87
CA VAL D 180 -31.14 0.08 15.51
C VAL D 180 -32.30 1.04 15.68
N ALA D 181 -33.18 1.06 14.69
CA ALA D 181 -34.34 1.94 14.73
C ALA D 181 -35.63 1.17 14.56
N HIS D 182 -36.38 1.01 15.63
CA HIS D 182 -37.65 0.32 15.58
C HIS D 182 -38.70 1.36 15.20
N MET D 183 -39.33 1.18 14.04
CA MET D 183 -40.32 2.13 13.57
C MET D 183 -41.74 1.55 13.52
N GLY D 184 -42.53 1.85 14.54
CA GLY D 184 -43.90 1.36 14.60
C GLY D 184 -44.81 2.42 15.19
N GLY D 185 -45.84 1.99 15.92
CA GLY D 185 -46.73 2.96 16.54
C GLY D 185 -45.86 3.89 17.36
N GLY D 186 -44.82 3.30 17.92
CA GLY D 186 -43.86 4.05 18.70
C GLY D 186 -42.53 3.91 17.97
N ILE D 187 -41.66 4.89 18.10
CA ILE D 187 -40.36 4.83 17.42
C ILE D 187 -39.22 4.93 18.41
N SER D 188 -38.29 4.03 18.31
CA SER D 188 -37.15 4.08 19.17
C SER D 188 -35.93 3.92 18.33
N ILE D 189 -34.90 4.63 18.71
CA ILE D 189 -33.67 4.60 17.95
C ILE D 189 -32.54 4.52 18.95
N ALA D 190 -31.96 3.34 19.07
CA ALA D 190 -30.89 3.11 20.02
C ALA D 190 -29.51 2.84 19.44
N ALA D 191 -28.48 3.14 20.24
CA ALA D 191 -27.11 2.89 19.84
C ALA D 191 -26.62 1.71 20.65
N HIS D 192 -26.34 0.60 19.98
CA HIS D 192 -25.85 -0.58 20.67
C HIS D 192 -24.33 -0.64 20.58
N ARG D 193 -23.67 -0.50 21.71
CA ARG D 193 -22.21 -0.56 21.73
C ARG D 193 -21.78 -1.83 22.45
N LYS D 194 -21.28 -2.79 21.68
CA LYS D 194 -20.81 -4.04 22.25
C LYS D 194 -21.89 -4.75 23.07
N GLY D 195 -23.07 -4.93 22.48
CA GLY D 195 -24.15 -5.61 23.17
C GLY D 195 -24.83 -4.85 24.30
N ARG D 196 -24.63 -3.54 24.35
CA ARG D 196 -25.24 -2.73 25.41
C ARG D 196 -25.90 -1.46 24.83
N VAL D 197 -27.20 -1.31 25.06
CA VAL D 197 -27.94 -0.14 24.57
C VAL D 197 -27.57 1.08 25.41
N ILE D 198 -26.37 1.60 25.19
CA ILE D 198 -25.84 2.74 25.92
C ILE D 198 -26.66 4.03 25.82
N ASP D 199 -27.61 4.07 24.89
CA ASP D 199 -28.44 5.26 24.73
C ASP D 199 -29.63 4.98 23.82
N VAL D 200 -30.74 5.66 24.08
CA VAL D 200 -31.95 5.52 23.31
C VAL D 200 -32.94 6.59 23.80
N ASN D 201 -33.94 6.90 23.00
CA ASN D 201 -34.93 7.89 23.37
C ASN D 201 -36.05 7.27 24.18
N ASN D 202 -36.93 8.11 24.74
CA ASN D 202 -38.05 7.63 25.53
C ASN D 202 -39.26 7.54 24.60
N ALA D 203 -39.50 6.33 24.08
CA ALA D 203 -40.58 6.09 23.15
C ALA D 203 -41.99 6.30 23.69
N LEU D 204 -42.12 6.76 24.92
CA LEU D 204 -43.44 6.98 25.51
C LEU D 204 -43.69 8.41 25.97
N ASP D 205 -42.80 8.94 26.81
CA ASP D 205 -42.95 10.28 27.35
C ASP D 205 -42.73 11.39 26.32
N GLY D 206 -43.07 11.14 25.07
CA GLY D 206 -42.92 12.14 24.03
C GLY D 206 -41.49 12.65 23.85
N ASP D 207 -40.63 11.80 23.30
CA ASP D 207 -39.24 12.15 23.07
C ASP D 207 -38.73 11.45 21.82
N GLY D 208 -38.22 12.22 20.88
CA GLY D 208 -37.71 11.65 19.64
C GLY D 208 -38.54 12.10 18.45
N PRO D 209 -38.41 11.44 17.30
CA PRO D 209 -39.17 11.81 16.10
C PRO D 209 -40.64 11.46 16.30
N PHE D 210 -41.52 12.11 15.54
CA PHE D 210 -42.94 11.83 15.68
C PHE D 210 -43.32 10.55 14.94
N THR D 211 -44.06 9.69 15.63
CA THR D 211 -44.48 8.42 15.07
C THR D 211 -45.81 8.60 14.30
N PRO D 212 -46.37 7.51 13.77
CA PRO D 212 -47.62 7.64 13.03
C PRO D 212 -48.78 8.05 13.95
N GLU D 213 -48.54 8.00 15.26
CA GLU D 213 -49.58 8.35 16.23
C GLU D 213 -49.05 9.07 17.46
N ARG D 214 -47.88 9.71 17.35
CA ARG D 214 -47.28 10.43 18.46
C ARG D 214 -46.56 11.69 17.95
N SER D 215 -46.53 12.73 18.78
CA SER D 215 -45.91 14.00 18.40
C SER D 215 -44.41 14.04 18.64
N GLY D 216 -43.90 13.08 19.40
CA GLY D 216 -42.48 13.04 19.67
C GLY D 216 -42.05 14.21 20.54
N THR D 217 -41.06 14.97 20.06
CA THR D 217 -40.56 16.11 20.81
C THR D 217 -41.08 17.43 20.27
N LEU D 218 -41.27 18.40 21.17
CA LEU D 218 -41.75 19.72 20.82
C LEU D 218 -41.10 20.76 21.74
N PRO D 219 -40.84 21.97 21.22
CA PRO D 219 -40.22 23.05 21.99
C PRO D 219 -40.91 23.30 23.33
N LEU D 220 -40.13 23.64 24.36
CA LEU D 220 -40.66 23.90 25.69
C LEU D 220 -41.53 25.16 25.76
N THR D 221 -41.00 26.28 25.31
CA THR D 221 -41.72 27.55 25.33
C THR D 221 -43.08 27.46 24.65
N GLN D 222 -43.14 26.73 23.53
CA GLN D 222 -44.38 26.58 22.79
C GLN D 222 -45.42 25.76 23.56
N LEU D 223 -44.94 24.96 24.50
CA LEU D 223 -45.83 24.12 25.31
C LEU D 223 -46.26 24.83 26.59
N VAL D 224 -45.28 25.24 27.39
CA VAL D 224 -45.55 25.93 28.65
C VAL D 224 -46.47 27.13 28.42
N ASP D 225 -46.46 27.65 27.20
CA ASP D 225 -47.28 28.80 26.84
C ASP D 225 -48.72 28.36 26.57
N LEU D 226 -48.89 27.47 25.60
CA LEU D 226 -50.22 26.97 25.25
C LEU D 226 -50.71 25.92 26.24
N CYS D 227 -50.08 25.87 27.40
CA CYS D 227 -50.44 24.91 28.43
C CYS D 227 -51.41 25.56 29.42
N PHE D 228 -51.21 26.85 29.66
CA PHE D 228 -52.07 27.61 30.56
C PHE D 228 -53.21 28.25 29.77
N SER D 229 -52.92 28.63 28.53
CA SER D 229 -53.91 29.26 27.65
C SER D 229 -54.56 28.22 26.75
N GLY D 230 -55.89 28.15 26.81
CA GLY D 230 -56.62 27.20 25.99
C GLY D 230 -57.16 26.04 26.81
N LYS D 231 -57.07 24.84 26.25
CA LYS D 231 -57.55 23.65 26.94
C LYS D 231 -56.74 23.40 28.21
N PHE D 232 -57.26 23.88 29.34
CA PHE D 232 -56.60 23.72 30.62
C PHE D 232 -56.77 22.28 31.11
N THR D 233 -57.28 21.43 30.23
CA THR D 233 -57.51 20.02 30.55
C THR D 233 -56.25 19.33 31.07
N TYR D 234 -56.17 19.17 32.39
CA TYR D 234 -55.03 18.55 33.04
C TYR D 234 -54.85 17.12 32.53
N GLU D 235 -55.96 16.47 32.17
CA GLU D 235 -55.93 15.10 31.70
C GLU D 235 -55.89 14.96 30.17
N GLU D 236 -56.84 15.59 29.50
CA GLU D 236 -56.92 15.52 28.03
C GLU D 236 -55.58 15.83 27.37
N MET D 237 -54.92 16.90 27.82
CA MET D 237 -53.64 17.31 27.27
C MET D 237 -52.62 16.16 27.40
N LYS D 238 -52.70 15.43 28.51
CA LYS D 238 -51.80 14.32 28.75
C LYS D 238 -52.02 13.24 27.70
N LYS D 239 -53.17 13.30 27.03
CA LYS D 239 -53.52 12.34 25.99
C LYS D 239 -53.10 12.86 24.61
N ARG D 240 -52.94 14.16 24.50
CA ARG D 240 -52.55 14.79 23.23
C ARG D 240 -51.07 14.54 22.91
N ILE D 241 -50.35 13.98 23.88
CA ILE D 241 -48.93 13.70 23.70
C ILE D 241 -48.66 12.20 23.85
N VAL D 242 -49.06 11.64 24.99
CA VAL D 242 -48.87 10.23 25.27
C VAL D 242 -49.79 9.35 24.43
N GLY D 243 -49.25 8.83 23.32
CA GLY D 243 -50.03 7.99 22.44
C GLY D 243 -51.09 8.75 21.66
N ASN D 244 -50.67 9.82 21.00
CA ASN D 244 -51.57 10.65 20.20
C ASN D 244 -50.78 11.67 19.37
N GLY D 245 -51.39 12.08 18.25
CA GLY D 245 -50.73 13.04 17.38
C GLY D 245 -50.13 12.32 16.20
N GLY D 246 -48.88 12.63 15.89
CA GLY D 246 -48.22 11.98 14.77
C GLY D 246 -48.94 12.21 13.46
N LEU D 247 -48.76 11.30 12.51
CA LEU D 247 -49.39 11.41 11.20
C LEU D 247 -50.90 11.53 11.29
N VAL D 248 -51.47 11.04 12.39
CA VAL D 248 -52.91 11.11 12.59
C VAL D 248 -53.34 12.55 12.74
N ALA D 249 -52.55 13.32 13.47
CA ALA D 249 -52.84 14.71 13.72
C ALA D 249 -52.77 15.53 12.42
N TYR D 250 -51.96 15.05 11.48
CA TYR D 250 -51.79 15.76 10.20
C TYR D 250 -52.56 15.17 9.01
N LEU D 251 -52.88 13.88 9.06
CA LEU D 251 -53.57 13.26 7.94
C LEU D 251 -54.93 12.62 8.26
N GLY D 252 -55.19 12.41 9.55
CA GLY D 252 -56.45 11.80 9.95
C GLY D 252 -56.37 10.29 9.97
N THR D 253 -55.20 9.74 9.69
CA THR D 253 -55.00 8.30 9.67
C THR D 253 -53.68 7.90 10.32
N SER D 254 -53.65 6.69 10.86
CA SER D 254 -52.48 6.15 11.53
C SER D 254 -51.97 4.94 10.74
N ASP D 255 -52.35 4.89 9.46
CA ASP D 255 -51.97 3.78 8.59
C ASP D 255 -50.97 4.21 7.52
N ALA D 256 -49.77 3.66 7.60
CA ALA D 256 -48.70 3.97 6.65
C ALA D 256 -49.12 3.61 5.22
N ARG D 257 -49.91 2.55 5.09
CA ARG D 257 -50.37 2.10 3.78
C ARG D 257 -51.18 3.17 3.06
N GLU D 258 -52.29 3.58 3.67
CA GLU D 258 -53.15 4.61 3.08
C GLU D 258 -52.33 5.87 2.81
N VAL D 259 -51.52 6.26 3.77
CA VAL D 259 -50.69 7.45 3.59
C VAL D 259 -49.92 7.29 2.28
N VAL D 260 -49.44 6.08 2.04
CA VAL D 260 -48.69 5.77 0.82
C VAL D 260 -49.59 5.84 -0.40
N ARG D 261 -50.88 5.58 -0.20
CA ARG D 261 -51.85 5.61 -1.29
C ARG D 261 -52.12 7.07 -1.68
N ARG D 262 -52.40 7.91 -0.69
CA ARG D 262 -52.66 9.33 -0.96
C ARG D 262 -51.46 9.93 -1.67
N ILE D 263 -50.26 9.60 -1.19
CA ILE D 263 -49.04 10.11 -1.80
C ILE D 263 -48.99 9.72 -3.27
N LYS D 264 -49.34 8.47 -3.55
CA LYS D 264 -49.35 7.95 -4.92
C LYS D 264 -50.36 8.71 -5.77
N GLN D 265 -51.58 8.84 -5.27
CA GLN D 265 -52.63 9.53 -5.99
C GLN D 265 -52.20 10.96 -6.34
N GLY D 266 -51.60 11.65 -5.38
CA GLY D 266 -51.16 13.02 -5.62
C GLY D 266 -51.25 13.90 -4.39
N ASP D 267 -51.80 13.38 -3.30
CA ASP D 267 -51.94 14.14 -2.06
C ASP D 267 -50.58 14.71 -1.71
N GLU D 268 -50.39 16.01 -1.97
CA GLU D 268 -49.13 16.67 -1.71
C GLU D 268 -48.88 16.87 -0.21
N TRP D 269 -49.93 17.22 0.52
CA TRP D 269 -49.82 17.44 1.95
C TRP D 269 -49.40 16.17 2.69
N ALA D 270 -49.88 15.02 2.22
CA ALA D 270 -49.54 13.75 2.84
C ALA D 270 -48.07 13.43 2.61
N LYS D 271 -47.60 13.64 1.39
CA LYS D 271 -46.20 13.38 1.06
C LYS D 271 -45.29 14.24 1.91
N ARG D 272 -45.77 15.43 2.26
CA ARG D 272 -44.98 16.36 3.07
C ARG D 272 -44.75 15.83 4.48
N VAL D 273 -45.84 15.66 5.23
CA VAL D 273 -45.75 15.17 6.60
C VAL D 273 -45.05 13.82 6.71
N TYR D 274 -45.34 12.92 5.79
CA TYR D 274 -44.74 11.59 5.78
C TYR D 274 -43.23 11.71 5.57
N ARG D 275 -42.85 12.48 4.55
CA ARG D 275 -41.44 12.69 4.24
C ARG D 275 -40.72 13.35 5.41
N ALA D 276 -41.48 14.09 6.22
CA ALA D 276 -40.93 14.77 7.39
C ALA D 276 -40.65 13.78 8.50
N MET D 277 -41.46 12.72 8.56
CA MET D 277 -41.29 11.68 9.58
C MET D 277 -40.01 10.90 9.29
N ALA D 278 -39.76 10.62 8.02
CA ALA D 278 -38.56 9.88 7.64
C ALA D 278 -37.36 10.77 7.96
N TYR D 279 -37.54 12.06 7.65
CA TYR D 279 -36.52 13.08 7.89
C TYR D 279 -36.07 13.03 9.35
N GLN D 280 -37.03 13.08 10.26
CA GLN D 280 -36.72 13.04 11.69
C GLN D 280 -36.07 11.73 12.09
N ILE D 281 -36.58 10.61 11.59
CA ILE D 281 -36.00 9.31 11.94
C ILE D 281 -34.53 9.29 11.55
N ALA D 282 -34.22 9.84 10.38
CA ALA D 282 -32.84 9.88 9.92
C ALA D 282 -31.99 10.72 10.87
N LYS D 283 -32.46 11.91 11.21
CA LYS D 283 -31.74 12.80 12.12
C LYS D 283 -31.39 12.13 13.43
N TRP D 284 -32.28 11.31 13.95
CA TRP D 284 -32.01 10.63 15.22
C TRP D 284 -31.02 9.46 15.04
N ILE D 285 -31.00 8.86 13.84
CA ILE D 285 -30.07 7.78 13.58
C ILE D 285 -28.69 8.43 13.61
N GLY D 286 -28.59 9.59 12.98
CA GLY D 286 -27.33 10.32 12.96
C GLY D 286 -26.97 10.75 14.36
N LYS D 287 -27.99 10.98 15.17
CA LYS D 287 -27.80 11.40 16.55
C LYS D 287 -27.10 10.26 17.30
N MET D 288 -27.62 9.05 17.15
CA MET D 288 -27.03 7.89 17.81
C MET D 288 -25.68 7.53 17.22
N ALA D 289 -25.48 7.88 15.95
CA ALA D 289 -24.22 7.60 15.29
C ALA D 289 -23.10 8.39 15.99
N ALA D 290 -23.43 9.60 16.43
CA ALA D 290 -22.47 10.45 17.12
C ALA D 290 -22.12 9.85 18.48
N VAL D 291 -23.10 9.19 19.08
CA VAL D 291 -22.89 8.55 20.37
C VAL D 291 -21.84 7.45 20.23
N LEU D 292 -21.87 6.75 19.11
CA LEU D 292 -20.92 5.67 18.86
C LEU D 292 -19.63 6.16 18.19
N LYS D 293 -19.50 7.48 18.07
CA LYS D 293 -18.32 8.11 17.47
C LYS D 293 -18.04 7.61 16.06
N GLY D 294 -19.08 7.25 15.32
CA GLY D 294 -18.89 6.76 13.97
C GLY D 294 -18.59 5.27 13.91
N GLU D 295 -18.19 4.72 15.05
CA GLU D 295 -17.88 3.29 15.14
C GLU D 295 -19.17 2.51 14.97
N VAL D 296 -19.67 2.43 13.75
CA VAL D 296 -20.92 1.73 13.48
C VAL D 296 -20.78 0.66 12.41
N ASP D 297 -21.10 -0.57 12.76
CA ASP D 297 -21.03 -1.69 11.84
C ASP D 297 -22.17 -1.62 10.84
N PHE D 298 -23.39 -1.52 11.36
CA PHE D 298 -24.57 -1.43 10.50
C PHE D 298 -25.66 -0.58 11.14
N ILE D 299 -26.57 -0.11 10.29
CA ILE D 299 -27.71 0.67 10.74
C ILE D 299 -28.88 -0.26 10.41
N VAL D 300 -29.59 -0.70 11.44
CA VAL D 300 -30.71 -1.62 11.23
C VAL D 300 -32.07 -0.95 11.36
N LEU D 301 -32.87 -1.07 10.30
CA LEU D 301 -34.22 -0.52 10.26
C LEU D 301 -35.18 -1.68 10.47
N THR D 302 -35.86 -1.70 11.62
CA THR D 302 -36.80 -2.76 11.92
C THR D 302 -38.13 -2.16 12.35
N GLY D 303 -39.09 -3.01 12.71
CA GLY D 303 -40.40 -2.52 13.11
C GLY D 303 -41.41 -2.62 11.98
N GLY D 304 -42.66 -2.28 12.28
CA GLY D 304 -43.71 -2.35 11.28
C GLY D 304 -43.50 -1.48 10.05
N LEU D 305 -43.12 -0.22 10.26
CA LEU D 305 -42.90 0.69 9.15
C LEU D 305 -41.80 0.22 8.23
N ALA D 306 -40.93 -0.65 8.73
CA ALA D 306 -39.83 -1.17 7.92
C ALA D 306 -40.32 -1.83 6.64
N HIS D 307 -41.63 -2.11 6.60
CA HIS D 307 -42.25 -2.72 5.44
C HIS D 307 -42.40 -1.75 4.28
N GLU D 308 -42.77 -0.50 4.58
CA GLU D 308 -42.95 0.51 3.53
C GLU D 308 -41.61 0.76 2.85
N LYS D 309 -41.34 0.02 1.79
CA LYS D 309 -40.09 0.12 1.07
C LYS D 309 -40.16 0.99 -0.19
N GLU D 310 -41.23 1.76 -0.34
CA GLU D 310 -41.35 2.61 -1.51
C GLU D 310 -40.87 4.04 -1.23
N PHE D 311 -41.21 4.55 -0.06
CA PHE D 311 -40.81 5.91 0.32
C PHE D 311 -39.98 5.96 1.59
N LEU D 312 -40.62 5.66 2.72
CA LEU D 312 -39.97 5.67 4.03
C LEU D 312 -38.55 5.10 4.04
N VAL D 313 -38.44 3.79 3.89
CA VAL D 313 -37.13 3.14 3.90
C VAL D 313 -36.12 3.78 2.94
N PRO D 314 -36.50 4.01 1.68
CA PRO D 314 -35.59 4.63 0.72
C PRO D 314 -35.15 6.03 1.17
N TRP D 315 -36.10 6.84 1.62
CA TRP D 315 -35.78 8.19 2.07
C TRP D 315 -34.77 8.18 3.22
N ILE D 316 -35.02 7.35 4.22
CA ILE D 316 -34.13 7.27 5.37
C ILE D 316 -32.74 6.80 4.96
N THR D 317 -32.69 5.67 4.26
CA THR D 317 -31.44 5.09 3.78
C THR D 317 -30.56 6.10 3.03
N LYS D 318 -31.15 6.91 2.15
CA LYS D 318 -30.34 7.86 1.41
C LYS D 318 -29.80 9.03 2.24
N ARG D 319 -30.24 9.15 3.49
CA ARG D 319 -29.69 10.18 4.36
C ARG D 319 -28.71 9.67 5.41
N VAL D 320 -28.75 8.37 5.70
CA VAL D 320 -27.89 7.80 6.73
C VAL D 320 -26.86 6.76 6.27
N SER D 321 -26.99 6.27 5.05
CA SER D 321 -26.06 5.25 4.57
C SER D 321 -24.59 5.69 4.57
N PHE D 322 -24.33 6.96 4.87
CA PHE D 322 -22.95 7.47 4.90
C PHE D 322 -22.29 7.05 6.22
N ILE D 323 -23.11 6.69 7.19
CA ILE D 323 -22.64 6.27 8.50
C ILE D 323 -22.17 4.81 8.46
N ALA D 324 -23.00 3.98 7.82
CA ALA D 324 -22.71 2.56 7.70
C ALA D 324 -23.80 1.95 6.81
N PRO D 325 -23.54 0.75 6.27
CA PRO D 325 -24.55 0.12 5.41
C PRO D 325 -25.86 -0.12 6.18
N VAL D 326 -26.98 0.02 5.47
CA VAL D 326 -28.29 -0.16 6.08
C VAL D 326 -28.91 -1.53 5.81
N LEU D 327 -29.32 -2.21 6.89
CA LEU D 327 -29.96 -3.51 6.79
C LEU D 327 -31.42 -3.29 7.16
N VAL D 328 -32.34 -3.94 6.45
CA VAL D 328 -33.75 -3.77 6.74
C VAL D 328 -34.44 -5.07 7.14
N PHE D 329 -34.92 -5.12 8.38
CA PHE D 329 -35.61 -6.29 8.91
C PHE D 329 -37.03 -5.89 9.29
N PRO D 330 -37.96 -5.95 8.32
CA PRO D 330 -39.36 -5.60 8.55
C PRO D 330 -40.00 -6.33 9.72
N GLY D 331 -41.09 -5.75 10.25
CA GLY D 331 -41.79 -6.35 11.36
C GLY D 331 -40.98 -6.47 12.64
N SER D 332 -41.52 -7.23 13.60
CA SER D 332 -40.83 -7.45 14.87
C SER D 332 -41.14 -8.83 15.42
N ASN D 333 -40.11 -9.59 15.74
CA ASN D 333 -40.27 -10.94 16.29
C ASN D 333 -40.68 -10.92 17.76
N GLU D 334 -41.54 -9.98 18.13
CA GLU D 334 -41.97 -9.84 19.51
C GLU D 334 -42.51 -11.17 20.05
N GLU D 335 -42.94 -12.05 19.15
CA GLU D 335 -43.48 -13.35 19.55
C GLU D 335 -42.36 -14.33 19.84
N LYS D 336 -41.75 -14.86 18.77
CA LYS D 336 -40.66 -15.82 18.87
C LYS D 336 -39.71 -15.45 20.01
N ALA D 337 -39.37 -14.17 20.08
CA ALA D 337 -38.48 -13.67 21.12
C ALA D 337 -38.95 -14.11 22.50
N LEU D 338 -40.24 -13.92 22.78
CA LEU D 338 -40.81 -14.31 24.07
C LEU D 338 -40.78 -15.81 24.29
N ALA D 339 -41.32 -16.56 23.35
CA ALA D 339 -41.37 -18.01 23.45
C ALA D 339 -40.00 -18.65 23.70
N LEU D 340 -39.04 -18.35 22.83
CA LEU D 340 -37.70 -18.91 22.98
C LEU D 340 -37.01 -18.51 24.28
N SER D 341 -37.20 -17.27 24.73
CA SER D 341 -36.59 -16.83 25.98
C SER D 341 -37.12 -17.69 27.12
N ALA D 342 -38.44 -17.86 27.17
CA ALA D 342 -39.07 -18.66 28.20
C ALA D 342 -38.62 -20.12 28.08
N LEU D 343 -38.62 -20.64 26.85
CA LEU D 343 -38.21 -22.01 26.60
C LEU D 343 -36.84 -22.29 27.18
N ARG D 344 -35.95 -21.30 27.08
CA ARG D 344 -34.59 -21.41 27.58
C ARG D 344 -34.56 -21.49 29.12
N VAL D 345 -35.54 -20.84 29.76
CA VAL D 345 -35.64 -20.87 31.21
C VAL D 345 -36.17 -22.22 31.68
N LEU D 346 -37.15 -22.75 30.94
CA LEU D 346 -37.76 -24.03 31.27
C LEU D 346 -36.78 -25.17 31.06
N ARG D 347 -35.68 -24.89 30.35
CA ARG D 347 -34.68 -25.91 30.09
C ARG D 347 -33.46 -25.75 30.99
N GLY D 348 -33.49 -24.72 31.83
CA GLY D 348 -32.38 -24.48 32.74
C GLY D 348 -31.20 -23.83 32.05
N GLU D 349 -31.33 -23.55 30.75
CA GLU D 349 -30.28 -22.92 29.99
C GLU D 349 -30.05 -21.48 30.48
N GLU D 350 -31.06 -20.92 31.13
CA GLU D 350 -30.97 -19.56 31.67
C GLU D 350 -31.69 -19.53 33.01
N LYS D 351 -31.29 -18.60 33.87
CA LYS D 351 -31.91 -18.49 35.19
C LYS D 351 -32.83 -17.29 35.28
N PRO D 352 -34.04 -17.49 35.82
CA PRO D 352 -35.04 -16.44 35.98
C PRO D 352 -34.49 -15.25 36.76
N LYS D 353 -35.20 -14.13 36.71
CA LYS D 353 -34.79 -12.95 37.43
C LYS D 353 -35.89 -12.54 38.40
N ASN D 354 -35.49 -12.11 39.60
CA ASN D 354 -36.44 -11.68 40.62
C ASN D 354 -36.61 -10.17 40.50
N TYR D 355 -37.70 -9.75 39.86
CA TYR D 355 -37.96 -8.32 39.68
C TYR D 355 -37.80 -7.51 40.95
N SER D 356 -38.42 -7.95 42.04
CA SER D 356 -38.35 -7.24 43.32
C SER D 356 -36.93 -6.92 43.77
N GLU D 357 -36.06 -7.93 43.79
CA GLU D 357 -34.68 -7.73 44.21
C GLU D 357 -33.89 -6.97 43.15
N GLU D 358 -34.10 -7.38 41.91
CA GLU D 358 -33.40 -6.79 40.78
C GLU D 358 -33.74 -5.31 40.60
N SER D 359 -35.01 -4.95 40.73
CA SER D 359 -35.42 -3.56 40.59
C SER D 359 -34.82 -2.70 41.69
N ARG D 360 -34.67 -3.27 42.88
CA ARG D 360 -34.08 -2.55 44.01
C ARG D 360 -32.57 -2.48 43.85
N ARG D 361 -31.98 -3.61 43.45
CA ARG D 361 -30.55 -3.70 43.25
C ARG D 361 -30.07 -2.66 42.25
N TRP D 362 -30.91 -2.38 41.27
CA TRP D 362 -30.58 -1.40 40.23
C TRP D 362 -30.44 0.01 40.82
N ARG D 363 -31.36 0.38 41.71
CA ARG D 363 -31.31 1.70 42.35
C ARG D 363 -30.17 1.73 43.35
N GLU D 364 -29.95 0.61 44.02
CA GLU D 364 -28.89 0.50 45.01
C GLU D 364 -27.53 0.35 44.32
N ARG D 365 -27.48 0.77 43.07
CA ARG D 365 -26.25 0.71 42.27
C ARG D 365 -26.05 2.06 41.59
N TYR D 366 -27.11 2.85 41.53
CA TYR D 366 -27.04 4.17 40.90
C TYR D 366 -27.22 5.26 41.94
N ASP D 367 -28.25 5.14 42.77
CA ASP D 367 -28.51 6.13 43.81
C ASP D 367 -27.29 6.26 44.72
N SER D 368 -26.38 5.29 44.61
CA SER D 368 -25.16 5.28 45.41
C SER D 368 -24.03 5.84 44.56
N TYR D 369 -23.74 5.16 43.46
CA TYR D 369 -22.70 5.56 42.52
C TYR D 369 -22.74 7.05 42.24
N LEU D 370 -23.95 7.60 42.23
CA LEU D 370 -24.15 9.02 41.97
C LEU D 370 -23.87 9.84 43.23
N ASP D 371 -22.59 10.12 43.48
CA ASP D 371 -22.19 10.91 44.64
C ASP D 371 -22.15 12.40 44.31
N GLY D 372 -23.32 13.02 44.39
CA GLY D 372 -23.46 14.43 44.10
C GLY D 372 -24.93 14.80 44.21
N ILE D 373 -25.73 13.81 44.54
CA ILE D 373 -27.18 13.96 44.71
C ILE D 373 -27.80 14.81 43.59
N MET E 1 -11.89 55.01 2.00
CA MET E 1 -11.87 54.70 3.46
C MET E 1 -13.20 55.10 4.10
N PHE E 2 -13.98 54.11 4.50
CA PHE E 2 -15.27 54.36 5.11
C PHE E 2 -15.16 54.19 6.63
N ARG E 3 -15.77 55.12 7.38
CA ARG E 3 -15.76 55.04 8.83
C ARG E 3 -17.10 54.47 9.25
N ILE E 4 -17.08 53.32 9.90
CA ILE E 4 -18.31 52.65 10.32
C ILE E 4 -18.47 52.61 11.84
N LEU E 5 -19.72 52.77 12.28
CA LEU E 5 -20.04 52.73 13.70
C LEU E 5 -20.98 51.56 13.95
N THR E 6 -20.61 50.67 14.88
CA THR E 6 -21.44 49.52 15.19
C THR E 6 -22.17 49.74 16.50
N ILE E 7 -23.41 49.27 16.56
CA ILE E 7 -24.24 49.38 17.76
C ILE E 7 -24.69 47.97 18.15
N ASN E 8 -24.28 47.53 19.34
CA ASN E 8 -24.64 46.20 19.81
C ASN E 8 -25.28 46.23 21.19
N PRO E 9 -26.59 46.52 21.25
CA PRO E 9 -27.32 46.58 22.52
C PRO E 9 -27.50 45.19 23.13
N GLY E 10 -27.17 45.05 24.41
CA GLY E 10 -27.31 43.77 25.07
C GLY E 10 -28.28 43.84 26.25
N SER E 11 -28.60 42.69 26.82
CA SER E 11 -29.52 42.63 27.95
C SER E 11 -28.98 43.41 29.15
N THR E 12 -27.69 43.29 29.38
CA THR E 12 -27.07 43.98 30.51
C THR E 12 -25.97 44.94 30.09
N SER E 13 -25.53 44.87 28.84
CA SER E 13 -24.48 45.75 28.36
C SER E 13 -24.81 46.36 27.00
N THR E 14 -23.87 47.17 26.51
CA THR E 14 -24.02 47.82 25.21
C THR E 14 -22.63 48.05 24.65
N LYS E 15 -22.32 47.38 23.55
CA LYS E 15 -21.02 47.50 22.92
C LYS E 15 -21.05 48.36 21.66
N LEU E 16 -20.07 49.25 21.56
CA LEU E 16 -19.95 50.14 20.41
C LEU E 16 -18.55 50.04 19.85
N SER E 17 -18.40 50.27 18.55
CA SER E 17 -17.09 50.22 17.94
C SER E 17 -17.04 51.08 16.69
N ILE E 18 -15.86 51.60 16.40
CA ILE E 18 -15.65 52.43 15.22
C ILE E 18 -14.60 51.78 14.33
N PHE E 19 -14.95 51.59 13.07
CA PHE E 19 -14.03 50.98 12.11
C PHE E 19 -13.71 51.92 10.97
N GLU E 20 -12.48 51.80 10.51
CA GLU E 20 -11.94 52.54 9.40
C GLU E 20 -11.49 51.46 8.45
N ASP E 21 -12.31 51.16 7.44
CA ASP E 21 -11.99 50.06 6.54
C ASP E 21 -11.99 48.78 7.38
N GLU E 22 -10.96 47.94 7.28
CA GLU E 22 -10.95 46.70 8.08
C GLU E 22 -10.38 46.86 9.48
N ARG E 23 -9.85 48.03 9.80
CA ARG E 23 -9.22 48.24 11.11
C ARG E 23 -10.10 48.95 12.14
N MET E 24 -10.20 48.33 13.32
CA MET E 24 -11.00 48.84 14.42
C MET E 24 -10.21 49.90 15.19
N VAL E 25 -10.70 51.14 15.15
CA VAL E 25 -10.01 52.24 15.83
C VAL E 25 -10.47 52.47 17.27
N LYS E 26 -11.64 51.93 17.61
CA LYS E 26 -12.16 52.08 18.97
C LYS E 26 -13.34 51.18 19.23
N MET E 27 -13.47 50.73 20.48
CA MET E 27 -14.57 49.89 20.89
C MET E 27 -14.71 49.99 22.40
N GLN E 28 -15.93 49.93 22.89
CA GLN E 28 -16.17 50.02 24.33
C GLN E 28 -17.43 49.28 24.71
N ASN E 29 -17.40 48.62 25.87
CA ASN E 29 -18.54 47.87 26.36
C ASN E 29 -19.07 48.50 27.63
N PHE E 30 -20.22 49.15 27.52
CA PHE E 30 -20.84 49.80 28.69
C PHE E 30 -21.80 48.82 29.35
N SER E 31 -21.52 48.48 30.61
CA SER E 31 -22.38 47.57 31.36
C SER E 31 -23.39 48.36 32.18
N HIS E 32 -24.60 47.84 32.28
CA HIS E 32 -25.66 48.50 33.02
C HIS E 32 -26.06 47.68 34.25
N SER E 33 -25.81 48.23 35.43
CA SER E 33 -26.14 47.57 36.68
C SER E 33 -27.65 47.34 36.79
N PRO E 34 -28.04 46.17 37.33
CA PRO E 34 -29.46 45.83 37.48
C PRO E 34 -30.20 46.90 38.29
N ASP E 35 -29.45 47.63 39.12
CA ASP E 35 -30.03 48.68 39.95
C ASP E 35 -30.30 49.89 39.05
N GLU E 36 -29.56 49.99 37.96
CA GLU E 36 -29.70 51.09 37.01
C GLU E 36 -30.76 50.72 35.98
N LEU E 37 -30.70 49.49 35.49
CA LEU E 37 -31.67 49.00 34.50
C LEU E 37 -33.05 48.96 35.14
N GLY E 38 -33.09 48.76 36.45
CA GLY E 38 -34.35 48.72 37.17
C GLY E 38 -34.93 50.11 37.31
N ARG E 39 -35.55 50.59 36.24
CA ARG E 39 -36.15 51.92 36.22
C ARG E 39 -36.99 52.03 34.96
N PHE E 40 -36.91 51.00 34.12
CA PHE E 40 -37.66 50.96 32.87
C PHE E 40 -38.60 49.76 32.89
N GLN E 41 -39.88 50.01 32.62
CA GLN E 41 -40.86 48.93 32.61
C GLN E 41 -40.62 47.98 31.43
N LYS E 42 -40.66 48.55 30.24
CA LYS E 42 -40.43 47.78 29.00
C LYS E 42 -39.05 48.09 28.53
N ILE E 43 -38.55 47.34 27.59
CA ILE E 43 -37.21 47.60 27.13
C ILE E 43 -37.11 48.80 26.26
N LEU E 44 -38.14 48.99 25.47
CA LEU E 44 -38.19 50.11 24.61
C LEU E 44 -37.97 51.40 25.41
N ASP E 45 -38.17 51.36 26.72
CA ASP E 45 -37.99 52.55 27.55
C ASP E 45 -36.52 52.91 27.72
N GLN E 46 -35.65 51.93 27.49
CA GLN E 46 -34.21 52.15 27.61
C GLN E 46 -33.64 52.84 26.39
N LEU E 47 -34.43 52.91 25.32
CA LEU E 47 -34.01 53.52 24.06
C LEU E 47 -33.20 54.80 24.24
N GLU E 48 -33.78 55.77 24.93
CA GLU E 48 -33.10 57.03 25.15
C GLU E 48 -31.83 56.84 25.98
N PHE E 49 -31.88 55.93 26.94
CA PHE E 49 -30.73 55.65 27.79
C PHE E 49 -29.53 55.11 26.98
N ARG E 50 -29.79 54.11 26.15
CA ARG E 50 -28.75 53.52 25.32
C ARG E 50 -28.20 54.51 24.30
N GLU E 51 -29.12 55.17 23.59
CA GLU E 51 -28.74 56.15 22.57
C GLU E 51 -27.86 57.26 23.15
N LYS E 52 -28.19 57.71 24.36
CA LYS E 52 -27.42 58.75 25.02
C LYS E 52 -25.97 58.30 25.15
N ILE E 53 -25.78 57.03 25.50
CA ILE E 53 -24.45 56.45 25.66
C ILE E 53 -23.73 56.33 24.32
N ALA E 54 -24.49 56.00 23.28
CA ALA E 54 -23.93 55.86 21.94
C ALA E 54 -23.36 57.19 21.47
N ARG E 55 -24.17 58.23 21.55
CA ARG E 55 -23.77 59.57 21.13
C ARG E 55 -22.45 60.00 21.74
N GLN E 56 -22.37 59.95 23.06
CA GLN E 56 -21.16 60.34 23.78
C GLN E 56 -19.95 59.55 23.27
N PHE E 57 -20.14 58.26 23.05
CA PHE E 57 -19.06 57.40 22.56
C PHE E 57 -18.41 58.08 21.37
N VAL E 58 -19.25 58.56 20.45
CA VAL E 58 -18.77 59.23 19.24
C VAL E 58 -18.24 60.62 19.55
N GLU E 59 -18.97 61.36 20.38
CA GLU E 59 -18.55 62.70 20.75
C GLU E 59 -17.13 62.69 21.32
N GLU E 60 -16.91 61.86 22.34
CA GLU E 60 -15.59 61.77 22.95
C GLU E 60 -14.49 61.64 21.90
N THR E 61 -14.68 60.74 20.93
CA THR E 61 -13.67 60.52 19.89
C THR E 61 -13.36 61.75 19.05
N GLY E 62 -14.17 62.81 19.21
CA GLY E 62 -13.92 64.00 18.42
C GLY E 62 -14.70 63.96 17.12
N TYR E 63 -14.95 62.76 16.60
CA TYR E 63 -15.71 62.61 15.37
C TYR E 63 -17.14 63.05 15.64
N SER E 64 -17.92 63.24 14.59
CA SER E 64 -19.30 63.64 14.73
C SER E 64 -20.15 62.66 13.94
N LEU E 65 -21.39 62.45 14.36
CA LEU E 65 -22.28 61.51 13.67
C LEU E 65 -22.26 61.72 12.15
N SER E 66 -21.80 62.89 11.71
CA SER E 66 -21.77 63.23 10.30
C SER E 66 -20.45 62.80 9.65
N SER E 67 -19.51 62.27 10.41
CA SER E 67 -18.24 61.83 9.87
C SER E 67 -18.20 60.33 9.66
N PHE E 68 -19.37 59.72 9.57
CA PHE E 68 -19.47 58.27 9.35
C PHE E 68 -20.08 57.94 7.99
N SER E 69 -19.73 56.77 7.46
CA SER E 69 -20.23 56.31 6.18
C SER E 69 -21.48 55.45 6.36
N ALA E 70 -21.67 54.91 7.57
CA ALA E 70 -22.84 54.09 7.85
C ALA E 70 -22.93 53.66 9.31
N PHE E 71 -24.14 53.35 9.76
CA PHE E 71 -24.36 52.90 11.13
C PHE E 71 -24.90 51.47 11.04
N VAL E 72 -24.31 50.56 11.80
CA VAL E 72 -24.74 49.17 11.77
C VAL E 72 -25.02 48.62 13.16
N SER E 73 -26.10 47.86 13.27
CA SER E 73 -26.46 47.26 14.55
C SER E 73 -26.87 45.82 14.35
N ARG E 74 -27.07 45.12 15.46
CA ARG E 74 -27.48 43.72 15.40
C ARG E 74 -28.96 43.68 15.05
N GLY E 75 -29.38 42.63 14.36
CA GLY E 75 -30.78 42.50 13.99
C GLY E 75 -31.61 42.12 15.19
N GLY E 76 -32.73 42.81 15.37
CA GLY E 76 -33.60 42.53 16.51
C GLY E 76 -34.56 41.39 16.25
N LEU E 77 -35.68 41.38 16.98
CA LEU E 77 -36.68 40.34 16.83
C LEU E 77 -37.63 40.63 15.68
N LEU E 78 -37.07 40.83 14.49
CA LEU E 78 -37.86 41.11 13.31
C LEU E 78 -38.64 39.86 12.90
N ASP E 79 -39.33 39.93 11.77
CA ASP E 79 -40.08 38.78 11.26
C ASP E 79 -39.13 37.93 10.43
N PRO E 80 -39.40 36.62 10.35
CA PRO E 80 -38.56 35.69 9.59
C PRO E 80 -38.10 36.24 8.25
N ILE E 81 -36.79 36.18 8.01
CA ILE E 81 -36.20 36.67 6.77
C ILE E 81 -34.90 35.93 6.49
N PRO E 82 -34.41 36.00 5.24
CA PRO E 82 -33.16 35.33 4.88
C PRO E 82 -31.99 36.02 5.60
N GLY E 83 -30.77 35.66 5.21
CA GLY E 83 -29.61 36.27 5.82
C GLY E 83 -29.13 37.39 4.92
N GLY E 84 -28.23 38.23 5.41
CA GLY E 84 -27.73 39.33 4.60
C GLY E 84 -27.73 40.65 5.32
N VAL E 85 -27.41 41.72 4.58
CA VAL E 85 -27.37 43.06 5.15
C VAL E 85 -28.60 43.84 4.68
N TYR E 86 -29.47 44.20 5.62
CA TYR E 86 -30.69 44.93 5.29
C TYR E 86 -30.62 46.41 5.65
N LEU E 87 -31.39 47.21 4.91
CA LEU E 87 -31.47 48.64 5.17
C LEU E 87 -32.60 48.85 6.16
N VAL E 88 -32.32 49.58 7.23
CA VAL E 88 -33.33 49.83 8.26
C VAL E 88 -34.44 50.73 7.70
N ASP E 89 -35.55 50.11 7.31
CA ASP E 89 -36.68 50.87 6.78
C ASP E 89 -37.83 50.98 7.77
N GLY E 90 -38.78 51.84 7.46
CA GLY E 90 -39.94 52.07 8.32
C GLY E 90 -40.56 50.81 8.89
N LEU E 91 -40.89 49.85 8.03
CA LEU E 91 -41.51 48.61 8.47
C LEU E 91 -40.65 47.93 9.56
N MET E 92 -39.33 47.94 9.34
CA MET E 92 -38.41 47.29 10.31
C MET E 92 -38.41 47.97 11.64
N ILE E 93 -38.87 49.17 11.70
CA ILE E 93 -38.83 49.83 12.96
C ILE E 93 -40.21 49.83 13.56
N LYS E 94 -41.16 49.79 12.69
CA LYS E 94 -42.50 49.73 13.16
C LYS E 94 -42.61 48.39 13.90
N THR E 95 -41.95 47.38 13.36
CA THR E 95 -42.01 46.04 13.94
C THR E 95 -41.27 45.96 15.28
N LEU E 96 -40.05 46.51 15.32
CA LEU E 96 -39.24 46.49 16.54
C LEU E 96 -39.84 47.26 17.70
N LYS E 97 -40.46 48.41 17.42
CA LYS E 97 -41.06 49.23 18.47
C LYS E 97 -42.28 48.54 19.08
N SER E 98 -43.09 47.92 18.23
CA SER E 98 -44.29 47.23 18.69
C SER E 98 -43.94 46.03 19.56
N GLY E 99 -42.80 45.40 19.30
CA GLY E 99 -42.40 44.24 20.07
C GLY E 99 -43.34 43.07 19.82
N LYS E 100 -43.94 43.05 18.64
CA LYS E 100 -44.87 42.00 18.26
C LYS E 100 -44.27 40.61 18.43
N ASN E 101 -43.00 40.47 18.05
CA ASN E 101 -42.32 39.20 18.14
C ASN E 101 -41.48 39.05 19.41
N GLY E 102 -41.80 39.82 20.44
CA GLY E 102 -41.05 39.73 21.69
C GLY E 102 -40.18 40.96 21.96
N GLU E 103 -39.85 41.17 23.23
CA GLU E 103 -39.02 42.30 23.63
C GLU E 103 -37.63 41.87 24.04
N HIS E 104 -36.61 42.61 23.60
CA HIS E 104 -35.22 42.31 23.91
C HIS E 104 -34.35 43.50 23.54
N ALA E 105 -33.37 43.80 24.40
CA ALA E 105 -32.46 44.93 24.18
C ALA E 105 -31.94 45.01 22.75
N SER E 106 -31.88 43.87 22.08
CA SER E 106 -31.40 43.81 20.71
C SER E 106 -32.24 44.66 19.76
N ASN E 107 -33.53 44.79 20.07
CA ASN E 107 -34.45 45.57 19.24
C ASN E 107 -34.10 47.05 19.17
N LEU E 108 -33.48 47.55 20.22
CA LEU E 108 -33.10 48.97 20.29
C LEU E 108 -32.05 49.31 19.23
N GLY E 109 -31.15 48.36 18.98
CA GLY E 109 -30.10 48.57 18.01
C GLY E 109 -30.49 49.28 16.73
N ALA E 110 -31.35 48.64 15.94
CA ALA E 110 -31.79 49.21 14.66
C ALA E 110 -32.43 50.58 14.79
N ILE E 111 -33.19 50.79 15.87
CA ILE E 111 -33.84 52.07 16.10
C ILE E 111 -32.83 53.19 16.32
N ILE E 112 -31.80 52.93 17.12
CA ILE E 112 -30.77 53.93 17.38
C ILE E 112 -30.00 54.24 16.09
N ALA E 113 -29.65 53.20 15.35
CA ALA E 113 -28.93 53.37 14.10
C ALA E 113 -29.78 54.18 13.13
N HIS E 114 -31.09 54.00 13.18
CA HIS E 114 -32.00 54.71 12.29
C HIS E 114 -32.00 56.21 12.53
N ARG E 115 -32.11 56.60 13.80
CA ARG E 115 -32.13 58.02 14.15
C ARG E 115 -30.85 58.72 13.68
N PHE E 116 -29.70 58.19 14.07
CA PHE E 116 -28.43 58.76 13.64
C PHE E 116 -28.45 58.92 12.13
N SER E 117 -29.09 57.96 11.46
CA SER E 117 -29.18 57.98 10.01
C SER E 117 -30.02 59.16 9.55
N SER E 118 -31.21 59.30 10.13
CA SER E 118 -32.10 60.39 9.77
C SER E 118 -31.65 61.74 10.32
N GLU E 119 -30.43 61.79 10.84
CA GLU E 119 -29.87 63.03 11.38
C GLU E 119 -28.66 63.46 10.57
N THR E 120 -28.06 62.49 9.87
CA THR E 120 -26.87 62.75 9.09
C THR E 120 -27.05 62.39 7.62
N GLY E 121 -28.11 61.66 7.32
CA GLY E 121 -28.35 61.27 5.95
C GLY E 121 -27.41 60.13 5.56
N VAL E 122 -26.98 59.37 6.55
CA VAL E 122 -26.08 58.24 6.34
C VAL E 122 -26.84 56.93 6.50
N PRO E 123 -26.52 55.92 5.67
CA PRO E 123 -27.18 54.62 5.71
C PRO E 123 -27.13 53.93 7.06
N ALA E 124 -28.19 53.20 7.37
CA ALA E 124 -28.30 52.45 8.62
C ALA E 124 -28.63 51.01 8.24
N TYR E 125 -27.76 50.08 8.64
CA TYR E 125 -27.96 48.68 8.33
C TYR E 125 -28.05 47.76 9.54
N VAL E 126 -28.44 46.52 9.29
CA VAL E 126 -28.54 45.47 10.30
C VAL E 126 -28.04 44.22 9.61
N VAL E 127 -27.28 43.39 10.33
CA VAL E 127 -26.75 42.18 9.73
C VAL E 127 -27.29 40.90 10.38
N ASP E 128 -27.54 39.90 9.54
CA ASP E 128 -28.06 38.59 9.96
C ASP E 128 -28.78 38.57 11.30
N PRO E 129 -30.02 39.11 11.34
CA PRO E 129 -30.82 39.16 12.57
C PRO E 129 -30.91 37.78 13.22
N VAL E 130 -31.27 37.73 14.49
CA VAL E 130 -31.37 36.45 15.20
C VAL E 130 -32.61 35.65 14.75
N VAL E 131 -33.30 36.14 13.73
CA VAL E 131 -34.50 35.47 13.24
C VAL E 131 -34.44 35.03 11.78
N VAL E 132 -33.23 34.87 11.26
CA VAL E 132 -33.08 34.44 9.87
C VAL E 132 -33.60 33.01 9.67
N ASP E 133 -34.44 32.82 8.66
CA ASP E 133 -35.00 31.49 8.37
C ASP E 133 -34.86 31.13 6.89
N GLU E 134 -33.92 30.23 6.61
CA GLU E 134 -33.67 29.80 5.23
C GLU E 134 -33.80 28.27 5.14
N MET E 135 -34.58 27.69 6.04
CA MET E 135 -34.75 26.25 6.07
C MET E 135 -35.81 25.67 5.12
N GLU E 136 -35.71 24.36 4.91
CA GLU E 136 -36.64 23.62 4.05
C GLU E 136 -37.95 23.36 4.78
N ASP E 137 -39.03 23.25 4.03
CA ASP E 137 -40.33 23.02 4.63
C ASP E 137 -40.30 21.74 5.44
N VAL E 138 -39.66 20.70 4.91
CA VAL E 138 -39.58 19.43 5.60
C VAL E 138 -39.13 19.63 7.04
N ALA E 139 -38.26 20.62 7.25
CA ALA E 139 -37.72 20.91 8.58
C ALA E 139 -38.69 21.69 9.46
N ARG E 140 -39.80 22.14 8.89
CA ARG E 140 -40.78 22.90 9.66
C ARG E 140 -41.79 22.05 10.43
N VAL E 141 -42.10 20.87 9.91
CA VAL E 141 -43.05 19.99 10.58
C VAL E 141 -42.45 19.57 11.90
N SER E 142 -43.22 19.73 12.98
CA SER E 142 -42.76 19.40 14.32
C SER E 142 -43.32 18.08 14.87
N GLY E 143 -44.43 17.63 14.31
CA GLY E 143 -45.04 16.40 14.79
C GLY E 143 -46.41 16.70 15.38
N HIS E 144 -46.72 17.98 15.47
CA HIS E 144 -48.02 18.43 15.98
C HIS E 144 -48.44 19.62 15.10
N PRO E 145 -49.59 19.49 14.42
CA PRO E 145 -50.17 20.50 13.52
C PRO E 145 -50.09 21.96 14.00
N ASN E 146 -50.31 22.17 15.30
CA ASN E 146 -50.32 23.51 15.90
C ASN E 146 -48.94 24.17 16.12
N TYR E 147 -47.93 23.37 16.43
CA TYR E 147 -46.56 23.83 16.57
C TYR E 147 -45.77 23.76 15.26
N GLN E 148 -44.77 24.64 15.14
CA GLN E 148 -43.93 24.68 13.95
C GLN E 148 -42.50 25.05 14.36
N ARG E 149 -41.53 24.31 13.82
CA ARG E 149 -40.13 24.56 14.15
C ARG E 149 -39.70 25.92 13.62
N LYS E 150 -39.28 26.81 14.52
CA LYS E 150 -38.84 28.15 14.12
C LYS E 150 -37.34 28.22 14.01
N SER E 151 -36.87 29.01 13.04
CA SER E 151 -35.44 29.20 12.82
C SER E 151 -34.96 30.41 13.62
N ILE E 152 -34.46 30.16 14.83
CA ILE E 152 -33.96 31.21 15.71
C ILE E 152 -32.58 30.81 16.22
N PHE E 153 -31.54 31.35 15.59
CA PHE E 153 -30.17 31.03 15.97
C PHE E 153 -29.24 32.24 15.86
N HIS E 154 -27.94 31.99 15.99
CA HIS E 154 -26.95 33.04 15.89
C HIS E 154 -26.58 33.23 14.43
N ALA E 155 -27.57 33.63 13.63
CA ALA E 155 -27.38 33.85 12.20
C ALA E 155 -26.15 34.69 11.89
N LEU E 156 -25.96 35.76 12.66
CA LEU E 156 -24.83 36.66 12.45
C LEU E 156 -23.49 35.95 12.42
N ASN E 157 -23.09 35.40 13.57
CA ASN E 157 -21.83 34.68 13.66
C ASN E 157 -21.79 33.48 12.71
N GLN E 158 -22.87 32.70 12.69
CA GLN E 158 -22.97 31.52 11.83
C GLN E 158 -22.56 31.85 10.40
N LYS E 159 -23.28 32.80 9.80
CA LYS E 159 -23.00 33.22 8.43
C LYS E 159 -21.58 33.73 8.27
N THR E 160 -21.09 34.45 9.27
CA THR E 160 -19.74 35.00 9.24
C THR E 160 -18.66 33.93 9.25
N VAL E 161 -18.64 33.10 10.29
CA VAL E 161 -17.63 32.04 10.37
C VAL E 161 -17.71 31.11 9.15
N ALA E 162 -18.93 30.83 8.70
CA ALA E 162 -19.13 29.96 7.55
C ALA E 162 -18.44 30.55 6.33
N LYS E 163 -18.60 31.85 6.12
CA LYS E 163 -17.99 32.52 4.98
C LYS E 163 -16.48 32.62 5.13
N GLU E 164 -16.01 32.68 6.37
CA GLU E 164 -14.58 32.76 6.65
C GLU E 164 -13.94 31.44 6.30
N VAL E 165 -14.67 30.37 6.56
CA VAL E 165 -14.16 29.02 6.33
C VAL E 165 -13.98 28.82 4.83
N ALA E 166 -14.98 29.26 4.07
CA ALA E 166 -14.93 29.15 2.61
C ALA E 166 -13.82 30.05 2.08
N ARG E 167 -13.76 31.27 2.62
CA ARG E 167 -12.76 32.24 2.24
C ARG E 167 -11.37 31.67 2.47
N MET E 168 -11.16 31.14 3.67
CA MET E 168 -9.89 30.55 4.08
C MET E 168 -9.37 29.49 3.12
N MET E 169 -10.24 28.97 2.26
CA MET E 169 -9.83 27.94 1.32
C MET E 169 -10.12 28.27 -0.13
N ASN E 170 -10.10 29.56 -0.45
CA ASN E 170 -10.35 30.02 -1.82
C ASN E 170 -11.58 29.34 -2.43
N LYS E 171 -12.68 29.34 -1.69
CA LYS E 171 -13.93 28.74 -2.15
C LYS E 171 -15.10 29.67 -1.86
N ARG E 172 -16.28 29.31 -2.38
CA ARG E 172 -17.47 30.12 -2.17
C ARG E 172 -18.41 29.47 -1.16
N TYR E 173 -18.94 30.29 -0.25
CA TYR E 173 -19.86 29.82 0.77
C TYR E 173 -21.03 29.07 0.16
N GLU E 174 -21.45 29.51 -1.02
CA GLU E 174 -22.59 28.91 -1.73
C GLU E 174 -22.30 27.52 -2.27
N GLU E 175 -21.03 27.18 -2.43
CA GLU E 175 -20.67 25.86 -2.96
C GLU E 175 -20.06 24.95 -1.91
N MET E 176 -20.57 25.03 -0.70
CA MET E 176 -20.07 24.19 0.39
C MET E 176 -21.18 23.75 1.33
N ASN E 177 -20.99 22.61 1.96
CA ASN E 177 -21.94 22.08 2.94
C ASN E 177 -21.19 22.05 4.26
N LEU E 178 -21.75 22.72 5.26
CA LEU E 178 -21.10 22.79 6.56
C LEU E 178 -22.07 22.56 7.71
N VAL E 179 -21.52 22.13 8.83
CA VAL E 179 -22.31 21.93 10.03
C VAL E 179 -21.63 22.82 11.03
N VAL E 180 -22.24 23.97 11.28
CA VAL E 180 -21.70 24.95 12.21
C VAL E 180 -22.39 24.90 13.56
N ALA E 181 -21.59 24.93 14.63
CA ALA E 181 -22.14 24.88 15.97
C ALA E 181 -21.67 26.05 16.82
N HIS E 182 -22.57 27.01 17.05
CA HIS E 182 -22.24 28.17 17.87
C HIS E 182 -22.52 27.80 19.32
N MET E 183 -21.46 27.74 20.13
CA MET E 183 -21.59 27.35 21.53
C MET E 183 -21.33 28.50 22.50
N GLY E 184 -22.40 29.11 22.98
CA GLY E 184 -22.27 30.21 23.94
C GLY E 184 -23.38 30.13 24.97
N GLY E 185 -23.83 31.28 25.45
CA GLY E 185 -24.92 31.28 26.42
C GLY E 185 -26.05 30.47 25.81
N GLY E 186 -26.18 30.61 24.50
CA GLY E 186 -27.18 29.88 23.75
C GLY E 186 -26.41 29.00 22.77
N ILE E 187 -26.96 27.85 22.43
CA ILE E 187 -26.28 26.96 21.50
C ILE E 187 -27.12 26.69 20.27
N SER E 188 -26.49 26.75 19.09
CA SER E 188 -27.20 26.54 17.86
C SER E 188 -26.34 25.73 16.88
N ILE E 189 -26.87 24.60 16.54
CA ILE E 189 -26.26 23.72 15.63
C ILE E 189 -27.05 23.78 14.28
N ALA E 190 -26.44 24.31 13.21
CA ALA E 190 -27.10 24.43 11.90
C ALA E 190 -26.39 23.69 10.77
N ALA E 191 -27.17 23.30 9.76
CA ALA E 191 -26.63 22.59 8.61
C ALA E 191 -26.69 23.56 7.44
N HIS E 192 -25.53 23.96 6.94
CA HIS E 192 -25.46 24.87 5.82
C HIS E 192 -25.27 24.09 4.54
N ARG E 193 -26.28 24.11 3.68
CA ARG E 193 -26.19 23.41 2.41
C ARG E 193 -26.12 24.44 1.29
N LYS E 194 -24.95 24.57 0.68
CA LYS E 194 -24.76 25.51 -0.41
C LYS E 194 -25.17 26.93 -0.02
N GLY E 195 -24.64 27.42 1.10
CA GLY E 195 -24.93 28.77 1.55
C GLY E 195 -26.33 29.04 2.07
N ARG E 196 -27.04 27.98 2.44
CA ARG E 196 -28.40 28.14 2.96
C ARG E 196 -28.61 27.29 4.22
N VAL E 197 -28.94 27.93 5.33
CA VAL E 197 -29.16 27.23 6.59
C VAL E 197 -30.49 26.49 6.53
N ILE E 198 -30.49 25.37 5.80
CA ILE E 198 -31.68 24.56 5.60
C ILE E 198 -32.30 23.96 6.87
N ASP E 199 -31.57 24.04 7.99
CA ASP E 199 -32.09 23.51 9.25
C ASP E 199 -31.23 23.96 10.43
N VAL E 200 -31.88 24.13 11.58
CA VAL E 200 -31.22 24.56 12.81
C VAL E 200 -32.23 24.48 13.93
N ASN E 201 -31.76 24.43 15.17
CA ASN E 201 -32.66 24.35 16.32
C ASN E 201 -33.10 25.74 16.75
N ASN E 202 -34.04 25.78 17.68
CA ASN E 202 -34.54 27.05 18.21
C ASN E 202 -33.75 27.35 19.48
N ALA E 203 -32.71 28.16 19.33
CA ALA E 203 -31.84 28.53 20.44
C ALA E 203 -32.49 29.33 21.57
N LEU E 204 -33.79 29.55 21.49
CA LEU E 204 -34.48 30.32 22.53
C LEU E 204 -35.63 29.57 23.20
N ASP E 205 -36.56 29.06 22.41
CA ASP E 205 -37.71 28.35 22.93
C ASP E 205 -37.40 26.97 23.52
N GLY E 206 -36.22 26.83 24.12
CA GLY E 206 -35.83 25.57 24.72
C GLY E 206 -35.86 24.38 23.77
N ASP E 207 -34.92 24.35 22.84
CA ASP E 207 -34.83 23.27 21.86
C ASP E 207 -33.37 23.01 21.53
N GLY E 208 -32.94 21.77 21.70
CA GLY E 208 -31.56 21.42 21.41
C GLY E 208 -30.82 21.03 22.67
N PRO E 209 -29.48 20.96 22.62
CA PRO E 209 -28.70 20.58 23.80
C PRO E 209 -28.77 21.69 24.85
N PHE E 210 -28.49 21.33 26.11
CA PHE E 210 -28.53 22.33 27.18
C PHE E 210 -27.26 23.16 27.20
N THR E 211 -27.44 24.47 27.24
CA THR E 211 -26.34 25.42 27.25
C THR E 211 -25.86 25.64 28.68
N PRO E 212 -24.87 26.52 28.88
CA PRO E 212 -24.39 26.78 30.23
C PRO E 212 -25.44 27.46 31.10
N GLU E 213 -26.52 27.92 30.48
CA GLU E 213 -27.59 28.59 31.21
C GLU E 213 -28.99 28.29 30.68
N ARG E 214 -29.14 27.18 29.97
CA ARG E 214 -30.43 26.76 29.42
C ARG E 214 -30.60 25.25 29.51
N SER E 215 -31.85 24.80 29.66
CA SER E 215 -32.15 23.39 29.78
C SER E 215 -32.29 22.67 28.44
N GLY E 216 -32.41 23.44 27.37
CA GLY E 216 -32.55 22.85 26.05
C GLY E 216 -33.88 22.11 25.90
N THR E 217 -33.80 20.83 25.53
CA THR E 217 -35.00 20.03 25.35
C THR E 217 -35.25 19.08 26.51
N LEU E 218 -36.52 18.83 26.80
CA LEU E 218 -36.92 17.94 27.88
C LEU E 218 -38.20 17.21 27.47
N PRO E 219 -38.37 15.95 27.91
CA PRO E 219 -39.54 15.15 27.59
C PRO E 219 -40.87 15.88 27.81
N LEU E 220 -41.79 15.70 26.87
CA LEU E 220 -43.09 16.35 26.94
C LEU E 220 -43.91 15.93 28.16
N THR E 221 -44.15 14.63 28.31
CA THR E 221 -44.93 14.13 29.44
C THR E 221 -44.38 14.58 30.79
N GLN E 222 -43.05 14.61 30.90
CA GLN E 222 -42.42 15.04 32.15
C GLN E 222 -42.64 16.52 32.42
N LEU E 223 -42.93 17.28 31.37
CA LEU E 223 -43.15 18.72 31.52
C LEU E 223 -44.63 19.03 31.74
N VAL E 224 -45.47 18.60 30.81
CA VAL E 224 -46.91 18.84 30.90
C VAL E 224 -47.45 18.35 32.24
N ASP E 225 -46.75 17.42 32.86
CA ASP E 225 -47.14 16.87 34.14
C ASP E 225 -46.75 17.81 35.28
N LEU E 226 -45.45 18.09 35.39
CA LEU E 226 -44.95 18.98 36.44
C LEU E 226 -45.19 20.45 36.08
N CYS E 227 -46.07 20.69 35.13
CA CYS E 227 -46.40 22.05 34.70
C CYS E 227 -47.62 22.55 35.47
N PHE E 228 -48.54 21.64 35.74
CA PHE E 228 -49.76 21.97 36.47
C PHE E 228 -49.54 21.75 37.96
N SER E 229 -48.72 20.74 38.29
CA SER E 229 -48.42 20.42 39.67
C SER E 229 -47.11 21.07 40.13
N GLY E 230 -47.20 21.86 41.20
CA GLY E 230 -46.02 22.54 41.71
C GLY E 230 -46.05 24.03 41.42
N LYS E 231 -44.90 24.59 41.05
CA LYS E 231 -44.81 26.01 40.72
C LYS E 231 -45.67 26.35 39.51
N PHE E 232 -46.89 26.80 39.77
CA PHE E 232 -47.82 27.16 38.71
C PHE E 232 -47.41 28.50 38.10
N THR E 233 -46.22 28.97 38.48
CA THR E 233 -45.69 30.24 37.99
C THR E 233 -45.66 30.31 36.46
N TYR E 234 -46.65 30.98 35.89
CA TYR E 234 -46.75 31.13 34.45
C TYR E 234 -45.52 31.81 33.88
N GLU E 235 -44.91 32.69 34.68
CA GLU E 235 -43.73 33.44 34.25
C GLU E 235 -42.40 32.80 34.67
N GLU E 236 -42.26 32.54 35.97
CA GLU E 236 -41.03 31.96 36.50
C GLU E 236 -40.61 30.72 35.72
N MET E 237 -41.55 29.83 35.45
CA MET E 237 -41.26 28.60 34.71
C MET E 237 -40.67 28.95 33.34
N LYS E 238 -41.15 30.02 32.73
CA LYS E 238 -40.66 30.45 31.42
C LYS E 238 -39.19 30.85 31.53
N LYS E 239 -38.73 31.09 32.75
CA LYS E 239 -37.35 31.47 33.00
C LYS E 239 -36.49 30.26 33.32
N ARG E 240 -37.14 29.19 33.78
CA ARG E 240 -36.45 27.95 34.12
C ARG E 240 -36.01 27.21 32.87
N ILE E 241 -36.49 27.69 31.72
CA ILE E 241 -36.17 27.09 30.43
C ILE E 241 -35.01 27.81 29.78
N VAL E 242 -35.12 29.14 29.70
CA VAL E 242 -34.08 29.96 29.10
C VAL E 242 -33.57 31.02 30.06
N GLY E 243 -32.71 30.62 30.98
CA GLY E 243 -32.16 31.55 31.94
C GLY E 243 -31.59 30.92 33.20
N ASN E 244 -31.94 29.67 33.46
CA ASN E 244 -31.46 28.98 34.66
C ASN E 244 -31.41 27.46 34.50
N GLY E 245 -31.26 27.00 33.27
CA GLY E 245 -31.19 25.57 33.03
C GLY E 245 -29.76 25.13 32.83
N GLY E 246 -29.57 23.92 32.31
CA GLY E 246 -28.23 23.42 32.07
C GLY E 246 -27.24 23.60 33.21
N LEU E 247 -25.97 23.68 32.84
CA LEU E 247 -24.87 23.83 33.79
C LEU E 247 -25.16 24.73 34.99
N VAL E 248 -25.71 25.91 34.74
CA VAL E 248 -26.00 26.84 35.81
C VAL E 248 -26.91 26.25 36.89
N ALA E 249 -27.78 25.32 36.49
CA ALA E 249 -28.70 24.69 37.42
C ALA E 249 -28.11 23.44 38.09
N TYR E 250 -26.95 23.00 37.63
CA TYR E 250 -26.32 21.81 38.22
C TYR E 250 -25.12 22.15 39.10
N LEU E 251 -24.20 22.94 38.57
CA LEU E 251 -23.00 23.32 39.29
C LEU E 251 -23.16 24.65 40.02
N GLY E 252 -24.24 25.36 39.72
CA GLY E 252 -24.48 26.64 40.37
C GLY E 252 -23.88 27.78 39.56
N THR E 253 -22.76 27.51 38.91
CA THR E 253 -22.10 28.53 38.10
C THR E 253 -22.57 28.45 36.66
N SER E 254 -22.29 29.52 35.91
CA SER E 254 -22.65 29.59 34.51
C SER E 254 -21.40 30.00 33.75
N ASP E 255 -20.26 29.82 34.40
CA ASP E 255 -18.97 30.18 33.82
C ASP E 255 -18.13 28.95 33.49
N ALA E 256 -17.97 28.69 32.19
CA ALA E 256 -17.19 27.55 31.71
C ALA E 256 -15.81 27.52 32.34
N ARG E 257 -15.07 28.63 32.23
CA ARG E 257 -13.73 28.71 32.78
C ARG E 257 -13.72 28.23 34.23
N GLU E 258 -14.82 28.49 34.94
CA GLU E 258 -14.97 28.06 36.32
C GLU E 258 -15.07 26.54 36.36
N VAL E 259 -16.06 26.00 35.66
CA VAL E 259 -16.28 24.55 35.59
C VAL E 259 -14.98 23.80 35.36
N VAL E 260 -14.26 24.18 34.31
CA VAL E 260 -12.99 23.56 33.96
C VAL E 260 -12.08 23.46 35.18
N ARG E 261 -12.18 24.44 36.07
CA ARG E 261 -11.36 24.45 37.28
C ARG E 261 -11.77 23.33 38.23
N ARG E 262 -13.04 23.33 38.63
CA ARG E 262 -13.55 22.30 39.53
C ARG E 262 -13.17 20.93 38.97
N ILE E 263 -13.36 20.75 37.67
CA ILE E 263 -13.03 19.48 37.01
C ILE E 263 -11.57 19.14 37.26
N LYS E 264 -10.70 20.14 37.12
CA LYS E 264 -9.27 19.96 37.34
C LYS E 264 -8.99 19.56 38.78
N GLN E 265 -9.55 20.30 39.72
CA GLN E 265 -9.35 20.02 41.13
C GLN E 265 -9.76 18.60 41.48
N GLY E 266 -10.91 18.17 40.96
CA GLY E 266 -11.38 16.82 41.23
C GLY E 266 -12.89 16.70 41.31
N ASP E 267 -13.58 17.85 41.22
CA ASP E 267 -15.04 17.85 41.27
C ASP E 267 -15.56 16.87 40.24
N GLU E 268 -15.99 15.71 40.70
CA GLU E 268 -16.48 14.66 39.81
C GLU E 268 -17.85 15.01 39.23
N TRP E 269 -18.72 15.59 40.04
CA TRP E 269 -20.05 15.97 39.60
C TRP E 269 -20.01 17.00 38.50
N ALA E 270 -19.03 17.90 38.56
CA ALA E 270 -18.88 18.95 37.56
C ALA E 270 -18.44 18.34 36.23
N LYS E 271 -17.48 17.42 36.30
CA LYS E 271 -16.99 16.76 35.09
C LYS E 271 -18.11 15.99 34.41
N ARG E 272 -19.05 15.50 35.20
CA ARG E 272 -20.18 14.74 34.68
C ARG E 272 -21.10 15.60 33.82
N VAL E 273 -21.73 16.60 34.45
CA VAL E 273 -22.64 17.49 33.75
C VAL E 273 -22.00 18.19 32.55
N TYR E 274 -20.75 18.62 32.71
CA TYR E 274 -20.04 19.31 31.64
C TYR E 274 -19.83 18.35 30.47
N ARG E 275 -19.34 17.16 30.78
CA ARG E 275 -19.09 16.15 29.76
C ARG E 275 -20.40 15.78 29.07
N ALA E 276 -21.51 15.94 29.78
CA ALA E 276 -22.83 15.63 29.24
C ALA E 276 -23.27 16.70 28.23
N MET E 277 -22.81 17.93 28.45
CA MET E 277 -23.16 19.02 27.55
C MET E 277 -22.43 18.84 26.23
N ALA E 278 -21.18 18.39 26.29
CA ALA E 278 -20.42 18.16 25.07
C ALA E 278 -21.09 17.01 24.33
N TYR E 279 -21.49 16.01 25.10
CA TYR E 279 -22.16 14.83 24.59
C TYR E 279 -23.38 15.23 23.74
N GLN E 280 -24.23 16.09 24.30
CA GLN E 280 -25.41 16.54 23.58
C GLN E 280 -25.05 17.35 22.33
N ILE E 281 -24.08 18.26 22.46
CA ILE E 281 -23.67 19.08 21.33
C ILE E 281 -23.23 18.16 20.18
N ALA E 282 -22.51 17.10 20.51
CA ALA E 282 -22.04 16.16 19.50
C ALA E 282 -23.24 15.48 18.84
N LYS E 283 -24.18 15.01 19.64
CA LYS E 283 -25.36 14.35 19.12
C LYS E 283 -26.13 15.21 18.11
N TRP E 284 -26.19 16.52 18.36
CA TRP E 284 -26.88 17.41 17.45
C TRP E 284 -26.07 17.63 16.17
N ILE E 285 -24.75 17.65 16.28
CA ILE E 285 -23.93 17.84 15.11
C ILE E 285 -24.22 16.65 14.20
N GLY E 286 -24.27 15.46 14.79
CA GLY E 286 -24.57 14.26 14.04
C GLY E 286 -25.97 14.35 13.47
N LYS E 287 -26.85 15.02 14.21
CA LYS E 287 -28.22 15.19 13.78
C LYS E 287 -28.24 15.98 12.48
N MET E 288 -27.54 17.11 12.45
CA MET E 288 -27.47 17.95 11.27
C MET E 288 -26.70 17.27 10.14
N ALA E 289 -25.77 16.39 10.51
CA ALA E 289 -24.99 15.66 9.52
C ALA E 289 -25.94 14.78 8.68
N ALA E 290 -26.95 14.23 9.34
CA ALA E 290 -27.92 13.38 8.66
C ALA E 290 -28.74 14.21 7.68
N VAL E 291 -28.99 15.47 8.05
CA VAL E 291 -29.75 16.38 7.20
C VAL E 291 -29.02 16.60 5.90
N LEU E 292 -27.69 16.68 5.97
CA LEU E 292 -26.88 16.88 4.78
C LEU E 292 -26.49 15.58 4.11
N LYS E 293 -27.06 14.47 4.59
CA LYS E 293 -26.79 13.15 4.02
C LYS E 293 -25.30 12.78 4.00
N GLY E 294 -24.55 13.29 4.98
CA GLY E 294 -23.12 12.99 5.02
C GLY E 294 -22.30 13.91 4.15
N GLU E 295 -22.96 14.60 3.23
CA GLU E 295 -22.30 15.54 2.33
C GLU E 295 -21.82 16.72 3.17
N VAL E 296 -20.75 16.52 3.93
CA VAL E 296 -20.24 17.57 4.80
C VAL E 296 -18.76 17.85 4.57
N ASP E 297 -18.46 19.10 4.20
CA ASP E 297 -17.08 19.53 3.96
C ASP E 297 -16.31 19.65 5.26
N PHE E 298 -16.89 20.40 6.20
CA PHE E 298 -16.27 20.59 7.50
C PHE E 298 -17.31 20.78 8.60
N ILE E 299 -16.87 20.56 9.83
CA ILE E 299 -17.71 20.76 11.01
C ILE E 299 -17.02 21.91 11.70
N VAL E 300 -17.72 23.04 11.82
CA VAL E 300 -17.14 24.22 12.44
C VAL E 300 -17.66 24.47 13.85
N LEU E 301 -16.75 24.53 14.82
CA LEU E 301 -17.08 24.80 16.21
C LEU E 301 -16.71 26.25 16.48
N THR E 302 -17.72 27.10 16.70
CA THR E 302 -17.48 28.51 16.97
C THR E 302 -18.20 28.92 18.24
N GLY E 303 -18.13 30.20 18.58
CA GLY E 303 -18.78 30.68 19.78
C GLY E 303 -17.82 30.80 20.94
N GLY E 304 -18.32 31.33 22.07
CA GLY E 304 -17.48 31.50 23.24
C GLY E 304 -16.88 30.22 23.81
N LEU E 305 -17.70 29.18 23.94
CA LEU E 305 -17.23 27.92 24.48
C LEU E 305 -16.11 27.31 23.63
N ALA E 306 -16.06 27.71 22.35
CA ALA E 306 -15.04 27.19 21.45
C ALA E 306 -13.65 27.42 22.00
N HIS E 307 -13.54 28.28 23.00
CA HIS E 307 -12.26 28.59 23.62
C HIS E 307 -11.76 27.47 24.52
N GLU E 308 -12.68 26.86 25.28
CA GLU E 308 -12.32 25.76 26.18
C GLU E 308 -11.80 24.60 25.34
N LYS E 309 -10.49 24.57 25.12
CA LYS E 309 -9.85 23.53 24.31
C LYS E 309 -9.22 22.39 25.12
N GLU E 310 -9.56 22.29 26.40
CA GLU E 310 -9.01 21.24 27.22
C GLU E 310 -9.95 20.05 27.33
N PHE E 311 -11.24 20.33 27.46
CA PHE E 311 -12.23 19.26 27.58
C PHE E 311 -13.30 19.33 26.50
N LEU E 312 -14.15 20.36 26.57
CA LEU E 312 -15.24 20.54 25.62
C LEU E 312 -14.88 20.24 24.17
N VAL E 313 -14.07 21.11 23.56
CA VAL E 313 -13.68 20.92 22.16
C VAL E 313 -13.14 19.52 21.87
N PRO E 314 -12.19 19.03 22.69
CA PRO E 314 -11.64 17.69 22.45
C PRO E 314 -12.71 16.60 22.53
N TRP E 315 -13.57 16.68 23.55
CA TRP E 315 -14.63 15.70 23.71
C TRP E 315 -15.56 15.65 22.51
N ILE E 316 -16.00 16.81 22.04
CA ILE E 316 -16.89 16.89 20.89
C ILE E 316 -16.22 16.35 19.64
N THR E 317 -15.03 16.88 19.34
CA THR E 317 -14.27 16.47 18.17
C THR E 317 -14.10 14.96 18.07
N LYS E 318 -13.80 14.31 19.19
CA LYS E 318 -13.61 12.87 19.22
C LYS E 318 -14.87 12.07 18.87
N ARG E 319 -16.03 12.71 18.92
CA ARG E 319 -17.27 12.01 18.62
C ARG E 319 -17.87 12.32 17.25
N VAL E 320 -17.45 13.43 16.65
CA VAL E 320 -17.98 13.83 15.35
C VAL E 320 -17.00 13.90 14.19
N SER E 321 -15.71 13.80 14.46
CA SER E 321 -14.72 13.90 13.39
C SER E 321 -14.86 12.82 12.32
N PHE E 322 -15.75 11.86 12.54
CA PHE E 322 -15.97 10.79 11.57
C PHE E 322 -16.84 11.28 10.42
N ILE E 323 -17.54 12.40 10.66
CA ILE E 323 -18.42 13.01 9.68
C ILE E 323 -17.61 13.84 8.69
N ALA E 324 -16.67 14.62 9.23
CA ALA E 324 -15.81 15.48 8.44
C ALA E 324 -14.81 16.14 9.38
N PRO E 325 -13.70 16.68 8.84
CA PRO E 325 -12.70 17.32 9.70
C PRO E 325 -13.30 18.49 10.48
N VAL E 326 -12.84 18.67 11.70
CA VAL E 326 -13.34 19.73 12.57
C VAL E 326 -12.45 20.98 12.62
N LEU E 327 -13.04 22.13 12.34
CA LEU E 327 -12.33 23.40 12.37
C LEU E 327 -12.86 24.19 13.57
N VAL E 328 -12.00 24.99 14.19
CA VAL E 328 -12.41 25.78 15.34
C VAL E 328 -12.14 27.26 15.17
N PHE E 329 -13.14 28.08 15.48
CA PHE E 329 -13.05 29.53 15.39
C PHE E 329 -13.68 30.11 16.67
N PRO E 330 -12.96 30.01 17.80
CA PRO E 330 -13.37 30.47 19.13
C PRO E 330 -14.02 31.84 19.20
N GLY E 331 -14.73 32.08 20.30
CA GLY E 331 -15.41 33.34 20.52
C GLY E 331 -16.39 33.79 19.45
N SER E 332 -16.82 35.04 19.55
CA SER E 332 -17.76 35.62 18.59
C SER E 332 -17.53 37.13 18.55
N ASN E 333 -16.98 37.62 17.44
CA ASN E 333 -16.71 39.05 17.30
C ASN E 333 -17.84 39.79 16.60
N GLU E 334 -18.83 40.19 17.38
CA GLU E 334 -20.00 40.91 16.89
C GLU E 334 -19.56 42.12 16.07
N GLU E 335 -18.78 42.97 16.71
CA GLU E 335 -18.27 44.19 16.10
C GLU E 335 -17.65 43.98 14.74
N LYS E 336 -16.73 43.02 14.61
CA LYS E 336 -16.11 42.79 13.30
C LYS E 336 -17.14 42.25 12.31
N ALA E 337 -17.96 41.31 12.75
CA ALA E 337 -18.98 40.74 11.87
C ALA E 337 -19.81 41.86 11.25
N LEU E 338 -20.29 42.77 12.09
CA LEU E 338 -21.11 43.88 11.62
C LEU E 338 -20.33 44.83 10.73
N ALA E 339 -19.19 45.31 11.23
CA ALA E 339 -18.35 46.24 10.48
C ALA E 339 -18.02 45.74 9.09
N LEU E 340 -17.42 44.56 9.00
CA LEU E 340 -17.03 43.99 7.70
C LEU E 340 -18.21 43.77 6.75
N SER E 341 -19.35 43.35 7.28
CA SER E 341 -20.53 43.13 6.44
C SER E 341 -20.92 44.45 5.79
N ALA E 342 -20.97 45.49 6.60
CA ALA E 342 -21.33 46.82 6.12
C ALA E 342 -20.29 47.33 5.13
N LEU E 343 -19.01 47.16 5.48
CA LEU E 343 -17.90 47.59 4.63
C LEU E 343 -18.03 46.99 3.23
N ARG E 344 -18.47 45.74 3.18
CA ARG E 344 -18.64 45.04 1.90
C ARG E 344 -19.75 45.68 1.07
N VAL E 345 -20.78 46.19 1.75
CA VAL E 345 -21.89 46.84 1.06
C VAL E 345 -21.45 48.21 0.52
N LEU E 346 -20.65 48.92 1.31
CA LEU E 346 -20.17 50.24 0.91
C LEU E 346 -19.18 50.13 -0.24
N ARG E 347 -18.69 48.92 -0.50
CA ARG E 347 -17.74 48.69 -1.58
C ARG E 347 -18.40 48.08 -2.80
N GLY E 348 -19.70 47.83 -2.70
CA GLY E 348 -20.42 47.25 -3.81
C GLY E 348 -20.18 45.76 -3.95
N GLU E 349 -19.38 45.21 -3.04
CA GLU E 349 -19.07 43.78 -3.07
C GLU E 349 -20.33 42.94 -2.77
N GLU E 350 -21.31 43.56 -2.14
CA GLU E 350 -22.56 42.89 -1.81
C GLU E 350 -23.70 43.90 -1.94
N LYS E 351 -24.91 43.41 -2.20
CA LYS E 351 -26.05 44.30 -2.37
C LYS E 351 -26.97 44.30 -1.16
N PRO E 352 -27.39 45.48 -0.71
CA PRO E 352 -28.29 45.62 0.45
C PRO E 352 -29.58 44.84 0.25
N LYS E 353 -30.32 44.66 1.33
CA LYS E 353 -31.59 43.94 1.28
C LYS E 353 -32.71 44.86 1.75
N ASN E 354 -33.85 44.80 1.06
CA ASN E 354 -34.99 45.60 1.44
C ASN E 354 -35.87 44.80 2.38
N TYR E 355 -35.78 45.08 3.67
CA TYR E 355 -36.56 44.34 4.68
C TYR E 355 -38.04 44.25 4.32
N SER E 356 -38.66 45.38 4.02
CA SER E 356 -40.07 45.42 3.67
C SER E 356 -40.47 44.36 2.63
N GLU E 357 -39.81 44.40 1.48
CA GLU E 357 -40.11 43.44 0.42
C GLU E 357 -39.68 42.03 0.81
N GLU E 358 -38.45 41.92 1.30
CA GLU E 358 -37.88 40.63 1.70
C GLU E 358 -38.72 39.92 2.76
N SER E 359 -39.17 40.66 3.77
CA SER E 359 -39.98 40.07 4.84
C SER E 359 -41.31 39.56 4.29
N ARG E 360 -41.83 40.23 3.26
CA ARG E 360 -43.09 39.83 2.65
C ARG E 360 -42.92 38.64 1.71
N ARG E 361 -41.96 38.74 0.78
CA ARG E 361 -41.72 37.65 -0.15
C ARG E 361 -41.55 36.36 0.64
N TRP E 362 -41.07 36.49 1.88
CA TRP E 362 -40.87 35.34 2.76
C TRP E 362 -42.25 34.88 3.20
N ARG E 363 -43.02 35.81 3.78
CA ARG E 363 -44.36 35.52 4.26
C ARG E 363 -45.28 35.01 3.16
N GLU E 364 -45.37 35.75 2.06
CA GLU E 364 -46.20 35.34 0.94
C GLU E 364 -45.85 33.91 0.59
N ARG E 365 -44.57 33.57 0.76
CA ARG E 365 -44.10 32.22 0.48
C ARG E 365 -44.65 31.30 1.57
N TYR E 366 -44.29 31.59 2.82
CA TYR E 366 -44.72 30.80 3.97
C TYR E 366 -46.22 30.50 3.98
N ASP E 367 -47.02 31.43 3.46
CA ASP E 367 -48.46 31.25 3.42
C ASP E 367 -48.89 30.18 2.42
N SER E 368 -48.41 30.29 1.19
CA SER E 368 -48.74 29.33 0.14
C SER E 368 -47.78 28.13 0.15
N TYR E 369 -46.57 28.35 0.63
CA TYR E 369 -45.56 27.30 0.70
C TYR E 369 -46.16 26.13 1.49
N LEU E 370 -46.94 26.47 2.51
CA LEU E 370 -47.60 25.48 3.36
C LEU E 370 -49.11 25.64 3.28
N ASP E 371 -49.65 25.81 2.08
CA ASP E 371 -51.07 25.98 1.89
C ASP E 371 -51.71 24.72 1.31
N MET F 1 -11.04 38.59 39.62
CA MET F 1 -11.15 39.41 38.39
C MET F 1 -10.22 40.61 38.48
N PHE F 2 -9.18 40.61 37.65
CA PHE F 2 -8.23 41.72 37.64
C PHE F 2 -8.50 42.64 36.45
N ARG F 3 -8.46 43.95 36.70
CA ARG F 3 -8.67 44.92 35.63
C ARG F 3 -7.29 45.41 35.20
N ILE F 4 -6.95 45.16 33.95
CA ILE F 4 -5.64 45.55 33.43
C ILE F 4 -5.71 46.67 32.38
N LEU F 5 -4.73 47.56 32.42
CA LEU F 5 -4.65 48.66 31.47
C LEU F 5 -3.36 48.52 30.65
N THR F 6 -3.49 48.47 29.33
CA THR F 6 -2.31 48.33 28.46
C THR F 6 -1.94 49.67 27.84
N ILE F 7 -0.63 49.90 27.69
CA ILE F 7 -0.13 51.13 27.10
C ILE F 7 0.78 50.74 25.95
N ASN F 8 0.41 51.15 24.73
CA ASN F 8 1.21 50.83 23.57
C ASN F 8 1.56 52.07 22.74
N PRO F 9 2.60 52.80 23.15
CA PRO F 9 3.03 54.00 22.44
C PRO F 9 3.67 53.67 21.10
N GLY F 10 3.22 54.35 20.04
CA GLY F 10 3.77 54.12 18.72
C GLY F 10 4.41 55.37 18.15
N SER F 11 5.09 55.20 17.02
CA SER F 11 5.76 56.33 16.37
C SER F 11 4.78 57.41 15.96
N THR F 12 3.62 57.00 15.46
CA THR F 12 2.60 57.93 15.03
C THR F 12 1.27 57.79 15.78
N SER F 13 1.12 56.70 16.51
CA SER F 13 -0.11 56.46 17.26
C SER F 13 0.13 56.01 18.68
N THR F 14 -0.94 55.78 19.42
CA THR F 14 -0.88 55.33 20.80
C THR F 14 -2.14 54.51 21.10
N LYS F 15 -1.96 53.22 21.30
CA LYS F 15 -3.08 52.34 21.59
C LYS F 15 -3.20 51.99 23.06
N LEU F 16 -4.43 52.05 23.56
CA LEU F 16 -4.71 51.73 24.96
C LEU F 16 -5.85 50.73 25.00
N SER F 17 -5.88 49.92 26.04
CA SER F 17 -6.94 48.94 26.19
C SER F 17 -7.13 48.56 27.66
N ILE F 18 -8.35 48.18 28.00
CA ILE F 18 -8.69 47.79 29.36
C ILE F 18 -9.23 46.36 29.32
N PHE F 19 -8.65 45.49 30.12
CA PHE F 19 -9.09 44.10 30.19
C PHE F 19 -9.56 43.74 31.58
N GLU F 20 -10.59 42.89 31.60
CA GLU F 20 -11.12 42.36 32.82
C GLU F 20 -10.95 40.86 32.63
N ASP F 21 -9.93 40.28 33.25
CA ASP F 21 -9.64 38.87 33.05
C ASP F 21 -9.25 38.69 31.57
N GLU F 22 -9.79 37.70 30.87
CA GLU F 22 -9.43 37.52 29.46
C GLU F 22 -10.25 38.38 28.52
N ARG F 23 -11.24 39.08 29.06
CA ARG F 23 -12.14 39.89 28.25
C ARG F 23 -11.78 41.40 28.11
N MET F 24 -11.62 41.84 26.85
CA MET F 24 -11.29 43.24 26.56
C MET F 24 -12.56 44.09 26.58
N VAL F 25 -12.62 45.01 27.54
CA VAL F 25 -13.79 45.86 27.70
C VAL F 25 -13.70 47.18 26.94
N LYS F 26 -12.49 47.57 26.57
CA LYS F 26 -12.29 48.81 25.82
C LYS F 26 -10.89 48.92 25.23
N MET F 27 -10.80 49.60 24.08
CA MET F 27 -9.53 49.80 23.40
C MET F 27 -9.68 50.96 22.44
N GLN F 28 -8.64 51.76 22.30
CA GLN F 28 -8.69 52.90 21.41
C GLN F 28 -7.30 53.22 20.88
N ASN F 29 -7.25 53.64 19.61
CA ASN F 29 -5.99 53.98 18.98
C ASN F 29 -5.97 55.46 18.63
N PHE F 30 -5.19 56.24 19.37
CA PHE F 30 -5.09 57.66 19.12
C PHE F 30 -3.93 57.93 18.16
N SER F 31 -4.25 58.51 17.01
CA SER F 31 -3.23 58.82 16.00
C SER F 31 -2.77 60.27 16.16
N HIS F 32 -1.48 60.51 15.98
CA HIS F 32 -0.92 61.84 16.12
C HIS F 32 -0.41 62.36 14.78
N SER F 33 -1.07 63.41 14.28
CA SER F 33 -0.70 64.02 13.02
C SER F 33 0.74 64.56 13.06
N PRO F 34 1.50 64.40 11.98
CA PRO F 34 2.89 64.87 11.89
C PRO F 34 3.00 66.36 12.21
N ASP F 35 1.89 67.08 12.00
CA ASP F 35 1.84 68.51 12.27
C ASP F 35 1.73 68.72 13.78
N GLU F 36 1.19 67.72 14.46
CA GLU F 36 1.01 67.76 15.91
C GLU F 36 2.29 67.25 16.58
N LEU F 37 2.82 66.13 16.06
CA LEU F 37 4.05 65.55 16.59
C LEU F 37 5.20 66.52 16.39
N GLY F 38 5.11 67.33 15.34
CA GLY F 38 6.14 68.31 15.05
C GLY F 38 6.07 69.46 16.02
N ARG F 39 6.60 69.24 17.22
CA ARG F 39 6.60 70.25 18.27
C ARG F 39 7.51 69.76 19.39
N PHE F 40 8.00 68.53 19.25
CA PHE F 40 8.87 67.94 20.24
C PHE F 40 10.21 67.60 19.59
N GLN F 41 11.31 68.07 20.17
CA GLN F 41 12.63 67.80 19.63
C GLN F 41 13.01 66.35 19.76
N LYS F 42 13.06 65.94 20.99
CA LYS F 42 13.39 64.60 21.30
C LYS F 42 12.10 63.88 21.57
N ILE F 43 12.12 62.55 21.57
CA ILE F 43 10.90 61.82 21.83
C ILE F 43 10.53 61.86 23.28
N LEU F 44 11.54 62.01 24.12
CA LEU F 44 11.19 62.00 25.51
C LEU F 44 10.20 63.12 25.81
N ASP F 45 10.20 64.12 24.94
CA ASP F 45 9.38 65.30 25.10
C ASP F 45 7.88 65.05 24.96
N GLN F 46 7.53 63.96 24.27
CA GLN F 46 6.14 63.61 24.05
C GLN F 46 5.53 62.95 25.29
N LEU F 47 6.38 62.57 26.24
CA LEU F 47 5.94 61.91 27.46
C LEU F 47 4.66 62.49 28.06
N GLU F 48 4.65 63.79 28.37
CA GLU F 48 3.49 64.45 28.95
C GLU F 48 2.30 64.48 28.00
N PHE F 49 2.58 64.43 26.70
CA PHE F 49 1.53 64.44 25.68
C PHE F 49 0.81 63.10 25.65
N ARG F 50 1.58 62.01 25.59
CA ARG F 50 1.03 60.67 25.55
C ARG F 50 0.28 60.35 26.85
N GLU F 51 0.95 60.59 27.98
CA GLU F 51 0.37 60.32 29.29
C GLU F 51 -0.97 61.02 29.47
N LYS F 52 -1.06 62.26 29.01
CA LYS F 52 -2.29 63.02 29.12
C LYS F 52 -3.40 62.27 28.43
N ILE F 53 -3.09 61.71 27.27
CA ILE F 53 -4.09 60.96 26.50
C ILE F 53 -4.46 59.66 27.22
N ALA F 54 -3.49 59.03 27.85
CA ALA F 54 -3.73 57.80 28.59
C ALA F 54 -4.70 58.06 29.73
N ARG F 55 -4.41 59.08 30.52
CA ARG F 55 -5.26 59.46 31.64
C ARG F 55 -6.62 59.81 31.09
N GLN F 56 -6.63 60.33 29.86
CA GLN F 56 -7.85 60.72 29.18
C GLN F 56 -8.67 59.47 28.84
N PHE F 57 -7.98 58.42 28.40
CA PHE F 57 -8.60 57.15 28.05
C PHE F 57 -9.40 56.65 29.25
N VAL F 58 -8.84 56.88 30.43
CA VAL F 58 -9.46 56.46 31.68
C VAL F 58 -10.55 57.46 32.06
N GLU F 59 -10.30 58.74 31.78
CA GLU F 59 -11.27 59.77 32.10
C GLU F 59 -12.57 59.44 31.38
N GLU F 60 -12.43 58.89 30.17
CA GLU F 60 -13.57 58.53 29.33
C GLU F 60 -14.33 57.30 29.82
N THR F 61 -14.17 56.94 31.10
CA THR F 61 -14.87 55.78 31.65
C THR F 61 -15.20 55.95 33.12
N GLY F 62 -15.95 55.00 33.66
CA GLY F 62 -16.31 55.05 35.06
C GLY F 62 -15.25 54.44 35.94
N TYR F 63 -14.00 54.49 35.47
CA TYR F 63 -12.85 53.94 36.19
C TYR F 63 -11.83 55.02 36.58
N SER F 64 -10.99 54.70 37.56
CA SER F 64 -9.94 55.59 38.05
C SER F 64 -8.65 54.77 38.11
N LEU F 65 -7.52 55.42 37.91
CA LEU F 65 -6.23 54.73 37.94
C LEU F 65 -6.11 53.78 39.14
N SER F 66 -6.93 54.02 40.16
CA SER F 66 -6.90 53.20 41.37
C SER F 66 -7.79 51.98 41.29
N SER F 67 -8.50 51.84 40.19
CA SER F 67 -9.39 50.69 40.02
C SER F 67 -8.77 49.63 39.11
N PHE F 68 -7.44 49.64 38.99
CA PHE F 68 -6.73 48.68 38.18
C PHE F 68 -5.82 47.79 39.01
N SER F 69 -5.60 46.56 38.53
CA SER F 69 -4.75 45.61 39.22
C SER F 69 -3.30 45.71 38.74
N ALA F 70 -3.09 46.33 37.59
CA ALA F 70 -1.75 46.49 37.03
C ALA F 70 -1.73 47.29 35.73
N PHE F 71 -0.58 47.88 35.43
CA PHE F 71 -0.40 48.65 34.20
C PHE F 71 0.68 47.95 33.38
N VAL F 72 0.40 47.70 32.11
CA VAL F 72 1.35 47.02 31.24
C VAL F 72 1.60 47.78 29.96
N SER F 73 2.86 47.83 29.55
CA SER F 73 3.24 48.51 28.32
C SER F 73 4.24 47.67 27.54
N ARG F 74 4.52 48.10 26.32
CA ARG F 74 5.46 47.37 25.47
C ARG F 74 6.86 47.71 25.95
N GLY F 75 7.78 46.76 25.81
CA GLY F 75 9.14 46.99 26.24
C GLY F 75 9.86 47.94 25.31
N GLY F 76 10.57 48.92 25.88
CA GLY F 76 11.28 49.87 25.05
C GLY F 76 12.65 49.39 24.62
N LEU F 77 13.54 50.33 24.32
CA LEU F 77 14.89 50.00 23.89
C LEU F 77 15.81 49.75 25.08
N LEU F 78 15.42 48.81 25.94
CA LEU F 78 16.20 48.46 27.11
C LEU F 78 17.48 47.73 26.68
N ASP F 79 18.25 47.27 27.65
CA ASP F 79 19.47 46.52 27.36
C ASP F 79 19.10 45.05 27.16
N PRO F 80 19.88 44.33 26.35
CA PRO F 80 19.63 42.90 26.08
C PRO F 80 19.20 42.12 27.32
N ILE F 81 18.10 41.40 27.19
CA ILE F 81 17.55 40.59 28.28
C ILE F 81 16.73 39.45 27.73
N PRO F 82 16.46 38.42 28.55
CA PRO F 82 15.65 37.28 28.11
C PRO F 82 14.22 37.72 27.84
N GLY F 83 13.33 36.76 27.63
CA GLY F 83 11.94 37.09 27.40
C GLY F 83 11.21 36.94 28.71
N GLY F 84 9.96 37.42 28.77
CA GLY F 84 9.21 37.31 30.00
C GLY F 84 8.54 38.61 30.42
N VAL F 85 7.94 38.60 31.61
CA VAL F 85 7.26 39.78 32.14
C VAL F 85 8.13 40.41 33.24
N TYR F 86 8.61 41.63 32.98
CA TYR F 86 9.46 42.31 33.95
C TYR F 86 8.74 43.43 34.71
N LEU F 87 9.20 43.69 35.93
CA LEU F 87 8.65 44.74 36.77
C LEU F 87 9.41 46.01 36.43
N VAL F 88 8.70 47.08 36.13
CA VAL F 88 9.35 48.34 35.79
C VAL F 88 10.06 48.93 37.01
N ASP F 89 11.37 48.73 37.07
CA ASP F 89 12.17 49.24 38.19
C ASP F 89 13.02 50.46 37.80
N GLY F 90 13.55 51.13 38.80
CA GLY F 90 14.36 52.32 38.57
C GLY F 90 15.34 52.21 37.42
N LEU F 91 16.16 51.17 37.42
CA LEU F 91 17.16 50.98 36.37
C LEU F 91 16.51 51.03 34.98
N MET F 92 15.35 50.45 34.83
CA MET F 92 14.71 50.38 33.51
C MET F 92 14.14 51.69 33.01
N ILE F 93 14.05 52.64 33.90
CA ILE F 93 13.49 53.90 33.53
C ILE F 93 14.62 54.84 33.23
N LYS F 94 15.60 54.67 34.11
CA LYS F 94 16.82 55.41 34.02
C LYS F 94 17.38 55.12 32.64
N THR F 95 17.26 53.87 32.21
CA THR F 95 17.80 53.49 30.88
C THR F 95 16.95 54.09 29.75
N LEU F 96 15.63 53.97 29.88
CA LEU F 96 14.72 54.48 28.85
C LEU F 96 14.75 56.00 28.69
N LYS F 97 14.88 56.72 29.80
CA LYS F 97 14.91 58.19 29.73
C LYS F 97 16.19 58.68 29.06
N SER F 98 17.32 58.04 29.38
CA SER F 98 18.60 58.42 28.82
C SER F 98 18.65 58.18 27.31
N GLY F 99 17.93 57.16 26.85
CA GLY F 99 17.92 56.86 25.43
C GLY F 99 19.27 56.36 24.97
N LYS F 100 20.02 55.77 25.91
CA LYS F 100 21.35 55.24 25.62
C LYS F 100 21.34 54.29 24.42
N ASN F 101 20.33 53.43 24.35
CA ASN F 101 20.23 52.47 23.27
C ASN F 101 19.32 52.93 22.14
N GLY F 102 19.14 54.24 22.02
CA GLY F 102 18.30 54.78 20.95
C GLY F 102 16.98 55.35 21.43
N GLU F 103 16.40 56.24 20.62
CA GLU F 103 15.13 56.86 20.97
C GLU F 103 13.98 56.33 20.13
N HIS F 104 12.85 56.07 20.78
CA HIS F 104 11.66 55.57 20.11
C HIS F 104 10.44 55.76 21.00
N ALA F 105 9.29 56.02 20.38
CA ALA F 105 8.06 56.23 21.13
C ALA F 105 7.79 55.07 22.09
N SER F 106 8.31 53.89 21.75
CA SER F 106 8.13 52.70 22.57
C SER F 106 8.69 52.87 23.99
N ASN F 107 9.73 53.68 24.12
CA ASN F 107 10.37 53.92 25.41
C ASN F 107 9.47 54.63 26.41
N LEU F 108 8.53 55.42 25.90
CA LEU F 108 7.60 56.15 26.76
C LEU F 108 6.67 55.21 27.53
N GLY F 109 6.29 54.11 26.89
CA GLY F 109 5.41 53.14 27.51
C GLY F 109 5.68 52.82 28.96
N ALA F 110 6.84 52.22 29.24
CA ALA F 110 7.20 51.84 30.60
C ALA F 110 7.19 53.00 31.57
N ILE F 111 7.62 54.18 31.11
CA ILE F 111 7.65 55.37 31.95
C ILE F 111 6.24 55.78 32.39
N ILE F 112 5.31 55.79 31.45
CA ILE F 112 3.93 56.15 31.75
C ILE F 112 3.32 55.13 32.70
N ALA F 113 3.56 53.86 32.45
CA ALA F 113 3.03 52.80 33.30
C ALA F 113 3.61 52.93 34.71
N HIS F 114 4.86 53.37 34.80
CA HIS F 114 5.53 53.53 36.08
C HIS F 114 4.87 54.61 36.95
N ARG F 115 4.61 55.76 36.36
CA ARG F 115 3.98 56.86 37.09
C ARG F 115 2.63 56.45 37.66
N PHE F 116 1.75 55.94 36.81
CA PHE F 116 0.44 55.50 37.25
C PHE F 116 0.61 54.53 38.41
N SER F 117 1.69 53.75 38.35
CA SER F 117 2.01 52.79 39.38
C SER F 117 2.35 53.49 40.70
N SER F 118 3.26 54.46 40.61
CA SER F 118 3.69 55.22 41.78
C SER F 118 2.63 56.21 42.24
N GLU F 119 1.44 56.13 41.66
CA GLU F 119 0.33 57.02 42.03
C GLU F 119 -0.81 56.24 42.66
N THR F 120 -0.83 54.94 42.39
CA THR F 120 -1.89 54.07 42.90
C THR F 120 -1.34 52.90 43.71
N GLY F 121 -0.03 52.68 43.63
CA GLY F 121 0.56 51.57 44.35
C GLY F 121 0.26 50.26 43.66
N VAL F 122 0.01 50.32 42.36
CA VAL F 122 -0.30 49.14 41.56
C VAL F 122 0.89 48.78 40.68
N PRO F 123 1.16 47.48 40.52
CA PRO F 123 2.27 46.97 39.71
C PRO F 123 2.30 47.49 38.27
N ALA F 124 3.51 47.71 37.75
CA ALA F 124 3.71 48.17 36.39
C ALA F 124 4.65 47.18 35.71
N TYR F 125 4.19 46.57 34.63
CA TYR F 125 4.99 45.58 33.92
C TYR F 125 5.26 45.94 32.46
N VAL F 126 6.15 45.16 31.85
CA VAL F 126 6.51 45.29 30.44
C VAL F 126 6.68 43.86 29.96
N VAL F 127 6.23 43.57 28.73
CA VAL F 127 6.34 42.21 28.21
C VAL F 127 7.24 42.13 26.99
N ASP F 128 8.02 41.05 26.92
CA ASP F 128 8.96 40.76 25.84
C ASP F 128 9.40 41.97 25.02
N PRO F 129 10.29 42.80 25.60
CA PRO F 129 10.78 44.00 24.93
C PRO F 129 11.31 43.67 23.52
N VAL F 130 11.37 44.66 22.64
CA VAL F 130 11.85 44.42 21.28
C VAL F 130 13.35 44.08 21.27
N VAL F 131 13.94 44.03 22.45
CA VAL F 131 15.37 43.76 22.59
C VAL F 131 15.75 42.37 23.13
N VAL F 132 14.76 41.57 23.50
CA VAL F 132 15.00 40.22 24.01
C VAL F 132 16.04 39.46 23.19
N ASP F 133 16.92 38.74 23.89
CA ASP F 133 17.95 37.94 23.23
C ASP F 133 18.09 36.58 23.90
N GLU F 134 17.87 35.53 23.13
CA GLU F 134 17.99 34.18 23.62
C GLU F 134 18.81 33.41 22.61
N MET F 135 19.51 34.15 21.75
CA MET F 135 20.34 33.56 20.71
C MET F 135 21.50 32.76 21.28
N GLU F 136 22.34 32.26 20.38
CA GLU F 136 23.49 31.47 20.78
C GLU F 136 24.79 31.98 20.17
N ASP F 137 25.85 31.86 20.95
CA ASP F 137 27.20 32.28 20.55
C ASP F 137 27.47 32.16 19.06
N VAL F 138 27.11 31.01 18.47
CA VAL F 138 27.35 30.78 17.05
C VAL F 138 26.62 31.75 16.16
N ALA F 139 25.42 32.15 16.58
CA ALA F 139 24.59 33.08 15.81
C ALA F 139 25.02 34.53 15.94
N ARG F 140 25.97 34.81 16.83
CA ARG F 140 26.44 36.17 17.04
C ARG F 140 27.54 36.60 16.08
N VAL F 141 28.37 35.67 15.65
CA VAL F 141 29.44 35.99 14.71
C VAL F 141 28.83 36.48 13.41
N SER F 142 29.29 37.64 12.94
CA SER F 142 28.77 38.24 11.72
C SER F 142 29.68 38.08 10.50
N GLY F 143 30.96 37.83 10.75
CA GLY F 143 31.90 37.68 9.65
C GLY F 143 32.94 38.79 9.71
N HIS F 144 32.72 39.73 10.63
CA HIS F 144 33.63 40.84 10.84
C HIS F 144 33.73 41.08 12.34
N PRO F 145 34.94 40.94 12.90
CA PRO F 145 35.23 41.11 14.34
C PRO F 145 34.54 42.27 15.04
N ASN F 146 34.42 43.41 14.36
CA ASN F 146 33.79 44.58 14.95
C ASN F 146 32.27 44.46 15.10
N TYR F 147 31.60 44.00 14.05
CA TYR F 147 30.15 43.85 14.04
C TYR F 147 29.67 42.57 14.71
N GLN F 148 28.49 42.62 15.32
CA GLN F 148 27.92 41.47 16.01
C GLN F 148 26.41 41.43 15.74
N ARG F 149 25.89 40.26 15.37
CA ARG F 149 24.46 40.12 15.08
C ARG F 149 23.64 40.36 16.34
N LYS F 150 22.77 41.37 16.30
CA LYS F 150 21.93 41.72 17.44
C LYS F 150 20.54 41.11 17.33
N SER F 151 19.97 40.70 18.46
CA SER F 151 18.64 40.12 18.48
C SER F 151 17.60 41.20 18.73
N ILE F 152 17.05 41.75 17.65
CA ILE F 152 16.04 42.80 17.71
C ILE F 152 14.85 42.39 16.85
N PHE F 153 13.81 41.88 17.49
CA PHE F 153 12.61 41.45 16.76
C PHE F 153 11.33 41.73 17.53
N HIS F 154 10.23 41.17 17.04
CA HIS F 154 8.93 41.34 17.68
C HIS F 154 8.78 40.27 18.75
N ALA F 155 9.67 40.30 19.73
CA ALA F 155 9.66 39.33 20.82
C ALA F 155 8.27 39.13 21.42
N LEU F 156 7.56 40.24 21.63
CA LEU F 156 6.23 40.19 22.23
C LEU F 156 5.30 39.23 21.49
N ASN F 157 4.93 39.59 20.26
CA ASN F 157 4.04 38.76 19.46
C ASN F 157 4.62 37.36 19.24
N GLN F 158 5.91 37.30 18.87
CA GLN F 158 6.59 36.04 18.62
C GLN F 158 6.33 35.05 19.76
N LYS F 159 6.74 35.44 20.96
CA LYS F 159 6.56 34.60 22.13
C LYS F 159 5.10 34.24 22.36
N THR F 160 4.21 35.21 22.12
CA THR F 160 2.79 35.00 22.32
C THR F 160 2.19 33.97 21.36
N VAL F 161 2.33 34.21 20.05
CA VAL F 161 1.80 33.28 19.07
C VAL F 161 2.43 31.89 19.23
N ALA F 162 3.72 31.86 19.56
CA ALA F 162 4.43 30.61 19.75
C ALA F 162 3.78 29.80 20.86
N LYS F 163 3.47 30.48 21.96
CA LYS F 163 2.85 29.82 23.11
C LYS F 163 1.41 29.40 22.82
N GLU F 164 0.73 30.16 21.96
CA GLU F 164 -0.65 29.85 21.61
C GLU F 164 -0.69 28.63 20.70
N VAL F 165 0.38 28.44 19.92
CA VAL F 165 0.46 27.30 19.02
C VAL F 165 0.62 26.04 19.86
N ALA F 166 1.50 26.10 20.86
CA ALA F 166 1.75 24.98 21.76
C ALA F 166 0.48 24.71 22.56
N ARG F 167 -0.12 25.78 23.06
CA ARG F 167 -1.35 25.70 23.85
C ARG F 167 -2.43 25.01 23.03
N MET F 168 -2.62 25.49 21.80
CA MET F 168 -3.62 24.96 20.89
C MET F 168 -3.53 23.44 20.68
N MET F 169 -2.40 22.86 21.05
CA MET F 169 -2.22 21.42 20.87
C MET F 169 -1.81 20.67 22.12
N ASN F 170 -2.18 21.17 23.30
CA ASN F 170 -1.93 20.53 24.63
C ASN F 170 -0.44 20.13 24.95
N LYS F 171 0.52 20.97 24.56
CA LYS F 171 1.94 20.73 24.81
C LYS F 171 2.54 21.93 25.50
N ARG F 172 3.84 21.99 25.49
CA ARG F 172 4.50 23.12 26.10
C ARG F 172 5.41 23.79 25.12
N TYR F 173 5.43 25.12 25.20
CA TYR F 173 6.27 25.93 24.34
C TYR F 173 7.74 25.50 24.42
N GLU F 174 8.15 25.06 25.61
CA GLU F 174 9.53 24.63 25.85
C GLU F 174 9.89 23.31 25.17
N GLU F 175 8.89 22.52 24.81
CA GLU F 175 9.16 21.23 24.17
C GLU F 175 8.78 21.21 22.70
N MET F 176 8.99 22.33 22.02
CA MET F 176 8.68 22.43 20.60
C MET F 176 9.70 23.27 19.85
N ASN F 177 9.84 22.98 18.56
CA ASN F 177 10.74 23.74 17.70
C ASN F 177 9.85 24.39 16.66
N LEU F 178 9.93 25.71 16.56
CA LEU F 178 9.11 26.44 15.61
C LEU F 178 9.88 27.49 14.85
N VAL F 179 9.37 27.84 13.68
CA VAL F 179 9.96 28.88 12.86
C VAL F 179 8.81 29.87 12.71
N VAL F 180 8.90 30.97 13.47
CA VAL F 180 7.86 31.99 13.46
C VAL F 180 8.30 33.18 12.62
N ALA F 181 7.38 33.67 11.80
CA ALA F 181 7.68 34.82 10.95
C ALA F 181 6.65 35.92 11.15
N HIS F 182 7.05 36.99 11.82
CA HIS F 182 6.17 38.13 12.04
C HIS F 182 6.32 39.04 10.83
N MET F 183 5.25 39.20 10.06
CA MET F 183 5.28 40.04 8.87
C MET F 183 4.43 41.30 9.00
N GLY F 184 5.09 42.42 9.29
CA GLY F 184 4.40 43.69 9.41
C GLY F 184 5.26 44.81 8.85
N GLY F 185 5.17 46.00 9.43
CA GLY F 185 5.98 47.11 8.94
C GLY F 185 7.41 46.63 8.98
N GLY F 186 7.70 45.81 9.99
CA GLY F 186 9.01 45.23 10.14
C GLY F 186 8.82 43.72 10.07
N ILE F 187 9.82 43.01 9.55
CA ILE F 187 9.72 41.57 9.43
C ILE F 187 10.79 40.84 10.21
N SER F 188 10.40 39.81 10.94
CA SER F 188 11.34 39.02 11.76
C SER F 188 11.02 37.55 11.64
N ILE F 189 12.06 36.78 11.56
CA ILE F 189 11.91 35.35 11.40
C ILE F 189 12.85 34.62 12.31
N ALA F 190 12.27 34.12 13.36
CA ALA F 190 13.06 33.47 14.34
C ALA F 190 12.86 32.00 14.34
N ALA F 191 13.88 31.35 14.88
CA ALA F 191 13.87 29.91 15.05
C ALA F 191 13.76 29.65 16.55
N HIS F 192 12.62 29.10 16.96
CA HIS F 192 12.41 28.79 18.38
C HIS F 192 12.74 27.34 18.64
N ARG F 193 13.77 27.11 19.44
CA ARG F 193 14.17 25.77 19.79
C ARG F 193 13.88 25.54 21.26
N LYS F 194 12.90 24.70 21.55
CA LYS F 194 12.56 24.40 22.93
C LYS F 194 12.33 25.67 23.76
N GLY F 195 11.48 26.55 23.24
CA GLY F 195 11.17 27.78 23.97
C GLY F 195 12.26 28.83 24.06
N ARG F 196 13.24 28.77 23.15
CA ARG F 196 14.32 29.74 23.15
C ARG F 196 14.61 30.22 21.73
N VAL F 197 14.49 31.52 21.51
CA VAL F 197 14.74 32.10 20.19
C VAL F 197 16.24 32.13 19.93
N ILE F 198 16.79 30.95 19.62
CA ILE F 198 18.22 30.78 19.37
C ILE F 198 18.78 31.59 18.20
N ASP F 199 17.91 32.16 17.37
CA ASP F 199 18.37 32.96 16.24
C ASP F 199 17.21 33.74 15.61
N VAL F 200 17.55 34.91 15.07
CA VAL F 200 16.57 35.78 14.43
C VAL F 200 17.34 36.93 13.79
N ASN F 201 16.71 37.61 12.84
CA ASN F 201 17.36 38.72 12.17
C ASN F 201 17.16 40.02 12.93
N ASN F 202 17.86 41.07 12.52
CA ASN F 202 17.73 42.38 13.15
C ASN F 202 16.68 43.16 12.38
N ALA F 203 15.43 43.12 12.84
CA ALA F 203 14.30 43.77 12.20
C ALA F 203 14.39 45.29 12.18
N LEU F 204 15.48 45.82 12.69
CA LEU F 204 15.61 47.25 12.72
C LEU F 204 16.81 47.79 11.91
N ASP F 205 18.03 47.24 12.14
CA ASP F 205 19.28 47.72 11.45
C ASP F 205 19.45 47.22 10.01
N GLY F 206 18.36 47.08 9.31
CA GLY F 206 18.36 46.67 7.92
C GLY F 206 19.00 45.31 7.72
N ASP F 207 18.31 44.27 8.16
CA ASP F 207 18.80 42.90 8.03
C ASP F 207 17.64 41.93 7.81
N GLY F 208 17.69 41.18 6.72
CA GLY F 208 16.63 40.24 6.43
C GLY F 208 15.89 40.64 5.16
N PRO F 209 14.71 40.06 4.92
CA PRO F 209 13.93 40.40 3.72
C PRO F 209 13.40 41.82 3.79
N PHE F 210 13.08 42.42 2.65
CA PHE F 210 12.56 43.78 2.66
C PHE F 210 11.07 43.81 3.02
N THR F 211 10.73 44.67 3.97
CA THR F 211 9.37 44.82 4.45
C THR F 211 8.60 45.80 3.57
N PRO F 212 7.33 46.07 3.89
CA PRO F 212 6.56 47.01 3.07
C PRO F 212 7.12 48.44 3.15
N GLU F 213 8.04 48.67 4.08
CA GLU F 213 8.63 49.99 4.26
C GLU F 213 10.11 49.96 4.64
N ARG F 214 10.78 48.86 4.35
CA ARG F 214 12.20 48.72 4.66
C ARG F 214 12.94 47.96 3.55
N SER F 215 14.21 48.28 3.34
CA SER F 215 15.01 47.64 2.29
C SER F 215 15.63 46.32 2.71
N GLY F 216 15.62 46.03 4.01
CA GLY F 216 16.19 44.79 4.48
C GLY F 216 17.69 44.75 4.28
N THR F 217 18.18 43.72 3.61
CA THR F 217 19.61 43.58 3.38
C THR F 217 19.99 43.96 1.95
N LEU F 218 21.21 44.51 1.81
CA LEU F 218 21.73 44.91 0.51
C LEU F 218 23.23 44.68 0.48
N PRO F 219 23.79 44.31 -0.69
CA PRO F 219 25.22 44.06 -0.84
C PRO F 219 26.07 45.18 -0.23
N LEU F 220 27.13 44.79 0.45
CA LEU F 220 28.01 45.74 1.12
C LEU F 220 28.72 46.72 0.19
N THR F 221 29.40 46.20 -0.83
CA THR F 221 30.12 47.03 -1.78
C THR F 221 29.24 48.10 -2.43
N GLN F 222 28.00 47.74 -2.74
CA GLN F 222 27.07 48.68 -3.36
C GLN F 222 26.66 49.80 -2.40
N LEU F 223 26.79 49.54 -1.09
CA LEU F 223 26.44 50.54 -0.09
C LEU F 223 27.63 51.41 0.28
N VAL F 224 28.71 50.77 0.73
CA VAL F 224 29.93 51.48 1.13
C VAL F 224 30.40 52.42 0.01
N ASP F 225 30.01 52.09 -1.21
CA ASP F 225 30.38 52.89 -2.38
C ASP F 225 29.49 54.12 -2.49
N LEU F 226 28.18 53.91 -2.60
CA LEU F 226 27.22 54.99 -2.72
C LEU F 226 26.94 55.64 -1.36
N CYS F 227 27.81 55.38 -0.40
CA CYS F 227 27.66 55.93 0.95
C CYS F 227 28.47 57.22 1.06
N PHE F 228 29.62 57.25 0.38
CA PHE F 228 30.48 58.42 0.40
C PHE F 228 30.13 59.33 -0.77
N SER F 229 29.71 58.72 -1.88
CA SER F 229 29.34 59.46 -3.08
C SER F 229 27.83 59.70 -3.14
N GLY F 230 27.44 60.97 -3.24
CA GLY F 230 26.03 61.30 -3.30
C GLY F 230 25.54 61.94 -2.01
N LYS F 231 24.34 61.55 -1.58
CA LYS F 231 23.78 62.08 -0.35
C LYS F 231 24.61 61.67 0.86
N PHE F 232 25.52 62.56 1.27
CA PHE F 232 26.40 62.29 2.41
C PHE F 232 25.62 62.44 3.71
N THR F 233 24.30 62.57 3.58
CA THR F 233 23.42 62.72 4.73
C THR F 233 23.60 61.61 5.74
N TYR F 234 24.33 61.91 6.82
CA TYR F 234 24.60 60.96 7.89
C TYR F 234 23.30 60.47 8.52
N GLU F 235 22.29 61.35 8.54
CA GLU F 235 21.00 61.01 9.13
C GLU F 235 19.96 60.50 8.13
N GLU F 236 19.72 61.27 7.07
CA GLU F 236 18.73 60.90 6.05
C GLU F 236 18.93 59.46 5.57
N MET F 237 20.19 59.10 5.27
CA MET F 237 20.49 57.76 4.78
C MET F 237 20.04 56.71 5.80
N LYS F 238 20.17 57.04 7.08
CA LYS F 238 19.77 56.14 8.14
C LYS F 238 18.26 55.91 8.09
N LYS F 239 17.56 56.80 7.39
CA LYS F 239 16.11 56.70 7.24
C LYS F 239 15.74 55.96 5.97
N ARG F 240 16.66 55.92 5.01
CA ARG F 240 16.42 55.24 3.75
C ARG F 240 16.43 53.73 3.93
N ILE F 241 16.65 53.31 5.17
CA ILE F 241 16.68 51.89 5.52
C ILE F 241 15.46 51.55 6.39
N VAL F 242 15.41 52.17 7.56
CA VAL F 242 14.32 51.96 8.51
C VAL F 242 13.21 52.99 8.27
N GLY F 243 12.07 52.53 7.78
CA GLY F 243 10.96 53.43 7.52
C GLY F 243 10.84 53.81 6.06
N ASN F 244 11.97 53.76 5.35
CA ASN F 244 11.99 54.09 3.92
C ASN F 244 12.54 52.91 3.13
N GLY F 245 11.98 52.70 1.93
CA GLY F 245 12.43 51.61 1.10
C GLY F 245 11.43 50.47 1.13
N GLY F 246 11.66 49.45 0.32
CA GLY F 246 10.74 48.33 0.27
C GLY F 246 9.62 48.63 -0.70
N LEU F 247 8.45 48.07 -0.47
CA LEU F 247 7.31 48.30 -1.35
C LEU F 247 7.03 49.79 -1.48
N VAL F 248 7.47 50.57 -0.49
CA VAL F 248 7.24 52.01 -0.49
C VAL F 248 8.11 52.74 -1.52
N ALA F 249 9.24 52.13 -1.87
CA ALA F 249 10.16 52.71 -2.84
C ALA F 249 9.94 52.16 -4.25
N TYR F 250 9.21 51.06 -4.36
CA TYR F 250 8.94 50.46 -5.66
C TYR F 250 7.56 50.84 -6.21
N LEU F 251 6.55 50.72 -5.37
CA LEU F 251 5.19 51.03 -5.78
C LEU F 251 4.67 52.32 -5.15
N GLY F 252 5.51 52.96 -4.34
CA GLY F 252 5.12 54.20 -3.70
C GLY F 252 3.97 54.08 -2.71
N THR F 253 3.88 52.94 -2.05
CA THR F 253 2.83 52.69 -1.06
C THR F 253 3.30 51.74 0.03
N SER F 254 2.76 51.91 1.23
CA SER F 254 3.13 51.05 2.36
C SER F 254 1.91 50.25 2.79
N ASP F 255 0.92 50.19 1.90
CA ASP F 255 -0.32 49.48 2.18
C ASP F 255 -0.46 48.24 1.30
N ALA F 256 -0.42 47.07 1.92
CA ALA F 256 -0.54 45.81 1.19
C ALA F 256 -1.84 45.75 0.40
N ARG F 257 -2.94 46.18 1.03
CA ARG F 257 -4.24 46.20 0.38
C ARG F 257 -4.15 46.96 -0.94
N GLU F 258 -3.40 48.05 -0.92
CA GLU F 258 -3.20 48.89 -2.09
C GLU F 258 -2.59 48.09 -3.24
N VAL F 259 -1.54 47.34 -2.94
CA VAL F 259 -0.85 46.53 -3.93
C VAL F 259 -1.74 45.39 -4.42
N VAL F 260 -2.22 44.59 -3.47
CA VAL F 260 -3.08 43.46 -3.80
C VAL F 260 -4.18 43.94 -4.75
N ARG F 261 -4.48 45.23 -4.65
CA ARG F 261 -5.49 45.86 -5.48
C ARG F 261 -4.92 46.00 -6.89
N ARG F 262 -3.82 46.74 -7.03
CA ARG F 262 -3.16 46.97 -8.31
C ARG F 262 -2.88 45.64 -8.99
N ILE F 263 -2.43 44.67 -8.20
CA ILE F 263 -2.13 43.33 -8.72
C ILE F 263 -3.37 42.75 -9.39
N LYS F 264 -4.52 42.92 -8.73
CA LYS F 264 -5.78 42.42 -9.26
C LYS F 264 -6.13 43.11 -10.57
N GLN F 265 -6.06 44.43 -10.57
CA GLN F 265 -6.38 45.21 -11.76
C GLN F 265 -5.51 44.79 -12.95
N GLY F 266 -4.22 44.59 -12.70
CA GLY F 266 -3.34 44.18 -13.78
C GLY F 266 -1.93 44.74 -13.64
N ASP F 267 -1.72 45.60 -12.64
CA ASP F 267 -0.41 46.21 -12.41
C ASP F 267 0.62 45.08 -12.34
N GLU F 268 1.37 44.89 -13.41
CA GLU F 268 2.37 43.84 -13.48
C GLU F 268 3.58 44.13 -12.59
N TRP F 269 4.00 45.39 -12.58
CA TRP F 269 5.16 45.80 -11.77
C TRP F 269 4.90 45.59 -10.28
N ALA F 270 3.66 45.80 -9.85
CA ALA F 270 3.31 45.63 -8.45
C ALA F 270 3.38 44.15 -8.08
N LYS F 271 2.83 43.31 -8.95
CA LYS F 271 2.84 41.87 -8.71
C LYS F 271 4.27 41.37 -8.60
N ARG F 272 5.19 42.00 -9.32
CA ARG F 272 6.59 41.60 -9.31
C ARG F 272 7.24 41.84 -7.96
N VAL F 273 7.32 43.10 -7.55
CA VAL F 273 7.92 43.47 -6.27
C VAL F 273 7.28 42.77 -5.08
N TYR F 274 5.95 42.66 -5.08
CA TYR F 274 5.23 42.02 -3.99
C TYR F 274 5.59 40.54 -3.93
N ARG F 275 5.56 39.89 -5.09
CA ARG F 275 5.89 38.47 -5.17
C ARG F 275 7.33 38.24 -4.74
N ALA F 276 8.16 39.28 -4.90
CA ALA F 276 9.56 39.20 -4.52
C ALA F 276 9.71 39.27 -3.01
N MET F 277 8.80 39.98 -2.35
CA MET F 277 8.85 40.11 -0.90
C MET F 277 8.50 38.78 -0.26
N ALA F 278 7.53 38.07 -0.84
CA ALA F 278 7.11 36.77 -0.32
C ALA F 278 8.28 35.82 -0.53
N TYR F 279 8.90 35.95 -1.70
CA TYR F 279 10.05 35.14 -2.08
C TYR F 279 11.13 35.22 -1.01
N GLN F 280 11.50 36.44 -0.63
CA GLN F 280 12.51 36.64 0.40
C GLN F 280 12.08 36.10 1.75
N ILE F 281 10.84 36.35 2.15
CA ILE F 281 10.35 35.85 3.42
C ILE F 281 10.50 34.34 3.47
N ALA F 282 10.18 33.68 2.37
CA ALA F 282 10.30 32.22 2.30
C ALA F 282 11.74 31.79 2.46
N LYS F 283 12.65 32.46 1.75
CA LYS F 283 14.07 32.14 1.83
C LYS F 283 14.60 32.21 3.25
N TRP F 284 14.11 33.17 4.02
CA TRP F 284 14.56 33.33 5.40
C TRP F 284 13.94 32.28 6.31
N ILE F 285 12.75 31.79 5.97
CA ILE F 285 12.11 30.76 6.77
C ILE F 285 12.98 29.51 6.61
N GLY F 286 13.38 29.26 5.37
CA GLY F 286 14.23 28.11 5.08
C GLY F 286 15.58 28.30 5.74
N LYS F 287 15.98 29.56 5.90
CA LYS F 287 17.24 29.88 6.53
C LYS F 287 17.19 29.43 7.99
N MET F 288 16.11 29.78 8.68
CA MET F 288 15.94 29.39 10.08
C MET F 288 15.69 27.90 10.21
N ALA F 289 15.12 27.30 9.17
CA ALA F 289 14.85 25.86 9.17
C ALA F 289 16.18 25.11 9.28
N ALA F 290 17.21 25.63 8.62
CA ALA F 290 18.53 25.02 8.65
C ALA F 290 19.13 25.14 10.05
N VAL F 291 18.82 26.23 10.74
CA VAL F 291 19.32 26.44 12.09
C VAL F 291 18.79 25.36 13.00
N LEU F 292 17.55 24.94 12.77
CA LEU F 292 16.91 23.91 13.58
C LEU F 292 17.17 22.50 13.03
N LYS F 293 18.03 22.41 12.02
CA LYS F 293 18.38 21.12 11.41
C LYS F 293 17.16 20.34 10.91
N GLY F 294 16.13 21.05 10.47
CA GLY F 294 14.95 20.37 9.97
C GLY F 294 13.98 19.98 11.08
N GLU F 295 14.49 19.97 12.31
CA GLU F 295 13.67 19.62 13.47
C GLU F 295 12.65 20.73 13.67
N VAL F 296 11.62 20.76 12.83
CA VAL F 296 10.60 21.79 12.92
C VAL F 296 9.18 21.22 13.02
N ASP F 297 8.49 21.58 14.10
CA ASP F 297 7.13 21.14 14.33
C ASP F 297 6.17 21.86 13.40
N PHE F 298 6.24 23.19 13.40
CA PHE F 298 5.39 24.01 12.56
C PHE F 298 6.07 25.29 12.14
N ILE F 299 5.56 25.89 11.07
CA ILE F 299 6.04 27.16 10.57
C ILE F 299 4.85 28.08 10.80
N VAL F 300 5.04 29.09 11.65
CA VAL F 300 3.96 30.01 11.97
C VAL F 300 4.10 31.36 11.29
N LEU F 301 3.08 31.74 10.53
CA LEU F 301 3.06 33.02 9.84
C LEU F 301 2.12 33.94 10.62
N THR F 302 2.67 34.96 11.27
CA THR F 302 1.87 35.88 12.06
C THR F 302 2.17 37.31 11.61
N GLY F 303 1.55 38.28 12.29
CA GLY F 303 1.75 39.67 11.96
C GLY F 303 0.63 40.23 11.08
N GLY F 304 0.72 41.52 10.77
CA GLY F 304 -0.30 42.16 9.96
C GLY F 304 -0.47 41.58 8.57
N LEU F 305 0.64 41.39 7.86
CA LEU F 305 0.59 40.84 6.51
C LEU F 305 -0.04 39.44 6.46
N ALA F 306 -0.03 38.75 7.60
CA ALA F 306 -0.60 37.41 7.67
C ALA F 306 -2.05 37.42 7.21
N HIS F 307 -2.64 38.60 7.14
CA HIS F 307 -4.03 38.74 6.71
C HIS F 307 -4.19 38.54 5.21
N GLU F 308 -3.26 39.07 4.42
CA GLU F 308 -3.31 38.93 2.97
C GLU F 308 -3.20 37.46 2.59
N LYS F 309 -4.35 36.79 2.49
CA LYS F 309 -4.39 35.36 2.20
C LYS F 309 -4.66 35.03 0.73
N GLU F 310 -4.56 36.02 -0.15
CA GLU F 310 -4.80 35.79 -1.57
C GLU F 310 -3.50 35.53 -2.32
N PHE F 311 -2.45 36.26 -1.96
CA PHE F 311 -1.17 36.08 -2.64
C PHE F 311 -0.02 35.79 -1.68
N LEU F 312 0.32 36.76 -0.85
CA LEU F 312 1.40 36.60 0.11
C LEU F 312 1.43 35.25 0.80
N VAL F 313 0.47 35.00 1.70
CA VAL F 313 0.43 33.74 2.43
C VAL F 313 0.51 32.51 1.53
N PRO F 314 -0.31 32.46 0.46
CA PRO F 314 -0.25 31.29 -0.43
C PRO F 314 1.13 31.12 -1.06
N TRP F 315 1.70 32.21 -1.56
CA TRP F 315 3.02 32.16 -2.18
C TRP F 315 4.08 31.62 -1.23
N ILE F 316 4.11 32.14 -0.02
CA ILE F 316 5.08 31.70 0.98
C ILE F 316 4.88 30.24 1.31
N THR F 317 3.66 29.88 1.68
CA THR F 317 3.33 28.51 2.05
C THR F 317 3.77 27.48 1.00
N LYS F 318 3.56 27.81 -0.26
CA LYS F 318 3.93 26.92 -1.36
C LYS F 318 5.43 26.66 -1.46
N ARG F 319 6.24 27.52 -0.85
CA ARG F 319 7.69 27.37 -0.93
C ARG F 319 8.34 26.80 0.32
N VAL F 320 7.64 26.85 1.45
CA VAL F 320 8.19 26.35 2.70
C VAL F 320 7.48 25.19 3.36
N SER F 321 6.28 24.84 2.89
CA SER F 321 5.53 23.74 3.50
C SER F 321 6.25 22.39 3.47
N PHE F 322 7.40 22.31 2.79
CA PHE F 322 8.16 21.07 2.72
C PHE F 322 8.94 20.88 4.02
N ILE F 323 9.12 21.97 4.75
CA ILE F 323 9.85 21.96 6.02
C ILE F 323 8.96 21.43 7.14
N ALA F 324 7.73 21.93 7.17
CA ALA F 324 6.76 21.54 8.18
C ALA F 324 5.43 22.22 7.84
N PRO F 325 4.32 21.71 8.40
CA PRO F 325 3.03 22.32 8.11
C PRO F 325 3.00 23.79 8.53
N VAL F 326 2.29 24.60 7.75
CA VAL F 326 2.21 26.03 8.02
C VAL F 326 0.92 26.45 8.72
N LEU F 327 1.06 27.15 9.84
CA LEU F 327 -0.09 27.64 10.60
C LEU F 327 -0.15 29.15 10.40
N VAL F 328 -1.36 29.69 10.26
CA VAL F 328 -1.52 31.13 10.04
C VAL F 328 -2.28 31.79 11.19
N PHE F 329 -1.61 32.76 11.82
CA PHE F 329 -2.19 33.53 12.92
C PHE F 329 -2.17 34.99 12.48
N PRO F 330 -3.20 35.41 11.74
CA PRO F 330 -3.34 36.78 11.24
C PRO F 330 -3.26 37.87 12.31
N GLY F 331 -2.75 39.04 11.91
CA GLY F 331 -2.62 40.16 12.82
C GLY F 331 -1.74 39.90 14.02
N SER F 332 -1.73 40.86 14.95
CA SER F 332 -0.96 40.76 16.18
C SER F 332 -1.57 41.69 17.21
N ASN F 333 -2.23 41.11 18.21
CA ASN F 333 -2.88 41.90 19.26
C ASN F 333 -1.91 42.24 20.39
N GLU F 334 -1.23 43.37 20.26
CA GLU F 334 -0.28 43.81 21.26
C GLU F 334 -0.98 44.05 22.59
N GLU F 335 -2.27 44.37 22.53
CA GLU F 335 -3.05 44.60 23.74
C GLU F 335 -3.34 43.27 24.42
N LYS F 336 -3.86 42.32 23.65
CA LYS F 336 -4.17 41.00 24.19
C LYS F 336 -2.88 40.35 24.72
N ALA F 337 -1.79 40.52 23.99
CA ALA F 337 -0.51 39.96 24.38
C ALA F 337 -0.07 40.50 25.74
N LEU F 338 -0.10 41.82 25.89
CA LEU F 338 0.28 42.48 27.13
C LEU F 338 -0.65 42.12 28.28
N ALA F 339 -1.95 42.31 28.06
CA ALA F 339 -2.95 42.02 29.08
C ALA F 339 -2.86 40.61 29.64
N LEU F 340 -2.92 39.62 28.76
CA LEU F 340 -2.85 38.23 29.18
C LEU F 340 -1.54 37.85 29.89
N SER F 341 -0.43 38.41 29.43
CA SER F 341 0.86 38.13 30.06
C SER F 341 0.80 38.60 31.50
N ALA F 342 0.34 39.83 31.70
CA ALA F 342 0.21 40.42 33.03
C ALA F 342 -0.78 39.63 33.86
N LEU F 343 -1.93 39.30 33.27
CA LEU F 343 -2.96 38.55 33.97
C LEU F 343 -2.40 37.25 34.54
N ARG F 344 -1.50 36.64 33.78
CA ARG F 344 -0.86 35.38 34.16
C ARG F 344 0.01 35.58 35.41
N VAL F 345 0.64 36.74 35.51
CA VAL F 345 1.51 37.06 36.63
C VAL F 345 0.67 37.34 37.88
N LEU F 346 -0.45 38.03 37.70
CA LEU F 346 -1.34 38.35 38.81
C LEU F 346 -2.00 37.11 39.36
N ARG F 347 -1.94 36.02 38.60
CA ARG F 347 -2.57 34.77 39.01
C ARG F 347 -1.54 33.78 39.54
N GLY F 348 -0.28 34.18 39.53
CA GLY F 348 0.79 33.31 40.01
C GLY F 348 1.16 32.23 39.02
N GLU F 349 0.50 32.24 37.86
CA GLU F 349 0.77 31.24 36.83
C GLU F 349 2.18 31.44 36.25
N GLU F 350 2.74 32.63 36.45
CA GLU F 350 4.08 32.93 35.97
C GLU F 350 4.75 33.87 36.96
N LYS F 351 6.07 33.84 37.00
CA LYS F 351 6.81 34.68 37.95
C LYS F 351 7.46 35.87 37.28
N PRO F 352 7.32 37.06 37.87
CA PRO F 352 7.90 38.29 37.33
C PRO F 352 9.40 38.18 37.16
N LYS F 353 9.98 39.11 36.41
CA LYS F 353 11.42 39.11 36.16
C LYS F 353 12.02 40.41 36.68
N ASN F 354 13.19 40.32 37.30
CA ASN F 354 13.86 41.50 37.82
C ASN F 354 14.82 42.00 36.76
N TYR F 355 14.42 43.05 36.04
CA TYR F 355 15.25 43.61 34.98
C TYR F 355 16.69 43.85 35.41
N SER F 356 16.86 44.56 36.52
CA SER F 356 18.19 44.86 37.04
C SER F 356 19.11 43.64 37.08
N GLU F 357 18.67 42.60 37.80
CA GLU F 357 19.44 41.37 37.91
C GLU F 357 19.57 40.74 36.55
N GLU F 358 18.42 40.48 35.94
CA GLU F 358 18.35 39.79 34.66
C GLU F 358 19.22 40.42 33.59
N SER F 359 19.18 41.75 33.48
CA SER F 359 19.98 42.44 32.47
C SER F 359 21.46 42.23 32.72
N ARG F 360 21.83 42.11 34.00
CA ARG F 360 23.23 41.90 34.36
C ARG F 360 23.64 40.46 34.12
N ARG F 361 22.82 39.50 34.55
CA ARG F 361 23.15 38.10 34.34
C ARG F 361 23.33 37.85 32.86
N TRP F 362 22.77 38.72 32.03
CA TRP F 362 22.87 38.60 30.58
C TRP F 362 24.22 39.11 30.06
N ARG F 363 24.44 40.42 30.20
CA ARG F 363 25.69 41.02 29.74
C ARG F 363 26.81 40.63 30.71
N GLU F 364 26.80 39.36 31.09
CA GLU F 364 27.78 38.80 32.00
C GLU F 364 28.26 37.51 31.34
N ARG F 365 27.32 36.67 30.94
CA ARG F 365 27.65 35.42 30.26
C ARG F 365 28.24 35.83 28.92
N TYR F 366 27.74 36.96 28.40
CA TYR F 366 28.18 37.53 27.14
C TYR F 366 29.60 38.10 27.29
N ASP F 367 30.02 38.25 28.54
CA ASP F 367 31.34 38.75 28.86
C ASP F 367 32.17 37.65 29.48
N SER F 368 31.50 36.61 29.96
CA SER F 368 32.16 35.46 30.59
C SER F 368 32.51 34.43 29.53
N TYR F 369 31.53 34.11 28.70
CA TYR F 369 31.69 33.14 27.62
C TYR F 369 32.57 33.72 26.52
N LEU F 370 32.66 35.05 26.48
CA LEU F 370 33.48 35.75 25.49
C LEU F 370 34.96 35.79 25.87
N ASP F 371 35.65 34.67 25.66
CA ASP F 371 37.07 34.57 25.97
C ASP F 371 37.88 34.45 24.68
N GLY F 372 38.00 35.57 23.96
CA GLY F 372 38.75 35.57 22.71
C GLY F 372 39.49 36.87 22.46
N MET G 1 44.05 15.76 -33.13
CA MET G 1 44.58 15.96 -31.76
C MET G 1 44.92 17.43 -31.53
N PHE G 2 44.14 18.10 -30.69
CA PHE G 2 44.37 19.50 -30.40
C PHE G 2 45.07 19.65 -29.06
N ARG G 3 46.08 20.53 -29.02
CA ARG G 3 46.79 20.78 -27.77
C ARG G 3 46.23 22.08 -27.19
N ILE G 4 45.65 21.98 -26.00
CA ILE G 4 45.05 23.15 -25.35
C ILE G 4 45.78 23.58 -24.10
N LEU G 5 45.84 24.90 -23.89
CA LEU G 5 46.50 25.47 -22.72
C LEU G 5 45.46 26.23 -21.89
N THR G 6 45.32 25.88 -20.62
CA THR G 6 44.36 26.56 -19.76
C THR G 6 45.05 27.55 -18.85
N ILE G 7 44.38 28.68 -18.60
CA ILE G 7 44.92 29.71 -17.74
C ILE G 7 43.89 29.99 -16.67
N ASN G 8 44.26 29.77 -15.41
CA ASN G 8 43.35 29.98 -14.30
C ASN G 8 43.96 30.86 -13.22
N PRO G 9 43.90 32.19 -13.41
CA PRO G 9 44.46 33.14 -12.44
C PRO G 9 43.60 33.19 -11.18
N GLY G 10 44.26 33.10 -10.02
CA GLY G 10 43.54 33.15 -8.76
C GLY G 10 43.99 34.30 -7.90
N SER G 11 43.28 34.54 -6.80
CA SER G 11 43.61 35.63 -5.89
C SER G 11 45.01 35.46 -5.31
N THR G 12 45.36 34.23 -4.95
CA THR G 12 46.66 33.94 -4.36
C THR G 12 47.48 32.96 -5.18
N SER G 13 46.85 32.31 -6.15
CA SER G 13 47.56 31.34 -6.98
C SER G 13 47.26 31.50 -8.46
N THR G 14 47.87 30.64 -9.27
CA THR G 14 47.67 30.65 -10.72
C THR G 14 47.90 29.23 -11.22
N LYS G 15 46.83 28.62 -11.71
CA LYS G 15 46.92 27.25 -12.23
C LYS G 15 46.95 27.19 -13.74
N LEU G 16 47.84 26.37 -14.27
CA LEU G 16 47.98 26.19 -15.71
C LEU G 16 47.94 24.71 -16.02
N SER G 17 47.49 24.37 -17.23
CA SER G 17 47.43 22.97 -17.63
C SER G 17 47.47 22.84 -19.14
N ILE G 18 48.02 21.73 -19.61
CA ILE G 18 48.12 21.45 -21.03
C ILE G 18 47.37 20.16 -21.31
N PHE G 19 46.44 20.23 -22.27
CA PHE G 19 45.67 19.06 -22.66
C PHE G 19 45.88 18.69 -24.12
N GLU G 20 45.89 17.41 -24.35
CA GLU G 20 46.00 16.83 -25.66
C GLU G 20 44.71 16.04 -25.80
N ASP G 21 43.72 16.57 -26.52
CA ASP G 21 42.42 15.91 -26.62
C ASP G 21 41.84 15.85 -25.20
N GLU G 22 41.36 14.68 -24.75
CA GLU G 22 40.78 14.62 -23.40
C GLU G 22 41.81 14.36 -22.31
N ARG G 23 43.05 14.10 -22.68
CA ARG G 23 44.10 13.80 -21.70
C ARG G 23 44.98 14.96 -21.26
N MET G 24 45.07 15.15 -19.94
CA MET G 24 45.88 16.21 -19.37
C MET G 24 47.34 15.75 -19.29
N VAL G 25 48.22 16.41 -20.03
CA VAL G 25 49.62 16.05 -20.05
C VAL G 25 50.48 16.80 -19.02
N LYS G 26 49.95 17.90 -18.49
CA LYS G 26 50.67 18.67 -17.50
C LYS G 26 49.79 19.73 -16.84
N MET G 27 50.08 20.02 -15.58
CA MET G 27 49.34 21.02 -14.83
C MET G 27 50.19 21.44 -13.64
N GLN G 28 50.10 22.72 -13.28
CA GLN G 28 50.87 23.23 -12.16
C GLN G 28 50.17 24.41 -11.52
N ASN G 29 50.27 24.48 -10.20
CA ASN G 29 49.65 25.56 -9.44
C ASN G 29 50.71 26.41 -8.78
N PHE G 30 50.90 27.62 -9.30
CA PHE G 30 51.90 28.53 -8.75
C PHE G 30 51.22 29.42 -7.70
N SER G 31 51.70 29.35 -6.46
CA SER G 31 51.15 30.16 -5.38
C SER G 31 51.99 31.41 -5.21
N HIS G 32 51.33 32.52 -4.92
CA HIS G 32 52.02 33.80 -4.74
C HIS G 32 51.90 34.28 -3.30
N SER G 33 53.04 34.34 -2.62
CA SER G 33 53.09 34.77 -1.24
C SER G 33 52.61 36.22 -1.10
N PRO G 34 51.84 36.51 -0.05
CA PRO G 34 51.31 37.86 0.19
C PRO G 34 52.42 38.91 0.22
N ASP G 35 53.64 38.46 0.53
CA ASP G 35 54.80 39.34 0.58
C ASP G 35 55.24 39.63 -0.85
N GLU G 36 54.91 38.72 -1.76
CA GLU G 36 55.26 38.87 -3.16
C GLU G 36 54.16 39.64 -3.87
N LEU G 37 52.91 39.30 -3.59
CA LEU G 37 51.77 39.98 -4.18
C LEU G 37 51.74 41.43 -3.72
N GLY G 38 52.27 41.66 -2.53
CA GLY G 38 52.32 43.01 -1.99
C GLY G 38 53.38 43.83 -2.69
N ARG G 39 53.06 44.21 -3.92
CA ARG G 39 53.99 44.92 -4.75
C ARG G 39 53.23 45.52 -5.94
N PHE G 40 51.91 45.31 -5.96
CA PHE G 40 51.03 45.79 -7.02
C PHE G 40 49.84 46.49 -6.39
N GLN G 41 49.60 47.73 -6.82
CA GLN G 41 48.48 48.51 -6.29
C GLN G 41 47.15 47.91 -6.73
N LYS G 42 46.96 47.78 -8.04
CA LYS G 42 45.74 47.21 -8.57
C LYS G 42 46.03 45.82 -9.14
N ILE G 43 45.01 44.99 -9.23
CA ILE G 43 45.15 43.63 -9.75
C ILE G 43 45.77 43.63 -11.15
N LEU G 44 45.32 44.54 -12.00
CA LEU G 44 45.82 44.62 -13.37
C LEU G 44 47.34 44.78 -13.44
N ASP G 45 47.96 45.21 -12.35
CA ASP G 45 49.40 45.39 -12.32
C ASP G 45 50.14 44.05 -12.30
N GLN G 46 49.43 43.01 -11.88
CA GLN G 46 50.02 41.67 -11.81
C GLN G 46 50.07 40.99 -13.17
N LEU G 47 49.37 41.58 -14.14
CA LEU G 47 49.31 41.04 -15.50
C LEU G 47 50.64 40.51 -16.01
N GLU G 48 51.66 41.35 -16.01
CA GLU G 48 52.99 40.96 -16.48
C GLU G 48 53.58 39.84 -15.63
N PHE G 49 53.31 39.90 -14.33
CA PHE G 49 53.80 38.89 -13.39
C PHE G 49 53.23 37.51 -13.69
N ARG G 50 51.91 37.44 -13.82
CA ARG G 50 51.24 36.18 -14.11
C ARG G 50 51.64 35.63 -15.48
N GLU G 51 51.57 36.49 -16.50
CA GLU G 51 51.91 36.10 -17.87
C GLU G 51 53.33 35.53 -17.95
N LYS G 52 54.24 36.14 -17.22
CA LYS G 52 55.64 35.69 -17.21
C LYS G 52 55.69 34.23 -16.76
N ILE G 53 54.90 33.91 -15.75
CA ILE G 53 54.84 32.56 -15.20
C ILE G 53 54.21 31.60 -16.20
N ALA G 54 53.19 32.08 -16.92
CA ALA G 54 52.51 31.27 -17.91
C ALA G 54 53.47 30.81 -18.99
N ARG G 55 54.23 31.75 -19.55
CA ARG G 55 55.21 31.42 -20.59
C ARG G 55 56.21 30.40 -20.08
N GLN G 56 56.79 30.68 -18.92
CA GLN G 56 57.76 29.80 -18.30
C GLN G 56 57.21 28.37 -18.34
N PHE G 57 55.97 28.23 -17.89
CA PHE G 57 55.29 26.95 -17.86
C PHE G 57 55.45 26.22 -19.18
N VAL G 58 54.83 26.77 -20.23
CA VAL G 58 54.88 26.20 -21.56
C VAL G 58 56.31 26.04 -22.07
N GLU G 59 57.12 27.08 -21.92
CA GLU G 59 58.50 27.02 -22.39
C GLU G 59 59.24 25.81 -21.88
N GLU G 60 59.20 25.59 -20.57
CA GLU G 60 59.90 24.47 -19.96
C GLU G 60 59.31 23.09 -20.26
N THR G 61 58.76 22.93 -21.45
CA THR G 61 58.19 21.65 -21.86
C THR G 61 58.61 21.32 -23.28
N GLY G 62 59.35 22.23 -23.90
CA GLY G 62 59.81 22.01 -25.26
C GLY G 62 58.85 22.66 -26.24
N TYR G 63 57.55 22.53 -25.95
CA TYR G 63 56.52 23.12 -26.80
C TYR G 63 56.77 24.61 -26.92
N SER G 64 55.96 25.28 -27.72
CA SER G 64 56.06 26.72 -27.93
C SER G 64 54.64 27.23 -28.09
N LEU G 65 54.40 28.49 -27.70
CA LEU G 65 53.07 29.06 -27.81
C LEU G 65 52.43 28.80 -29.18
N SER G 66 53.26 28.45 -30.16
CA SER G 66 52.78 28.21 -31.52
C SER G 66 52.40 26.75 -31.72
N SER G 67 52.60 25.90 -30.74
CA SER G 67 52.27 24.49 -30.86
C SER G 67 50.94 24.17 -30.18
N PHE G 68 50.10 25.19 -30.00
CA PHE G 68 48.79 25.01 -29.37
C PHE G 68 47.65 25.30 -30.33
N SER G 69 46.52 24.66 -30.10
CA SER G 69 45.35 24.85 -30.94
C SER G 69 44.45 25.95 -30.40
N ALA G 70 44.62 26.28 -29.13
CA ALA G 70 43.81 27.32 -28.49
C ALA G 70 44.22 27.60 -27.06
N PHE G 71 43.91 28.80 -26.58
CA PHE G 71 44.21 29.20 -25.21
C PHE G 71 42.88 29.47 -24.51
N VAL G 72 42.69 28.87 -23.33
CA VAL G 72 41.44 29.07 -22.60
C VAL G 72 41.66 29.50 -21.17
N SER G 73 40.86 30.44 -20.72
CA SER G 73 40.97 30.93 -19.35
C SER G 73 39.60 31.07 -18.73
N ARG G 74 39.57 31.34 -17.44
CA ARG G 74 38.31 31.48 -16.73
C ARG G 74 37.73 32.85 -17.07
N GLY G 75 36.40 32.96 -17.08
CA GLY G 75 35.77 34.21 -17.38
C GLY G 75 35.90 35.20 -16.24
N GLY G 76 36.30 36.42 -16.55
CA GLY G 76 36.46 37.44 -15.52
C GLY G 76 35.17 38.14 -15.17
N LEU G 77 35.29 39.36 -14.64
CA LEU G 77 34.13 40.14 -14.24
C LEU G 77 33.51 40.89 -15.41
N LEU G 78 33.16 40.15 -16.47
CA LEU G 78 32.55 40.74 -17.65
C LEU G 78 31.13 41.20 -17.32
N ASP G 79 30.42 41.67 -18.34
CA ASP G 79 29.05 42.12 -18.15
C ASP G 79 28.15 40.89 -18.29
N PRO G 80 26.97 40.93 -17.64
CA PRO G 80 26.01 39.82 -17.68
C PRO G 80 25.85 39.20 -19.08
N ILE G 81 26.00 37.89 -19.16
CA ILE G 81 25.88 37.17 -20.42
C ILE G 81 25.45 35.73 -20.15
N PRO G 82 24.96 35.03 -21.19
CA PRO G 82 24.53 33.64 -21.05
C PRO G 82 25.74 32.76 -20.76
N GLY G 83 25.55 31.45 -20.80
CA GLY G 83 26.65 30.53 -20.57
C GLY G 83 27.18 30.09 -21.92
N GLY G 84 28.35 29.44 -21.92
CA GLY G 84 28.92 28.98 -23.17
C GLY G 84 30.38 29.33 -23.32
N VAL G 85 30.92 29.08 -24.51
CA VAL G 85 32.32 29.36 -24.81
C VAL G 85 32.41 30.60 -25.70
N TYR G 86 32.99 31.67 -25.17
CA TYR G 86 33.11 32.92 -25.93
C TYR G 86 34.53 33.16 -26.47
N LEU G 87 34.59 33.90 -27.57
CA LEU G 87 35.88 34.27 -28.18
C LEU G 87 36.30 35.59 -27.53
N VAL G 88 37.52 35.63 -27.02
CA VAL G 88 38.02 36.84 -26.39
C VAL G 88 38.19 37.94 -27.43
N ASP G 89 37.23 38.87 -27.47
CA ASP G 89 37.28 39.97 -28.44
C ASP G 89 37.61 41.29 -27.75
N GLY G 90 37.95 42.30 -28.56
CA GLY G 90 38.30 43.60 -28.03
C GLY G 90 37.42 44.10 -26.90
N LEU G 91 36.12 44.11 -27.11
CA LEU G 91 35.19 44.58 -26.11
C LEU G 91 35.43 43.89 -24.77
N MET G 92 35.71 42.61 -24.81
CA MET G 92 35.95 41.93 -23.55
C MET G 92 37.19 42.38 -22.86
N ILE G 93 38.19 42.75 -23.64
CA ILE G 93 39.51 43.09 -23.13
C ILE G 93 39.65 44.56 -22.74
N LYS G 94 38.60 45.25 -23.14
CA LYS G 94 38.38 46.64 -22.85
C LYS G 94 37.64 46.71 -21.53
N THR G 95 36.73 45.76 -21.37
CA THR G 95 35.92 45.69 -20.15
C THR G 95 36.73 45.20 -18.95
N LEU G 96 37.50 44.13 -19.15
CA LEU G 96 38.31 43.56 -18.08
C LEU G 96 39.43 44.48 -17.60
N LYS G 97 40.05 45.21 -18.51
CA LYS G 97 41.13 46.12 -18.14
C LYS G 97 40.61 47.31 -17.34
N SER G 98 39.47 47.83 -17.74
CA SER G 98 38.86 48.97 -17.05
C SER G 98 38.44 48.61 -15.63
N GLY G 99 38.06 47.34 -15.43
CA GLY G 99 37.63 46.90 -14.11
C GLY G 99 36.32 47.57 -13.72
N LYS G 100 35.54 47.95 -14.73
CA LYS G 100 34.25 48.59 -14.50
C LYS G 100 33.36 47.81 -13.54
N ASN G 101 33.35 46.49 -13.70
CA ASN G 101 32.52 45.65 -12.85
C ASN G 101 33.27 45.04 -11.68
N GLY G 102 34.39 45.67 -11.30
CA GLY G 102 35.18 45.16 -10.18
C GLY G 102 36.52 44.59 -10.57
N GLU G 103 37.44 44.53 -9.62
CA GLU G 103 38.78 43.98 -9.87
C GLU G 103 38.94 42.62 -9.22
N HIS G 104 39.49 41.66 -9.98
CA HIS G 104 39.68 40.29 -9.50
C HIS G 104 40.73 39.58 -10.36
N ALA G 105 41.67 38.87 -9.73
CA ALA G 105 42.72 38.15 -10.45
C ALA G 105 42.17 37.38 -11.65
N SER G 106 40.90 37.02 -11.57
CA SER G 106 40.22 36.31 -12.63
C SER G 106 40.21 37.08 -13.96
N ASN G 107 40.18 38.41 -13.87
CA ASN G 107 40.15 39.26 -15.05
C ASN G 107 41.41 39.17 -15.90
N LEU G 108 42.53 38.83 -15.27
CA LEU G 108 43.80 38.71 -15.98
C LEU G 108 43.77 37.55 -16.98
N GLY G 109 43.08 36.48 -16.61
CA GLY G 109 42.99 35.31 -17.46
C GLY G 109 42.78 35.56 -18.95
N ALA G 110 41.65 36.14 -19.30
CA ALA G 110 41.32 36.43 -20.70
C ALA G 110 42.37 37.29 -21.39
N ILE G 111 42.92 38.26 -20.67
CA ILE G 111 43.92 39.16 -21.24
C ILE G 111 45.18 38.40 -21.62
N ILE G 112 45.64 37.50 -20.75
CA ILE G 112 46.84 36.72 -21.02
C ILE G 112 46.60 35.79 -22.20
N ALA G 113 45.43 35.16 -22.23
CA ALA G 113 45.09 34.25 -23.31
C ALA G 113 45.02 35.03 -24.62
N HIS G 114 44.56 36.26 -24.55
CA HIS G 114 44.45 37.10 -25.74
C HIS G 114 45.81 37.40 -26.37
N ARG G 115 46.77 37.79 -25.56
CA ARG G 115 48.11 38.11 -26.05
C ARG G 115 48.73 36.91 -26.76
N PHE G 116 48.79 35.77 -26.08
CA PHE G 116 49.35 34.57 -26.67
C PHE G 116 48.66 34.33 -28.01
N SER G 117 47.37 34.65 -28.06
CA SER G 117 46.58 34.49 -29.27
C SER G 117 47.09 35.41 -30.38
N SER G 118 47.25 36.68 -30.04
CA SER G 118 47.71 37.68 -31.00
C SER G 118 49.21 37.56 -31.29
N GLU G 119 49.82 36.48 -30.80
CA GLU G 119 51.25 36.24 -31.01
C GLU G 119 51.45 34.99 -31.85
N THR G 120 50.45 34.11 -31.83
CA THR G 120 50.51 32.86 -32.56
C THR G 120 49.39 32.71 -33.58
N GLY G 121 48.38 33.57 -33.48
CA GLY G 121 47.27 33.48 -34.40
C GLY G 121 46.37 32.31 -34.04
N VAL G 122 46.41 31.94 -32.77
CA VAL G 122 45.59 30.84 -32.26
C VAL G 122 44.43 31.39 -31.42
N PRO G 123 43.24 30.77 -31.56
CA PRO G 123 42.05 31.19 -30.82
C PRO G 123 42.21 31.28 -29.30
N ALA G 124 41.55 32.26 -28.71
CA ALA G 124 41.58 32.46 -27.27
C ALA G 124 40.12 32.46 -26.79
N TYR G 125 39.79 31.55 -25.88
CA TYR G 125 38.43 31.46 -25.37
C TYR G 125 38.33 31.62 -23.86
N VAL G 126 37.09 31.73 -23.39
CA VAL G 126 36.76 31.85 -21.98
C VAL G 126 35.49 31.03 -21.81
N VAL G 127 35.37 30.30 -20.71
CA VAL G 127 34.20 29.47 -20.49
C VAL G 127 33.38 29.91 -19.27
N ASP G 128 32.06 29.82 -19.41
CA ASP G 128 31.09 30.19 -18.36
C ASP G 128 31.65 31.15 -17.31
N PRO G 129 31.80 32.42 -17.67
CA PRO G 129 32.33 33.44 -16.76
C PRO G 129 31.65 33.46 -15.41
N VAL G 130 32.40 34.00 -14.46
CA VAL G 130 31.96 34.13 -13.08
C VAL G 130 30.71 34.99 -13.02
N VAL G 131 30.41 35.66 -14.13
CA VAL G 131 29.25 36.54 -14.19
C VAL G 131 28.08 35.99 -14.97
N VAL G 132 28.14 34.71 -15.33
CA VAL G 132 27.05 34.07 -16.06
C VAL G 132 25.77 34.30 -15.26
N ASP G 133 24.67 34.58 -15.96
CA ASP G 133 23.40 34.84 -15.27
C ASP G 133 22.25 34.02 -15.83
N GLU G 134 21.61 33.25 -14.97
CA GLU G 134 20.48 32.40 -15.35
C GLU G 134 19.35 32.55 -14.34
N MET G 135 19.49 33.52 -13.43
CA MET G 135 18.50 33.76 -12.38
C MET G 135 17.11 34.10 -12.88
N GLU G 136 16.11 33.88 -12.04
CA GLU G 136 14.72 34.21 -12.35
C GLU G 136 14.53 35.65 -11.93
N ASP G 137 13.67 36.36 -12.66
CA ASP G 137 13.40 37.76 -12.40
C ASP G 137 13.18 38.07 -10.92
N VAL G 138 12.32 37.28 -10.28
CA VAL G 138 11.99 37.45 -8.87
C VAL G 138 13.23 37.54 -7.98
N ALA G 139 14.29 36.84 -8.37
CA ALA G 139 15.53 36.84 -7.60
C ALA G 139 16.37 38.10 -7.78
N ARG G 140 15.98 38.96 -8.72
CA ARG G 140 16.73 40.18 -8.97
C ARG G 140 16.38 41.33 -8.04
N VAL G 141 15.13 41.39 -7.60
CA VAL G 141 14.71 42.45 -6.69
C VAL G 141 15.49 42.34 -5.40
N SER G 142 16.08 43.46 -4.97
CA SER G 142 16.90 43.48 -3.75
C SER G 142 16.22 44.13 -2.54
N GLY G 143 15.20 44.94 -2.81
CA GLY G 143 14.50 45.59 -1.72
C GLY G 143 14.70 47.09 -1.84
N HIS G 144 15.55 47.49 -2.77
CA HIS G 144 15.82 48.89 -3.03
C HIS G 144 15.93 49.07 -4.54
N PRO G 145 15.03 49.89 -5.12
CA PRO G 145 14.97 50.18 -6.56
C PRO G 145 16.29 50.37 -7.28
N ASN G 146 17.25 51.02 -6.63
CA ASN G 146 18.55 51.27 -7.23
C ASN G 146 19.41 50.02 -7.36
N TYR G 147 19.52 49.26 -6.28
CA TYR G 147 20.33 48.05 -6.26
C TYR G 147 19.62 46.85 -6.91
N GLN G 148 20.41 45.93 -7.44
CA GLN G 148 19.90 44.72 -8.10
C GLN G 148 20.82 43.55 -7.78
N ARG G 149 20.25 42.41 -7.41
CA ARG G 149 21.05 41.23 -7.08
C ARG G 149 21.76 40.71 -8.33
N LYS G 150 23.09 40.70 -8.29
CA LYS G 150 23.87 40.22 -9.43
C LYS G 150 24.30 38.76 -9.26
N SER G 151 24.33 38.04 -10.38
CA SER G 151 24.72 36.64 -10.38
C SER G 151 26.23 36.53 -10.63
N ILE G 152 27.00 36.49 -9.55
CA ILE G 152 28.46 36.38 -9.62
C ILE G 152 28.92 35.24 -8.71
N PHE G 153 29.18 34.07 -9.32
CA PHE G 153 29.61 32.91 -8.56
C PHE G 153 30.65 32.07 -9.32
N HIS G 154 30.92 30.87 -8.80
CA HIS G 154 31.88 29.98 -9.43
C HIS G 154 31.14 29.14 -10.47
N ALA G 155 30.60 29.82 -11.48
CA ALA G 155 29.84 29.17 -12.54
C ALA G 155 30.57 27.95 -13.11
N LEU G 156 31.86 28.11 -13.36
CA LEU G 156 32.66 27.02 -13.92
C LEU G 156 32.53 25.72 -13.13
N ASN G 157 33.04 25.71 -11.91
CA ASN G 157 32.97 24.52 -11.06
C ASN G 157 31.53 24.07 -10.81
N GLN G 158 30.67 25.03 -10.47
CA GLN G 158 29.26 24.77 -10.20
C GLN G 158 28.65 23.91 -11.30
N LYS G 159 28.69 24.41 -12.53
CA LYS G 159 28.15 23.71 -13.68
C LYS G 159 28.81 22.35 -13.87
N THR G 160 30.12 22.30 -13.63
CA THR G 160 30.86 21.06 -13.79
C THR G 160 30.44 19.98 -12.79
N VAL G 161 30.55 20.28 -11.49
CA VAL G 161 30.18 19.30 -10.47
C VAL G 161 28.72 18.91 -10.61
N ALA G 162 27.88 19.87 -10.94
CA ALA G 162 26.45 19.61 -11.11
C ALA G 162 26.25 18.55 -12.19
N LYS G 163 26.95 18.71 -13.31
CA LYS G 163 26.83 17.78 -14.42
C LYS G 163 27.44 16.42 -14.10
N GLU G 164 28.46 16.40 -13.24
CA GLU G 164 29.10 15.15 -12.85
C GLU G 164 28.20 14.37 -11.91
N VAL G 165 27.38 15.09 -11.15
CA VAL G 165 26.45 14.45 -10.22
C VAL G 165 25.37 13.76 -11.04
N ALA G 166 24.87 14.45 -12.05
CA ALA G 166 23.83 13.91 -12.93
C ALA G 166 24.42 12.73 -13.70
N ARG G 167 25.63 12.92 -14.21
CA ARG G 167 26.33 11.90 -14.97
C ARG G 167 26.51 10.65 -14.11
N MET G 168 27.01 10.84 -12.90
CA MET G 168 27.25 9.76 -11.96
C MET G 168 26.02 8.87 -11.72
N MET G 169 24.84 9.35 -12.08
CA MET G 169 23.62 8.58 -11.86
C MET G 169 22.79 8.37 -13.13
N ASN G 170 23.47 8.32 -14.27
CA ASN G 170 22.79 8.12 -15.55
C ASN G 170 21.57 9.02 -15.71
N LYS G 171 21.74 10.30 -15.43
CA LYS G 171 20.65 11.27 -15.54
C LYS G 171 21.14 12.51 -16.27
N ARG G 172 20.21 13.41 -16.60
CA ARG G 172 20.57 14.65 -17.28
C ARG G 172 20.52 15.85 -16.34
N TYR G 173 21.53 16.70 -16.43
CA TYR G 173 21.63 17.90 -15.61
C TYR G 173 20.36 18.73 -15.70
N GLU G 174 19.76 18.76 -16.89
CA GLU G 174 18.55 19.53 -17.14
C GLU G 174 17.31 18.99 -16.42
N GLU G 175 17.34 17.72 -16.04
CA GLU G 175 16.18 17.14 -15.36
C GLU G 175 16.42 16.88 -13.88
N MET G 176 17.16 17.77 -13.24
CA MET G 176 17.45 17.65 -11.82
C MET G 176 17.47 19.00 -11.11
N ASN G 177 17.15 18.96 -9.81
CA ASN G 177 17.16 20.17 -9.00
C ASN G 177 18.25 19.92 -7.95
N LEU G 178 19.21 20.84 -7.89
CA LEU G 178 20.31 20.68 -6.95
C LEU G 178 20.65 21.98 -6.23
N VAL G 179 21.25 21.84 -5.06
CA VAL G 179 21.68 22.98 -4.28
C VAL G 179 23.17 22.74 -4.14
N VAL G 180 23.95 23.47 -4.94
CA VAL G 180 25.39 23.32 -4.92
C VAL G 180 26.05 24.45 -4.15
N ALA G 181 27.01 24.09 -3.30
CA ALA G 181 27.72 25.07 -2.49
C ALA G 181 29.22 24.98 -2.69
N HIS G 182 29.78 25.95 -3.41
CA HIS G 182 31.22 25.98 -3.65
C HIS G 182 31.84 26.72 -2.47
N MET G 183 32.66 26.01 -1.69
CA MET G 183 33.28 26.60 -0.52
C MET G 183 34.80 26.76 -0.67
N GLY G 184 35.23 27.97 -0.99
CA GLY G 184 36.66 28.24 -1.15
C GLY G 184 36.96 29.63 -0.64
N GLY G 185 37.95 30.29 -1.24
CA GLY G 185 38.28 31.65 -0.81
C GLY G 185 37.00 32.45 -0.85
N GLY G 186 36.17 32.11 -1.83
CA GLY G 186 34.89 32.75 -2.00
C GLY G 186 33.86 31.64 -1.87
N ILE G 187 32.68 31.97 -1.37
CA ILE G 187 31.66 30.95 -1.21
C ILE G 187 30.42 31.29 -2.01
N SER G 188 29.94 30.30 -2.72
CA SER G 188 28.75 30.52 -3.52
C SER G 188 27.86 29.32 -3.42
N ILE G 189 26.66 29.66 -3.11
CA ILE G 189 25.63 28.71 -2.90
C ILE G 189 24.46 28.95 -3.87
N ALA G 190 24.30 28.05 -4.85
CA ALA G 190 23.25 28.26 -5.85
C ALA G 190 22.20 27.15 -5.90
N ALA G 191 21.03 27.51 -6.42
CA ALA G 191 19.93 26.57 -6.56
C ALA G 191 19.78 26.28 -8.05
N HIS G 192 20.08 25.03 -8.43
CA HIS G 192 19.97 24.65 -9.83
C HIS G 192 18.64 23.97 -10.05
N ARG G 193 17.78 24.60 -10.85
CA ARG G 193 16.47 24.04 -11.16
C ARG G 193 16.44 23.64 -12.63
N LYS G 194 16.49 22.35 -12.89
CA LYS G 194 16.46 21.84 -14.25
C LYS G 194 17.56 22.42 -15.12
N GLY G 195 18.80 22.35 -14.63
CA GLY G 195 19.94 22.85 -15.37
C GLY G 195 20.07 24.37 -15.50
N ARG G 196 19.40 25.11 -14.63
CA ARG G 196 19.45 26.56 -14.68
C ARG G 196 19.66 27.14 -13.28
N VAL G 197 20.75 27.88 -13.09
CA VAL G 197 21.04 28.49 -11.79
C VAL G 197 20.10 29.68 -11.55
N ILE G 198 18.85 29.36 -11.22
CA ILE G 198 17.81 30.36 -11.00
C ILE G 198 18.09 31.34 -9.87
N ASP G 199 19.08 31.05 -9.04
CA ASP G 199 19.41 31.95 -7.93
C ASP G 199 20.76 31.58 -7.31
N VAL G 200 21.45 32.60 -6.80
CA VAL G 200 22.75 32.42 -6.16
C VAL G 200 23.15 33.77 -5.56
N ASN G 201 24.08 33.75 -4.62
CA ASN G 201 24.53 34.98 -3.98
C ASN G 201 25.65 35.62 -4.79
N ASN G 202 26.04 36.84 -4.40
CA ASN G 202 27.11 37.55 -5.08
C ASN G 202 28.39 37.28 -4.31
N ALA G 203 29.15 36.30 -4.79
CA ALA G 203 30.39 35.89 -4.15
C ALA G 203 31.51 36.93 -4.11
N LEU G 204 31.24 38.15 -4.60
CA LEU G 204 32.26 39.20 -4.59
C LEU G 204 31.86 40.46 -3.83
N ASP G 205 30.71 41.03 -4.18
CA ASP G 205 30.25 42.26 -3.54
C ASP G 205 29.80 42.09 -2.10
N GLY G 206 30.42 41.18 -1.37
CA GLY G 206 30.06 40.96 0.02
C GLY G 206 28.61 40.58 0.25
N ASP G 207 28.23 39.37 -0.15
CA ASP G 207 26.87 38.89 0.02
C ASP G 207 26.88 37.39 0.27
N GLY G 208 26.27 36.97 1.37
CA GLY G 208 26.24 35.56 1.72
C GLY G 208 27.03 35.28 2.98
N PRO G 209 27.34 34.01 3.27
CA PRO G 209 28.10 33.67 4.47
C PRO G 209 29.54 34.17 4.35
N PHE G 210 30.22 34.32 5.48
CA PHE G 210 31.60 34.80 5.45
C PHE G 210 32.56 33.66 5.11
N THR G 211 33.43 33.92 4.15
CA THR G 211 34.41 32.94 3.70
C THR G 211 35.66 33.01 4.57
N PRO G 212 36.68 32.19 4.26
CA PRO G 212 37.90 32.22 5.07
C PRO G 212 38.64 33.56 4.94
N GLU G 213 38.22 34.38 3.98
CA GLU G 213 38.87 35.67 3.76
C GLU G 213 37.90 36.79 3.35
N ARG G 214 36.62 36.62 3.65
CA ARG G 214 35.60 37.61 3.32
C ARG G 214 34.55 37.72 4.43
N SER G 215 34.00 38.91 4.61
CA SER G 215 33.02 39.14 5.66
C SER G 215 31.59 38.76 5.26
N GLY G 216 31.37 38.56 3.97
CA GLY G 216 30.04 38.20 3.51
C GLY G 216 29.05 39.33 3.69
N THR G 217 27.95 39.07 4.39
CA THR G 217 26.93 40.08 4.61
C THR G 217 26.98 40.66 6.01
N LEU G 218 26.65 41.95 6.12
CA LEU G 218 26.63 42.65 7.40
C LEU G 218 25.49 43.68 7.41
N PRO G 219 24.87 43.91 8.59
CA PRO G 219 23.76 44.86 8.74
C PRO G 219 24.02 46.25 8.16
N LEU G 220 22.96 46.94 7.75
CA LEU G 220 23.08 48.27 7.16
C LEU G 220 23.40 49.38 8.17
N THR G 221 22.56 49.53 9.19
CA THR G 221 22.77 50.56 10.20
C THR G 221 24.15 50.48 10.85
N GLN G 222 24.63 49.26 11.09
CA GLN G 222 25.93 49.06 11.71
C GLN G 222 27.07 49.49 10.78
N LEU G 223 26.80 49.52 9.47
CA LEU G 223 27.80 49.90 8.49
C LEU G 223 27.76 51.40 8.20
N VAL G 224 26.60 51.89 7.78
CA VAL G 224 26.42 53.30 7.47
C VAL G 224 26.87 54.18 8.64
N ASP G 225 26.83 53.60 9.84
CA ASP G 225 27.24 54.31 11.04
C ASP G 225 28.76 54.35 11.16
N LEU G 226 29.38 53.18 11.20
CA LEU G 226 30.83 53.08 11.31
C LEU G 226 31.51 53.33 9.97
N CYS G 227 30.78 53.93 9.04
CA CYS G 227 31.31 54.23 7.72
C CYS G 227 31.84 55.65 7.69
N PHE G 228 31.16 56.54 8.42
CA PHE G 228 31.55 57.94 8.50
C PHE G 228 32.48 58.15 9.69
N SER G 229 32.26 57.38 10.75
CA SER G 229 33.07 57.46 11.96
C SER G 229 34.18 56.42 11.95
N GLY G 230 35.42 56.89 12.09
CA GLY G 230 36.55 55.98 12.10
C GLY G 230 37.35 56.05 10.81
N LYS G 231 37.79 54.90 10.31
CA LYS G 231 38.55 54.84 9.07
C LYS G 231 37.71 55.34 7.89
N PHE G 232 37.86 56.61 7.57
CA PHE G 232 37.12 57.22 6.46
C PHE G 232 37.72 56.76 5.13
N THR G 233 38.63 55.80 5.20
CA THR G 233 39.30 55.26 4.02
C THR G 233 38.30 54.78 2.96
N TYR G 234 38.10 55.62 1.95
CA TYR G 234 37.18 55.32 0.85
C TYR G 234 37.61 54.03 0.14
N GLU G 235 38.91 53.77 0.12
CA GLU G 235 39.44 52.59 -0.55
C GLU G 235 39.67 51.39 0.38
N GLU G 236 40.42 51.61 1.46
CA GLU G 236 40.72 50.54 2.40
C GLU G 236 39.47 49.80 2.84
N MET G 237 38.43 50.53 3.20
CA MET G 237 37.18 49.93 3.63
C MET G 237 36.62 48.99 2.57
N LYS G 238 36.80 49.37 1.30
CA LYS G 238 36.34 48.57 0.18
C LYS G 238 37.08 47.23 0.16
N LYS G 239 38.21 47.17 0.86
CA LYS G 239 39.03 45.97 0.93
C LYS G 239 38.66 45.14 2.16
N ARG G 240 38.07 45.79 3.16
CA ARG G 240 37.66 45.11 4.38
C ARG G 240 36.43 44.25 4.14
N ILE G 241 35.87 44.36 2.94
CA ILE G 241 34.69 43.60 2.55
C ILE G 241 35.12 42.29 1.91
N VAL G 242 36.24 42.31 1.21
CA VAL G 242 36.77 41.13 0.53
C VAL G 242 38.29 41.18 0.52
N GLY G 243 38.90 40.37 1.39
CA GLY G 243 40.36 40.33 1.45
C GLY G 243 40.90 40.26 2.87
N ASN G 244 40.41 41.15 3.73
CA ASN G 244 40.86 41.19 5.12
C ASN G 244 39.80 40.70 6.10
N GLY G 245 38.54 40.66 5.66
CA GLY G 245 37.47 40.19 6.52
C GLY G 245 37.40 38.68 6.50
N GLY G 246 36.45 38.10 7.23
CA GLY G 246 36.31 36.65 7.25
C GLY G 246 37.20 35.98 8.27
N LEU G 247 37.34 34.66 8.15
CA LEU G 247 38.18 33.90 9.07
C LEU G 247 39.52 34.56 9.33
N VAL G 248 40.03 35.26 8.33
CA VAL G 248 41.32 35.95 8.45
C VAL G 248 41.23 37.14 9.39
N ALA G 249 40.07 37.80 9.40
CA ALA G 249 39.87 38.96 10.26
C ALA G 249 39.78 38.53 11.72
N TYR G 250 39.33 37.29 11.94
CA TYR G 250 39.21 36.76 13.28
C TYR G 250 40.45 36.00 13.73
N LEU G 251 40.69 34.85 13.10
CA LEU G 251 41.82 33.99 13.43
C LEU G 251 43.16 34.39 12.82
N GLY G 252 43.20 35.53 12.14
CA GLY G 252 44.44 35.98 11.53
C GLY G 252 44.82 35.13 10.32
N THR G 253 44.62 33.81 10.44
CA THR G 253 44.95 32.89 9.34
C THR G 253 43.88 32.93 8.25
N SER G 254 43.97 31.99 7.34
CA SER G 254 43.05 31.87 6.22
C SER G 254 43.02 30.42 5.74
N ASP G 255 43.80 29.59 6.41
CA ASP G 255 43.91 28.17 6.07
C ASP G 255 43.05 27.32 6.98
N ALA G 256 42.07 26.65 6.40
CA ALA G 256 41.17 25.79 7.17
C ALA G 256 41.99 24.78 7.96
N ARG G 257 42.87 24.06 7.27
CA ARG G 257 43.72 23.06 7.90
C ARG G 257 44.56 23.69 9.01
N GLU G 258 44.95 24.94 8.82
CA GLU G 258 45.73 25.63 9.82
C GLU G 258 44.82 25.82 11.03
N VAL G 259 43.62 26.33 10.78
CA VAL G 259 42.64 26.56 11.83
C VAL G 259 42.29 25.25 12.51
N VAL G 260 42.28 24.16 11.74
CA VAL G 260 41.96 22.84 12.28
C VAL G 260 43.07 22.40 13.23
N ARG G 261 44.25 22.98 13.07
CA ARG G 261 45.38 22.65 13.94
C ARG G 261 45.18 23.29 15.31
N ARG G 262 44.43 24.38 15.36
CA ARG G 262 44.17 25.07 16.60
C ARG G 262 42.98 24.46 17.31
N ILE G 263 41.93 24.16 16.55
CA ILE G 263 40.72 23.56 17.10
C ILE G 263 41.07 22.26 17.81
N LYS G 264 41.92 21.46 17.17
CA LYS G 264 42.34 20.19 17.73
C LYS G 264 43.12 20.39 19.02
N GLN G 265 44.09 21.29 19.00
CA GLN G 265 44.90 21.58 20.17
C GLN G 265 44.03 22.00 21.35
N GLY G 266 43.06 22.86 21.08
CA GLY G 266 42.18 23.32 22.14
C GLY G 266 41.72 24.76 21.97
N ASP G 267 42.24 25.44 20.94
CA ASP G 267 41.87 26.82 20.68
C ASP G 267 40.34 26.90 20.61
N GLU G 268 39.74 27.40 21.68
CA GLU G 268 38.28 27.50 21.75
C GLU G 268 37.72 28.58 20.85
N TRP G 269 38.43 29.72 20.77
CA TRP G 269 38.00 30.84 19.94
C TRP G 269 37.98 30.47 18.47
N ALA G 270 38.93 29.63 18.06
CA ALA G 270 39.02 29.19 16.67
C ALA G 270 37.83 28.30 16.34
N LYS G 271 37.53 27.36 17.23
CA LYS G 271 36.42 26.44 17.02
C LYS G 271 35.11 27.21 16.91
N ARG G 272 35.04 28.35 17.59
CA ARG G 272 33.84 29.17 17.58
C ARG G 272 33.59 29.79 16.20
N VAL G 273 34.51 30.64 15.76
CA VAL G 273 34.39 31.31 14.47
C VAL G 273 34.25 30.33 13.30
N TYR G 274 35.02 29.25 13.34
CA TYR G 274 34.98 28.25 12.27
C TYR G 274 33.60 27.57 12.25
N ARG G 275 33.13 27.18 13.43
CA ARG G 275 31.84 26.53 13.55
C ARG G 275 30.73 27.48 13.10
N ALA G 276 31.00 28.77 13.20
CA ALA G 276 30.05 29.80 12.81
C ALA G 276 30.00 29.92 11.29
N MET G 277 31.12 29.64 10.65
CA MET G 277 31.17 29.71 9.19
C MET G 277 30.36 28.57 8.59
N ALA G 278 30.44 27.39 9.19
CA ALA G 278 29.70 26.23 8.72
C ALA G 278 28.22 26.54 8.93
N TYR G 279 27.93 27.13 10.08
CA TYR G 279 26.58 27.52 10.47
C TYR G 279 25.94 28.37 9.37
N GLN G 280 26.64 29.41 8.95
CA GLN G 280 26.13 30.30 7.90
C GLN G 280 25.97 29.57 6.57
N ILE G 281 26.96 28.76 6.19
CA ILE G 281 26.88 28.02 4.94
C ILE G 281 25.62 27.15 4.94
N ALA G 282 25.32 26.52 6.06
CA ALA G 282 24.12 25.69 6.17
C ALA G 282 22.86 26.53 5.99
N LYS G 283 22.80 27.68 6.66
CA LYS G 283 21.65 28.57 6.57
C LYS G 283 21.33 28.99 5.13
N TRP G 284 22.36 29.24 4.32
CA TRP G 284 22.12 29.63 2.93
C TRP G 284 21.72 28.42 2.08
N ILE G 285 22.17 27.22 2.45
CA ILE G 285 21.79 26.03 1.70
C ILE G 285 20.28 25.92 1.91
N GLY G 286 19.85 26.12 3.15
CA GLY G 286 18.44 26.05 3.47
C GLY G 286 17.71 27.17 2.77
N LYS G 287 18.41 28.28 2.56
CA LYS G 287 17.84 29.44 1.89
C LYS G 287 17.53 29.05 0.45
N MET G 288 18.49 28.42 -0.23
CA MET G 288 18.29 28.01 -1.61
C MET G 288 17.28 26.87 -1.70
N ALA G 289 17.18 26.08 -0.64
CA ALA G 289 16.26 24.97 -0.61
C ALA G 289 14.83 25.49 -0.72
N ALA G 290 14.58 26.64 -0.09
CA ALA G 290 13.27 27.27 -0.11
C ALA G 290 12.96 27.75 -1.53
N VAL G 291 14.00 28.17 -2.24
CA VAL G 291 13.84 28.65 -3.61
C VAL G 291 13.34 27.52 -4.49
N LEU G 292 13.82 26.30 -4.24
CA LEU G 292 13.40 25.14 -5.01
C LEU G 292 12.16 24.47 -4.43
N LYS G 293 11.56 25.11 -3.42
CA LYS G 293 10.36 24.58 -2.78
C LYS G 293 10.52 23.17 -2.23
N GLY G 294 11.73 22.83 -1.80
CA GLY G 294 11.96 21.51 -1.26
C GLY G 294 12.27 20.49 -2.34
N GLU G 295 11.92 20.81 -3.58
CA GLU G 295 12.17 19.92 -4.72
C GLU G 295 13.68 19.84 -4.93
N VAL G 296 14.36 19.09 -4.07
CA VAL G 296 15.80 18.96 -4.16
C VAL G 296 16.26 17.51 -4.23
N ASP G 297 16.98 17.17 -5.29
CA ASP G 297 17.49 15.83 -5.48
C ASP G 297 18.67 15.59 -4.55
N PHE G 298 19.66 16.48 -4.61
CA PHE G 298 20.84 16.37 -3.77
C PHE G 298 21.40 17.73 -3.39
N ILE G 299 22.20 17.74 -2.34
CA ILE G 299 22.86 18.95 -1.88
C ILE G 299 24.32 18.62 -2.12
N VAL G 300 24.97 19.36 -3.00
CA VAL G 300 26.37 19.11 -3.32
C VAL G 300 27.31 20.09 -2.67
N LEU G 301 28.28 19.57 -1.92
CA LEU G 301 29.30 20.39 -1.27
C LEU G 301 30.59 20.22 -2.06
N THR G 302 31.01 21.28 -2.74
CA THR G 302 32.22 21.24 -3.53
C THR G 302 33.14 22.39 -3.13
N GLY G 303 34.27 22.51 -3.82
CA GLY G 303 35.20 23.57 -3.52
C GLY G 303 36.35 23.09 -2.64
N GLY G 304 37.31 23.98 -2.40
CA GLY G 304 38.45 23.64 -1.58
C GLY G 304 38.13 23.19 -0.16
N LEU G 305 37.26 23.93 0.51
CA LEU G 305 36.89 23.60 1.87
C LEU G 305 36.22 22.23 1.98
N ALA G 306 35.67 21.74 0.87
CA ALA G 306 35.01 20.45 0.87
C ALA G 306 35.94 19.34 1.35
N HIS G 307 37.23 19.63 1.39
CA HIS G 307 38.24 18.67 1.84
C HIS G 307 38.20 18.46 3.35
N GLU G 308 38.02 19.54 4.10
CA GLU G 308 37.97 19.47 5.56
C GLU G 308 36.76 18.62 5.97
N LYS G 309 36.98 17.32 6.10
CA LYS G 309 35.91 16.39 6.45
C LYS G 309 35.86 16.01 7.94
N GLU G 310 36.55 16.75 8.78
CA GLU G 310 36.56 16.47 10.21
C GLU G 310 35.54 17.32 10.95
N PHE G 311 35.44 18.60 10.57
CA PHE G 311 34.51 19.51 11.21
C PHE G 311 33.51 20.13 10.23
N LEU G 312 34.02 21.01 9.37
CA LEU G 312 33.20 21.71 8.39
C LEU G 312 32.13 20.85 7.73
N VAL G 313 32.54 19.93 6.87
CA VAL G 313 31.59 19.06 6.17
C VAL G 313 30.60 18.37 7.10
N PRO G 314 31.08 17.75 8.18
CA PRO G 314 30.17 17.08 9.11
C PRO G 314 29.16 18.05 9.72
N TRP G 315 29.64 19.20 10.17
CA TRP G 315 28.77 20.20 10.77
C TRP G 315 27.66 20.64 9.84
N ILE G 316 28.03 20.95 8.60
CA ILE G 316 27.06 21.39 7.60
C ILE G 316 26.04 20.29 7.31
N THR G 317 26.55 19.11 6.97
CA THR G 317 25.71 17.97 6.65
C THR G 317 24.66 17.69 7.72
N LYS G 318 25.05 17.78 8.98
CA LYS G 318 24.15 17.52 10.09
C LYS G 318 23.00 18.53 10.17
N ARG G 319 23.14 19.68 9.51
CA ARG G 319 22.10 20.70 9.57
C ARG G 319 21.22 20.78 8.32
N VAL G 320 21.70 20.25 7.21
CA VAL G 320 20.95 20.33 5.95
C VAL G 320 20.49 19.00 5.34
N SER G 321 20.99 17.88 5.84
CA SER G 321 20.62 16.59 5.28
C SER G 321 19.12 16.28 5.33
N PHE G 322 18.34 17.15 5.98
CA PHE G 322 16.89 16.95 6.08
C PHE G 322 16.22 17.41 4.78
N ILE G 323 16.96 18.19 4.00
CA ILE G 323 16.47 18.72 2.73
C ILE G 323 16.62 17.66 1.65
N ALA G 324 17.78 17.01 1.63
CA ALA G 324 18.09 15.98 0.66
C ALA G 324 19.47 15.41 0.99
N PRO G 325 19.78 14.22 0.49
CA PRO G 325 21.09 13.62 0.78
C PRO G 325 22.23 14.51 0.32
N VAL G 326 23.31 14.52 1.09
CA VAL G 326 24.48 15.35 0.78
C VAL G 326 25.61 14.59 0.09
N LEU G 327 26.04 15.11 -1.05
CA LEU G 327 27.15 14.52 -1.81
C LEU G 327 28.34 15.46 -1.70
N VAL G 328 29.55 14.92 -1.71
CA VAL G 328 30.75 15.76 -1.58
C VAL G 328 31.82 15.51 -2.65
N PHE G 329 32.07 16.55 -3.45
CA PHE G 329 33.07 16.52 -4.51
C PHE G 329 34.15 17.51 -4.12
N PRO G 330 35.10 17.08 -3.27
CA PRO G 330 36.22 17.89 -2.78
C PRO G 330 37.02 18.60 -3.86
N GLY G 331 37.26 19.90 -3.66
CA GLY G 331 38.02 20.67 -4.62
C GLY G 331 37.23 21.08 -5.84
N SER G 332 37.94 21.40 -6.92
CA SER G 332 37.31 21.80 -8.17
C SER G 332 38.17 21.40 -9.35
N ASN G 333 37.54 21.25 -10.51
CA ASN G 333 38.27 20.85 -11.70
C ASN G 333 38.08 21.92 -12.78
N GLU G 334 38.53 23.13 -12.45
CA GLU G 334 38.43 24.28 -13.35
C GLU G 334 39.13 23.94 -14.67
N GLU G 335 40.32 23.35 -14.56
CA GLU G 335 41.10 22.99 -15.73
C GLU G 335 40.35 22.07 -16.69
N LYS G 336 40.08 20.83 -16.26
CA LYS G 336 39.37 19.87 -17.11
C LYS G 336 38.16 20.54 -17.76
N ALA G 337 37.45 21.34 -16.98
CA ALA G 337 36.27 22.04 -17.46
C ALA G 337 36.61 22.94 -18.64
N LEU G 338 37.68 23.71 -18.49
CA LEU G 338 38.11 24.64 -19.53
C LEU G 338 38.58 23.90 -20.78
N ALA G 339 39.52 22.99 -20.59
CA ALA G 339 40.08 22.22 -21.69
C ALA G 339 39.02 21.54 -22.54
N LEU G 340 38.19 20.72 -21.91
CA LEU G 340 37.13 20.00 -22.62
C LEU G 340 36.14 20.91 -23.33
N SER G 341 35.79 22.04 -22.71
CA SER G 341 34.85 22.97 -23.31
C SER G 341 35.45 23.47 -24.63
N ALA G 342 36.70 23.90 -24.57
CA ALA G 342 37.40 24.40 -25.74
C ALA G 342 37.54 23.29 -26.78
N LEU G 343 37.93 22.11 -26.33
CA LEU G 343 38.12 20.98 -27.23
C LEU G 343 36.86 20.71 -28.04
N ARG G 344 35.70 20.89 -27.40
CA ARG G 344 34.42 20.67 -28.06
C ARG G 344 34.19 21.71 -29.16
N VAL G 345 34.70 22.93 -28.95
CA VAL G 345 34.55 24.00 -29.93
C VAL G 345 35.46 23.74 -31.12
N LEU G 346 36.67 23.27 -30.85
CA LEU G 346 37.64 22.97 -31.91
C LEU G 346 37.18 21.79 -32.75
N ARG G 347 36.23 21.02 -32.24
CA ARG G 347 35.71 19.86 -32.95
C ARG G 347 34.39 20.16 -33.65
N GLY G 348 33.89 21.38 -33.47
CA GLY G 348 32.63 21.75 -34.09
C GLY G 348 31.44 21.22 -33.34
N GLU G 349 31.68 20.51 -32.24
CA GLU G 349 30.61 19.93 -31.44
C GLU G 349 29.80 21.03 -30.76
N GLU G 350 30.40 22.21 -30.61
CA GLU G 350 29.73 23.35 -30.02
C GLU G 350 30.15 24.61 -30.76
N LYS G 351 29.27 25.61 -30.78
CA LYS G 351 29.57 26.86 -31.47
C LYS G 351 29.97 27.98 -30.52
N PRO G 352 31.05 28.70 -30.85
CA PRO G 352 31.55 29.81 -30.02
C PRO G 352 30.48 30.87 -29.80
N LYS G 353 30.72 31.74 -28.82
CA LYS G 353 29.78 32.82 -28.51
C LYS G 353 30.47 34.16 -28.70
N ASN G 354 29.74 35.12 -29.27
CA ASN G 354 30.28 36.45 -29.49
C ASN G 354 29.91 37.33 -28.29
N TYR G 355 30.86 37.51 -27.38
CA TYR G 355 30.61 38.32 -26.19
C TYR G 355 29.95 39.65 -26.49
N SER G 356 30.53 40.40 -27.41
CA SER G 356 30.00 41.71 -27.78
C SER G 356 28.50 41.69 -28.05
N GLU G 357 28.07 40.86 -29.00
CA GLU G 357 26.66 40.77 -29.32
C GLU G 357 25.87 40.15 -28.19
N GLU G 358 26.38 39.05 -27.65
CA GLU G 358 25.71 38.33 -26.57
C GLU G 358 25.48 39.19 -25.34
N SER G 359 26.49 39.96 -24.95
CA SER G 359 26.39 40.83 -23.78
C SER G 359 25.32 41.89 -23.99
N ARG G 360 25.17 42.34 -25.23
CA ARG G 360 24.18 43.37 -25.57
C ARG G 360 22.80 42.73 -25.66
N ARG G 361 22.74 41.61 -26.40
CA ARG G 361 21.50 40.89 -26.59
C ARG G 361 20.89 40.43 -25.27
N TRP G 362 21.73 40.20 -24.27
CA TRP G 362 21.23 39.79 -22.98
C TRP G 362 20.56 41.00 -22.32
N ARG G 363 21.32 42.08 -22.19
CA ARG G 363 20.81 43.31 -21.57
C ARG G 363 19.53 43.76 -22.27
N GLU G 364 19.50 43.63 -23.60
CA GLU G 364 18.33 44.03 -24.38
C GLU G 364 17.13 43.19 -23.96
N ARG G 365 17.23 41.89 -24.20
CA ARG G 365 16.16 40.96 -23.87
C ARG G 365 15.62 41.19 -22.47
N TYR G 366 16.46 41.69 -21.56
CA TYR G 366 16.01 41.96 -20.20
C TYR G 366 15.20 43.24 -20.20
N ASP G 367 15.59 44.18 -21.05
CA ASP G 367 14.87 45.44 -21.18
C ASP G 367 13.57 45.18 -21.94
N SER G 368 13.63 44.24 -22.87
CA SER G 368 12.46 43.86 -23.66
C SER G 368 11.46 43.24 -22.70
N TYR G 369 11.96 42.87 -21.52
CA TYR G 369 11.15 42.27 -20.47
C TYR G 369 10.67 43.39 -19.53
N LEU G 370 11.18 44.59 -19.76
CA LEU G 370 10.83 45.75 -18.95
C LEU G 370 9.99 46.77 -19.72
N ASP G 371 8.76 46.40 -20.05
CA ASP G 371 7.85 47.27 -20.77
C ASP G 371 6.67 47.65 -19.87
N GLY G 372 6.07 46.64 -19.24
CA GLY G 372 4.95 46.88 -18.35
C GLY G 372 5.44 47.33 -16.98
N ILE G 373 6.24 48.39 -16.97
CA ILE G 373 6.81 48.94 -15.75
C ILE G 373 5.86 49.91 -15.05
N MET H 1 51.08 19.43 6.98
CA MET H 1 51.08 19.46 5.50
C MET H 1 52.21 18.59 4.97
N PHE H 2 51.86 17.47 4.35
CA PHE H 2 52.86 16.56 3.79
C PHE H 2 52.94 16.72 2.28
N ARG H 3 54.16 16.76 1.75
CA ARG H 3 54.35 16.89 0.32
C ARG H 3 54.66 15.50 -0.21
N ILE H 4 53.80 15.00 -1.08
CA ILE H 4 53.96 13.66 -1.63
C ILE H 4 54.29 13.66 -3.12
N LEU H 5 55.14 12.73 -3.53
CA LEU H 5 55.54 12.58 -4.93
C LEU H 5 55.10 11.21 -5.44
N THR H 6 54.33 11.19 -6.52
CA THR H 6 53.85 9.92 -7.07
C THR H 6 54.64 9.54 -8.30
N ILE H 7 54.89 8.24 -8.46
CA ILE H 7 55.63 7.72 -9.59
C ILE H 7 54.77 6.67 -10.28
N ASN H 8 54.40 6.92 -11.52
CA ASN H 8 53.55 5.99 -12.26
C ASN H 8 54.16 5.61 -13.60
N PRO H 9 55.09 4.65 -13.61
CA PRO H 9 55.75 4.19 -14.83
C PRO H 9 54.80 3.39 -15.72
N GLY H 10 54.74 3.74 -16.99
CA GLY H 10 53.86 3.05 -17.92
C GLY H 10 54.63 2.38 -19.05
N SER H 11 53.94 1.57 -19.84
CA SER H 11 54.56 0.89 -20.96
C SER H 11 55.14 1.86 -21.97
N THR H 12 54.42 2.95 -22.23
CA THR H 12 54.87 3.94 -23.19
C THR H 12 55.03 5.34 -22.58
N SER H 13 54.53 5.53 -21.37
CA SER H 13 54.62 6.83 -20.71
C SER H 13 55.07 6.72 -19.26
N THR H 14 55.17 7.86 -18.61
CA THR H 14 55.56 7.93 -17.21
C THR H 14 54.94 9.18 -16.60
N LYS H 15 54.00 8.97 -15.68
CA LYS H 15 53.32 10.08 -15.03
C LYS H 15 53.83 10.35 -13.63
N LEU H 16 54.02 11.63 -13.33
CA LEU H 16 54.51 12.05 -12.03
C LEU H 16 53.60 13.14 -11.51
N SER H 17 53.49 13.25 -10.20
CA SER H 17 52.66 14.29 -9.60
C SER H 17 53.14 14.63 -8.19
N ILE H 18 52.88 15.87 -7.78
CA ILE H 18 53.27 16.33 -6.47
C ILE H 18 52.02 16.81 -5.75
N PHE H 19 51.81 16.29 -4.55
CA PHE H 19 50.64 16.68 -3.75
C PHE H 19 51.07 17.30 -2.43
N GLU H 20 50.28 18.26 -1.99
CA GLU H 20 50.46 18.92 -0.71
C GLU H 20 49.12 18.68 -0.06
N ASP H 21 49.08 17.70 0.86
CA ASP H 21 47.82 17.33 1.50
C ASP H 21 46.90 16.78 0.40
N GLU H 22 45.64 17.23 0.32
CA GLU H 22 44.75 16.69 -0.71
C GLU H 22 44.82 17.41 -2.06
N ARG H 23 45.52 18.53 -2.12
CA ARG H 23 45.61 19.28 -3.37
C ARG H 23 46.83 18.90 -4.20
N MET H 24 46.63 18.75 -5.50
CA MET H 24 47.70 18.40 -6.44
C MET H 24 48.32 19.71 -6.96
N VAL H 25 49.60 19.91 -6.68
CA VAL H 25 50.30 21.13 -7.11
C VAL H 25 50.99 21.00 -8.46
N LYS H 26 51.21 19.77 -8.92
CA LYS H 26 51.84 19.56 -10.21
C LYS H 26 51.73 18.11 -10.67
N MET H 27 51.67 17.92 -11.98
CA MET H 27 51.60 16.59 -12.56
C MET H 27 52.03 16.69 -14.02
N GLN H 28 52.70 15.66 -14.50
CA GLN H 28 53.14 15.66 -15.88
C GLN H 28 53.24 14.24 -16.41
N ASN H 29 52.90 14.07 -17.68
CA ASN H 29 52.95 12.76 -18.32
C ASN H 29 53.99 12.75 -19.43
N PHE H 30 55.11 12.09 -19.19
CA PHE H 30 56.17 12.02 -20.19
C PHE H 30 55.99 10.78 -21.05
N SER H 31 55.80 10.98 -22.35
CA SER H 31 55.60 9.88 -23.28
C SER H 31 56.94 9.50 -23.91
N HIS H 32 57.15 8.20 -24.11
CA HIS H 32 58.39 7.71 -24.71
C HIS H 32 58.13 7.08 -26.07
N SER H 33 58.66 7.71 -27.11
CA SER H 33 58.50 7.23 -28.46
C SER H 33 59.12 5.84 -28.63
N PRO H 34 58.44 4.95 -29.38
CA PRO H 34 58.93 3.59 -29.61
C PRO H 34 60.35 3.58 -30.18
N ASP H 35 60.72 4.68 -30.83
CA ASP H 35 62.05 4.81 -31.41
C ASP H 35 63.05 5.10 -30.28
N GLU H 36 62.54 5.67 -29.20
CA GLU H 36 63.36 6.00 -28.04
C GLU H 36 63.43 4.79 -27.10
N LEU H 37 62.27 4.17 -26.88
CA LEU H 37 62.19 2.99 -26.02
C LEU H 37 62.99 1.85 -26.66
N GLY H 38 63.08 1.88 -27.98
CA GLY H 38 63.82 0.86 -28.69
C GLY H 38 65.31 1.07 -28.54
N ARG H 39 65.82 0.68 -27.37
CA ARG H 39 67.22 0.87 -27.05
C ARG H 39 67.53 0.07 -25.79
N PHE H 40 66.50 -0.53 -25.22
CA PHE H 40 66.64 -1.33 -24.00
C PHE H 40 66.11 -2.74 -24.28
N GLN H 41 66.93 -3.74 -23.96
CA GLN H 41 66.54 -5.13 -24.18
C GLN H 41 65.43 -5.50 -23.22
N LYS H 42 65.72 -5.34 -21.93
CA LYS H 42 64.76 -5.61 -20.90
C LYS H 42 64.30 -4.29 -20.30
N ILE H 43 63.50 -4.39 -19.26
CA ILE H 43 62.92 -3.20 -18.64
C ILE H 43 63.76 -2.64 -17.50
N LEU H 44 64.47 -3.49 -16.78
CA LEU H 44 65.33 -2.97 -15.70
C LEU H 44 66.39 -2.07 -16.32
N ASP H 45 66.34 -2.11 -17.63
CA ASP H 45 67.21 -1.35 -18.48
C ASP H 45 66.71 0.09 -18.58
N GLN H 46 65.41 0.30 -18.55
CA GLN H 46 64.88 1.65 -18.63
C GLN H 46 64.95 2.36 -17.27
N LEU H 47 65.22 1.60 -16.22
CA LEU H 47 65.30 2.15 -14.87
C LEU H 47 66.00 3.51 -14.80
N GLU H 48 67.23 3.56 -15.29
CA GLU H 48 68.02 4.79 -15.28
C GLU H 48 67.42 5.89 -16.13
N PHE H 49 66.68 5.49 -17.16
CA PHE H 49 66.03 6.42 -18.07
C PHE H 49 64.82 7.09 -17.39
N ARG H 50 63.96 6.28 -16.78
CA ARG H 50 62.78 6.78 -16.11
C ARG H 50 63.16 7.64 -14.91
N GLU H 51 64.05 7.12 -14.07
CA GLU H 51 64.50 7.83 -12.87
C GLU H 51 65.06 9.20 -13.20
N LYS H 52 65.81 9.27 -14.30
CA LYS H 52 66.41 10.52 -14.73
C LYS H 52 65.30 11.56 -14.96
N ILE H 53 64.21 11.12 -15.56
CA ILE H 53 63.08 11.98 -15.85
C ILE H 53 62.38 12.40 -14.55
N ALA H 54 62.27 11.46 -13.62
CA ALA H 54 61.62 11.74 -12.33
C ALA H 54 62.39 12.86 -11.64
N ARG H 55 63.72 12.73 -11.68
CA ARG H 55 64.63 13.70 -11.08
C ARG H 55 64.39 15.12 -11.59
N GLN H 56 64.40 15.26 -12.92
CA GLN H 56 64.20 16.56 -13.54
C GLN H 56 62.81 17.14 -13.30
N PHE H 57 61.83 16.26 -13.13
CA PHE H 57 60.45 16.68 -12.88
C PHE H 57 60.39 17.45 -11.57
N VAL H 58 61.34 17.14 -10.68
CA VAL H 58 61.40 17.77 -9.37
C VAL H 58 62.24 19.05 -9.35
N GLU H 59 63.34 19.07 -10.10
CA GLU H 59 64.21 20.24 -10.14
C GLU H 59 63.45 21.45 -10.68
N GLU H 60 62.90 21.28 -11.87
CA GLU H 60 62.15 22.33 -12.55
C GLU H 60 60.93 22.83 -11.78
N THR H 61 60.97 22.69 -10.45
CA THR H 61 59.87 23.13 -9.60
C THR H 61 60.42 23.98 -8.47
N GLY H 62 61.67 23.74 -8.10
CA GLY H 62 62.27 24.50 -7.02
C GLY H 62 62.31 23.73 -5.73
N TYR H 63 62.02 22.43 -5.81
CA TYR H 63 62.03 21.58 -4.63
C TYR H 63 63.23 20.65 -4.70
N SER H 64 63.37 19.80 -3.69
CA SER H 64 64.46 18.84 -3.66
C SER H 64 63.92 17.53 -3.07
N LEU H 65 64.48 16.40 -3.52
CA LEU H 65 64.03 15.11 -3.04
C LEU H 65 63.91 15.08 -1.53
N SER H 66 64.59 16.01 -0.86
CA SER H 66 64.57 16.08 0.60
C SER H 66 63.42 16.91 1.15
N SER H 67 62.62 17.50 0.27
CA SER H 67 61.50 18.31 0.71
C SER H 67 60.17 17.56 0.59
N PHE H 68 60.25 16.23 0.58
CA PHE H 68 59.06 15.39 0.48
C PHE H 68 58.86 14.55 1.74
N SER H 69 57.60 14.22 2.03
CA SER H 69 57.27 13.42 3.19
C SER H 69 57.22 11.93 2.83
N ALA H 70 57.13 11.63 1.55
CA ALA H 70 57.07 10.24 1.10
C ALA H 70 57.03 10.11 -0.43
N PHE H 71 57.45 8.95 -0.92
CA PHE H 71 57.44 8.67 -2.36
C PHE H 71 56.52 7.48 -2.58
N VAL H 72 55.56 7.62 -3.50
CA VAL H 72 54.62 6.54 -3.77
C VAL H 72 54.55 6.17 -5.24
N SER H 73 54.50 4.88 -5.51
CA SER H 73 54.42 4.41 -6.89
C SER H 73 53.39 3.30 -7.00
N ARG H 74 53.10 2.89 -8.22
CA ARG H 74 52.13 1.84 -8.45
C ARG H 74 52.80 0.52 -8.13
N GLY H 75 52.01 -0.45 -7.68
CA GLY H 75 52.56 -1.76 -7.35
C GLY H 75 52.91 -2.53 -8.61
N GLY H 76 54.09 -3.13 -8.63
CA GLY H 76 54.52 -3.89 -9.79
C GLY H 76 54.01 -5.32 -9.78
N LEU H 77 54.70 -6.20 -10.49
CA LEU H 77 54.33 -7.60 -10.57
C LEU H 77 54.85 -8.40 -9.38
N LEU H 78 54.51 -7.93 -8.18
CA LEU H 78 54.94 -8.60 -6.96
C LEU H 78 54.22 -9.94 -6.82
N ASP H 79 54.49 -10.64 -5.73
CA ASP H 79 53.85 -11.91 -5.49
C ASP H 79 52.53 -11.61 -4.82
N PRO H 80 51.51 -12.44 -5.06
CA PRO H 80 50.17 -12.27 -4.49
C PRO H 80 50.17 -11.73 -3.06
N ILE H 81 49.32 -10.75 -2.82
CA ILE H 81 49.19 -10.13 -1.51
C ILE H 81 47.86 -9.42 -1.40
N PRO H 82 47.43 -9.09 -0.16
CA PRO H 82 46.16 -8.40 0.04
C PRO H 82 46.25 -6.96 -0.51
N GLY H 83 45.25 -6.16 -0.21
CA GLY H 83 45.27 -4.78 -0.68
C GLY H 83 45.80 -3.91 0.44
N GLY H 84 46.11 -2.65 0.14
CA GLY H 84 46.62 -1.76 1.16
C GLY H 84 47.86 -1.00 0.74
N VAL H 85 48.46 -0.28 1.68
CA VAL H 85 49.66 0.49 1.43
C VAL H 85 50.86 -0.21 2.05
N TYR H 86 51.78 -0.68 1.20
CA TYR H 86 52.96 -1.39 1.67
C TYR H 86 54.24 -0.53 1.64
N LEU H 87 55.18 -0.87 2.52
CA LEU H 87 56.46 -0.18 2.58
C LEU H 87 57.40 -0.93 1.66
N VAL H 88 58.05 -0.22 0.75
CA VAL H 88 58.97 -0.86 -0.19
C VAL H 88 60.18 -1.40 0.55
N ASP H 89 60.20 -2.71 0.79
CA ASP H 89 61.31 -3.34 1.48
C ASP H 89 62.18 -4.17 0.54
N GLY H 90 63.34 -4.58 1.04
CA GLY H 90 64.26 -5.37 0.23
C GLY H 90 63.64 -6.47 -0.59
N LEU H 91 62.86 -7.33 0.06
CA LEU H 91 62.21 -8.44 -0.64
C LEU H 91 61.43 -7.97 -1.87
N MET H 92 60.74 -6.87 -1.74
CA MET H 92 59.92 -6.36 -2.84
C MET H 92 60.72 -5.72 -3.95
N ILE H 93 62.03 -5.66 -3.83
CA ILE H 93 62.83 -5.03 -4.87
C ILE H 93 63.71 -6.07 -5.46
N LYS H 94 63.84 -7.08 -4.62
CA LYS H 94 64.55 -8.23 -5.01
C LYS H 94 63.62 -8.92 -5.99
N THR H 95 62.32 -8.90 -5.68
CA THR H 95 61.34 -9.57 -6.52
C THR H 95 61.12 -8.84 -7.85
N LEU H 96 60.98 -7.52 -7.78
CA LEU H 96 60.75 -6.71 -8.97
C LEU H 96 61.92 -6.69 -9.95
N LYS H 97 63.14 -6.67 -9.44
CA LYS H 97 64.32 -6.65 -10.30
C LYS H 97 64.49 -7.98 -11.04
N SER H 98 64.23 -9.08 -10.33
CA SER H 98 64.37 -10.42 -10.92
C SER H 98 63.34 -10.64 -12.03
N GLY H 99 62.18 -10.00 -11.89
CA GLY H 99 61.14 -10.16 -12.89
C GLY H 99 60.60 -11.58 -12.90
N LYS H 100 60.69 -12.24 -11.74
CA LYS H 100 60.21 -13.61 -11.59
C LYS H 100 58.78 -13.78 -12.05
N ASN H 101 57.93 -12.80 -11.73
CA ASN H 101 56.53 -12.88 -12.09
C ASN H 101 56.20 -12.09 -13.35
N GLY H 102 57.21 -11.86 -14.19
CA GLY H 102 56.99 -11.12 -15.42
C GLY H 102 57.61 -9.74 -15.45
N GLU H 103 57.83 -9.22 -16.64
CA GLU H 103 58.43 -7.90 -16.81
C GLU H 103 57.43 -6.87 -17.31
N HIS H 104 57.52 -5.67 -16.75
CA HIS H 104 56.66 -4.56 -17.14
C HIS H 104 57.18 -3.26 -16.56
N ALA H 105 56.89 -2.16 -17.25
CA ALA H 105 57.33 -0.85 -16.80
C ALA H 105 56.86 -0.54 -15.38
N SER H 106 55.76 -1.14 -14.97
CA SER H 106 55.20 -0.92 -13.64
C SER H 106 56.19 -1.30 -12.53
N ASN H 107 57.01 -2.31 -12.79
CA ASN H 107 57.98 -2.78 -11.82
C ASN H 107 59.03 -1.74 -11.44
N LEU H 108 59.32 -0.84 -12.37
CA LEU H 108 60.31 0.21 -12.14
C LEU H 108 59.87 1.17 -11.04
N GLY H 109 58.57 1.44 -10.97
CA GLY H 109 58.02 2.34 -9.98
C GLY H 109 58.59 2.21 -8.57
N ALA H 110 58.34 1.08 -7.93
CA ALA H 110 58.82 0.84 -6.57
C ALA H 110 60.33 1.02 -6.42
N ILE H 111 61.08 0.59 -7.43
CA ILE H 111 62.53 0.69 -7.39
C ILE H 111 62.98 2.15 -7.35
N ILE H 112 62.38 2.98 -8.20
CA ILE H 112 62.71 4.39 -8.26
C ILE H 112 62.34 5.06 -6.94
N ALA H 113 61.17 4.74 -6.42
CA ALA H 113 60.71 5.31 -5.16
C ALA H 113 61.66 4.92 -4.03
N HIS H 114 62.18 3.70 -4.11
CA HIS H 114 63.09 3.19 -3.10
C HIS H 114 64.40 3.97 -3.03
N ARG H 115 65.00 4.21 -4.19
CA ARG H 115 66.25 4.96 -4.24
C ARG H 115 66.10 6.34 -3.63
N PHE H 116 65.13 7.10 -4.11
CA PHE H 116 64.88 8.43 -3.59
C PHE H 116 64.74 8.35 -2.07
N SER H 117 64.15 7.25 -1.61
CA SER H 117 63.95 7.00 -0.19
C SER H 117 65.29 6.84 0.51
N SER H 118 66.13 5.96 -0.04
CA SER H 118 67.44 5.70 0.55
C SER H 118 68.42 6.83 0.30
N GLU H 119 67.92 7.95 -0.21
CA GLU H 119 68.76 9.11 -0.48
C GLU H 119 68.35 10.27 0.39
N THR H 120 67.11 10.23 0.87
CA THR H 120 66.57 11.30 1.71
C THR H 120 66.09 10.80 3.07
N GLY H 121 66.00 9.49 3.23
CA GLY H 121 65.53 8.94 4.48
C GLY H 121 64.03 9.13 4.63
N VAL H 122 63.36 9.23 3.49
CA VAL H 122 61.92 9.42 3.47
C VAL H 122 61.24 8.12 3.02
N PRO H 123 60.09 7.77 3.63
CA PRO H 123 59.34 6.56 3.31
C PRO H 123 58.97 6.40 1.84
N ALA H 124 59.00 5.15 1.38
CA ALA H 124 58.64 4.81 0.00
C ALA H 124 57.53 3.76 0.07
N TYR H 125 56.37 4.08 -0.51
CA TYR H 125 55.24 3.15 -0.50
C TYR H 125 54.76 2.76 -1.88
N VAL H 126 53.86 1.77 -1.89
CA VAL H 126 53.24 1.27 -3.10
C VAL H 126 51.79 0.98 -2.70
N VAL H 127 50.85 1.28 -3.57
CA VAL H 127 49.44 1.06 -3.25
C VAL H 127 48.78 0.02 -4.16
N ASP H 128 47.91 -0.79 -3.56
CA ASP H 128 47.16 -1.85 -4.23
C ASP H 128 47.78 -2.32 -5.54
N PRO H 129 48.85 -3.10 -5.47
CA PRO H 129 49.54 -3.63 -6.66
C PRO H 129 48.58 -4.36 -7.59
N VAL H 130 48.99 -4.55 -8.83
CA VAL H 130 48.15 -5.23 -9.81
C VAL H 130 47.91 -6.68 -9.38
N VAL H 131 48.82 -7.22 -8.57
CA VAL H 131 48.72 -8.61 -8.12
C VAL H 131 47.94 -8.84 -6.85
N VAL H 132 47.19 -7.85 -6.37
CA VAL H 132 46.42 -8.07 -5.15
C VAL H 132 45.53 -9.29 -5.37
N ASP H 133 45.49 -10.17 -4.37
CA ASP H 133 44.68 -11.38 -4.47
C ASP H 133 44.10 -11.75 -3.12
N GLU H 134 42.81 -11.47 -2.96
CA GLU H 134 42.12 -11.75 -1.72
C GLU H 134 40.78 -12.44 -1.97
N MET H 135 40.79 -13.42 -2.87
CA MET H 135 39.58 -14.15 -3.19
C MET H 135 39.45 -15.48 -2.45
N GLU H 136 38.22 -15.98 -2.39
CA GLU H 136 37.91 -17.23 -1.71
C GLU H 136 38.44 -18.41 -2.52
N ASP H 137 38.79 -19.48 -1.81
CA ASP H 137 39.31 -20.70 -2.43
C ASP H 137 38.51 -21.16 -3.64
N VAL H 138 37.21 -21.35 -3.43
CA VAL H 138 36.31 -21.81 -4.46
C VAL H 138 36.54 -21.15 -5.82
N ALA H 139 36.95 -19.89 -5.80
CA ALA H 139 37.19 -19.14 -7.03
C ALA H 139 38.53 -19.47 -7.69
N ARG H 140 39.36 -20.25 -7.03
CA ARG H 140 40.67 -20.61 -7.56
C ARG H 140 40.63 -21.80 -8.51
N VAL H 141 39.70 -22.73 -8.29
CA VAL H 141 39.59 -23.91 -9.14
C VAL H 141 39.21 -23.47 -10.56
N SER H 142 39.96 -23.93 -11.54
CA SER H 142 39.72 -23.56 -12.93
C SER H 142 39.04 -24.64 -13.77
N GLY H 143 39.11 -25.87 -13.30
CA GLY H 143 38.51 -26.96 -14.06
C GLY H 143 39.58 -27.91 -14.54
N HIS H 144 40.83 -27.52 -14.33
CA HIS H 144 41.99 -28.33 -14.72
C HIS H 144 43.01 -28.21 -13.60
N PRO H 145 43.36 -29.33 -12.95
CA PRO H 145 44.32 -29.40 -11.85
C PRO H 145 45.58 -28.55 -11.98
N ASN H 146 46.13 -28.47 -13.19
CA ASN H 146 47.35 -27.71 -13.41
C ASN H 146 47.14 -26.20 -13.34
N TYR H 147 46.11 -25.72 -14.03
CA TYR H 147 45.80 -24.29 -14.07
C TYR H 147 45.07 -23.81 -12.82
N GLN H 148 45.22 -22.52 -12.53
CA GLN H 148 44.57 -21.92 -11.38
C GLN H 148 44.21 -20.48 -11.74
N ARG H 149 43.03 -20.05 -11.30
CA ARG H 149 42.58 -18.70 -11.58
C ARG H 149 43.37 -17.72 -10.75
N LYS H 150 44.08 -16.81 -11.43
CA LYS H 150 44.88 -15.80 -10.74
C LYS H 150 44.14 -14.47 -10.61
N SER H 151 44.37 -13.78 -9.50
CA SER H 151 43.74 -12.49 -9.26
C SER H 151 44.65 -11.37 -9.77
N ILE H 152 44.42 -10.96 -11.01
CA ILE H 152 45.20 -9.88 -11.63
C ILE H 152 44.25 -8.84 -12.22
N PHE H 153 44.03 -7.75 -11.48
CA PHE H 153 43.13 -6.70 -11.95
C PHE H 153 43.65 -5.30 -11.58
N HIS H 154 42.79 -4.31 -11.76
CA HIS H 154 43.13 -2.93 -11.43
C HIS H 154 42.80 -2.70 -9.97
N ALA H 155 43.48 -3.43 -9.09
CA ALA H 155 43.25 -3.32 -7.65
C ALA H 155 43.26 -1.89 -7.16
N LEU H 156 44.21 -1.08 -7.65
CA LEU H 156 44.33 0.31 -7.25
C LEU H 156 43.02 1.08 -7.40
N ASN H 157 42.59 1.29 -8.64
CA ASN H 157 41.36 2.01 -8.92
C ASN H 157 40.14 1.33 -8.27
N GLN H 158 40.05 0.01 -8.43
CA GLN H 158 38.95 -0.78 -7.87
C GLN H 158 38.73 -0.42 -6.40
N LYS H 159 39.76 -0.64 -5.59
CA LYS H 159 39.70 -0.35 -4.18
C LYS H 159 39.34 1.11 -3.92
N THR H 160 39.91 2.01 -4.72
CA THR H 160 39.66 3.43 -4.57
C THR H 160 38.21 3.83 -4.82
N VAL H 161 37.70 3.53 -6.01
CA VAL H 161 36.32 3.87 -6.36
C VAL H 161 35.36 3.21 -5.39
N ALA H 162 35.66 1.97 -5.01
CA ALA H 162 34.82 1.23 -4.10
C ALA H 162 34.68 1.98 -2.77
N LYS H 163 35.81 2.46 -2.27
CA LYS H 163 35.82 3.20 -1.01
C LYS H 163 35.15 4.56 -1.14
N GLU H 164 35.21 5.14 -2.33
CA GLU H 164 34.59 6.45 -2.56
C GLU H 164 33.08 6.29 -2.62
N VAL H 165 32.63 5.12 -3.07
CA VAL H 165 31.20 4.84 -3.15
C VAL H 165 30.65 4.72 -1.74
N ALA H 166 31.36 4.00 -0.89
CA ALA H 166 30.96 3.82 0.49
C ALA H 166 31.01 5.16 1.21
N ARG H 167 32.10 5.89 0.97
CA ARG H 167 32.32 7.20 1.56
C ARG H 167 31.16 8.13 1.18
N MET H 168 30.86 8.17 -0.11
CA MET H 168 29.79 9.01 -0.64
C MET H 168 28.44 8.81 0.05
N MET H 169 28.29 7.70 0.76
CA MET H 169 27.03 7.42 1.43
C MET H 169 27.17 7.17 2.93
N ASN H 170 28.18 7.77 3.56
CA ASN H 170 28.43 7.66 4.99
C ASN H 170 28.43 6.20 5.53
N LYS H 171 29.23 5.31 4.93
CA LYS H 171 29.30 3.93 5.35
C LYS H 171 30.69 3.45 5.25
N ARG H 172 30.82 2.16 5.46
CA ARG H 172 32.14 1.60 5.40
C ARG H 172 32.26 0.58 4.28
N TYR H 173 33.40 0.65 3.59
CA TYR H 173 33.71 -0.25 2.49
C TYR H 173 33.58 -1.70 2.91
N GLU H 174 33.93 -1.98 4.17
CA GLU H 174 33.87 -3.32 4.72
C GLU H 174 32.45 -3.85 4.92
N GLU H 175 31.47 -2.96 5.00
CA GLU H 175 30.10 -3.37 5.21
C GLU H 175 29.21 -3.21 3.97
N MET H 176 29.79 -3.45 2.80
CA MET H 176 29.05 -3.34 1.54
C MET H 176 29.46 -4.39 0.54
N ASN H 177 28.54 -4.74 -0.34
CA ASN H 177 28.80 -5.70 -1.39
C ASN H 177 28.66 -4.92 -2.69
N LEU H 178 29.71 -4.94 -3.51
CA LEU H 178 29.69 -4.21 -4.77
C LEU H 178 30.23 -5.02 -5.92
N VAL H 179 29.81 -4.66 -7.13
CA VAL H 179 30.30 -5.31 -8.33
C VAL H 179 30.89 -4.15 -9.11
N VAL H 180 32.22 -4.05 -9.08
CA VAL H 180 32.92 -2.98 -9.76
C VAL H 180 33.51 -3.45 -11.08
N ALA H 181 33.33 -2.64 -12.11
CA ALA H 181 33.84 -2.99 -13.43
C ALA H 181 34.75 -1.89 -13.98
N HIS H 182 36.05 -2.14 -13.98
CA HIS H 182 37.01 -1.18 -14.51
C HIS H 182 37.12 -1.43 -16.01
N MET H 183 36.70 -0.46 -16.81
CA MET H 183 36.73 -0.61 -18.26
C MET H 183 37.74 0.32 -18.93
N GLY H 184 38.90 -0.23 -19.28
CA GLY H 184 39.94 0.54 -19.94
C GLY H 184 40.65 -0.33 -20.97
N GLY H 185 41.95 -0.09 -21.16
CA GLY H 185 42.70 -0.90 -22.10
C GLY H 185 42.49 -2.34 -21.70
N GLY H 186 42.41 -2.53 -20.38
CA GLY H 186 42.18 -3.84 -19.82
C GLY H 186 40.86 -3.74 -19.08
N ILE H 187 40.13 -4.85 -18.99
CA ILE H 187 38.85 -4.83 -18.30
C ILE H 187 38.83 -5.81 -17.16
N SER H 188 38.43 -5.30 -16.01
CA SER H 188 38.34 -6.11 -14.83
C SER H 188 37.04 -5.84 -14.09
N ILE H 189 36.45 -6.95 -13.79
CA ILE H 189 35.19 -7.05 -13.15
C ILE H 189 35.29 -7.88 -11.91
N ALA H 190 35.04 -7.24 -10.80
CA ALA H 190 35.24 -7.90 -9.52
C ALA H 190 34.02 -7.80 -8.61
N ALA H 191 33.90 -8.77 -7.72
CA ALA H 191 32.81 -8.81 -6.76
C ALA H 191 33.40 -8.50 -5.39
N HIS H 192 33.05 -7.35 -4.83
CA HIS H 192 33.56 -6.97 -3.53
C HIS H 192 32.53 -7.35 -2.47
N ARG H 193 32.88 -8.30 -1.62
CA ARG H 193 32.01 -8.73 -0.55
C ARG H 193 32.61 -8.28 0.78
N LYS H 194 31.98 -7.28 1.39
CA LYS H 194 32.45 -6.76 2.67
C LYS H 194 33.91 -6.33 2.64
N GLY H 195 34.27 -5.52 1.65
CA GLY H 195 35.64 -5.02 1.54
C GLY H 195 36.69 -6.02 1.10
N ARG H 196 36.26 -7.12 0.48
CA ARG H 196 37.21 -8.14 0.03
C ARG H 196 36.86 -8.59 -1.38
N VAL H 197 37.80 -8.42 -2.31
CA VAL H 197 37.58 -8.83 -3.69
C VAL H 197 37.63 -10.35 -3.80
N ILE H 198 36.56 -11.00 -3.35
CA ILE H 198 36.46 -12.46 -3.34
C ILE H 198 36.54 -13.14 -4.71
N ASP H 199 36.48 -12.36 -5.78
CA ASP H 199 36.57 -12.94 -7.12
C ASP H 199 36.71 -11.84 -8.18
N VAL H 200 37.42 -12.17 -9.25
CA VAL H 200 37.66 -11.25 -10.35
C VAL H 200 38.35 -12.03 -11.46
N ASN H 201 38.31 -11.51 -12.68
CA ASN H 201 38.94 -12.18 -13.81
C ASN H 201 40.42 -11.80 -13.91
N ASN H 202 41.14 -12.48 -14.80
CA ASN H 202 42.55 -12.20 -15.01
C ASN H 202 42.64 -11.24 -16.19
N ALA H 203 42.75 -9.95 -15.86
CA ALA H 203 42.82 -8.89 -16.86
C ALA H 203 44.04 -8.91 -17.77
N LEU H 204 44.91 -9.92 -17.62
CA LEU H 204 46.10 -10.00 -18.46
C LEU H 204 46.22 -11.28 -19.28
N ASP H 205 46.12 -12.43 -18.62
CA ASP H 205 46.24 -13.71 -19.29
C ASP H 205 45.05 -14.08 -20.17
N GLY H 206 44.44 -13.06 -20.79
CA GLY H 206 43.29 -13.31 -21.67
C GLY H 206 42.14 -14.05 -21.02
N ASP H 207 41.43 -13.37 -20.13
CA ASP H 207 40.30 -13.95 -19.45
C ASP H 207 39.25 -12.87 -19.17
N GLY H 208 38.03 -13.11 -19.63
CA GLY H 208 36.98 -12.15 -19.44
C GLY H 208 36.51 -11.58 -20.77
N PRO H 209 35.75 -10.47 -20.75
CA PRO H 209 35.27 -9.86 -21.99
C PRO H 209 36.43 -9.25 -22.77
N PHE H 210 36.24 -9.04 -24.07
CA PHE H 210 37.30 -8.46 -24.87
C PHE H 210 37.34 -6.94 -24.71
N THR H 211 38.53 -6.42 -24.43
CA THR H 211 38.75 -5.00 -24.24
C THR H 211 38.98 -4.31 -25.59
N PRO H 212 39.22 -2.99 -25.59
CA PRO H 212 39.46 -2.30 -26.85
C PRO H 212 40.75 -2.75 -27.54
N GLU H 213 41.56 -3.52 -26.83
CA GLU H 213 42.82 -4.01 -27.37
C GLU H 213 43.20 -5.43 -26.91
N ARG H 214 42.20 -6.19 -26.48
CA ARG H 214 42.44 -7.57 -26.03
C ARG H 214 41.29 -8.48 -26.45
N SER H 215 41.60 -9.75 -26.70
CA SER H 215 40.59 -10.71 -27.13
C SER H 215 39.80 -11.35 -26.00
N GLY H 216 40.29 -11.17 -24.77
CA GLY H 216 39.59 -11.74 -23.63
C GLY H 216 39.64 -13.26 -23.64
N THR H 217 38.48 -13.89 -23.58
CA THR H 217 38.41 -15.35 -23.58
C THR H 217 37.98 -15.91 -24.93
N LEU H 218 38.50 -17.09 -25.25
CA LEU H 218 38.18 -17.77 -26.51
C LEU H 218 38.18 -19.28 -26.27
N PRO H 219 37.31 -20.01 -27.00
CA PRO H 219 37.20 -21.46 -26.86
C PRO H 219 38.57 -22.15 -26.95
N LEU H 220 38.77 -23.16 -26.10
CA LEU H 220 40.02 -23.90 -26.02
C LEU H 220 40.41 -24.69 -27.27
N THR H 221 39.50 -25.53 -27.76
CA THR H 221 39.75 -26.34 -28.94
C THR H 221 40.22 -25.53 -30.14
N GLN H 222 39.64 -24.34 -30.32
CA GLN H 222 40.00 -23.46 -31.43
C GLN H 222 41.42 -22.91 -31.29
N LEU H 223 41.93 -22.90 -30.06
CA LEU H 223 43.27 -22.39 -29.80
C LEU H 223 44.31 -23.50 -29.85
N VAL H 224 44.12 -24.53 -29.03
CA VAL H 224 45.03 -25.66 -28.98
C VAL H 224 45.26 -26.24 -30.37
N ASP H 225 44.29 -26.03 -31.25
CA ASP H 225 44.36 -26.52 -32.62
C ASP H 225 45.24 -25.62 -33.48
N LEU H 226 44.88 -24.35 -33.56
CA LEU H 226 45.65 -23.38 -34.34
C LEU H 226 46.89 -22.92 -33.60
N CYS H 227 47.28 -23.66 -32.57
CA CYS H 227 48.45 -23.33 -31.78
C CYS H 227 49.66 -24.08 -32.31
N PHE H 228 49.43 -25.30 -32.79
CA PHE H 228 50.49 -26.13 -33.34
C PHE H 228 50.58 -25.91 -34.85
N SER H 229 49.43 -25.65 -35.47
CA SER H 229 49.38 -25.41 -36.91
C SER H 229 49.40 -23.92 -37.22
N GLY H 230 50.37 -23.51 -38.04
CA GLY H 230 50.50 -22.11 -38.40
C GLY H 230 51.68 -21.46 -37.71
N LYS H 231 51.48 -20.22 -37.25
CA LYS H 231 52.53 -19.48 -36.57
C LYS H 231 52.92 -20.18 -35.26
N PHE H 232 53.97 -21.00 -35.33
CA PHE H 232 54.45 -21.74 -34.16
C PHE H 232 55.20 -20.79 -33.23
N THR H 233 55.12 -19.50 -33.53
CA THR H 233 55.79 -18.47 -32.74
C THR H 233 55.43 -18.55 -31.26
N TYR H 234 56.33 -19.13 -30.47
CA TYR H 234 56.13 -19.30 -29.04
C TYR H 234 55.95 -17.93 -28.37
N GLU H 235 56.59 -16.90 -28.93
CA GLU H 235 56.52 -15.56 -28.37
C GLU H 235 55.46 -14.67 -29.01
N GLU H 236 55.51 -14.54 -30.34
CA GLU H 236 54.56 -13.70 -31.06
C GLU H 236 53.11 -14.00 -30.66
N MET H 237 52.77 -15.28 -30.61
CA MET H 237 51.42 -15.68 -30.24
C MET H 237 51.04 -15.13 -28.87
N LYS H 238 52.02 -15.10 -27.97
CA LYS H 238 51.81 -14.59 -26.61
C LYS H 238 51.45 -13.11 -26.68
N LYS H 239 51.75 -12.49 -27.81
CA LYS H 239 51.46 -11.07 -28.01
C LYS H 239 50.10 -10.87 -28.69
N ARG H 240 49.65 -11.91 -29.39
CA ARG H 240 48.36 -11.87 -30.08
C ARG H 240 47.19 -11.97 -29.11
N ILE H 241 47.49 -12.31 -27.87
CA ILE H 241 46.47 -12.43 -26.83
C ILE H 241 46.20 -11.05 -26.25
N VAL H 242 47.10 -10.60 -25.39
CA VAL H 242 46.98 -9.28 -24.77
C VAL H 242 47.60 -8.22 -25.68
N GLY H 243 46.78 -7.67 -26.56
CA GLY H 243 47.26 -6.65 -27.49
C GLY H 243 46.66 -6.81 -28.86
N ASN H 244 47.34 -7.53 -29.73
CA ASN H 244 46.86 -7.75 -31.10
C ASN H 244 45.51 -8.47 -31.06
N GLY H 245 44.44 -7.72 -31.31
CA GLY H 245 43.12 -8.29 -31.29
C GLY H 245 42.12 -7.29 -30.74
N GLY H 246 41.31 -7.72 -29.80
CA GLY H 246 40.32 -6.84 -29.20
C GLY H 246 39.50 -6.03 -30.19
N LEU H 247 38.93 -4.93 -29.70
CA LEU H 247 38.11 -4.04 -30.52
C LEU H 247 38.93 -3.36 -31.61
N VAL H 248 40.25 -3.32 -31.42
CA VAL H 248 41.13 -2.69 -32.40
C VAL H 248 41.30 -3.59 -33.62
N ALA H 249 41.02 -4.87 -33.44
CA ALA H 249 41.13 -5.84 -34.54
C ALA H 249 39.93 -5.73 -35.47
N TYR H 250 38.74 -5.91 -34.92
CA TYR H 250 37.50 -5.83 -35.70
C TYR H 250 37.32 -4.47 -36.40
N LEU H 251 37.72 -3.39 -35.73
CA LEU H 251 37.55 -2.05 -36.28
C LEU H 251 38.83 -1.34 -36.71
N GLY H 252 39.98 -1.89 -36.36
CA GLY H 252 41.24 -1.26 -36.74
C GLY H 252 41.70 -0.18 -35.77
N THR H 253 40.75 0.52 -35.17
CA THR H 253 41.09 1.57 -34.21
C THR H 253 40.92 1.09 -32.77
N SER H 254 41.79 1.56 -31.89
CA SER H 254 41.75 1.19 -30.48
C SER H 254 41.14 2.35 -29.69
N ASP H 255 40.62 3.33 -30.42
CA ASP H 255 40.02 4.52 -29.82
C ASP H 255 38.50 4.44 -29.75
N ALA H 256 37.96 4.44 -28.54
CA ALA H 256 36.51 4.37 -28.36
C ALA H 256 35.86 5.61 -28.97
N ARG H 257 36.44 6.78 -28.70
CA ARG H 257 35.93 8.05 -29.23
C ARG H 257 35.70 7.90 -30.73
N GLU H 258 36.71 7.36 -31.41
CA GLU H 258 36.67 7.15 -32.86
C GLU H 258 35.55 6.19 -33.25
N VAL H 259 35.48 5.05 -32.60
CA VAL H 259 34.46 4.04 -32.88
C VAL H 259 33.07 4.67 -32.77
N VAL H 260 32.88 5.50 -31.76
CA VAL H 260 31.59 6.16 -31.56
C VAL H 260 31.26 7.06 -32.74
N ARG H 261 32.30 7.64 -33.35
CA ARG H 261 32.10 8.51 -34.50
C ARG H 261 31.62 7.67 -35.66
N ARG H 262 32.35 6.60 -35.95
CA ARG H 262 31.96 5.72 -37.04
C ARG H 262 30.52 5.28 -36.81
N ILE H 263 30.21 4.89 -35.57
CA ILE H 263 28.85 4.45 -35.22
C ILE H 263 27.86 5.56 -35.55
N LYS H 264 28.21 6.79 -35.17
CA LYS H 264 27.35 7.93 -35.44
C LYS H 264 27.14 8.15 -36.92
N GLN H 265 28.23 8.10 -37.67
CA GLN H 265 28.18 8.29 -39.12
C GLN H 265 27.27 7.26 -39.77
N GLY H 266 27.40 6.01 -39.36
CA GLY H 266 26.59 4.95 -39.92
C GLY H 266 27.33 3.63 -40.03
N ASP H 267 28.61 3.62 -39.68
CA ASP H 267 29.40 2.40 -39.73
C ASP H 267 28.65 1.34 -38.95
N GLU H 268 28.00 0.44 -39.67
CA GLU H 268 27.22 -0.63 -39.04
C GLU H 268 28.10 -1.69 -38.38
N TRP H 269 29.20 -2.04 -39.04
CA TRP H 269 30.12 -3.03 -38.51
C TRP H 269 30.74 -2.59 -37.18
N ALA H 270 30.98 -1.30 -37.05
CA ALA H 270 31.56 -0.76 -35.82
C ALA H 270 30.55 -0.85 -34.68
N LYS H 271 29.32 -0.48 -34.95
CA LYS H 271 28.26 -0.53 -33.95
C LYS H 271 28.07 -1.96 -33.46
N ARG H 272 28.32 -2.92 -34.33
CA ARG H 272 28.17 -4.33 -34.00
C ARG H 272 29.20 -4.77 -32.96
N VAL H 273 30.47 -4.72 -33.32
CA VAL H 273 31.55 -5.13 -32.44
C VAL H 273 31.56 -4.37 -31.11
N TYR H 274 31.28 -3.06 -31.17
CA TYR H 274 31.28 -2.23 -29.98
C TYR H 274 30.13 -2.67 -29.07
N ARG H 275 28.95 -2.82 -29.66
CA ARG H 275 27.78 -3.25 -28.90
C ARG H 275 28.01 -4.62 -28.30
N ALA H 276 28.88 -5.40 -28.93
CA ALA H 276 29.20 -6.75 -28.46
C ALA H 276 30.11 -6.68 -27.25
N MET H 277 30.93 -5.64 -27.18
CA MET H 277 31.85 -5.48 -26.06
C MET H 277 31.07 -5.12 -24.81
N ALA H 278 30.04 -4.28 -24.97
CA ALA H 278 29.21 -3.88 -23.84
C ALA H 278 28.46 -5.12 -23.39
N TYR H 279 27.99 -5.89 -24.38
CA TYR H 279 27.25 -7.11 -24.14
C TYR H 279 28.04 -8.03 -23.21
N GLN H 280 29.30 -8.26 -23.55
CA GLN H 280 30.16 -9.12 -22.73
C GLN H 280 30.41 -8.54 -21.34
N ILE H 281 30.66 -7.25 -21.26
CA ILE H 281 30.91 -6.61 -19.97
C ILE H 281 29.69 -6.84 -19.06
N ALA H 282 28.49 -6.72 -19.64
CA ALA H 282 27.27 -6.91 -18.87
C ALA H 282 27.20 -8.36 -18.36
N LYS H 283 27.46 -9.32 -19.25
CA LYS H 283 27.42 -10.74 -18.89
C LYS H 283 28.33 -11.07 -17.72
N TRP H 284 29.47 -10.37 -17.62
CA TRP H 284 30.40 -10.63 -16.53
C TRP H 284 29.95 -9.96 -15.25
N ILE H 285 29.24 -8.85 -15.37
CA ILE H 285 28.74 -8.17 -14.19
C ILE H 285 27.73 -9.11 -13.56
N GLY H 286 26.90 -9.71 -14.42
CA GLY H 286 25.91 -10.66 -13.96
C GLY H 286 26.58 -11.89 -13.39
N LYS H 287 27.76 -12.20 -13.92
CA LYS H 287 28.53 -13.34 -13.48
C LYS H 287 28.96 -13.10 -12.03
N MET H 288 29.49 -11.91 -11.76
CA MET H 288 29.92 -11.57 -10.41
C MET H 288 28.72 -11.40 -9.48
N ALA H 289 27.59 -11.01 -10.05
CA ALA H 289 26.38 -10.82 -9.26
C ALA H 289 25.97 -12.16 -8.63
N ALA H 290 26.16 -13.25 -9.38
CA ALA H 290 25.84 -14.59 -8.92
C ALA H 290 26.78 -14.97 -7.78
N VAL H 291 28.01 -14.50 -7.86
CA VAL H 291 29.00 -14.78 -6.83
C VAL H 291 28.53 -14.19 -5.50
N LEU H 292 27.91 -13.02 -5.57
CA LEU H 292 27.43 -12.35 -4.37
C LEU H 292 26.00 -12.76 -4.02
N LYS H 293 25.48 -13.77 -4.72
CA LYS H 293 24.14 -14.26 -4.47
C LYS H 293 23.06 -13.19 -4.55
N GLY H 294 23.27 -12.18 -5.38
CA GLY H 294 22.29 -11.12 -5.51
C GLY H 294 22.45 -10.04 -4.47
N GLU H 295 23.16 -10.36 -3.39
CA GLU H 295 23.42 -9.40 -2.31
C GLU H 295 24.32 -8.29 -2.86
N VAL H 296 23.75 -7.40 -3.67
CA VAL H 296 24.54 -6.33 -4.26
C VAL H 296 23.96 -4.96 -3.98
N ASP H 297 24.76 -4.10 -3.35
CA ASP H 297 24.34 -2.74 -3.02
C ASP H 297 24.31 -1.89 -4.27
N PHE H 298 25.43 -1.88 -5.00
CA PHE H 298 25.53 -1.11 -6.23
C PHE H 298 26.45 -1.77 -7.24
N ILE H 299 26.29 -1.38 -8.49
CA ILE H 299 27.13 -1.86 -9.58
C ILE H 299 27.87 -0.60 -10.00
N VAL H 300 29.18 -0.60 -9.84
CA VAL H 300 29.98 0.57 -10.20
C VAL H 300 30.75 0.41 -11.50
N LEU H 301 30.51 1.32 -12.43
CA LEU H 301 31.19 1.33 -13.72
C LEU H 301 32.27 2.41 -13.67
N THR H 302 33.52 1.99 -13.64
CA THR H 302 34.62 2.95 -13.59
C THR H 302 35.60 2.68 -14.73
N GLY H 303 36.69 3.45 -14.77
CA GLY H 303 37.67 3.27 -15.82
C GLY H 303 37.53 4.29 -16.94
N GLY H 304 38.43 4.24 -17.91
CA GLY H 304 38.39 5.16 -19.03
C GLY H 304 37.13 5.10 -19.87
N LEU H 305 36.72 3.90 -20.24
CA LEU H 305 35.52 3.74 -21.04
C LEU H 305 34.26 4.28 -20.36
N ALA H 306 34.30 4.38 -19.03
CA ALA H 306 33.16 4.88 -18.28
C ALA H 306 32.73 6.25 -18.77
N HIS H 307 33.60 6.90 -19.55
CA HIS H 307 33.31 8.22 -20.09
C HIS H 307 32.29 8.16 -21.23
N GLU H 308 32.41 7.15 -22.09
CA GLU H 308 31.50 7.01 -23.22
C GLU H 308 30.09 6.76 -22.69
N LYS H 309 29.34 7.85 -22.51
CA LYS H 309 27.99 7.78 -21.96
C LYS H 309 26.88 7.83 -23.00
N GLU H 310 27.23 7.65 -24.27
CA GLU H 310 26.23 7.68 -25.33
C GLU H 310 25.76 6.27 -25.70
N PHE H 311 26.70 5.32 -25.74
CA PHE H 311 26.36 3.95 -26.09
C PHE H 311 26.75 2.95 -25.02
N LEU H 312 28.06 2.76 -24.84
CA LEU H 312 28.60 1.81 -23.87
C LEU H 312 27.86 1.80 -22.52
N VAL H 313 28.02 2.87 -21.74
CA VAL H 313 27.38 2.96 -20.43
C VAL H 313 25.88 2.68 -20.48
N PRO H 314 25.15 3.33 -21.40
CA PRO H 314 23.71 3.07 -21.49
C PRO H 314 23.39 1.61 -21.78
N TRP H 315 24.09 1.04 -22.76
CA TRP H 315 23.87 -0.35 -23.13
C TRP H 315 24.07 -1.30 -21.96
N ILE H 316 25.18 -1.13 -21.23
CA ILE H 316 25.48 -1.98 -20.10
C ILE H 316 24.42 -1.82 -19.01
N THR H 317 24.18 -0.57 -18.62
CA THR H 317 23.21 -0.26 -17.58
C THR H 317 21.84 -0.90 -17.83
N LYS H 318 21.38 -0.86 -19.07
CA LYS H 318 20.09 -1.42 -19.42
C LYS H 318 20.01 -2.94 -19.26
N ARG H 319 21.16 -3.60 -19.16
CA ARG H 319 21.18 -5.06 -19.03
C ARG H 319 21.46 -5.57 -17.61
N VAL H 320 22.05 -4.71 -16.78
CA VAL H 320 22.40 -5.11 -15.42
C VAL H 320 21.70 -4.37 -14.27
N SER H 321 21.01 -3.27 -14.56
CA SER H 321 20.35 -2.52 -13.52
C SER H 321 19.31 -3.31 -12.72
N PHE H 322 19.01 -4.54 -13.15
CA PHE H 322 18.04 -5.37 -12.45
C PHE H 322 18.70 -6.00 -11.21
N ILE H 323 20.02 -5.99 -11.20
CA ILE H 323 20.80 -6.54 -10.09
C ILE H 323 20.87 -5.54 -8.95
N ALA H 324 21.14 -4.28 -9.30
CA ALA H 324 21.26 -3.20 -8.34
C ALA H 324 21.46 -1.90 -9.11
N PRO H 325 21.21 -0.75 -8.46
CA PRO H 325 21.40 0.53 -9.16
C PRO H 325 22.84 0.69 -9.65
N VAL H 326 22.99 1.32 -10.80
CA VAL H 326 24.32 1.53 -11.38
C VAL H 326 24.88 2.91 -11.15
N LEU H 327 26.09 2.96 -10.59
CA LEU H 327 26.77 4.23 -10.33
C LEU H 327 27.92 4.33 -11.33
N VAL H 328 28.24 5.55 -11.77
CA VAL H 328 29.32 5.73 -12.74
C VAL H 328 30.43 6.67 -12.29
N PHE H 329 31.64 6.14 -12.23
CA PHE H 329 32.80 6.93 -11.85
C PHE H 329 33.73 6.83 -13.05
N PRO H 330 33.72 7.86 -13.91
CA PRO H 330 34.53 7.93 -15.13
C PRO H 330 36.05 8.01 -14.89
N GLY H 331 36.80 7.50 -15.86
CA GLY H 331 38.25 7.52 -15.78
C GLY H 331 38.92 6.72 -14.69
N SER H 332 40.15 7.12 -14.37
CA SER H 332 40.96 6.48 -13.35
C SER H 332 42.21 7.31 -13.12
N ASN H 333 42.22 8.09 -12.05
CA ASN H 333 43.38 8.94 -11.74
C ASN H 333 44.29 8.25 -10.73
N GLU H 334 45.22 7.47 -11.25
CA GLU H 334 46.17 6.73 -10.42
C GLU H 334 47.00 7.64 -9.54
N GLU H 335 47.27 8.85 -10.01
CA GLU H 335 48.05 9.82 -9.25
C GLU H 335 47.37 10.18 -7.94
N LYS H 336 46.11 10.59 -8.01
CA LYS H 336 45.35 10.94 -6.82
C LYS H 336 45.17 9.72 -5.90
N ALA H 337 45.10 8.54 -6.52
CA ALA H 337 44.94 7.30 -5.77
C ALA H 337 46.16 7.07 -4.89
N LEU H 338 47.35 7.16 -5.50
CA LEU H 338 48.59 6.96 -4.76
C LEU H 338 48.80 8.02 -3.68
N ALA H 339 48.72 9.28 -4.06
CA ALA H 339 48.92 10.38 -3.12
C ALA H 339 48.05 10.27 -1.88
N LEU H 340 46.73 10.19 -2.10
CA LEU H 340 45.79 10.10 -0.99
C LEU H 340 46.02 8.87 -0.10
N SER H 341 46.34 7.74 -0.70
CA SER H 341 46.57 6.52 0.07
C SER H 341 47.74 6.76 1.03
N ALA H 342 48.83 7.30 0.49
CA ALA H 342 50.01 7.60 1.28
C ALA H 342 49.69 8.65 2.35
N LEU H 343 48.99 9.70 1.95
CA LEU H 343 48.62 10.77 2.86
C LEU H 343 47.88 10.20 4.08
N ARG H 344 47.03 9.22 3.85
CA ARG H 344 46.26 8.59 4.92
C ARG H 344 47.17 7.86 5.90
N VAL H 345 48.26 7.30 5.38
CA VAL H 345 49.23 6.59 6.21
C VAL H 345 50.03 7.57 7.05
N LEU H 346 50.40 8.69 6.45
CA LEU H 346 51.17 9.72 7.13
C LEU H 346 50.35 10.39 8.22
N ARG H 347 49.04 10.19 8.17
CA ARG H 347 48.13 10.77 9.15
C ARG H 347 47.68 9.75 10.20
N GLY H 348 48.16 8.52 10.06
CA GLY H 348 47.79 7.48 11.02
C GLY H 348 46.39 6.96 10.78
N GLU H 349 45.72 7.48 9.77
CA GLU H 349 44.37 7.04 9.45
C GLU H 349 44.38 5.60 8.97
N GLU H 350 45.54 5.15 8.50
CA GLU H 350 45.70 3.78 8.03
C GLU H 350 47.07 3.27 8.45
N LYS H 351 47.20 1.96 8.57
CA LYS H 351 48.47 1.36 8.97
C LYS H 351 49.18 0.70 7.80
N PRO H 352 50.48 0.96 7.65
CA PRO H 352 51.29 0.39 6.57
C PRO H 352 51.26 -1.13 6.59
N LYS H 353 51.70 -1.75 5.50
CA LYS H 353 51.73 -3.20 5.40
C LYS H 353 53.16 -3.67 5.18
N ASN H 354 53.52 -4.78 5.82
CA ASN H 354 54.86 -5.32 5.67
C ASN H 354 54.84 -6.39 4.58
N TYR H 355 55.27 -6.01 3.39
CA TYR H 355 55.27 -6.94 2.25
C TYR H 355 55.86 -8.30 2.59
N SER H 356 57.06 -8.31 3.16
CA SER H 356 57.73 -9.56 3.52
C SER H 356 56.82 -10.52 4.27
N GLU H 357 56.29 -10.07 5.40
CA GLU H 357 55.41 -10.91 6.20
C GLU H 357 54.10 -11.19 5.48
N GLU H 358 53.50 -10.12 4.97
CA GLU H 358 52.22 -10.22 4.27
C GLU H 358 52.27 -11.19 3.07
N SER H 359 53.33 -11.10 2.28
CA SER H 359 53.46 -11.97 1.11
C SER H 359 53.58 -13.43 1.54
N ARG H 360 54.19 -13.66 2.69
CA ARG H 360 54.36 -15.01 3.21
C ARG H 360 53.05 -15.52 3.79
N ARG H 361 52.42 -14.70 4.63
CA ARG H 361 51.14 -15.10 5.23
C ARG H 361 50.22 -15.58 4.11
N TRP H 362 50.35 -14.94 2.95
CA TRP H 362 49.52 -15.29 1.80
C TRP H 362 49.96 -16.60 1.17
N ARG H 363 51.19 -16.64 0.66
CA ARG H 363 51.74 -17.82 -0.01
C ARG H 363 51.56 -19.11 0.81
N GLU H 364 51.31 -18.97 2.11
CA GLU H 364 51.12 -20.14 2.97
C GLU H 364 49.71 -20.69 2.80
N ARG H 365 48.76 -19.80 2.54
CA ARG H 365 47.36 -20.17 2.35
C ARG H 365 47.13 -20.83 0.99
N TYR H 366 47.99 -20.50 0.03
CA TYR H 366 47.87 -21.06 -1.31
C TYR H 366 48.70 -22.34 -1.38
N ASP H 367 49.64 -22.46 -0.44
CA ASP H 367 50.51 -23.63 -0.40
C ASP H 367 50.29 -24.51 0.82
N SER H 368 49.05 -24.58 1.29
CA SER H 368 48.72 -25.39 2.46
C SER H 368 47.27 -25.83 2.39
N TYR H 369 46.40 -24.85 2.25
CA TYR H 369 44.97 -25.10 2.16
C TYR H 369 44.63 -25.81 0.86
N LEU H 370 45.34 -25.46 -0.20
CA LEU H 370 45.11 -26.07 -1.51
C LEU H 370 46.07 -27.22 -1.79
N ASP H 371 45.76 -28.38 -1.22
CA ASP H 371 46.58 -29.58 -1.38
C ASP H 371 45.73 -30.80 -1.73
N GLY H 372 46.28 -31.69 -2.54
CA GLY H 372 45.54 -32.90 -2.93
C GLY H 372 45.86 -33.37 -4.33
#